data_8W4J
#
_entry.id   8W4J
#
_cell.length_a   1.00
_cell.length_b   1.00
_cell.length_c   1.00
_cell.angle_alpha   90.00
_cell.angle_beta   90.00
_cell.angle_gamma   90.00
#
_symmetry.space_group_name_H-M   'P 1'
#
loop_
_entity.id
_entity.type
_entity.pdbx_description
1 polymer 'Glutamate dehydrogenase 1, mitochondrial'
2 polymer 'Kelch-like protein 22'
#
loop_
_entity_poly.entity_id
_entity_poly.type
_entity_poly.pdbx_seq_one_letter_code
_entity_poly.pdbx_strand_id
1 'polypeptide(L)'
;MYRYLGEALLLSRAGPAALGSASADSAALLGWARGQPAAAPQPGLALAARRHYSEAVADREDDPNFFKMVEGFFDRGASI
VEDKLVEDLRTRESEEQKRNRVRGILRIIKPCNHVLSLSFPIRRDDGSWEVIEGYRAQHSQHRTPCKGGIRYSTDVSVDE
VKALASLMTYKCAVVDVPFGGAKAGVKINPKNYTDNELEKITRRFTMELAKKGFIGPGIDVPAPDMSTGEREMSWIADTY
ASTIGHYDINAHACVTGKPISQGGIHGRISATGRGVFHGIENFINEASYMSILGMTPGFGDKTFVVQGFGNVGLHSMRYL
HRFGAKCIAVGESDGSIWNPDGIDPKELEDFKLQHGSILGFPKAKPYEGSILEADCDILIPAASEKQLTKSNAPRVKAKI
IAEGANGPTTPEADKIFLERNIMVIPDLYLNAGGVTVSYFEWLKNLNHVSYGRLTFKYERDSNYHLLMSVQESLERKFGK
HGGTIPIVPTAEFQDRISGASEKDIVHSGLAYTMERSARQIMRTAMKYNLGLDLRTAAYVNAIEKVFKVYNEAGVTFT
;
A,B,C,D,E,F
2 'polypeptide(L)'
;MAEEQEFTQLCKLPAQPSHPHCVNNTYRSAQHSQALLRGLLALRDSGILFDVVLVVEGRHIEAHRILLAASCDYFRGMFA
GGLKEMEQEEVLIHGVSYNAMCQILHFIYTSELELSLSNVQETLVAACQLQIPEIIHFCCDFLMSWVDEENILDVYRLAE
LFDLSRLTEQLDTYILKNFVAFSRTDKYRQLPLEKVYSLLSSNRLEVSCETEVYEGALLYHYSLEQVQADQISLHEPPKL
LETVRFPLMEAEVLQRLHDKLDPSPLRDTVASALMYHRNESLQPSLQSPQTELRSDFQCVVGFGGIHSTPSTVLSDQAKY
LNPLLGEWKHFTASLAPRMSNQGIAVLNNFVYLIGGDNNVQGFRAESRCWRYDPRHNRWFQIQSLQQEHADLSVCVVGRY
IYAVAGRDYHNDLNAVERYDPATNSWAYVAPLKREVYAHAGATLEGKMYITCGRRGEDYLKETHCYDPGSNTWHTLADGP
VRRAWHGMATLLNKLYVIGGSNNDAGYRRDVHQVACYSCTSGQWSSVCPLPAGHGEPGIAVLDNRIYVLGGRSHNRGSRT
GYVHIYDVEKDCWEEGPQLDNSISGLAACVLTLPRSLLLEPPRGTPDRSQADPDFASEVMSVSDWEEFDNSSED
;
I,J
#
# COMPACT_ATOMS: atom_id res chain seq x y z
N ASN A 65 10.63 -0.34 -62.92
CA ASN A 65 10.47 1.08 -63.22
C ASN A 65 11.39 1.93 -62.36
N PHE A 66 10.82 2.58 -61.35
CA PHE A 66 11.58 3.41 -60.41
C PHE A 66 11.75 2.74 -59.06
N PHE A 67 11.58 1.42 -59.01
CA PHE A 67 11.78 0.65 -57.78
C PHE A 67 12.96 -0.30 -57.87
N LYS A 68 13.18 -0.91 -59.04
CA LYS A 68 14.34 -1.78 -59.20
C LYS A 68 15.63 -0.98 -59.03
N MET A 69 15.67 0.24 -59.56
CA MET A 69 16.87 1.06 -59.44
C MET A 69 17.13 1.47 -58.00
N VAL A 70 16.08 1.83 -57.25
CA VAL A 70 16.30 2.22 -55.86
C VAL A 70 16.70 1.02 -55.01
N GLU A 71 16.19 -0.17 -55.35
CA GLU A 71 16.66 -1.37 -54.67
C GLU A 71 18.11 -1.67 -55.00
N GLY A 72 18.51 -1.52 -56.27
CA GLY A 72 19.89 -1.75 -56.65
C GLY A 72 20.86 -0.79 -56.02
N PHE A 73 20.43 0.47 -55.82
CA PHE A 73 21.29 1.42 -55.12
C PHE A 73 21.60 0.93 -53.70
N PHE A 74 20.58 0.50 -52.98
CA PHE A 74 20.80 -0.02 -51.63
C PHE A 74 21.65 -1.27 -51.65
N ASP A 75 21.42 -2.15 -52.63
CA ASP A 75 22.22 -3.38 -52.71
C ASP A 75 23.69 -3.06 -52.91
N ARG A 76 23.99 -2.14 -53.83
CA ARG A 76 25.37 -1.75 -54.08
C ARG A 76 25.98 -1.10 -52.86
N GLY A 77 25.23 -0.21 -52.20
CA GLY A 77 25.75 0.43 -51.00
C GLY A 77 26.08 -0.55 -49.90
N ALA A 78 25.18 -1.51 -49.66
CA ALA A 78 25.42 -2.52 -48.63
C ALA A 78 26.63 -3.37 -48.98
N SER A 79 26.74 -3.79 -50.24
CA SER A 79 27.89 -4.59 -50.64
C SER A 79 29.19 -3.82 -50.45
N ILE A 80 29.17 -2.52 -50.73
CA ILE A 80 30.37 -1.70 -50.54
C ILE A 80 30.71 -1.59 -49.06
N VAL A 81 29.71 -1.37 -48.21
CA VAL A 81 29.98 -0.99 -46.83
C VAL A 81 30.19 -2.19 -45.90
N GLU A 82 29.74 -3.38 -46.29
CA GLU A 82 29.74 -4.51 -45.36
C GLU A 82 31.14 -4.87 -44.89
N ASP A 83 32.11 -4.91 -45.81
CA ASP A 83 33.46 -5.34 -45.44
C ASP A 83 34.09 -4.39 -44.42
N LYS A 84 34.07 -3.10 -44.71
CA LYS A 84 34.65 -2.12 -43.79
C LYS A 84 33.89 -2.11 -42.47
N LEU A 85 32.55 -2.25 -42.52
CA LEU A 85 31.77 -2.18 -41.31
C LEU A 85 32.02 -3.39 -40.41
N VAL A 86 32.29 -4.55 -41.00
CA VAL A 86 32.54 -5.73 -40.18
C VAL A 86 34.00 -5.78 -39.73
N GLU A 87 34.90 -5.12 -40.46
CA GLU A 87 36.32 -5.20 -40.13
C GLU A 87 36.76 -4.08 -39.18
N ASP A 88 36.61 -2.83 -39.60
CA ASP A 88 37.24 -1.70 -38.91
C ASP A 88 36.27 -0.91 -38.05
N LEU A 89 35.08 -1.42 -37.79
CA LEU A 89 34.09 -0.71 -36.99
C LEU A 89 33.94 -1.31 -35.59
N ARG A 90 34.81 -2.23 -35.21
CA ARG A 90 34.76 -2.84 -33.89
C ARG A 90 36.17 -3.09 -33.39
N THR A 91 36.30 -3.17 -32.07
CA THR A 91 37.59 -3.41 -31.44
C THR A 91 37.89 -4.89 -31.33
N GLU A 95 34.39 -11.04 -32.78
CA GLU A 95 34.42 -12.17 -31.86
C GLU A 95 34.10 -13.47 -32.59
N GLU A 96 35.12 -14.31 -32.77
CA GLU A 96 35.01 -15.61 -33.41
C GLU A 96 34.52 -15.51 -34.85
N GLN A 97 34.76 -14.36 -35.50
CA GLN A 97 34.36 -14.14 -36.89
C GLN A 97 32.87 -14.33 -37.10
N LYS A 98 32.08 -14.22 -36.04
CA LYS A 98 30.63 -14.29 -36.12
C LYS A 98 30.00 -12.93 -36.34
N ARG A 99 30.81 -11.87 -36.44
CA ARG A 99 30.33 -10.55 -36.75
C ARG A 99 29.78 -10.44 -38.16
N ASN A 100 30.28 -11.27 -39.09
CA ASN A 100 29.72 -11.28 -40.44
C ASN A 100 28.30 -11.82 -40.45
N ARG A 101 27.97 -12.71 -39.51
CA ARG A 101 26.59 -13.16 -39.36
C ARG A 101 25.69 -12.06 -38.82
N VAL A 102 26.27 -11.01 -38.23
CA VAL A 102 25.48 -9.87 -37.74
C VAL A 102 25.02 -8.97 -38.89
N ARG A 103 25.49 -9.24 -40.11
CA ARG A 103 25.02 -8.47 -41.27
C ARG A 103 23.58 -8.78 -41.65
N GLY A 104 22.84 -9.51 -40.82
CA GLY A 104 21.40 -9.60 -41.02
C GLY A 104 20.69 -8.29 -40.76
N ILE A 105 21.34 -7.36 -40.06
CA ILE A 105 20.76 -6.04 -39.87
C ILE A 105 20.56 -5.34 -41.20
N LEU A 106 21.50 -5.54 -42.13
CA LEU A 106 21.35 -4.94 -43.46
C LEU A 106 20.12 -5.49 -44.17
N ARG A 107 19.87 -6.79 -44.05
CA ARG A 107 18.66 -7.36 -44.65
C ARG A 107 17.40 -7.01 -43.88
N ILE A 108 17.52 -6.59 -42.62
CA ILE A 108 16.37 -6.09 -41.90
C ILE A 108 15.95 -4.73 -42.43
N ILE A 109 16.92 -3.88 -42.77
CA ILE A 109 16.63 -2.50 -43.15
C ILE A 109 15.87 -2.43 -44.47
N LYS A 110 16.24 -3.30 -45.42
CA LYS A 110 15.71 -3.15 -46.78
C LYS A 110 14.20 -3.24 -46.88
N PRO A 111 13.52 -4.27 -46.36
CA PRO A 111 12.08 -4.37 -46.57
C PRO A 111 11.31 -3.30 -45.79
N CYS A 112 10.16 -2.92 -46.35
CA CYS A 112 9.28 -1.97 -45.69
C CYS A 112 8.60 -2.64 -44.50
N ASN A 113 8.48 -1.89 -43.40
CA ASN A 113 7.95 -2.47 -42.17
C ASN A 113 6.45 -2.70 -42.25
N HIS A 114 5.68 -1.62 -42.43
CA HIS A 114 4.23 -1.70 -42.43
C HIS A 114 3.67 -1.03 -43.68
N VAL A 115 2.67 -1.68 -44.29
CA VAL A 115 1.87 -1.07 -45.33
C VAL A 115 0.41 -1.31 -44.98
N LEU A 116 -0.46 -0.41 -45.41
CA LEU A 116 -1.87 -0.50 -45.07
C LEU A 116 -2.71 -0.03 -46.25
N SER A 117 -3.80 -0.73 -46.51
CA SER A 117 -4.74 -0.40 -47.57
C SER A 117 -6.08 -0.06 -46.96
N LEU A 118 -6.80 0.86 -47.61
CA LEU A 118 -8.04 1.39 -47.08
C LEU A 118 -9.14 1.30 -48.12
N SER A 119 -10.38 1.31 -47.63
CA SER A 119 -11.56 1.38 -48.49
C SER A 119 -12.67 2.03 -47.67
N PHE A 120 -12.86 3.34 -47.88
CA PHE A 120 -13.82 4.08 -47.10
C PHE A 120 -14.88 4.71 -47.99
N PRO A 121 -16.13 4.75 -47.54
CA PRO A 121 -17.21 5.28 -48.38
C PRO A 121 -17.48 6.76 -48.16
N ILE A 122 -17.84 7.43 -49.25
CA ILE A 122 -18.30 8.81 -49.21
C ILE A 122 -19.56 8.91 -50.07
N ARG A 123 -20.31 9.99 -49.84
CA ARG A 123 -21.48 10.29 -50.63
C ARG A 123 -21.23 11.57 -51.43
N ARG A 124 -21.59 11.52 -52.71
CA ARG A 124 -21.33 12.63 -53.62
C ARG A 124 -22.40 13.70 -53.47
N ASP A 125 -22.26 14.79 -54.24
CA ASP A 125 -23.22 15.89 -54.16
C ASP A 125 -24.59 15.44 -54.63
N ASP A 126 -24.66 14.65 -55.69
CA ASP A 126 -25.94 14.17 -56.18
C ASP A 126 -26.55 13.09 -55.29
N GLY A 127 -25.81 12.59 -54.30
CA GLY A 127 -26.32 11.63 -53.37
C GLY A 127 -25.93 10.19 -53.62
N SER A 128 -25.11 9.92 -54.64
CA SER A 128 -24.68 8.57 -54.94
C SER A 128 -23.42 8.24 -54.14
N TRP A 129 -23.43 7.09 -53.47
CA TRP A 129 -22.30 6.65 -52.68
C TRP A 129 -21.16 6.17 -53.56
N GLU A 130 -19.93 6.39 -53.11
CA GLU A 130 -18.74 5.94 -53.81
C GLU A 130 -17.76 5.35 -52.82
N VAL A 131 -16.87 4.50 -53.32
CA VAL A 131 -15.87 3.83 -52.51
C VAL A 131 -14.49 4.27 -53.01
N ILE A 132 -13.63 4.68 -52.08
CA ILE A 132 -12.31 5.21 -52.40
C ILE A 132 -11.27 4.32 -51.76
N GLU A 133 -10.19 4.06 -52.49
CA GLU A 133 -9.09 3.24 -52.01
C GLU A 133 -7.87 4.11 -51.71
N GLY A 134 -7.21 3.82 -50.60
CA GLY A 134 -6.04 4.59 -50.19
C GLY A 134 -4.97 3.68 -49.62
N TYR A 135 -3.72 4.14 -49.75
CA TYR A 135 -2.56 3.37 -49.34
C TYR A 135 -1.66 4.23 -48.46
N ARG A 136 -0.89 3.58 -47.60
CA ARG A 136 0.16 4.25 -46.85
C ARG A 136 1.16 3.21 -46.36
N ALA A 137 2.44 3.55 -46.44
CA ALA A 137 3.52 2.65 -46.06
C ALA A 137 4.50 3.37 -45.15
N GLN A 138 4.95 2.67 -44.11
CA GLN A 138 5.98 3.15 -43.22
C GLN A 138 7.20 2.25 -43.35
N HIS A 139 8.33 2.83 -43.74
CA HIS A 139 9.50 2.02 -44.06
C HIS A 139 10.27 1.62 -42.81
N SER A 140 10.76 2.60 -42.05
CA SER A 140 11.61 2.34 -40.91
C SER A 140 11.04 2.98 -39.66
N GLN A 141 11.26 2.31 -38.52
CA GLN A 141 10.83 2.81 -37.23
C GLN A 141 12.00 3.02 -36.27
N HIS A 142 13.22 3.15 -36.80
CA HIS A 142 14.37 3.39 -35.95
C HIS A 142 14.31 4.76 -35.28
N ARG A 143 13.47 5.67 -35.78
CA ARG A 143 13.19 6.93 -35.13
C ARG A 143 11.69 7.16 -35.17
N THR A 144 11.12 7.56 -34.02
CA THR A 144 9.68 7.44 -33.82
C THR A 144 8.85 8.23 -34.83
N PRO A 145 9.06 9.53 -35.05
CA PRO A 145 8.19 10.25 -35.99
C PRO A 145 8.60 9.95 -37.42
N CYS A 146 7.62 9.53 -38.23
CA CYS A 146 7.84 9.24 -39.64
C CYS A 146 7.29 10.38 -40.48
N LYS A 147 8.03 10.74 -41.54
CA LYS A 147 7.63 11.82 -42.44
C LYS A 147 7.34 11.24 -43.81
N GLY A 148 6.27 11.71 -44.44
CA GLY A 148 5.84 11.18 -45.73
C GLY A 148 5.13 12.23 -46.56
N GLY A 149 4.23 11.78 -47.42
CA GLY A 149 3.50 12.68 -48.29
C GLY A 149 2.24 12.03 -48.79
N ILE A 150 1.33 12.86 -49.29
CA ILE A 150 0.02 12.41 -49.77
C ILE A 150 -0.09 12.73 -51.25
N ARG A 151 -0.47 11.73 -52.04
CA ARG A 151 -0.63 11.88 -53.48
C ARG A 151 -2.08 11.67 -53.86
N TYR A 152 -2.62 12.56 -54.68
CA TYR A 152 -3.99 12.48 -55.18
C TYR A 152 -3.92 12.23 -56.68
N SER A 153 -3.81 10.96 -57.07
CA SER A 153 -3.70 10.61 -58.48
C SER A 153 -4.21 9.19 -58.67
N THR A 154 -4.74 8.94 -59.87
CA THR A 154 -5.21 7.59 -60.22
C THR A 154 -4.12 6.76 -60.89
N ASP A 155 -2.95 6.77 -60.28
CA ASP A 155 -1.83 5.95 -60.76
C ASP A 155 -1.02 5.37 -59.60
N VAL A 156 -1.51 5.46 -58.37
CA VAL A 156 -0.76 5.02 -57.21
C VAL A 156 -0.87 3.51 -57.06
N SER A 157 0.16 2.91 -56.48
CA SER A 157 0.20 1.48 -56.24
C SER A 157 1.05 1.22 -55.00
N VAL A 158 0.94 -0.01 -54.48
CA VAL A 158 1.69 -0.35 -53.28
C VAL A 158 3.20 -0.31 -53.54
N ASP A 159 3.62 -0.76 -54.72
CA ASP A 159 5.04 -0.74 -55.04
C ASP A 159 5.58 0.67 -55.07
N GLU A 160 4.83 1.61 -55.66
CA GLU A 160 5.29 2.98 -55.76
C GLU A 160 5.46 3.61 -54.37
N VAL A 161 4.47 3.45 -53.51
CA VAL A 161 4.54 4.06 -52.19
C VAL A 161 5.63 3.40 -51.35
N LYS A 162 5.81 2.08 -51.49
CA LYS A 162 6.88 1.40 -50.76
C LYS A 162 8.25 1.91 -51.18
N ALA A 163 8.48 2.02 -52.50
CA ALA A 163 9.75 2.51 -52.99
C ALA A 163 9.99 3.95 -52.56
N LEU A 164 8.95 4.78 -52.61
CA LEU A 164 9.11 6.19 -52.25
C LEU A 164 9.38 6.36 -50.76
N ALA A 165 8.73 5.55 -49.92
CA ALA A 165 9.03 5.59 -48.49
C ALA A 165 10.46 5.13 -48.21
N SER A 166 10.91 4.09 -48.92
CA SER A 166 12.29 3.64 -48.75
C SER A 166 13.27 4.74 -49.13
N LEU A 167 13.00 5.45 -50.23
CA LEU A 167 13.85 6.56 -50.62
C LEU A 167 13.81 7.68 -49.59
N MET A 168 12.63 7.95 -49.04
CA MET A 168 12.46 9.00 -48.05
C MET A 168 13.28 8.73 -46.81
N THR A 169 13.38 7.46 -46.40
CA THR A 169 14.18 7.11 -45.24
C THR A 169 15.62 7.58 -45.39
N TYR A 170 16.26 7.22 -46.50
CA TYR A 170 17.65 7.61 -46.71
C TYR A 170 17.79 9.10 -46.97
N LYS A 171 16.79 9.72 -47.62
CA LYS A 171 16.86 11.16 -47.84
C LYS A 171 16.86 11.90 -46.51
N CYS A 172 16.01 11.47 -45.57
CA CYS A 172 16.02 12.08 -44.24
C CYS A 172 17.32 11.76 -43.51
N ALA A 173 17.85 10.55 -43.69
CA ALA A 173 19.07 10.17 -42.97
C ALA A 173 20.28 10.97 -43.44
N VAL A 174 20.31 11.36 -44.72
CA VAL A 174 21.50 12.02 -45.26
C VAL A 174 21.74 13.36 -44.58
N VAL A 175 20.69 14.14 -44.38
CA VAL A 175 20.85 15.50 -43.87
C VAL A 175 20.62 15.54 -42.37
N ASP A 176 20.72 14.38 -41.72
CA ASP A 176 20.68 14.27 -40.26
C ASP A 176 19.38 14.85 -39.69
N VAL A 177 18.28 14.60 -40.37
CA VAL A 177 16.94 14.98 -39.90
C VAL A 177 16.34 13.77 -39.19
N PRO A 178 15.97 13.88 -37.92
CA PRO A 178 15.52 12.70 -37.15
C PRO A 178 14.09 12.29 -37.47
N PHE A 179 13.91 11.70 -38.65
CA PHE A 179 12.60 11.21 -39.07
C PHE A 179 12.76 9.86 -39.74
N GLY A 180 11.67 9.10 -39.75
CA GLY A 180 11.60 7.86 -40.50
C GLY A 180 11.15 8.10 -41.93
N GLY A 181 10.80 7.01 -42.59
CA GLY A 181 10.34 7.06 -43.98
C GLY A 181 8.87 6.65 -44.07
N ALA A 182 8.12 7.39 -44.88
CA ALA A 182 6.70 7.11 -45.08
C ALA A 182 6.26 7.70 -46.41
N LYS A 183 5.10 7.22 -46.87
CA LYS A 183 4.50 7.73 -48.09
C LYS A 183 3.08 7.21 -48.19
N ALA A 184 2.19 8.01 -48.77
CA ALA A 184 0.79 7.63 -48.89
C ALA A 184 0.25 8.14 -50.22
N GLY A 185 -0.85 7.53 -50.66
CA GLY A 185 -1.49 7.94 -51.89
C GLY A 185 -2.93 7.51 -51.93
N VAL A 186 -3.76 8.30 -52.60
CA VAL A 186 -5.19 8.01 -52.75
C VAL A 186 -5.47 7.89 -54.24
N LYS A 187 -6.06 6.77 -54.64
CA LYS A 187 -6.33 6.49 -56.04
C LYS A 187 -7.60 7.21 -56.45
N ILE A 188 -7.44 8.48 -56.87
CA ILE A 188 -8.57 9.28 -57.29
C ILE A 188 -8.05 10.44 -58.13
N ASN A 189 -8.87 10.95 -59.03
CA ASN A 189 -8.50 12.07 -59.88
C ASN A 189 -9.09 13.35 -59.32
N PRO A 190 -8.28 14.31 -58.88
CA PRO A 190 -8.85 15.55 -58.32
C PRO A 190 -9.54 16.43 -59.35
N LYS A 191 -9.31 16.19 -60.64
CA LYS A 191 -9.83 17.10 -61.67
C LYS A 191 -11.36 17.08 -61.72
N ASN A 192 -11.97 15.91 -61.55
CA ASN A 192 -13.41 15.76 -61.71
C ASN A 192 -14.13 15.65 -60.38
N TYR A 193 -13.69 16.40 -59.38
CA TYR A 193 -14.35 16.44 -58.08
C TYR A 193 -14.50 17.87 -57.62
N THR A 194 -15.63 18.16 -56.97
CA THR A 194 -15.89 19.49 -56.46
C THR A 194 -15.08 19.75 -55.20
N ASP A 195 -14.98 21.03 -54.83
CA ASP A 195 -14.25 21.39 -53.63
C ASP A 195 -14.94 20.87 -52.37
N ASN A 196 -16.26 20.74 -52.40
CA ASN A 196 -16.98 20.22 -51.25
C ASN A 196 -16.80 18.73 -51.07
N GLU A 197 -16.46 18.00 -52.13
CA GLU A 197 -16.23 16.56 -52.07
C GLU A 197 -14.81 16.20 -51.70
N LEU A 198 -13.83 17.00 -52.17
CA LEU A 198 -12.45 16.76 -51.80
C LEU A 198 -12.25 16.90 -50.30
N GLU A 199 -12.91 17.87 -49.68
CA GLU A 199 -12.80 18.03 -48.24
C GLU A 199 -13.35 16.82 -47.50
N LYS A 200 -14.49 16.29 -47.96
CA LYS A 200 -15.04 15.09 -47.35
C LYS A 200 -14.09 13.91 -47.49
N ILE A 201 -13.51 13.75 -48.68
CA ILE A 201 -12.56 12.66 -48.91
C ILE A 201 -11.38 12.79 -47.97
N THR A 202 -10.82 13.99 -47.87
CA THR A 202 -9.66 14.20 -47.01
C THR A 202 -9.98 13.95 -45.55
N ARG A 203 -11.14 14.43 -45.08
CA ARG A 203 -11.50 14.23 -43.69
C ARG A 203 -11.72 12.76 -43.36
N ARG A 204 -12.42 12.03 -44.23
CA ARG A 204 -12.65 10.62 -43.98
C ARG A 204 -11.34 9.84 -44.02
N PHE A 205 -10.47 10.17 -44.98
CA PHE A 205 -9.17 9.51 -45.05
C PHE A 205 -8.37 9.76 -43.79
N THR A 206 -8.39 11.01 -43.30
CA THR A 206 -7.67 11.33 -42.06
C THR A 206 -8.22 10.55 -40.88
N MET A 207 -9.54 10.46 -40.77
CA MET A 207 -10.12 9.72 -39.64
C MET A 207 -9.75 8.25 -39.68
N GLU A 208 -9.89 7.63 -40.85
CA GLU A 208 -9.56 6.21 -40.98
C GLU A 208 -8.09 5.96 -40.72
N LEU A 209 -7.23 6.85 -41.20
CA LEU A 209 -5.80 6.70 -40.97
C LEU A 209 -5.43 6.94 -39.52
N ALA A 210 -6.20 7.78 -38.83
CA ALA A 210 -5.94 8.08 -37.42
C ALA A 210 -6.34 6.93 -36.52
N LYS A 211 -7.48 6.29 -36.79
CA LYS A 211 -7.96 5.26 -35.88
C LYS A 211 -7.06 4.03 -35.84
N LYS A 212 -6.12 3.89 -36.79
CA LYS A 212 -5.22 2.75 -36.82
C LYS A 212 -3.76 3.15 -36.59
N GLY A 213 -3.53 4.31 -35.97
CA GLY A 213 -2.19 4.70 -35.60
C GLY A 213 -1.27 5.02 -36.77
N PHE A 214 -1.65 5.99 -37.58
CA PHE A 214 -0.82 6.38 -38.73
C PHE A 214 -0.75 7.89 -38.93
N ILE A 215 -1.17 8.70 -37.95
CA ILE A 215 -1.28 10.14 -38.17
C ILE A 215 -0.66 10.90 -37.01
N GLY A 216 -0.37 10.21 -35.92
CA GLY A 216 0.01 10.85 -34.68
C GLY A 216 1.22 11.76 -34.79
N PRO A 217 1.24 12.81 -33.96
CA PRO A 217 2.41 13.71 -33.97
C PRO A 217 3.71 13.01 -33.67
N GLY A 218 3.69 11.99 -32.82
CA GLY A 218 4.88 11.21 -32.53
C GLY A 218 4.91 9.90 -33.29
N ILE A 219 4.08 9.78 -34.32
CA ILE A 219 3.97 8.54 -35.08
C ILE A 219 4.27 8.80 -36.55
N ASP A 220 3.46 9.63 -37.20
CA ASP A 220 3.63 9.91 -38.62
C ASP A 220 3.12 11.31 -38.92
N VAL A 221 3.86 12.06 -39.72
CA VAL A 221 3.54 13.44 -40.06
C VAL A 221 3.45 13.54 -41.57
N PRO A 222 2.24 13.57 -42.13
CA PRO A 222 2.10 13.74 -43.58
C PRO A 222 2.49 15.14 -44.03
N ALA A 223 2.84 15.25 -45.30
CA ALA A 223 3.23 16.49 -45.93
C ALA A 223 2.57 16.57 -47.30
N PRO A 224 2.37 17.78 -47.83
CA PRO A 224 1.76 17.90 -49.15
C PRO A 224 2.72 17.47 -50.25
N ASP A 225 2.13 17.13 -51.40
CA ASP A 225 2.91 16.74 -52.57
C ASP A 225 2.51 17.59 -53.77
N MET A 226 2.99 17.22 -54.96
CA MET A 226 2.69 18.00 -56.15
C MET A 226 1.20 17.97 -56.47
N SER A 227 0.54 16.84 -56.26
CA SER A 227 -0.88 16.71 -56.59
C SER A 227 -1.79 17.32 -55.54
N THR A 228 -1.26 17.72 -54.39
CA THR A 228 -2.05 18.31 -53.31
C THR A 228 -1.53 19.72 -53.02
N GLY A 229 -2.26 20.41 -52.15
CA GLY A 229 -1.89 21.77 -51.79
C GLY A 229 -1.94 22.02 -50.30
N GLU A 230 -1.76 23.28 -49.89
CA GLU A 230 -1.83 23.61 -48.48
C GLU A 230 -3.26 23.63 -47.95
N ARG A 231 -4.25 23.66 -48.84
CA ARG A 231 -5.64 23.60 -48.39
C ARG A 231 -5.95 22.27 -47.71
N GLU A 232 -5.44 21.17 -48.27
CA GLU A 232 -5.69 19.86 -47.70
C GLU A 232 -5.07 19.72 -46.31
N MET A 233 -3.85 20.25 -46.13
CA MET A 233 -3.17 20.11 -44.85
C MET A 233 -3.96 20.79 -43.74
N SER A 234 -4.56 21.93 -44.03
CA SER A 234 -5.40 22.60 -43.03
C SER A 234 -6.60 21.72 -42.66
N TRP A 235 -7.21 21.07 -43.64
CA TRP A 235 -8.32 20.18 -43.36
C TRP A 235 -7.89 19.02 -42.47
N ILE A 236 -6.72 18.43 -42.76
CA ILE A 236 -6.24 17.32 -41.94
C ILE A 236 -5.97 17.79 -40.52
N ALA A 237 -5.32 18.95 -40.36
CA ALA A 237 -5.03 19.46 -39.03
C ALA A 237 -6.29 19.76 -38.25
N ASP A 238 -7.29 20.35 -38.92
CA ASP A 238 -8.56 20.64 -38.24
C ASP A 238 -9.26 19.34 -37.83
N THR A 239 -9.25 18.33 -38.70
CA THR A 239 -9.94 17.09 -38.38
C THR A 239 -9.27 16.36 -37.22
N TYR A 240 -7.94 16.28 -37.24
CA TYR A 240 -7.25 15.56 -36.17
C TYR A 240 -7.41 16.26 -34.82
N ALA A 241 -7.33 17.58 -34.81
CA ALA A 241 -7.38 18.32 -33.55
C ALA A 241 -8.77 18.36 -32.94
N SER A 242 -9.80 17.91 -33.66
CA SER A 242 -11.17 17.99 -33.17
C SER A 242 -11.75 16.65 -32.75
N THR A 243 -11.20 15.53 -33.21
CA THR A 243 -11.76 14.22 -32.91
C THR A 243 -10.83 13.37 -32.06
N ILE A 244 -9.61 13.11 -32.52
CA ILE A 244 -8.71 12.20 -31.84
C ILE A 244 -7.69 12.94 -30.98
N GLY A 245 -7.04 13.95 -31.55
CA GLY A 245 -6.01 14.68 -30.83
C GLY A 245 -6.55 15.80 -29.98
N HIS A 246 -7.80 15.66 -29.52
CA HIS A 246 -8.40 16.71 -28.71
C HIS A 246 -7.66 16.88 -27.38
N TYR A 247 -7.21 15.78 -26.81
CA TYR A 247 -6.54 15.81 -25.51
C TYR A 247 -5.04 16.02 -25.61
N ASP A 248 -4.49 16.13 -26.82
CA ASP A 248 -3.06 16.29 -27.02
C ASP A 248 -2.73 17.77 -27.21
N ILE A 249 -1.75 18.25 -26.47
CA ILE A 249 -1.32 19.64 -26.60
C ILE A 249 -0.64 19.90 -27.94
N ASN A 250 -0.06 18.88 -28.55
CA ASN A 250 0.64 18.99 -29.83
C ASN A 250 -0.23 18.50 -30.99
N ALA A 251 -1.54 18.74 -30.93
CA ALA A 251 -2.44 18.23 -31.96
C ALA A 251 -2.12 18.84 -33.32
N HIS A 252 -1.78 20.13 -33.37
CA HIS A 252 -1.55 20.81 -34.63
C HIS A 252 -0.19 20.51 -35.23
N ALA A 253 0.66 19.76 -34.54
CA ALA A 253 1.97 19.41 -35.06
C ALA A 253 1.96 18.11 -35.85
N CYS A 254 0.78 17.54 -36.10
CA CYS A 254 0.68 16.27 -36.80
C CYS A 254 0.83 16.40 -38.30
N VAL A 255 0.72 17.62 -38.85
CA VAL A 255 0.77 17.84 -40.30
C VAL A 255 1.69 19.01 -40.59
N THR A 256 2.52 18.85 -41.61
CA THR A 256 3.40 19.90 -42.09
C THR A 256 2.88 20.45 -43.42
N GLY A 257 3.14 21.71 -43.67
CA GLY A 257 2.69 22.37 -44.88
C GLY A 257 1.43 23.20 -44.73
N LYS A 258 0.99 23.45 -43.50
CA LYS A 258 -0.22 24.22 -43.27
C LYS A 258 -0.02 25.68 -43.66
N PRO A 259 -1.10 26.41 -43.93
CA PRO A 259 -0.96 27.84 -44.24
C PRO A 259 -0.36 28.61 -43.07
N ILE A 260 0.14 29.80 -43.40
CA ILE A 260 0.87 30.60 -42.41
C ILE A 260 -0.03 30.97 -41.23
N SER A 261 -1.34 31.05 -41.44
CA SER A 261 -2.26 31.38 -40.37
C SER A 261 -2.64 30.18 -39.52
N GLN A 262 -2.26 28.97 -39.93
CA GLN A 262 -2.60 27.76 -39.19
C GLN A 262 -1.39 27.13 -38.52
N GLY A 263 -0.19 27.67 -38.73
CA GLY A 263 1.00 27.11 -38.11
C GLY A 263 2.16 26.92 -39.05
N GLY A 264 2.07 27.47 -40.26
CA GLY A 264 3.15 27.39 -41.21
C GLY A 264 4.29 28.33 -40.86
N ILE A 265 5.36 28.24 -41.65
CA ILE A 265 6.54 29.07 -41.45
C ILE A 265 6.85 29.81 -42.74
N HIS A 266 7.32 31.05 -42.60
CA HIS A 266 7.70 31.84 -43.76
C HIS A 266 8.91 31.24 -44.45
N GLY A 267 8.99 31.45 -45.75
CA GLY A 267 10.09 30.91 -46.54
C GLY A 267 9.92 29.46 -46.96
N ARG A 268 8.76 28.87 -46.71
CA ARG A 268 8.55 27.48 -47.10
C ARG A 268 8.42 27.33 -48.61
N ILE A 269 7.88 28.34 -49.29
CA ILE A 269 7.63 28.22 -50.73
C ILE A 269 8.95 28.14 -51.51
N SER A 270 9.99 28.85 -51.07
CA SER A 270 11.26 28.89 -51.77
C SER A 270 12.30 27.99 -51.13
N ALA A 271 11.89 26.84 -50.59
CA ALA A 271 12.82 25.96 -49.89
C ALA A 271 13.69 25.18 -50.85
N THR A 272 13.05 24.44 -51.77
CA THR A 272 13.80 23.50 -52.61
C THR A 272 14.78 24.21 -53.53
N GLY A 273 14.37 25.33 -54.13
CA GLY A 273 15.28 26.07 -54.98
C GLY A 273 16.50 26.60 -54.24
N ARG A 274 16.28 27.13 -53.04
CA ARG A 274 17.40 27.62 -52.25
C ARG A 274 18.33 26.47 -51.84
N GLY A 275 17.75 25.31 -51.52
CA GLY A 275 18.59 24.16 -51.20
C GLY A 275 19.42 23.71 -52.38
N VAL A 276 18.82 23.68 -53.57
CA VAL A 276 19.56 23.31 -54.77
C VAL A 276 20.70 24.30 -55.02
N PHE A 277 20.41 25.60 -54.88
CA PHE A 277 21.46 26.60 -55.06
C PHE A 277 22.58 26.42 -54.06
N HIS A 278 22.24 26.15 -52.80
CA HIS A 278 23.26 25.98 -51.78
C HIS A 278 24.13 24.77 -52.06
N GLY A 279 23.52 23.67 -52.49
CA GLY A 279 24.30 22.48 -52.82
C GLY A 279 25.25 22.73 -53.97
N ILE A 280 24.75 23.36 -55.04
CA ILE A 280 25.60 23.65 -56.20
C ILE A 280 26.75 24.57 -55.80
N GLU A 281 26.43 25.60 -55.01
CA GLU A 281 27.47 26.54 -54.57
C GLU A 281 28.51 25.83 -53.72
N ASN A 282 28.09 24.91 -52.85
CA ASN A 282 29.03 24.25 -51.98
C ASN A 282 29.95 23.32 -52.77
N PHE A 283 29.42 22.61 -53.76
CA PHE A 283 30.31 21.78 -54.57
C PHE A 283 31.18 22.59 -55.51
N ILE A 284 30.75 23.77 -55.94
CA ILE A 284 31.57 24.57 -56.84
C ILE A 284 32.81 25.08 -56.13
N ASN A 285 32.67 25.52 -54.89
CA ASN A 285 33.80 26.11 -54.17
C ASN A 285 34.86 25.09 -53.77
N GLU A 286 34.60 23.79 -53.90
CA GLU A 286 35.59 22.77 -53.56
C GLU A 286 36.66 22.76 -54.63
N ALA A 287 37.86 23.21 -54.28
CA ALA A 287 38.93 23.37 -55.27
C ALA A 287 39.34 22.04 -55.87
N SER A 288 39.44 20.99 -55.06
CA SER A 288 39.93 19.71 -55.55
C SER A 288 39.01 19.13 -56.62
N TYR A 289 37.70 19.21 -56.41
CA TYR A 289 36.76 18.67 -57.39
C TYR A 289 36.82 19.44 -58.70
N MET A 290 36.96 20.77 -58.63
CA MET A 290 37.08 21.57 -59.85
C MET A 290 38.38 21.23 -60.59
N SER A 291 39.47 21.06 -59.84
CA SER A 291 40.74 20.69 -60.48
C SER A 291 40.64 19.32 -61.14
N ILE A 292 39.99 18.36 -60.47
CA ILE A 292 39.83 17.03 -61.06
C ILE A 292 38.98 17.11 -62.32
N LEU A 293 37.88 17.87 -62.27
CA LEU A 293 37.04 18.02 -63.45
C LEU A 293 37.76 18.76 -64.56
N GLY A 294 38.56 19.77 -64.22
CA GLY A 294 39.39 20.43 -65.20
C GLY A 294 38.92 21.80 -65.65
N MET A 295 38.42 22.61 -64.72
CA MET A 295 38.12 24.00 -65.02
C MET A 295 38.23 24.82 -63.75
N THR A 296 38.34 26.14 -63.94
CA THR A 296 38.68 27.03 -62.84
C THR A 296 37.56 27.07 -61.81
N PRO A 297 37.90 27.26 -60.53
CA PRO A 297 36.86 27.44 -59.50
C PRO A 297 36.19 28.80 -59.61
N GLY A 298 35.33 29.11 -58.65
CA GLY A 298 34.57 30.35 -58.68
C GLY A 298 33.19 30.15 -59.29
N PHE A 299 32.40 31.20 -59.22
CA PHE A 299 30.98 31.12 -59.57
C PHE A 299 30.55 32.13 -60.62
N GLY A 300 31.19 33.30 -60.69
CA GLY A 300 30.70 34.35 -61.58
C GLY A 300 30.79 34.00 -63.05
N ASP A 301 31.89 33.36 -63.46
CA ASP A 301 32.14 33.10 -64.87
C ASP A 301 31.32 31.93 -65.41
N LYS A 302 30.62 31.19 -64.57
CA LYS A 302 29.90 30.01 -65.03
C LYS A 302 28.57 30.40 -65.66
N THR A 303 28.03 29.47 -66.45
CA THR A 303 26.73 29.63 -67.09
C THR A 303 25.91 28.37 -66.85
N PHE A 304 24.60 28.54 -66.77
CA PHE A 304 23.70 27.43 -66.45
C PHE A 304 22.49 27.46 -67.38
N VAL A 305 21.91 26.28 -67.59
CA VAL A 305 20.67 26.13 -68.32
C VAL A 305 19.76 25.20 -67.53
N VAL A 306 18.49 25.57 -67.43
CA VAL A 306 17.51 24.79 -66.69
C VAL A 306 16.59 24.07 -67.66
N GLN A 307 15.79 23.16 -67.13
CA GLN A 307 14.82 22.42 -67.93
C GLN A 307 13.58 22.20 -67.07
N GLY A 308 12.44 22.73 -67.52
CA GLY A 308 11.25 22.72 -66.70
C GLY A 308 11.12 24.00 -65.91
N PHE A 309 9.94 24.60 -65.90
CA PHE A 309 9.77 25.89 -65.24
C PHE A 309 8.81 25.80 -64.06
N GLY A 310 8.97 24.77 -63.24
CA GLY A 310 8.19 24.65 -62.02
C GLY A 310 8.72 25.55 -60.94
N ASN A 311 8.28 25.29 -59.70
CA ASN A 311 8.70 26.11 -58.57
C ASN A 311 10.21 26.00 -58.35
N VAL A 312 10.73 24.76 -58.36
CA VAL A 312 12.15 24.55 -58.07
C VAL A 312 13.02 25.20 -59.12
N GLY A 313 12.67 25.04 -60.40
CA GLY A 313 13.47 25.65 -61.45
C GLY A 313 13.44 27.17 -61.38
N LEU A 314 12.27 27.74 -61.16
CA LEU A 314 12.14 29.20 -61.05
C LEU A 314 13.00 29.75 -59.92
N HIS A 315 12.86 29.18 -58.72
CA HIS A 315 13.61 29.71 -57.60
C HIS A 315 15.11 29.46 -57.72
N SER A 316 15.51 28.29 -58.24
CA SER A 316 16.93 28.03 -58.45
C SER A 316 17.52 29.01 -59.44
N MET A 317 16.82 29.28 -60.55
CA MET A 317 17.31 30.26 -61.51
C MET A 317 17.40 31.65 -60.88
N ARG A 318 16.39 32.04 -60.10
CA ARG A 318 16.43 33.33 -59.43
C ARG A 318 17.67 33.47 -58.57
N TYR A 319 17.90 32.48 -57.70
CA TYR A 319 19.04 32.58 -56.78
C TYR A 319 20.37 32.52 -57.52
N LEU A 320 20.47 31.65 -58.53
CA LEU A 320 21.72 31.54 -59.28
C LEU A 320 22.05 32.85 -59.98
N HIS A 321 21.06 33.49 -60.59
CA HIS A 321 21.32 34.81 -61.19
C HIS A 321 21.68 35.82 -60.12
N ARG A 322 20.97 35.80 -58.98
CA ARG A 322 21.25 36.76 -57.92
C ARG A 322 22.66 36.62 -57.37
N PHE A 323 23.26 35.44 -57.48
CA PHE A 323 24.63 35.23 -57.02
C PHE A 323 25.65 35.22 -58.16
N GLY A 324 25.30 35.76 -59.31
CA GLY A 324 26.28 35.95 -60.37
C GLY A 324 26.40 34.83 -61.39
N ALA A 325 25.28 34.46 -62.01
CA ALA A 325 25.29 33.45 -63.06
C ALA A 325 24.42 33.93 -64.22
N LYS A 326 24.66 33.35 -65.39
CA LYS A 326 23.93 33.67 -66.60
C LYS A 326 23.14 32.47 -67.06
N CYS A 327 21.84 32.66 -67.29
CA CYS A 327 20.96 31.60 -67.77
C CYS A 327 20.99 31.57 -69.28
N ILE A 328 21.61 30.54 -69.85
CA ILE A 328 21.75 30.47 -71.31
C ILE A 328 20.40 30.19 -71.96
N ALA A 329 19.64 29.24 -71.40
CA ALA A 329 18.37 28.86 -72.02
C ALA A 329 17.44 28.31 -70.94
N VAL A 330 16.15 28.23 -71.30
CA VAL A 330 15.13 27.68 -70.44
C VAL A 330 14.25 26.75 -71.28
N GLY A 331 13.98 25.56 -70.76
CA GLY A 331 13.13 24.62 -71.46
C GLY A 331 11.91 24.21 -70.66
N GLU A 332 10.86 23.78 -71.34
CA GLU A 332 9.64 23.34 -70.70
C GLU A 332 8.97 22.30 -71.59
N SER A 333 7.70 22.01 -71.31
CA SER A 333 6.96 21.08 -72.15
C SER A 333 6.83 21.63 -73.57
N ASP A 334 6.63 22.93 -73.70
CA ASP A 334 6.59 23.58 -75.00
C ASP A 334 8.02 23.80 -75.51
N GLY A 335 8.16 24.59 -76.56
CA GLY A 335 9.48 24.82 -77.13
C GLY A 335 10.39 25.58 -76.17
N SER A 336 11.69 25.38 -76.36
CA SER A 336 12.68 26.01 -75.51
C SER A 336 12.92 27.46 -75.94
N ILE A 337 13.42 28.25 -74.99
CA ILE A 337 13.73 29.67 -75.21
C ILE A 337 15.21 29.86 -74.93
N TRP A 338 15.91 30.51 -75.87
CA TRP A 338 17.35 30.66 -75.79
C TRP A 338 17.76 32.10 -76.07
N ASN A 339 18.75 32.57 -75.32
CA ASN A 339 19.35 33.88 -75.52
C ASN A 339 20.76 33.89 -74.95
N PRO A 340 21.79 34.03 -75.81
CA PRO A 340 23.17 34.01 -75.29
C PRO A 340 23.48 35.16 -74.35
N ASP A 341 22.70 36.22 -74.37
CA ASP A 341 22.92 37.37 -73.49
C ASP A 341 22.34 37.18 -72.10
N GLY A 342 21.67 36.06 -71.83
CA GLY A 342 21.07 35.82 -70.55
C GLY A 342 19.61 36.21 -70.51
N ILE A 343 18.91 35.65 -69.51
CA ILE A 343 17.47 35.88 -69.33
C ILE A 343 17.24 36.38 -67.91
N ASP A 344 16.48 37.47 -67.80
CA ASP A 344 16.14 38.00 -66.48
C ASP A 344 15.04 37.15 -65.87
N PRO A 345 15.26 36.56 -64.69
CA PRO A 345 14.21 35.72 -64.08
C PRO A 345 12.92 36.46 -63.78
N LYS A 346 13.00 37.73 -63.40
CA LYS A 346 11.79 38.48 -63.09
C LYS A 346 10.91 38.67 -64.32
N GLU A 347 11.53 39.06 -65.44
CA GLU A 347 10.78 39.25 -66.67
C GLU A 347 10.19 37.93 -67.17
N LEU A 348 10.97 36.85 -67.10
CA LEU A 348 10.48 35.55 -67.52
C LEU A 348 9.31 35.09 -66.65
N GLU A 349 9.41 35.28 -65.34
CA GLU A 349 8.33 34.89 -64.44
C GLU A 349 7.07 35.71 -64.71
N ASP A 350 7.23 37.02 -64.93
CA ASP A 350 6.08 37.87 -65.24
C ASP A 350 5.43 37.44 -66.54
N PHE A 351 6.24 37.15 -67.56
CA PHE A 351 5.70 36.72 -68.85
C PHE A 351 4.96 35.38 -68.70
N LYS A 352 5.53 34.45 -67.96
CA LYS A 352 4.88 33.15 -67.77
C LYS A 352 3.57 33.29 -67.01
N LEU A 353 3.57 34.11 -65.94
CA LEU A 353 2.34 34.30 -65.17
C LEU A 353 1.30 35.11 -65.93
N GLN A 354 1.72 35.91 -66.92
CA GLN A 354 0.76 36.72 -67.67
C GLN A 354 -0.18 35.85 -68.48
N HIS A 355 0.36 34.88 -69.22
CA HIS A 355 -0.45 34.06 -70.11
C HIS A 355 0.31 32.80 -70.51
N GLY A 356 -0.25 31.64 -70.18
CA GLY A 356 0.25 30.39 -70.72
C GLY A 356 1.68 30.10 -70.29
N SER A 357 2.43 29.47 -71.21
CA SER A 357 3.80 29.06 -70.97
C SER A 357 4.76 30.20 -71.34
N ILE A 358 6.05 29.89 -71.39
CA ILE A 358 7.07 30.88 -71.67
C ILE A 358 7.32 30.96 -73.17
N LEU A 359 6.45 30.35 -73.96
CA LEU A 359 6.59 30.39 -75.40
C LEU A 359 6.36 31.81 -75.92
N GLY A 360 7.13 32.19 -76.93
CA GLY A 360 7.02 33.52 -77.48
C GLY A 360 7.60 34.62 -76.62
N PHE A 361 8.54 34.29 -75.74
CA PHE A 361 9.15 35.30 -74.89
C PHE A 361 10.04 36.22 -75.71
N PRO A 362 9.85 37.53 -75.63
CA PRO A 362 10.70 38.45 -76.40
C PRO A 362 12.11 38.50 -75.84
N LYS A 363 13.00 39.13 -76.62
CA LYS A 363 14.41 39.29 -76.25
C LYS A 363 15.09 37.95 -76.05
N ALA A 364 14.67 36.95 -76.83
CA ALA A 364 15.26 35.62 -76.78
C ALA A 364 14.88 34.85 -78.02
N LYS A 365 15.81 34.03 -78.51
CA LYS A 365 15.58 33.27 -79.73
C LYS A 365 14.83 31.98 -79.42
N PRO A 366 13.89 31.58 -80.29
CA PRO A 366 13.17 30.33 -80.10
C PRO A 366 14.02 29.12 -80.46
N TYR A 367 14.79 28.62 -79.49
CA TYR A 367 15.66 27.48 -79.72
C TYR A 367 14.89 26.27 -80.25
N GLU A 368 15.43 25.64 -81.28
CA GLU A 368 14.85 24.46 -81.89
C GLU A 368 15.73 23.25 -81.61
N GLY A 369 15.11 22.17 -81.14
CA GLY A 369 15.83 20.95 -80.81
C GLY A 369 15.71 20.62 -79.33
N SER A 370 16.78 20.06 -78.77
CA SER A 370 16.85 19.69 -77.37
C SER A 370 17.95 20.48 -76.69
N ILE A 371 17.62 21.10 -75.55
CA ILE A 371 18.60 21.86 -74.80
C ILE A 371 19.58 20.99 -74.05
N LEU A 372 19.32 19.67 -73.97
CA LEU A 372 20.18 18.78 -73.21
C LEU A 372 21.59 18.73 -73.78
N GLU A 373 21.76 19.05 -75.07
CA GLU A 373 23.07 19.03 -75.72
C GLU A 373 23.68 20.41 -75.84
N ALA A 374 23.12 21.41 -75.17
CA ALA A 374 23.65 22.77 -75.25
C ALA A 374 25.03 22.85 -74.63
N ASP A 375 25.84 23.79 -75.13
CA ASP A 375 27.21 23.98 -74.65
C ASP A 375 27.24 24.90 -73.43
N CYS A 376 26.62 24.40 -72.36
CA CYS A 376 26.56 25.12 -71.09
C CYS A 376 27.72 24.68 -70.20
N ASP A 377 27.66 25.06 -68.93
CA ASP A 377 28.62 24.61 -67.93
C ASP A 377 28.00 23.71 -66.87
N ILE A 378 26.81 24.06 -66.38
CA ILE A 378 26.09 23.24 -65.40
C ILE A 378 24.63 23.15 -65.84
N LEU A 379 24.03 21.99 -65.66
CA LEU A 379 22.68 21.71 -66.13
C LEU A 379 21.80 21.26 -64.96
N ILE A 380 20.56 21.74 -64.95
CA ILE A 380 19.61 21.39 -63.88
C ILE A 380 18.38 20.72 -64.49
N PRO A 381 18.35 19.40 -64.60
CA PRO A 381 17.15 18.70 -65.11
C PRO A 381 16.04 18.56 -64.08
N ALA A 382 15.27 19.63 -63.90
CA ALA A 382 14.15 19.66 -62.96
C ALA A 382 12.86 19.44 -63.76
N ALA A 383 12.64 18.19 -64.15
CA ALA A 383 11.48 17.84 -64.97
C ALA A 383 11.08 16.40 -64.65
N SER A 384 10.30 15.79 -65.54
CA SER A 384 9.83 14.43 -65.34
C SER A 384 11.00 13.45 -65.29
N GLU A 385 10.71 12.25 -64.80
CA GLU A 385 11.73 11.23 -64.60
C GLU A 385 12.23 10.69 -65.93
N LYS A 386 13.42 10.10 -65.89
CA LYS A 386 14.05 9.46 -67.05
C LYS A 386 14.22 10.43 -68.21
N GLN A 387 14.53 11.69 -67.88
CA GLN A 387 14.80 12.68 -68.91
C GLN A 387 16.17 12.49 -69.55
N LEU A 388 17.06 11.71 -68.94
CA LEU A 388 18.37 11.40 -69.49
C LEU A 388 18.51 9.88 -69.59
N THR A 389 18.95 9.42 -70.75
CA THR A 389 19.10 7.99 -71.00
C THR A 389 20.40 7.77 -71.77
N LYS A 390 20.60 6.55 -72.24
CA LYS A 390 21.81 6.23 -72.99
C LYS A 390 21.82 6.91 -74.36
N SER A 391 20.63 7.16 -74.92
CA SER A 391 20.55 7.74 -76.26
C SER A 391 21.18 9.12 -76.31
N ASN A 392 20.86 9.97 -75.33
CA ASN A 392 21.38 11.33 -75.27
C ASN A 392 22.56 11.48 -74.33
N ALA A 393 23.04 10.39 -73.74
CA ALA A 393 24.17 10.48 -72.82
C ALA A 393 25.44 11.02 -73.47
N PRO A 394 25.90 10.53 -74.63
CA PRO A 394 27.17 11.03 -75.17
C PRO A 394 27.09 12.39 -75.82
N ARG A 395 25.89 12.90 -76.08
CA ARG A 395 25.73 14.17 -76.80
C ARG A 395 25.72 15.39 -75.88
N VAL A 396 25.73 15.21 -74.57
CA VAL A 396 25.70 16.34 -73.65
C VAL A 396 27.10 16.93 -73.52
N LYS A 397 27.15 18.22 -73.18
CA LYS A 397 28.42 18.92 -73.01
C LYS A 397 28.55 19.57 -71.65
N ALA A 398 27.56 19.44 -70.78
CA ALA A 398 27.64 20.05 -69.45
C ALA A 398 28.69 19.36 -68.59
N LYS A 399 29.46 20.17 -67.87
CA LYS A 399 30.47 19.61 -66.98
C LYS A 399 29.87 19.06 -65.70
N ILE A 400 28.80 19.68 -65.19
CA ILE A 400 28.16 19.27 -63.95
C ILE A 400 26.67 19.09 -64.21
N ILE A 401 26.12 17.99 -63.72
CA ILE A 401 24.68 17.73 -63.77
C ILE A 401 24.15 17.78 -62.35
N ALA A 402 23.15 18.63 -62.12
CA ALA A 402 22.56 18.82 -60.81
C ALA A 402 21.11 18.35 -60.87
N GLU A 403 20.85 17.17 -60.31
CA GLU A 403 19.51 16.59 -60.36
C GLU A 403 18.56 17.42 -59.50
N GLY A 404 17.47 17.88 -60.11
CA GLY A 404 16.48 18.66 -59.41
C GLY A 404 15.31 17.84 -58.92
N ALA A 405 14.77 17.01 -59.81
CA ALA A 405 13.63 16.17 -59.48
C ALA A 405 14.12 14.81 -58.97
N ASN A 406 13.20 13.86 -58.84
CA ASN A 406 13.53 12.54 -58.32
C ASN A 406 13.90 11.62 -59.49
N GLY A 407 15.18 11.31 -59.62
CA GLY A 407 15.65 10.36 -60.60
C GLY A 407 15.37 10.77 -62.04
N PRO A 408 16.04 11.82 -62.52
CA PRO A 408 15.89 12.22 -63.92
C PRO A 408 16.85 11.55 -64.87
N THR A 409 17.72 10.68 -64.40
CA THR A 409 18.68 9.98 -65.26
C THR A 409 18.64 8.48 -64.95
N THR A 410 18.91 7.69 -65.99
CA THR A 410 18.94 6.25 -65.85
C THR A 410 20.28 5.79 -65.27
N PRO A 411 20.29 4.66 -64.56
CA PRO A 411 21.58 4.14 -64.05
C PRO A 411 22.57 3.81 -65.14
N GLU A 412 22.10 3.50 -66.35
CA GLU A 412 23.02 3.20 -67.45
C GLU A 412 23.87 4.42 -67.80
N ALA A 413 23.26 5.61 -67.85
CA ALA A 413 24.00 6.81 -68.24
C ALA A 413 25.04 7.20 -67.21
N ASP A 414 24.93 6.71 -65.97
CA ASP A 414 25.92 7.04 -64.95
C ASP A 414 27.29 6.52 -65.34
N LYS A 415 27.35 5.33 -65.95
CA LYS A 415 28.62 4.78 -66.39
C LYS A 415 29.27 5.68 -67.45
N ILE A 416 28.47 6.15 -68.41
CA ILE A 416 29.01 7.04 -69.44
C ILE A 416 29.49 8.34 -68.81
N PHE A 417 28.72 8.89 -67.88
CA PHE A 417 29.13 10.14 -67.23
C PHE A 417 30.42 9.96 -66.45
N LEU A 418 30.57 8.84 -65.76
CA LEU A 418 31.82 8.58 -65.04
C LEU A 418 32.97 8.30 -66.00
N GLU A 419 32.66 7.85 -67.22
CA GLU A 419 33.71 7.53 -68.17
C GLU A 419 34.50 8.77 -68.56
N ARG A 420 33.83 9.90 -68.74
CA ARG A 420 34.47 11.14 -69.16
C ARG A 420 34.38 12.20 -68.07
N ASN A 421 34.59 11.79 -66.82
CA ASN A 421 34.68 12.65 -65.64
C ASN A 421 33.68 13.80 -65.67
N ILE A 422 32.41 13.43 -65.74
CA ILE A 422 31.31 14.38 -65.66
C ILE A 422 30.64 14.19 -64.31
N MET A 423 30.72 15.20 -63.46
CA MET A 423 30.21 15.08 -62.10
C MET A 423 28.70 15.28 -62.08
N VAL A 424 27.99 14.34 -61.45
CA VAL A 424 26.55 14.42 -61.28
C VAL A 424 26.24 14.50 -59.79
N ILE A 425 25.42 15.47 -59.42
CA ILE A 425 25.04 15.68 -58.03
C ILE A 425 23.79 14.86 -57.74
N PRO A 426 23.81 13.99 -56.72
CA PRO A 426 22.69 13.08 -56.50
C PRO A 426 21.40 13.83 -56.17
N ASP A 427 20.28 13.27 -56.63
CA ASP A 427 18.98 13.80 -56.26
C ASP A 427 18.63 13.50 -54.82
N LEU A 428 19.31 12.53 -54.20
CA LEU A 428 19.05 12.22 -52.80
C LEU A 428 19.40 13.39 -51.90
N TYR A 429 20.50 14.07 -52.20
CA TYR A 429 21.00 15.14 -51.34
C TYR A 429 20.51 16.52 -51.77
N LEU A 430 20.44 16.76 -53.08
CA LEU A 430 20.09 18.09 -53.56
C LEU A 430 18.63 18.44 -53.37
N ASN A 431 17.80 17.47 -52.97
CA ASN A 431 16.36 17.68 -52.85
C ASN A 431 15.89 17.72 -51.40
N ALA A 432 16.77 17.98 -50.45
CA ALA A 432 16.43 17.90 -49.03
C ALA A 432 16.00 19.22 -48.42
N GLY A 433 15.95 20.31 -49.20
CA GLY A 433 15.50 21.57 -48.65
C GLY A 433 14.07 21.54 -48.16
N GLY A 434 13.19 20.88 -48.93
CA GLY A 434 11.78 20.84 -48.55
C GLY A 434 11.51 20.00 -47.32
N VAL A 435 12.41 19.07 -47.00
CA VAL A 435 12.22 18.23 -45.82
C VAL A 435 12.89 18.91 -44.63
N THR A 436 13.97 19.64 -44.87
CA THR A 436 14.60 20.40 -43.79
C THR A 436 13.67 21.51 -43.30
N VAL A 437 13.06 22.24 -44.22
CA VAL A 437 12.12 23.31 -43.82
C VAL A 437 10.91 22.70 -43.14
N SER A 438 10.46 21.52 -43.59
CA SER A 438 9.37 20.83 -42.91
C SER A 438 9.74 20.44 -41.49
N TYR A 439 10.97 19.97 -41.28
CA TYR A 439 11.43 19.67 -39.94
C TYR A 439 11.42 20.91 -39.06
N PHE A 440 11.85 22.04 -39.62
CA PHE A 440 11.80 23.30 -38.87
C PHE A 440 10.36 23.68 -38.51
N GLU A 441 9.42 23.50 -39.45
CA GLU A 441 8.03 23.81 -39.16
C GLU A 441 7.48 22.92 -38.04
N TRP A 442 7.83 21.64 -38.08
CA TRP A 442 7.41 20.74 -37.00
C TRP A 442 7.99 21.18 -35.66
N LEU A 443 9.25 21.60 -35.66
CA LEU A 443 9.86 22.10 -34.43
C LEU A 443 9.14 23.34 -33.92
N LYS A 444 8.76 24.26 -34.81
CA LYS A 444 8.03 25.44 -34.38
C LYS A 444 6.68 25.05 -33.79
N ASN A 445 5.97 24.14 -34.45
CA ASN A 445 4.67 23.71 -33.93
C ASN A 445 4.81 23.06 -32.56
N LEU A 446 5.94 22.40 -32.30
CA LEU A 446 6.18 21.88 -30.95
C LEU A 446 6.50 23.00 -29.97
N ASN A 447 7.21 24.04 -30.42
CA ASN A 447 7.64 25.10 -29.52
C ASN A 447 6.52 26.08 -29.18
N HIS A 448 5.45 26.13 -29.96
CA HIS A 448 4.31 27.01 -29.72
C HIS A 448 4.70 28.49 -29.77
N VAL A 449 5.75 28.83 -30.51
CA VAL A 449 6.18 30.22 -30.63
C VAL A 449 6.99 30.37 -31.91
N SER A 450 6.92 31.56 -32.51
CA SER A 450 7.68 31.85 -33.71
C SER A 450 9.16 31.97 -33.40
N TYR A 451 9.99 31.74 -34.41
CA TYR A 451 11.43 31.80 -34.24
C TYR A 451 11.89 33.24 -34.11
N GLY A 452 12.77 33.50 -33.14
CA GLY A 452 13.38 34.80 -33.00
C GLY A 452 12.49 35.89 -32.43
N ARG A 453 11.32 35.52 -31.88
CA ARG A 453 10.43 36.54 -31.33
C ARG A 453 11.04 37.21 -30.11
N LEU A 454 11.73 36.45 -29.26
CA LEU A 454 12.24 36.94 -28.00
C LEU A 454 13.72 37.32 -28.06
N THR A 455 14.31 37.34 -29.25
CA THR A 455 15.74 37.58 -29.38
C THR A 455 16.13 38.70 -30.33
N PHE A 456 15.20 39.20 -31.15
CA PHE A 456 15.58 40.20 -32.15
C PHE A 456 16.01 41.51 -31.51
N LYS A 457 15.19 42.04 -30.59
CA LYS A 457 15.49 43.32 -29.98
C LYS A 457 16.63 43.24 -28.97
N TYR A 458 16.81 42.10 -28.30
CA TYR A 458 17.98 41.91 -27.46
C TYR A 458 19.25 41.95 -28.30
N GLU A 459 19.25 41.26 -29.44
CA GLU A 459 20.40 41.26 -30.31
C GLU A 459 20.66 42.65 -30.90
N ARG A 460 19.60 43.40 -31.18
CA ARG A 460 19.78 44.76 -31.70
C ARG A 460 20.52 45.64 -30.70
N ASP A 461 20.09 45.60 -29.43
CA ASP A 461 20.76 46.39 -28.40
C ASP A 461 22.19 45.91 -28.18
N SER A 462 22.41 44.60 -28.19
CA SER A 462 23.76 44.09 -28.04
C SER A 462 24.66 44.52 -29.17
N ASN A 463 24.15 44.57 -30.40
CA ASN A 463 24.93 45.01 -31.55
C ASN A 463 25.22 46.51 -31.50
N TYR A 464 24.26 47.32 -31.05
CA TYR A 464 24.50 48.75 -30.95
C TYR A 464 25.50 49.08 -29.84
N HIS A 465 25.48 48.31 -28.74
CA HIS A 465 26.39 48.60 -27.64
C HIS A 465 27.84 48.36 -28.04
N LEU A 466 28.10 47.34 -28.85
CA LEU A 466 29.47 47.09 -29.31
C LEU A 466 29.99 48.26 -30.15
N LEU A 467 29.17 48.76 -31.06
CA LEU A 467 29.57 49.90 -31.87
C LEU A 467 29.80 51.13 -31.01
N MET A 468 28.93 51.34 -30.01
CA MET A 468 29.13 52.48 -29.11
C MET A 468 30.44 52.34 -28.34
N SER A 469 30.76 51.13 -27.89
CA SER A 469 32.01 50.90 -27.17
C SER A 469 33.22 51.18 -28.05
N VAL A 470 33.17 50.72 -29.30
CA VAL A 470 34.27 50.99 -30.24
C VAL A 470 34.41 52.48 -30.47
N GLN A 471 33.29 53.18 -30.66
CA GLN A 471 33.33 54.63 -30.85
C GLN A 471 33.96 55.33 -29.67
N GLU A 472 33.53 54.98 -28.45
CA GLU A 472 34.05 55.63 -27.26
C GLU A 472 35.55 55.36 -27.10
N SER A 473 35.97 54.13 -27.32
CA SER A 473 37.39 53.80 -27.17
C SER A 473 38.24 54.53 -28.21
N LEU A 474 37.77 54.59 -29.46
CA LEU A 474 38.54 55.30 -30.48
C LEU A 474 38.60 56.79 -30.19
N GLU A 475 37.50 57.37 -29.72
CA GLU A 475 37.53 58.78 -29.34
C GLU A 475 38.49 59.02 -28.19
N ARG A 476 38.54 58.11 -27.22
CA ARG A 476 39.49 58.24 -26.13
C ARG A 476 40.92 58.17 -26.62
N LYS A 477 41.21 57.24 -27.53
CA LYS A 477 42.57 57.09 -28.03
C LYS A 477 42.98 58.27 -28.91
N PHE A 478 42.08 58.73 -29.77
CA PHE A 478 42.37 59.81 -30.72
C PHE A 478 41.53 61.02 -30.33
N GLY A 479 42.13 61.93 -29.56
CA GLY A 479 41.44 63.14 -29.15
C GLY A 479 42.02 63.76 -27.89
N GLY A 482 37.75 64.83 -32.00
CA GLY A 482 37.82 64.03 -33.20
C GLY A 482 36.46 63.75 -33.82
N GLY A 483 35.50 63.34 -32.98
CA GLY A 483 34.17 63.05 -33.46
C GLY A 483 34.09 61.87 -34.41
N THR A 484 34.83 60.80 -34.13
CA THR A 484 34.75 59.60 -34.95
C THR A 484 33.36 58.98 -34.82
N ILE A 485 32.86 58.44 -35.92
CA ILE A 485 31.49 57.92 -35.94
C ILE A 485 31.44 56.49 -36.48
N PRO A 486 32.00 55.51 -35.76
CA PRO A 486 31.83 54.11 -36.16
C PRO A 486 30.49 53.51 -35.76
N ILE A 487 29.62 54.29 -35.12
CA ILE A 487 28.34 53.78 -34.66
C ILE A 487 27.45 53.40 -35.84
N VAL A 488 27.53 54.14 -36.94
CA VAL A 488 26.64 53.87 -38.07
C VAL A 488 27.01 52.52 -38.69
N PRO A 489 26.06 51.62 -38.87
CA PRO A 489 26.34 50.36 -39.58
C PRO A 489 26.27 50.58 -41.09
N THR A 490 26.69 49.54 -41.82
CA THR A 490 26.65 49.61 -43.27
C THR A 490 25.21 49.60 -43.76
N ALA A 491 25.03 49.94 -45.04
CA ALA A 491 23.69 50.05 -45.61
C ALA A 491 22.96 48.71 -45.65
N GLU A 492 23.69 47.59 -45.64
CA GLU A 492 23.09 46.27 -45.66
C GLU A 492 22.75 45.75 -44.27
N PHE A 493 23.62 46.01 -43.28
CA PHE A 493 23.34 45.58 -41.93
C PHE A 493 22.14 46.33 -41.35
N GLN A 494 21.98 47.61 -41.71
CA GLN A 494 20.82 48.36 -41.26
C GLN A 494 19.53 47.75 -41.81
N ASP A 495 19.52 47.40 -43.09
CA ASP A 495 18.35 46.76 -43.67
C ASP A 495 18.10 45.40 -43.04
N ARG A 496 19.17 44.65 -42.75
CA ARG A 496 19.01 43.34 -42.13
C ARG A 496 18.38 43.46 -40.75
N ILE A 497 18.88 44.38 -39.93
CA ILE A 497 18.34 44.51 -38.56
C ILE A 497 16.95 45.11 -38.59
N SER A 498 16.67 46.00 -39.54
CA SER A 498 15.34 46.60 -39.62
C SER A 498 14.29 45.60 -40.08
N GLY A 499 14.66 44.72 -41.00
CA GLY A 499 13.71 43.78 -41.57
C GLY A 499 13.86 42.36 -41.07
N ALA A 500 14.38 42.19 -39.85
CA ALA A 500 14.58 40.86 -39.31
C ALA A 500 13.24 40.14 -39.12
N SER A 501 13.22 38.86 -39.47
CA SER A 501 12.01 38.06 -39.37
C SER A 501 12.40 36.59 -39.28
N GLU A 502 11.41 35.71 -39.35
CA GLU A 502 11.65 34.28 -39.19
C GLU A 502 12.26 33.66 -40.44
N LYS A 503 11.99 34.24 -41.61
CA LYS A 503 12.55 33.71 -42.85
C LYS A 503 14.07 33.69 -42.81
N ASP A 504 14.67 34.69 -42.18
CA ASP A 504 16.13 34.73 -42.08
C ASP A 504 16.65 33.54 -41.28
N ILE A 505 16.01 33.24 -40.16
CA ILE A 505 16.43 32.10 -39.34
C ILE A 505 16.26 30.81 -40.12
N VAL A 506 15.13 30.66 -40.82
CA VAL A 506 14.89 29.42 -41.57
C VAL A 506 15.94 29.25 -42.66
N HIS A 507 16.24 30.32 -43.40
CA HIS A 507 17.23 30.23 -44.46
C HIS A 507 18.62 29.92 -43.90
N SER A 508 18.99 30.54 -42.78
CA SER A 508 20.29 30.26 -42.19
C SER A 508 20.40 28.81 -41.76
N GLY A 509 19.35 28.28 -41.12
CA GLY A 509 19.37 26.88 -40.73
C GLY A 509 19.48 25.94 -41.93
N LEU A 510 18.73 26.24 -42.99
CA LEU A 510 18.80 25.41 -44.19
C LEU A 510 20.20 25.44 -44.80
N ALA A 511 20.81 26.62 -44.89
CA ALA A 511 22.15 26.72 -45.45
C ALA A 511 23.16 25.96 -44.61
N TYR A 512 23.07 26.07 -43.28
CA TYR A 512 23.97 25.34 -42.41
C TYR A 512 23.82 23.83 -42.60
N THR A 513 22.58 23.34 -42.67
CA THR A 513 22.35 21.91 -42.84
C THR A 513 22.93 21.42 -44.16
N MET A 514 22.67 22.16 -45.24
CA MET A 514 23.17 21.74 -46.55
C MET A 514 24.69 21.74 -46.58
N GLU A 515 25.32 22.76 -46.00
CA GLU A 515 26.78 22.80 -45.98
C GLU A 515 27.36 21.63 -45.21
N ARG A 516 26.80 21.33 -44.04
CA ARG A 516 27.31 20.22 -43.25
C ARG A 516 27.13 18.89 -43.98
N SER A 517 25.97 18.69 -44.61
CA SER A 517 25.73 17.45 -45.34
C SER A 517 26.68 17.29 -46.51
N ALA A 518 26.92 18.36 -47.27
CA ALA A 518 27.85 18.28 -48.38
C ALA A 518 29.26 17.96 -47.90
N ARG A 519 29.69 18.60 -46.81
CA ARG A 519 31.02 18.29 -46.27
C ARG A 519 31.10 16.82 -45.84
N GLN A 520 30.05 16.32 -45.21
CA GLN A 520 30.05 14.92 -44.75
C GLN A 520 30.16 13.96 -45.92
N ILE A 521 29.36 14.17 -46.98
CA ILE A 521 29.41 13.24 -48.09
C ILE A 521 30.73 13.36 -48.85
N MET A 522 31.30 14.57 -48.94
CA MET A 522 32.62 14.71 -49.56
C MET A 522 33.67 13.96 -48.76
N ARG A 523 33.59 14.03 -47.43
CA ARG A 523 34.53 13.29 -46.59
C ARG A 523 34.38 11.79 -46.77
N THR A 524 33.14 11.30 -46.83
CA THR A 524 32.93 9.87 -46.98
C THR A 524 33.30 9.37 -48.37
N ALA A 525 33.31 10.27 -49.36
CA ALA A 525 33.71 9.86 -50.70
C ALA A 525 35.15 9.41 -50.75
N MET A 526 36.04 10.12 -50.06
CA MET A 526 37.46 9.79 -50.08
C MET A 526 37.78 8.58 -49.21
N LYS A 527 37.01 8.36 -48.13
CA LYS A 527 37.33 7.28 -47.21
C LYS A 527 37.21 5.92 -47.87
N TYR A 528 36.18 5.72 -48.70
CA TYR A 528 35.96 4.46 -49.37
C TYR A 528 36.64 4.38 -50.73
N ASN A 529 37.55 5.32 -51.03
CA ASN A 529 38.29 5.36 -52.28
C ASN A 529 37.33 5.38 -53.48
N LEU A 530 36.36 6.27 -53.41
CA LEU A 530 35.42 6.48 -54.51
C LEU A 530 35.88 7.63 -55.38
N GLY A 531 35.52 7.57 -56.64
CA GLY A 531 35.93 8.58 -57.60
C GLY A 531 35.00 9.76 -57.63
N LEU A 532 34.48 10.09 -58.80
CA LEU A 532 33.55 11.19 -58.97
C LEU A 532 32.10 10.75 -58.81
N ASP A 533 31.86 9.49 -58.46
CA ASP A 533 30.51 8.97 -58.26
C ASP A 533 30.01 9.42 -56.90
N LEU A 534 29.16 10.45 -56.88
CA LEU A 534 28.63 10.96 -55.63
C LEU A 534 27.36 10.26 -55.19
N ARG A 535 26.63 9.62 -56.12
CA ARG A 535 25.40 8.94 -55.76
C ARG A 535 25.66 7.79 -54.80
N THR A 536 26.59 6.90 -55.16
CA THR A 536 26.88 5.77 -54.28
C THR A 536 27.54 6.22 -52.99
N ALA A 537 28.29 7.32 -53.02
CA ALA A 537 28.85 7.86 -51.78
C ALA A 537 27.75 8.30 -50.83
N ALA A 538 26.74 9.00 -51.35
CA ALA A 538 25.62 9.42 -50.50
C ALA A 538 24.84 8.21 -49.98
N TYR A 539 24.63 7.21 -50.83
CA TYR A 539 23.91 6.03 -50.37
C TYR A 539 24.68 5.29 -49.28
N VAL A 540 26.00 5.17 -49.44
CA VAL A 540 26.82 4.54 -48.40
C VAL A 540 26.76 5.33 -47.11
N ASN A 541 26.82 6.67 -47.22
CA ASN A 541 26.74 7.51 -46.03
C ASN A 541 25.42 7.29 -45.30
N ALA A 542 24.30 7.27 -46.04
CA ALA A 542 23.01 7.07 -45.42
C ALA A 542 22.89 5.70 -44.77
N ILE A 543 23.40 4.66 -45.45
CA ILE A 543 23.34 3.31 -44.90
C ILE A 543 24.16 3.22 -43.62
N GLU A 544 25.36 3.79 -43.62
CA GLU A 544 26.18 3.78 -42.42
C GLU A 544 25.51 4.55 -41.29
N LYS A 545 24.85 5.67 -41.61
CA LYS A 545 24.18 6.45 -40.58
C LYS A 545 23.02 5.66 -39.96
N VAL A 546 22.24 4.97 -40.79
CA VAL A 546 21.10 4.24 -40.24
C VAL A 546 21.50 2.92 -39.60
N PHE A 547 22.69 2.40 -39.90
CA PHE A 547 23.11 1.15 -39.29
C PHE A 547 23.37 1.30 -37.80
N LYS A 548 23.95 2.43 -37.39
CA LYS A 548 24.34 2.59 -35.99
C LYS A 548 23.14 2.58 -35.05
N VAL A 549 22.00 3.10 -35.50
CA VAL A 549 20.82 3.15 -34.64
C VAL A 549 20.38 1.75 -34.25
N TYR A 550 20.33 0.84 -35.23
CA TYR A 550 20.05 -0.56 -34.91
C TYR A 550 21.19 -1.19 -34.12
N ASN A 551 22.43 -0.88 -34.46
CA ASN A 551 23.56 -1.57 -33.83
C ASN A 551 23.62 -1.28 -32.35
N GLU A 552 23.59 0.00 -31.97
CA GLU A 552 23.69 0.40 -30.57
C GLU A 552 22.32 0.55 -29.92
N ALA A 553 21.47 -0.47 -30.08
CA ALA A 553 20.17 -0.47 -29.44
C ALA A 553 19.80 -1.78 -28.78
N GLY A 554 20.41 -2.90 -29.15
CA GLY A 554 20.09 -4.18 -28.56
C GLY A 554 20.33 -5.34 -29.51
N ASN B 65 28.40 6.10 10.27
CA ASN B 65 28.90 5.90 8.91
C ASN B 65 28.42 7.01 7.98
N PHE B 66 28.28 6.69 6.69
CA PHE B 66 27.90 7.70 5.71
C PHE B 66 26.50 8.23 5.99
N PHE B 67 25.55 7.35 6.29
CA PHE B 67 24.20 7.81 6.61
C PHE B 67 24.20 8.67 7.87
N LYS B 68 24.96 8.25 8.89
CA LYS B 68 25.02 9.03 10.13
C LYS B 68 25.61 10.41 9.87
N MET B 69 26.68 10.48 9.07
CA MET B 69 27.34 11.77 8.87
C MET B 69 26.48 12.70 8.01
N VAL B 70 25.78 12.16 7.01
CA VAL B 70 24.90 13.02 6.21
C VAL B 70 23.71 13.49 7.04
N GLU B 71 23.19 12.63 7.92
CA GLU B 71 22.12 13.05 8.82
C GLU B 71 22.60 14.14 9.76
N GLY B 72 23.82 14.02 10.28
CA GLY B 72 24.38 15.06 11.13
C GLY B 72 24.56 16.38 10.38
N PHE B 73 25.01 16.30 9.13
CA PHE B 73 25.13 17.50 8.31
C PHE B 73 23.79 18.19 8.17
N PHE B 74 22.75 17.42 7.84
CA PHE B 74 21.43 18.02 7.68
C PHE B 74 20.92 18.61 8.99
N ASP B 75 21.16 17.92 10.11
CA ASP B 75 20.69 18.41 11.40
C ASP B 75 21.37 19.73 11.76
N ARG B 76 22.68 19.82 11.56
CA ARG B 76 23.38 21.07 11.86
C ARG B 76 22.91 22.20 10.95
N GLY B 77 22.71 21.89 9.66
CA GLY B 77 22.21 22.89 8.75
C GLY B 77 20.83 23.41 9.15
N ALA B 78 19.94 22.49 9.53
CA ALA B 78 18.60 22.90 9.96
C ALA B 78 18.64 23.71 11.24
N SER B 79 19.51 23.33 12.19
CA SER B 79 19.64 24.10 13.42
C SER B 79 20.12 25.52 13.13
N ILE B 80 21.06 25.67 12.20
CA ILE B 80 21.51 27.01 11.82
C ILE B 80 20.38 27.77 11.13
N VAL B 81 19.61 27.09 10.29
CA VAL B 81 18.53 27.75 9.55
C VAL B 81 17.47 28.29 10.49
N GLU B 82 17.07 27.49 11.49
CA GLU B 82 15.88 27.80 12.28
C GLU B 82 15.99 29.15 12.96
N ASP B 83 17.20 29.59 13.30
CA ASP B 83 17.37 30.82 14.05
C ASP B 83 16.92 32.04 13.25
N LYS B 84 17.41 32.17 12.01
CA LYS B 84 17.23 33.39 11.23
C LYS B 84 16.07 33.30 10.25
N LEU B 85 15.18 32.32 10.40
CA LEU B 85 14.08 32.13 9.47
C LEU B 85 12.70 32.24 10.10
N VAL B 86 12.58 32.09 11.43
CA VAL B 86 11.27 32.07 12.06
C VAL B 86 10.51 33.37 11.82
N GLU B 87 11.16 34.50 12.08
CA GLU B 87 10.50 35.79 11.91
C GLU B 87 11.38 36.76 11.12
N ASP B 88 12.70 36.55 11.17
CA ASP B 88 13.63 37.45 10.52
C ASP B 88 13.57 37.39 9.00
N LEU B 89 12.90 36.40 8.42
CA LEU B 89 12.82 36.26 6.98
C LEU B 89 11.43 35.98 6.44
N ARG B 90 10.43 35.77 7.30
CA ARG B 90 9.08 35.46 6.85
C ARG B 90 8.08 36.07 7.81
N THR B 91 6.97 36.55 7.26
CA THR B 91 5.91 37.15 8.07
C THR B 91 4.55 36.52 7.74
N GLU B 95 0.80 33.79 14.00
CA GLU B 95 0.51 33.43 15.39
C GLU B 95 1.24 34.38 16.36
N GLU B 96 1.48 35.61 15.90
CA GLU B 96 2.17 36.62 16.70
C GLU B 96 3.55 36.13 17.13
N GLN B 97 4.42 35.94 16.15
CA GLN B 97 5.81 35.49 16.33
C GLN B 97 5.87 34.11 16.99
N LYS B 98 4.82 33.30 16.83
CA LYS B 98 4.83 31.94 17.32
C LYS B 98 4.95 30.91 16.19
N ARG B 99 5.50 31.33 15.04
CA ARG B 99 5.79 30.38 13.99
C ARG B 99 7.13 29.69 14.26
N ASN B 100 7.29 29.20 15.48
CA ASN B 100 8.46 28.43 15.89
C ASN B 100 8.11 27.06 16.41
N ARG B 101 6.97 26.91 17.08
CA ARG B 101 6.42 25.60 17.39
C ARG B 101 5.91 24.89 16.15
N VAL B 102 5.79 25.60 15.03
CA VAL B 102 5.48 24.97 13.75
C VAL B 102 6.73 25.00 12.88
N ARG B 103 7.56 23.98 13.02
CA ARG B 103 8.77 23.83 12.20
C ARG B 103 8.84 22.43 11.62
N GLY B 104 7.71 21.73 11.55
CA GLY B 104 7.67 20.40 10.99
C GLY B 104 8.02 20.31 9.52
N ILE B 105 7.96 21.44 8.80
CA ILE B 105 8.37 21.44 7.40
C ILE B 105 9.82 20.99 7.28
N LEU B 106 10.66 21.39 8.22
CA LEU B 106 12.05 20.95 8.22
C LEU B 106 12.18 19.46 8.53
N ARG B 107 11.23 18.87 9.24
CA ARG B 107 11.29 17.45 9.54
C ARG B 107 10.55 16.59 8.51
N ILE B 108 9.82 17.21 7.57
CA ILE B 108 9.29 16.47 6.45
C ILE B 108 10.38 16.19 5.42
N ILE B 109 11.32 17.11 5.27
CA ILE B 109 12.33 16.99 4.23
C ILE B 109 13.30 15.86 4.52
N LYS B 110 13.63 15.65 5.80
CA LYS B 110 14.69 14.70 6.14
C LYS B 110 14.41 13.27 5.69
N PRO B 111 13.26 12.66 5.98
CA PRO B 111 13.07 11.26 5.59
C PRO B 111 12.72 11.11 4.12
N CYS B 112 13.06 9.94 3.58
CA CYS B 112 12.75 9.64 2.19
C CYS B 112 11.26 9.35 2.02
N ASN B 113 10.68 9.81 0.92
CA ASN B 113 9.25 9.65 0.70
C ASN B 113 8.90 8.21 0.37
N HIS B 114 9.65 7.58 -0.53
CA HIS B 114 9.34 6.23 -0.98
C HIS B 114 10.63 5.43 -1.15
N VAL B 115 10.48 4.11 -1.05
CA VAL B 115 11.53 3.18 -1.43
C VAL B 115 10.87 1.86 -1.81
N LEU B 116 11.32 1.27 -2.91
CA LEU B 116 10.70 0.07 -3.47
C LEU B 116 11.74 -1.03 -3.58
N SER B 117 11.36 -2.23 -3.14
CA SER B 117 12.22 -3.41 -3.25
C SER B 117 11.59 -4.40 -4.22
N LEU B 118 12.42 -4.99 -5.07
CA LEU B 118 11.95 -5.84 -6.15
C LEU B 118 12.58 -7.22 -6.06
N SER B 119 11.93 -8.19 -6.71
CA SER B 119 12.45 -9.55 -6.84
C SER B 119 11.91 -10.10 -8.15
N PHE B 120 12.75 -10.11 -9.18
CA PHE B 120 12.31 -10.52 -10.49
C PHE B 120 13.17 -11.67 -11.02
N PRO B 121 12.58 -12.56 -11.81
CA PRO B 121 13.33 -13.70 -12.34
C PRO B 121 13.94 -13.45 -13.71
N ILE B 122 15.05 -14.12 -13.96
CA ILE B 122 15.68 -14.18 -15.28
C ILE B 122 16.06 -15.61 -15.57
N ARG B 123 16.26 -15.90 -16.85
CA ARG B 123 16.70 -17.22 -17.29
C ARG B 123 18.18 -17.13 -17.69
N ARG B 124 19.00 -17.93 -17.03
CA ARG B 124 20.42 -17.95 -17.35
C ARG B 124 20.63 -18.60 -18.72
N ASP B 125 21.89 -18.54 -19.18
CA ASP B 125 22.21 -19.12 -20.48
C ASP B 125 22.02 -20.64 -20.48
N ASP B 126 22.34 -21.29 -19.37
CA ASP B 126 22.19 -22.75 -19.27
C ASP B 126 20.81 -23.13 -18.76
N GLY B 127 19.77 -22.57 -19.38
CA GLY B 127 18.39 -22.93 -19.12
C GLY B 127 17.91 -22.87 -17.68
N SER B 128 18.73 -22.35 -16.77
CA SER B 128 18.36 -22.31 -15.37
C SER B 128 17.66 -20.99 -15.04
N TRP B 129 17.24 -20.84 -13.79
CA TRP B 129 16.53 -19.67 -13.33
C TRP B 129 17.22 -19.08 -12.11
N GLU B 130 17.11 -17.76 -11.96
CA GLU B 130 17.70 -17.07 -10.82
C GLU B 130 16.78 -15.94 -10.41
N VAL B 131 16.87 -15.56 -9.13
CA VAL B 131 16.09 -14.47 -8.56
C VAL B 131 17.04 -13.34 -8.22
N ILE B 132 16.66 -12.12 -8.61
CA ILE B 132 17.52 -10.95 -8.46
C ILE B 132 16.76 -9.91 -7.65
N GLU B 133 17.43 -9.33 -6.66
CA GLU B 133 16.86 -8.31 -5.81
C GLU B 133 17.38 -6.93 -6.20
N GLY B 134 16.50 -5.93 -6.10
CA GLY B 134 16.87 -4.57 -6.44
C GLY B 134 16.08 -3.58 -5.62
N TYR B 135 16.60 -2.36 -5.55
CA TYR B 135 15.99 -1.30 -4.74
C TYR B 135 15.97 -0.01 -5.54
N ARG B 136 15.06 0.88 -5.16
CA ARG B 136 14.94 2.19 -5.79
C ARG B 136 14.20 3.10 -4.83
N ALA B 137 14.84 4.20 -4.44
CA ALA B 137 14.28 5.13 -3.44
C ALA B 137 14.18 6.52 -4.03
N GLN B 138 13.07 7.20 -3.77
CA GLN B 138 12.86 8.58 -4.15
C GLN B 138 12.77 9.42 -2.89
N HIS B 139 13.65 10.41 -2.76
CA HIS B 139 13.73 11.16 -1.52
C HIS B 139 12.66 12.24 -1.43
N SER B 140 12.69 13.21 -2.34
CA SER B 140 11.79 14.34 -2.31
C SER B 140 11.05 14.46 -3.62
N GLN B 141 9.89 15.10 -3.56
CA GLN B 141 9.04 15.29 -4.74
C GLN B 141 8.52 16.72 -4.84
N HIS B 142 9.24 17.68 -4.25
CA HIS B 142 8.87 19.07 -4.44
C HIS B 142 9.07 19.50 -5.89
N ARG B 143 9.98 18.84 -6.61
CA ARG B 143 10.12 18.98 -8.05
C ARG B 143 9.73 17.66 -8.69
N THR B 144 8.88 17.73 -9.71
CA THR B 144 8.22 16.52 -10.21
C THR B 144 9.20 15.46 -10.73
N PRO B 145 10.15 15.76 -11.63
CA PRO B 145 11.08 14.72 -12.06
C PRO B 145 12.16 14.48 -11.01
N CYS B 146 12.74 13.28 -11.08
CA CYS B 146 13.79 12.87 -10.16
C CYS B 146 14.96 12.29 -10.93
N LYS B 147 16.15 12.42 -10.36
CA LYS B 147 17.37 11.93 -10.98
C LYS B 147 18.11 11.02 -10.01
N GLY B 148 18.85 10.07 -10.55
CA GLY B 148 19.61 9.16 -9.73
C GLY B 148 20.41 8.21 -10.60
N GLY B 149 21.28 7.44 -9.93
CA GLY B 149 22.14 6.49 -10.60
C GLY B 149 21.66 5.06 -10.45
N ILE B 150 22.31 4.17 -11.19
CA ILE B 150 22.05 2.74 -11.13
C ILE B 150 23.38 2.05 -10.84
N ARG B 151 23.44 1.30 -9.75
CA ARG B 151 24.65 0.61 -9.34
C ARG B 151 24.46 -0.89 -9.49
N TYR B 152 25.46 -1.55 -10.08
CA TYR B 152 25.51 -3.00 -10.21
C TYR B 152 26.63 -3.48 -9.28
N SER B 153 26.31 -3.67 -8.01
CA SER B 153 27.30 -4.08 -7.03
C SER B 153 26.66 -5.00 -6.01
N THR B 154 27.47 -5.89 -5.44
CA THR B 154 27.00 -6.83 -4.44
C THR B 154 26.86 -6.17 -3.07
N ASP B 155 27.47 -5.01 -2.85
CA ASP B 155 27.45 -4.34 -1.57
C ASP B 155 26.31 -3.35 -1.42
N VAL B 156 25.39 -3.30 -2.40
CA VAL B 156 24.28 -2.36 -2.33
C VAL B 156 23.37 -2.73 -1.16
N SER B 157 22.81 -1.71 -0.52
CA SER B 157 21.92 -1.91 0.62
C SER B 157 20.79 -0.90 0.56
N VAL B 158 19.67 -1.26 1.19
CA VAL B 158 18.53 -0.35 1.25
C VAL B 158 18.87 0.90 2.05
N ASP B 159 19.83 0.81 2.97
CA ASP B 159 20.21 1.97 3.76
C ASP B 159 21.07 2.95 2.97
N GLU B 160 21.91 2.45 2.05
CA GLU B 160 22.81 3.33 1.32
C GLU B 160 22.05 4.15 0.28
N VAL B 161 21.03 3.54 -0.35
CA VAL B 161 20.29 4.26 -1.40
C VAL B 161 19.54 5.45 -0.82
N LYS B 162 19.04 5.33 0.41
CA LYS B 162 18.36 6.47 1.03
C LYS B 162 19.31 7.64 1.22
N ALA B 163 20.50 7.38 1.76
CA ALA B 163 21.47 8.45 1.97
C ALA B 163 21.91 9.05 0.64
N LEU B 164 22.13 8.21 -0.37
CA LEU B 164 22.55 8.73 -1.67
C LEU B 164 21.44 9.58 -2.30
N ALA B 165 20.19 9.17 -2.15
CA ALA B 165 19.08 9.95 -2.67
C ALA B 165 18.98 11.30 -1.98
N SER B 166 19.16 11.32 -0.65
CA SER B 166 19.14 12.59 0.07
C SER B 166 20.29 13.49 -0.39
N LEU B 167 21.48 12.91 -0.58
CA LEU B 167 22.61 13.69 -1.06
C LEU B 167 22.34 14.27 -2.44
N MET B 168 21.73 13.48 -3.32
CA MET B 168 21.40 13.97 -4.66
C MET B 168 20.37 15.09 -4.59
N THR B 169 19.37 14.96 -3.70
CA THR B 169 18.38 16.00 -3.53
C THR B 169 19.03 17.30 -3.12
N TYR B 170 19.95 17.25 -2.16
CA TYR B 170 20.60 18.48 -1.71
C TYR B 170 21.60 18.99 -2.73
N LYS B 171 22.16 18.11 -3.56
CA LYS B 171 23.13 18.54 -4.58
C LYS B 171 22.44 19.24 -5.73
N CYS B 172 21.24 18.77 -6.12
CA CYS B 172 20.54 19.41 -7.21
C CYS B 172 20.14 20.84 -6.86
N ALA B 173 19.74 21.08 -5.61
CA ALA B 173 19.26 22.40 -5.23
C ALA B 173 20.35 23.45 -5.28
N VAL B 174 21.57 23.08 -4.84
CA VAL B 174 22.63 24.08 -4.71
C VAL B 174 23.05 24.65 -6.05
N VAL B 175 22.83 23.93 -7.15
CA VAL B 175 23.20 24.39 -8.48
C VAL B 175 21.98 24.78 -9.31
N ASP B 176 20.83 24.95 -8.67
CA ASP B 176 19.61 25.45 -9.32
C ASP B 176 19.22 24.55 -10.50
N VAL B 177 18.94 23.29 -10.20
CA VAL B 177 18.49 22.31 -11.17
C VAL B 177 17.15 21.77 -10.69
N PRO B 178 16.06 21.95 -11.42
CA PRO B 178 14.75 21.54 -10.92
C PRO B 178 14.53 20.04 -10.95
N PHE B 179 15.21 19.32 -10.06
CA PHE B 179 15.10 17.86 -10.00
C PHE B 179 14.95 17.43 -8.55
N GLY B 180 14.37 16.25 -8.37
CA GLY B 180 14.29 15.61 -7.07
C GLY B 180 15.52 14.78 -6.78
N GLY B 181 15.34 13.74 -5.98
CA GLY B 181 16.45 12.86 -5.66
C GLY B 181 16.08 11.39 -5.72
N ALA B 182 16.99 10.57 -6.25
CA ALA B 182 16.73 9.15 -6.38
C ALA B 182 18.07 8.41 -6.44
N LYS B 183 18.00 7.09 -6.24
CA LYS B 183 19.15 6.21 -6.36
C LYS B 183 18.66 4.78 -6.33
N ALA B 184 19.28 3.92 -7.13
CA ALA B 184 18.89 2.53 -7.23
C ALA B 184 20.12 1.64 -7.26
N GLY B 185 19.90 0.35 -6.99
CA GLY B 185 20.98 -0.61 -7.00
C GLY B 185 20.45 -2.01 -7.24
N VAL B 186 21.29 -2.84 -7.84
CA VAL B 186 20.95 -4.23 -8.14
C VAL B 186 21.99 -5.13 -7.49
N LYS B 187 21.53 -6.18 -6.81
CA LYS B 187 22.39 -7.05 -6.03
C LYS B 187 23.05 -8.12 -6.91
N ILE B 188 23.87 -7.65 -7.85
CA ILE B 188 24.65 -8.51 -8.72
C ILE B 188 26.02 -7.87 -8.93
N ASN B 189 26.91 -8.64 -9.57
CA ASN B 189 28.19 -8.12 -10.02
C ASN B 189 28.36 -8.47 -11.50
N PRO B 190 28.68 -7.50 -12.36
CA PRO B 190 28.74 -7.79 -13.80
C PRO B 190 29.82 -8.78 -14.19
N LYS B 191 30.83 -8.99 -13.34
CA LYS B 191 31.92 -9.89 -13.70
C LYS B 191 31.49 -11.34 -13.81
N ASN B 192 30.37 -11.72 -13.20
CA ASN B 192 29.90 -13.10 -13.19
C ASN B 192 28.82 -13.36 -14.23
N TYR B 193 28.55 -12.41 -15.11
CA TYR B 193 27.49 -12.55 -16.11
C TYR B 193 28.01 -12.15 -17.48
N THR B 194 27.50 -12.83 -18.51
CA THR B 194 27.85 -12.48 -19.87
C THR B 194 27.09 -11.22 -20.30
N ASP B 195 27.48 -10.68 -21.46
CA ASP B 195 26.84 -9.48 -21.96
C ASP B 195 25.41 -9.71 -22.42
N ASN B 196 24.98 -10.96 -22.53
CA ASN B 196 23.61 -11.29 -22.88
C ASN B 196 22.69 -11.34 -21.67
N GLU B 197 23.16 -11.92 -20.56
CA GLU B 197 22.33 -11.97 -19.35
C GLU B 197 22.14 -10.57 -18.77
N LEU B 198 23.17 -9.72 -18.88
CA LEU B 198 23.04 -8.35 -18.39
C LEU B 198 21.93 -7.61 -19.12
N GLU B 199 21.80 -7.83 -20.42
CA GLU B 199 20.77 -7.16 -21.21
C GLU B 199 19.38 -7.52 -20.70
N LYS B 200 19.11 -8.81 -20.53
CA LYS B 200 17.78 -9.20 -20.06
C LYS B 200 17.55 -8.80 -18.61
N ILE B 201 18.60 -8.80 -17.79
CA ILE B 201 18.46 -8.29 -16.43
C ILE B 201 18.01 -6.84 -16.46
N THR B 202 18.67 -6.03 -17.29
CA THR B 202 18.30 -4.62 -17.39
C THR B 202 16.89 -4.44 -17.91
N ARG B 203 16.52 -5.21 -18.94
CA ARG B 203 15.18 -5.10 -19.51
C ARG B 203 14.11 -5.44 -18.48
N ARG B 204 14.27 -6.56 -17.76
CA ARG B 204 13.30 -6.94 -16.75
C ARG B 204 13.24 -5.92 -15.63
N PHE B 205 14.40 -5.42 -15.19
CA PHE B 205 14.44 -4.44 -14.13
C PHE B 205 13.66 -3.19 -14.51
N THR B 206 13.92 -2.66 -15.71
CA THR B 206 13.25 -1.43 -16.09
C THR B 206 11.77 -1.65 -16.37
N MET B 207 11.38 -2.84 -16.86
CA MET B 207 9.96 -3.12 -17.06
C MET B 207 9.21 -3.14 -15.74
N GLU B 208 9.71 -3.91 -14.77
CA GLU B 208 9.06 -4.00 -13.48
C GLU B 208 9.11 -2.67 -12.73
N LEU B 209 10.16 -1.87 -12.97
CA LEU B 209 10.27 -0.57 -12.32
C LEU B 209 9.33 0.45 -12.96
N ALA B 210 9.11 0.34 -14.27
CA ALA B 210 8.19 1.23 -14.96
C ALA B 210 6.75 0.91 -14.62
N LYS B 211 6.43 -0.36 -14.38
CA LYS B 211 5.03 -0.71 -14.10
C LYS B 211 4.50 -0.05 -12.83
N LYS B 212 5.38 0.46 -11.97
CA LYS B 212 4.98 1.06 -10.70
C LYS B 212 5.30 2.55 -10.64
N GLY B 213 5.37 3.20 -11.80
CA GLY B 213 5.54 4.64 -11.84
C GLY B 213 6.85 5.13 -11.27
N PHE B 214 7.96 4.51 -11.66
CA PHE B 214 9.28 4.91 -11.16
C PHE B 214 10.27 5.24 -12.27
N ILE B 215 9.84 5.36 -13.52
CA ILE B 215 10.78 5.53 -14.62
C ILE B 215 10.37 6.66 -15.56
N GLY B 216 9.15 7.16 -15.41
CA GLY B 216 8.57 8.07 -16.37
C GLY B 216 9.40 9.33 -16.59
N PRO B 217 9.33 9.89 -17.81
CA PRO B 217 10.11 11.11 -18.10
C PRO B 217 9.76 12.26 -17.20
N GLY B 218 8.51 12.38 -16.77
CA GLY B 218 8.10 13.37 -15.79
C GLY B 218 8.10 12.87 -14.37
N ILE B 219 8.68 11.70 -14.09
CA ILE B 219 8.64 11.13 -12.76
C ILE B 219 10.05 10.90 -12.24
N ASP B 220 10.81 10.04 -12.90
CA ASP B 220 12.17 9.71 -12.48
C ASP B 220 13.02 9.43 -13.70
N VAL B 221 14.28 9.89 -13.65
CA VAL B 221 15.21 9.74 -14.77
C VAL B 221 16.52 9.16 -14.26
N PRO B 222 16.80 7.89 -14.52
CA PRO B 222 18.08 7.31 -14.09
C PRO B 222 19.26 7.87 -14.87
N ALA B 223 20.43 7.81 -14.25
CA ALA B 223 21.68 8.30 -14.82
C ALA B 223 22.77 7.26 -14.62
N PRO B 224 23.78 7.23 -15.49
CA PRO B 224 24.82 6.20 -15.38
C PRO B 224 25.66 6.37 -14.13
N ASP B 225 26.20 5.25 -13.65
CA ASP B 225 27.09 5.25 -12.51
C ASP B 225 28.40 4.55 -12.85
N MET B 226 29.24 4.29 -11.85
CA MET B 226 30.54 3.68 -12.11
C MET B 226 30.40 2.27 -12.66
N SER B 227 29.48 1.49 -12.11
CA SER B 227 29.36 0.09 -12.49
C SER B 227 28.53 -0.14 -13.74
N THR B 228 27.80 0.87 -14.21
CA THR B 228 26.94 0.74 -15.38
C THR B 228 27.37 1.72 -16.46
N GLY B 229 27.50 1.22 -17.69
CA GLY B 229 27.91 2.03 -18.81
C GLY B 229 26.72 2.65 -19.54
N GLU B 230 27.02 3.20 -20.71
CA GLU B 230 25.99 3.84 -21.52
C GLU B 230 25.12 2.83 -22.26
N ARG B 231 25.66 1.65 -22.56
CA ARG B 231 24.87 0.65 -23.30
C ARG B 231 23.68 0.17 -22.49
N GLU B 232 23.83 0.05 -21.17
CA GLU B 232 22.70 -0.36 -20.33
C GLU B 232 21.55 0.62 -20.46
N MET B 233 21.84 1.92 -20.46
CA MET B 233 20.77 2.89 -20.53
C MET B 233 20.27 3.12 -21.95
N SER B 234 21.09 2.82 -22.96
CA SER B 234 20.53 2.70 -24.30
C SER B 234 19.49 1.58 -24.35
N TRP B 235 19.79 0.45 -23.71
CA TRP B 235 18.81 -0.63 -23.60
C TRP B 235 17.57 -0.17 -22.86
N ILE B 236 17.75 0.57 -21.76
CA ILE B 236 16.62 1.03 -20.96
C ILE B 236 15.70 1.92 -21.79
N ALA B 237 16.30 2.88 -22.51
CA ALA B 237 15.50 3.76 -23.36
C ALA B 237 14.80 2.98 -24.45
N ASP B 238 15.50 2.02 -25.06
CA ASP B 238 14.90 1.22 -26.13
C ASP B 238 13.69 0.46 -25.64
N THR B 239 13.79 -0.18 -24.47
CA THR B 239 12.68 -0.99 -24.00
C THR B 239 11.54 -0.14 -23.43
N TYR B 240 11.85 1.04 -22.87
CA TYR B 240 10.76 1.88 -22.39
C TYR B 240 10.00 2.52 -23.54
N ALA B 241 10.72 2.90 -24.60
CA ALA B 241 10.07 3.57 -25.72
C ALA B 241 9.21 2.62 -26.56
N SER B 242 9.33 1.31 -26.35
CA SER B 242 8.65 0.34 -27.19
C SER B 242 7.62 -0.49 -26.46
N THR B 243 7.51 -0.39 -25.14
CA THR B 243 6.57 -1.21 -24.37
C THR B 243 5.48 -0.38 -23.70
N ILE B 244 5.84 0.59 -22.87
CA ILE B 244 4.88 1.40 -22.15
C ILE B 244 4.82 2.82 -22.71
N GLY B 245 5.97 3.44 -22.93
CA GLY B 245 6.00 4.80 -23.44
C GLY B 245 5.83 4.88 -24.94
N HIS B 246 5.11 3.92 -25.53
CA HIS B 246 4.91 3.94 -26.97
C HIS B 246 4.11 5.15 -27.42
N TYR B 247 3.10 5.55 -26.65
CA TYR B 247 2.23 6.66 -27.00
C TYR B 247 2.73 7.99 -26.48
N ASP B 248 3.95 8.03 -25.94
CA ASP B 248 4.52 9.24 -25.37
C ASP B 248 5.38 9.94 -26.41
N ILE B 249 5.17 11.24 -26.57
CA ILE B 249 5.86 12.01 -27.61
C ILE B 249 7.37 12.04 -27.34
N ASN B 250 7.77 12.11 -26.09
CA ASN B 250 9.17 12.26 -25.71
C ASN B 250 9.59 11.16 -24.75
N ALA B 251 9.29 9.92 -25.12
CA ALA B 251 9.61 8.77 -24.28
C ALA B 251 11.11 8.52 -24.18
N HIS B 252 11.90 8.97 -25.17
CA HIS B 252 13.34 8.75 -25.12
C HIS B 252 14.04 9.60 -24.08
N ALA B 253 13.33 10.56 -23.46
CA ALA B 253 13.89 11.35 -22.38
C ALA B 253 13.77 10.67 -21.02
N CYS B 254 13.53 9.36 -21.01
CA CYS B 254 13.38 8.65 -19.75
C CYS B 254 14.70 8.51 -19.00
N VAL B 255 15.82 8.40 -19.72
CA VAL B 255 17.13 8.24 -19.10
C VAL B 255 18.11 9.22 -19.73
N THR B 256 19.21 9.44 -19.02
CA THR B 256 20.31 10.25 -19.51
C THR B 256 21.56 9.40 -19.63
N GLY B 257 22.58 9.96 -20.27
CA GLY B 257 23.81 9.24 -20.49
C GLY B 257 23.80 8.28 -21.65
N LYS B 258 22.80 8.36 -22.53
CA LYS B 258 22.72 7.47 -23.67
C LYS B 258 23.83 7.79 -24.67
N PRO B 259 24.15 6.84 -25.56
CA PRO B 259 25.13 7.13 -26.60
C PRO B 259 24.67 8.26 -27.51
N ILE B 260 25.64 8.85 -28.21
CA ILE B 260 25.36 10.03 -29.02
C ILE B 260 24.37 9.72 -30.14
N SER B 261 24.33 8.46 -30.59
CA SER B 261 23.39 8.10 -31.65
C SER B 261 21.97 8.01 -31.16
N GLN B 262 21.77 7.59 -29.91
CA GLN B 262 20.44 7.41 -29.35
C GLN B 262 19.84 8.68 -28.78
N GLY B 263 20.58 9.79 -28.79
CA GLY B 263 20.06 11.03 -28.26
C GLY B 263 20.90 11.60 -27.14
N GLY B 264 22.16 11.17 -27.05
CA GLY B 264 23.06 11.70 -26.05
C GLY B 264 23.53 13.10 -26.40
N ILE B 265 24.29 13.67 -25.48
CA ILE B 265 24.78 15.02 -25.62
C ILE B 265 26.31 14.98 -25.75
N HIS B 266 26.85 16.00 -26.40
CA HIS B 266 28.29 16.08 -26.59
C HIS B 266 28.97 16.63 -25.34
N GLY B 267 30.18 16.15 -25.09
CA GLY B 267 30.94 16.61 -23.94
C GLY B 267 30.50 16.03 -22.62
N ARG B 268 29.72 14.95 -22.63
CA ARG B 268 29.25 14.36 -21.39
C ARG B 268 30.40 13.75 -20.60
N ILE B 269 31.34 13.11 -21.29
CA ILE B 269 32.41 12.39 -20.60
C ILE B 269 33.32 13.35 -19.85
N SER B 270 33.54 14.55 -20.40
CA SER B 270 34.44 15.53 -19.83
C SER B 270 33.72 16.62 -19.05
N ALA B 271 32.64 16.28 -18.36
CA ALA B 271 31.87 17.27 -17.63
C ALA B 271 32.35 17.47 -16.20
N THR B 272 32.64 16.37 -15.50
CA THR B 272 33.05 16.47 -14.09
C THR B 272 34.39 17.19 -13.96
N GLY B 273 35.32 16.93 -14.88
CA GLY B 273 36.60 17.62 -14.83
C GLY B 273 36.46 19.13 -15.02
N ARG B 274 35.65 19.53 -16.00
CA ARG B 274 35.41 20.96 -16.20
C ARG B 274 34.72 21.57 -15.00
N GLY B 275 33.78 20.84 -14.39
CA GLY B 275 33.14 21.35 -13.18
C GLY B 275 34.12 21.57 -12.06
N VAL B 276 35.01 20.59 -11.83
CA VAL B 276 36.01 20.73 -10.77
C VAL B 276 36.93 21.92 -11.06
N PHE B 277 37.35 22.05 -12.31
CA PHE B 277 38.25 23.15 -12.67
C PHE B 277 37.57 24.51 -12.44
N HIS B 278 36.31 24.64 -12.87
CA HIS B 278 35.61 25.91 -12.69
C HIS B 278 35.38 26.21 -11.22
N GLY B 279 35.02 25.20 -10.43
CA GLY B 279 34.83 25.41 -9.01
C GLY B 279 36.10 25.84 -8.32
N ILE B 280 37.23 25.25 -8.70
CA ILE B 280 38.51 25.66 -8.11
C ILE B 280 38.85 27.09 -8.53
N GLU B 281 38.65 27.42 -9.82
CA GLU B 281 39.02 28.73 -10.32
C GLU B 281 38.20 29.83 -9.66
N ASN B 282 36.90 29.60 -9.47
CA ASN B 282 36.05 30.64 -8.89
C ASN B 282 36.52 31.02 -7.48
N PHE B 283 36.92 30.03 -6.69
CA PHE B 283 37.43 30.32 -5.35
C PHE B 283 38.86 30.85 -5.38
N ILE B 284 39.67 30.42 -6.35
CA ILE B 284 41.06 30.88 -6.41
C ILE B 284 41.16 32.31 -6.90
N ASN B 285 40.14 32.82 -7.59
CA ASN B 285 40.16 34.20 -8.05
C ASN B 285 39.53 35.17 -7.07
N GLU B 286 39.09 34.71 -5.90
CA GLU B 286 38.47 35.56 -4.90
C GLU B 286 39.54 36.12 -3.98
N ALA B 287 39.75 37.44 -4.05
CA ALA B 287 40.81 38.06 -3.27
C ALA B 287 40.53 37.99 -1.77
N SER B 288 39.28 38.17 -1.37
CA SER B 288 38.94 38.20 0.05
C SER B 288 39.25 36.87 0.73
N TYR B 289 38.86 35.76 0.09
CA TYR B 289 39.18 34.45 0.64
C TYR B 289 40.66 34.11 0.47
N MET B 290 41.28 34.60 -0.60
CA MET B 290 42.68 34.28 -0.82
C MET B 290 43.59 34.95 0.21
N SER B 291 43.21 36.14 0.68
CA SER B 291 44.00 36.83 1.68
C SER B 291 44.03 36.07 2.99
N ILE B 292 42.92 35.42 3.36
CA ILE B 292 42.89 34.64 4.59
C ILE B 292 43.93 33.51 4.54
N LEU B 293 44.02 32.85 3.39
CA LEU B 293 45.05 31.82 3.23
C LEU B 293 46.45 32.44 3.30
N GLY B 294 46.62 33.63 2.75
CA GLY B 294 47.86 34.36 2.85
C GLY B 294 48.76 34.32 1.63
N MET B 295 48.31 33.77 0.52
CA MET B 295 49.09 33.72 -0.70
C MET B 295 48.39 34.48 -1.82
N THR B 296 49.14 34.74 -2.88
CA THR B 296 48.66 35.61 -3.95
C THR B 296 47.49 34.96 -4.68
N PRO B 297 46.50 35.75 -5.10
CA PRO B 297 45.36 35.18 -5.83
C PRO B 297 45.70 34.91 -7.29
N GLY B 298 44.79 34.19 -7.93
CA GLY B 298 44.95 33.83 -9.33
C GLY B 298 45.79 32.59 -9.52
N PHE B 299 45.82 32.11 -10.76
CA PHE B 299 46.60 30.93 -11.11
C PHE B 299 48.04 31.35 -11.37
N GLY B 300 48.85 30.43 -11.89
CA GLY B 300 50.25 30.70 -12.11
C GLY B 300 51.06 30.54 -10.84
N ASP B 301 52.23 29.91 -10.95
CA ASP B 301 53.07 29.59 -9.79
C ASP B 301 52.28 28.80 -8.75
N LYS B 302 51.41 27.91 -9.23
CA LYS B 302 50.57 27.09 -8.38
C LYS B 302 50.94 25.62 -8.55
N THR B 303 50.72 24.85 -7.48
CA THR B 303 51.06 23.43 -7.47
C THR B 303 49.88 22.64 -6.94
N PHE B 304 49.56 21.53 -7.60
CA PHE B 304 48.46 20.68 -7.18
C PHE B 304 48.87 19.22 -7.28
N VAL B 305 48.24 18.40 -6.44
CA VAL B 305 48.47 16.97 -6.39
C VAL B 305 47.15 16.26 -6.58
N VAL B 306 47.11 15.29 -7.51
CA VAL B 306 45.91 14.55 -7.84
C VAL B 306 46.05 13.13 -7.32
N GLN B 307 45.07 12.68 -6.55
CA GLN B 307 45.01 11.32 -6.06
C GLN B 307 44.00 10.53 -6.89
N GLY B 308 44.44 9.42 -7.48
CA GLY B 308 43.60 8.66 -8.36
C GLY B 308 43.62 9.19 -9.78
N PHE B 309 43.78 8.30 -10.75
CA PHE B 309 43.87 8.67 -12.17
C PHE B 309 42.64 8.25 -12.94
N GLY B 310 41.46 8.40 -12.34
CA GLY B 310 40.21 8.11 -13.02
C GLY B 310 39.84 9.20 -14.00
N ASN B 311 38.58 9.16 -14.42
CA ASN B 311 38.08 10.16 -15.37
C ASN B 311 38.18 11.57 -14.79
N VAL B 312 37.63 11.76 -13.58
CA VAL B 312 37.58 13.09 -12.99
C VAL B 312 38.98 13.62 -12.73
N GLY B 313 39.87 12.79 -12.20
CA GLY B 313 41.22 13.24 -11.91
C GLY B 313 41.98 13.61 -13.17
N LEU B 314 41.90 12.76 -14.20
CA LEU B 314 42.61 13.03 -15.44
C LEU B 314 42.11 14.32 -16.09
N HIS B 315 40.78 14.48 -16.18
CA HIS B 315 40.25 15.66 -16.83
C HIS B 315 40.55 16.92 -16.03
N SER B 316 40.46 16.85 -14.71
CA SER B 316 40.80 18.01 -13.88
C SER B 316 42.26 18.39 -14.04
N MET B 317 43.16 17.40 -14.06
CA MET B 317 44.57 17.70 -14.23
C MET B 317 44.84 18.33 -15.59
N ARG B 318 44.21 17.80 -16.65
CA ARG B 318 44.41 18.38 -17.98
C ARG B 318 43.93 19.82 -18.04
N TYR B 319 42.71 20.08 -17.54
CA TYR B 319 42.17 21.42 -17.61
C TYR B 319 42.90 22.39 -16.69
N LEU B 320 43.50 21.89 -15.61
CA LEU B 320 44.30 22.77 -14.76
C LEU B 320 45.64 23.09 -15.41
N HIS B 321 46.28 22.10 -16.05
CA HIS B 321 47.52 22.38 -16.76
C HIS B 321 47.30 23.32 -17.93
N ARG B 322 46.12 23.27 -18.55
CA ARG B 322 45.84 24.18 -19.66
C ARG B 322 45.89 25.64 -19.23
N PHE B 323 45.75 25.93 -17.94
CA PHE B 323 45.72 27.30 -17.43
C PHE B 323 46.91 27.61 -16.53
N GLY B 324 48.09 27.14 -16.92
CA GLY B 324 49.31 27.48 -16.22
C GLY B 324 49.43 26.95 -14.80
N ALA B 325 49.09 25.69 -14.58
CA ALA B 325 49.27 25.03 -13.29
C ALA B 325 50.17 23.81 -13.48
N LYS B 326 50.93 23.50 -12.44
CA LYS B 326 51.91 22.42 -12.48
C LYS B 326 51.49 21.29 -11.55
N CYS B 327 51.54 20.06 -12.05
CA CYS B 327 51.27 18.87 -11.26
C CYS B 327 52.57 18.17 -10.93
N ILE B 328 52.81 17.91 -9.64
CA ILE B 328 54.05 17.31 -9.20
C ILE B 328 53.89 15.85 -8.78
N ALA B 329 52.72 15.46 -8.27
CA ALA B 329 52.52 14.10 -7.80
C ALA B 329 51.18 13.57 -8.29
N VAL B 330 51.14 12.28 -8.62
CA VAL B 330 49.92 11.61 -9.03
C VAL B 330 49.84 10.28 -8.28
N GLY B 331 48.74 10.08 -7.57
CA GLY B 331 48.51 8.85 -6.84
C GLY B 331 47.58 7.90 -7.58
N GLU B 332 47.59 6.66 -7.14
CA GLU B 332 46.76 5.59 -7.72
C GLU B 332 46.76 4.42 -6.75
N SER B 333 46.21 3.30 -7.19
CA SER B 333 46.22 2.10 -6.36
C SER B 333 47.64 1.63 -6.09
N ASP B 334 48.50 1.69 -7.11
CA ASP B 334 49.90 1.37 -6.95
C ASP B 334 50.63 2.59 -6.39
N GLY B 335 51.96 2.56 -6.44
CA GLY B 335 52.73 3.68 -5.94
C GLY B 335 52.57 4.93 -6.79
N SER B 336 52.97 6.06 -6.21
CA SER B 336 52.84 7.35 -6.85
C SER B 336 54.13 7.73 -7.56
N ILE B 337 54.02 8.70 -8.47
CA ILE B 337 55.14 9.23 -9.22
C ILE B 337 55.28 10.70 -8.90
N TRP B 338 56.49 11.13 -8.55
CA TRP B 338 56.75 12.51 -8.16
C TRP B 338 57.80 13.12 -9.05
N ASN B 339 57.53 14.33 -9.54
CA ASN B 339 58.48 15.07 -10.37
C ASN B 339 58.23 16.55 -10.20
N PRO B 340 59.11 17.27 -9.49
CA PRO B 340 58.86 18.70 -9.23
C PRO B 340 58.92 19.57 -10.48
N ASP B 341 59.36 19.03 -11.61
CA ASP B 341 59.41 19.78 -12.85
C ASP B 341 58.08 19.80 -13.60
N GLY B 342 57.08 19.05 -13.14
CA GLY B 342 55.80 18.99 -13.79
C GLY B 342 55.62 17.71 -14.59
N ILE B 343 54.35 17.37 -14.81
CA ILE B 343 53.97 16.16 -15.53
C ILE B 343 52.98 16.54 -16.62
N ASP B 344 53.23 16.05 -17.84
CA ASP B 344 52.33 16.32 -18.96
C ASP B 344 51.16 15.36 -18.93
N PRO B 345 49.92 15.85 -18.85
CA PRO B 345 48.77 14.93 -18.80
C PRO B 345 48.63 14.07 -20.05
N LYS B 346 48.98 14.59 -21.22
CA LYS B 346 48.84 13.80 -22.45
C LYS B 346 49.78 12.60 -22.43
N GLU B 347 51.04 12.81 -22.06
CA GLU B 347 51.99 11.70 -22.00
C GLU B 347 51.59 10.68 -20.94
N LEU B 348 51.12 11.16 -19.78
CA LEU B 348 50.68 10.25 -18.73
C LEU B 348 49.48 9.43 -19.18
N GLU B 349 48.52 10.06 -19.86
CA GLU B 349 47.36 9.35 -20.36
C GLU B 349 47.77 8.30 -21.41
N ASP B 350 48.69 8.67 -22.29
CA ASP B 350 49.17 7.72 -23.29
C ASP B 350 49.86 6.53 -22.63
N PHE B 351 50.68 6.80 -21.62
CA PHE B 351 51.33 5.72 -20.89
C PHE B 351 50.32 4.81 -20.19
N LYS B 352 49.30 5.42 -19.57
CA LYS B 352 48.28 4.64 -18.88
C LYS B 352 47.51 3.76 -19.85
N LEU B 353 47.15 4.31 -21.01
CA LEU B 353 46.44 3.52 -22.02
C LEU B 353 47.34 2.48 -22.67
N GLN B 354 48.65 2.70 -22.66
CA GLN B 354 49.56 1.74 -23.29
C GLN B 354 49.56 0.41 -22.57
N HIS B 355 49.75 0.44 -21.25
CA HIS B 355 49.84 -0.80 -20.47
C HIS B 355 49.55 -0.52 -19.01
N GLY B 356 48.46 -1.08 -18.49
CA GLY B 356 48.21 -1.09 -17.05
C GLY B 356 48.16 0.30 -16.46
N SER B 357 48.79 0.43 -15.29
CA SER B 357 48.79 1.67 -14.53
C SER B 357 50.01 2.51 -14.91
N ILE B 358 50.28 3.55 -14.12
CA ILE B 358 51.38 4.47 -14.39
C ILE B 358 52.64 3.99 -13.68
N LEU B 359 52.61 2.76 -13.15
CA LEU B 359 53.76 2.22 -12.43
C LEU B 359 54.89 1.95 -13.42
N GLY B 360 55.85 2.87 -13.45
CA GLY B 360 56.97 2.75 -14.37
C GLY B 360 57.04 3.92 -15.34
N PHE B 361 56.32 4.99 -15.04
CA PHE B 361 56.31 6.16 -15.90
C PHE B 361 57.67 6.86 -15.85
N PRO B 362 58.30 7.11 -17.00
CA PRO B 362 59.59 7.79 -17.00
C PRO B 362 59.43 9.28 -16.76
N LYS B 363 60.57 9.94 -16.52
CA LYS B 363 60.62 11.37 -16.22
C LYS B 363 59.81 11.72 -14.97
N ALA B 364 59.71 10.76 -14.03
CA ALA B 364 58.98 10.99 -12.78
C ALA B 364 59.51 9.98 -11.76
N LYS B 365 60.27 10.48 -10.80
CA LYS B 365 60.82 9.61 -9.76
C LYS B 365 59.70 9.03 -8.91
N PRO B 366 59.72 7.73 -8.63
CA PRO B 366 58.69 7.16 -7.75
C PRO B 366 58.70 7.79 -6.38
N TYR B 367 57.52 7.94 -5.80
CA TYR B 367 57.35 8.61 -4.51
C TYR B 367 57.12 7.57 -3.42
N GLU B 368 57.83 7.75 -2.29
CA GLU B 368 57.66 6.91 -1.12
C GLU B 368 57.14 7.78 0.02
N GLY B 369 56.03 7.36 0.60
CA GLY B 369 55.38 8.12 1.66
C GLY B 369 53.99 8.57 1.26
N SER B 370 53.33 9.22 2.22
CA SER B 370 51.98 9.70 2.00
C SER B 370 51.97 10.87 1.03
N ILE B 371 51.21 10.71 -0.07
CA ILE B 371 51.08 11.80 -1.03
C ILE B 371 50.29 12.95 -0.44
N LEU B 372 49.34 12.65 0.46
CA LEU B 372 48.55 13.71 1.08
C LEU B 372 49.43 14.65 1.90
N GLU B 373 50.38 14.09 2.65
CA GLU B 373 51.27 14.91 3.48
C GLU B 373 52.31 15.65 2.66
N ALA B 374 52.45 15.36 1.37
CA ALA B 374 53.43 16.03 0.53
C ALA B 374 53.09 17.51 0.40
N ASP B 375 54.14 18.33 0.31
CA ASP B 375 53.97 19.77 0.22
C ASP B 375 53.43 20.15 -1.15
N CYS B 376 52.38 20.98 -1.16
CA CYS B 376 51.75 21.47 -2.38
C CYS B 376 50.85 22.63 -2.00
N ASP B 377 50.05 23.11 -2.95
CA ASP B 377 49.10 24.17 -2.70
C ASP B 377 47.65 23.73 -2.83
N ILE B 378 47.36 22.82 -3.77
CA ILE B 378 46.01 22.29 -3.98
C ILE B 378 46.07 20.77 -3.89
N LEU B 379 45.06 20.18 -3.23
CA LEU B 379 44.95 18.74 -3.12
C LEU B 379 43.59 18.31 -3.65
N ILE B 380 43.57 17.27 -4.48
CA ILE B 380 42.33 16.77 -5.06
C ILE B 380 42.18 15.30 -4.71
N PRO B 381 41.52 14.97 -3.59
CA PRO B 381 41.31 13.56 -3.25
C PRO B 381 40.18 12.93 -4.07
N ALA B 382 40.35 12.88 -5.37
CA ALA B 382 39.32 12.31 -6.26
C ALA B 382 39.58 10.83 -6.54
N ALA B 383 39.75 10.04 -5.49
CA ALA B 383 39.99 8.61 -5.64
C ALA B 383 38.88 7.76 -5.06
N SER B 384 38.55 7.94 -3.78
CA SER B 384 37.56 7.10 -3.13
C SER B 384 37.01 7.86 -1.93
N GLU B 385 36.31 7.16 -1.04
CA GLU B 385 35.65 7.77 0.11
C GLU B 385 36.40 7.45 1.40
N LYS B 386 36.51 8.47 2.26
CA LYS B 386 37.08 8.34 3.60
C LYS B 386 38.54 7.86 3.56
N GLN B 387 39.39 8.70 2.97
CA GLN B 387 40.84 8.49 3.00
C GLN B 387 41.57 9.65 3.66
N LEU B 388 40.91 10.37 4.57
CA LEU B 388 41.56 11.45 5.29
C LEU B 388 40.93 11.50 6.68
N THR B 389 41.57 10.86 7.65
CA THR B 389 41.04 10.74 9.00
C THR B 389 41.74 11.74 9.92
N LYS B 390 41.47 11.63 11.22
CA LYS B 390 42.09 12.52 12.19
C LYS B 390 43.58 12.23 12.38
N SER B 391 44.03 11.01 12.05
CA SER B 391 45.43 10.66 12.25
C SER B 391 46.33 11.43 11.31
N ASN B 392 46.00 11.46 10.02
CA ASN B 392 46.82 12.12 9.03
C ASN B 392 46.39 13.56 8.75
N ALA B 393 45.34 14.04 9.42
CA ALA B 393 44.89 15.42 9.21
C ALA B 393 45.94 16.45 9.59
N PRO B 394 46.58 16.40 10.77
CA PRO B 394 47.55 17.46 11.11
C PRO B 394 48.82 17.43 10.27
N ARG B 395 49.10 16.34 9.57
CA ARG B 395 50.35 16.20 8.84
C ARG B 395 50.29 16.75 7.42
N VAL B 396 49.12 17.20 6.96
CA VAL B 396 49.02 17.74 5.60
C VAL B 396 49.65 19.12 5.55
N LYS B 397 50.00 19.54 4.33
CA LYS B 397 50.62 20.84 4.11
C LYS B 397 49.95 21.64 3.00
N ALA B 398 48.88 21.11 2.41
CA ALA B 398 48.18 21.82 1.33
C ALA B 398 47.32 22.94 1.92
N LYS B 399 47.42 24.11 1.31
CA LYS B 399 46.64 25.26 1.80
C LYS B 399 45.16 25.13 1.43
N ILE B 400 44.86 24.55 0.28
CA ILE B 400 43.50 24.41 -0.20
C ILE B 400 43.25 22.96 -0.57
N ILE B 401 42.13 22.41 -0.10
CA ILE B 401 41.75 21.02 -0.38
C ILE B 401 40.42 21.06 -1.12
N ALA B 402 40.39 20.46 -2.31
CA ALA B 402 39.19 20.42 -3.15
C ALA B 402 38.74 18.97 -3.27
N GLU B 403 37.56 18.67 -2.73
CA GLU B 403 37.03 17.31 -2.70
C GLU B 403 36.47 16.98 -4.08
N GLY B 404 37.10 16.02 -4.76
CA GLY B 404 36.63 15.60 -6.07
C GLY B 404 35.66 14.44 -6.01
N ALA B 405 35.92 13.49 -5.12
CA ALA B 405 35.07 12.32 -4.95
C ALA B 405 33.95 12.64 -3.97
N ASN B 406 33.22 11.61 -3.55
CA ASN B 406 32.10 11.76 -2.62
C ASN B 406 32.59 11.44 -1.21
N GLY B 407 32.69 12.47 -0.38
CA GLY B 407 33.04 12.31 1.02
C GLY B 407 34.40 11.68 1.25
N PRO B 408 35.47 12.40 0.91
CA PRO B 408 36.82 11.90 1.19
C PRO B 408 37.40 12.32 2.53
N THR B 409 36.67 13.11 3.31
CA THR B 409 37.15 13.59 4.60
C THR B 409 36.17 13.23 5.69
N THR B 410 36.70 12.77 6.83
CA THR B 410 35.87 12.45 7.98
C THR B 410 35.40 13.74 8.66
N PRO B 411 34.24 13.70 9.31
CA PRO B 411 33.77 14.90 10.03
C PRO B 411 34.74 15.36 11.12
N GLU B 412 35.50 14.45 11.73
CA GLU B 412 36.44 14.85 12.77
C GLU B 412 37.53 15.75 12.20
N ALA B 413 38.03 15.45 11.01
CA ALA B 413 39.10 16.25 10.42
C ALA B 413 38.63 17.63 9.99
N ASP B 414 37.33 17.81 9.78
CA ASP B 414 36.82 19.13 9.40
C ASP B 414 37.08 20.16 10.47
N LYS B 415 36.86 19.79 11.74
CA LYS B 415 37.14 20.71 12.83
C LYS B 415 38.64 20.96 12.96
N ILE B 416 39.47 19.96 12.68
CA ILE B 416 40.92 20.14 12.73
C ILE B 416 41.37 21.14 11.69
N PHE B 417 40.81 21.03 10.47
CA PHE B 417 41.23 21.93 9.40
C PHE B 417 40.86 23.38 9.71
N LEU B 418 39.69 23.62 10.30
CA LEU B 418 39.32 24.98 10.68
C LEU B 418 40.27 25.55 11.72
N GLU B 419 40.79 24.71 12.60
CA GLU B 419 41.79 25.17 13.57
C GLU B 419 43.08 25.57 12.87
N ARG B 420 43.46 24.84 11.82
CA ARG B 420 44.68 25.12 11.07
C ARG B 420 44.49 26.17 9.99
N ASN B 421 43.27 26.70 9.84
CA ASN B 421 42.96 27.72 8.83
C ASN B 421 43.29 27.20 7.42
N ILE B 422 42.56 26.15 7.04
CA ILE B 422 42.72 25.51 5.74
C ILE B 422 41.36 25.50 5.05
N MET B 423 41.30 26.00 3.83
CA MET B 423 40.07 26.02 3.07
C MET B 423 39.77 24.63 2.50
N VAL B 424 38.49 24.25 2.56
CA VAL B 424 38.01 23.00 1.97
C VAL B 424 36.77 23.31 1.13
N ILE B 425 36.75 22.79 -0.08
CA ILE B 425 35.61 22.97 -0.99
C ILE B 425 34.72 21.73 -0.85
N PRO B 426 33.43 21.89 -0.54
CA PRO B 426 32.58 20.73 -0.31
C PRO B 426 32.41 19.88 -1.57
N ASP B 427 32.28 18.57 -1.36
CA ASP B 427 31.97 17.69 -2.48
C ASP B 427 30.52 17.81 -2.93
N LEU B 428 29.67 18.44 -2.11
CA LEU B 428 28.28 18.64 -2.50
C LEU B 428 28.16 19.59 -3.67
N TYR B 429 29.13 20.50 -3.84
CA TYR B 429 29.08 21.51 -4.88
C TYR B 429 30.08 21.27 -6.01
N LEU B 430 31.25 20.69 -5.71
CA LEU B 430 32.29 20.58 -6.72
C LEU B 430 31.97 19.48 -7.74
N ASN B 431 31.17 18.49 -7.37
CA ASN B 431 30.88 17.35 -8.23
C ASN B 431 29.51 17.44 -8.90
N ALA B 432 29.08 18.64 -9.27
CA ALA B 432 27.77 18.85 -9.87
C ALA B 432 27.81 18.97 -11.38
N GLY B 433 28.99 18.86 -12.00
CA GLY B 433 29.06 18.95 -13.45
C GLY B 433 28.27 17.85 -14.14
N GLY B 434 28.33 16.64 -13.60
CA GLY B 434 27.58 15.53 -14.19
C GLY B 434 26.09 15.77 -14.15
N VAL B 435 25.57 16.21 -13.01
CA VAL B 435 24.12 16.44 -12.93
C VAL B 435 23.72 17.62 -13.81
N THR B 436 24.58 18.64 -13.93
CA THR B 436 24.24 19.77 -14.81
C THR B 436 24.17 19.33 -16.26
N VAL B 437 25.16 18.55 -16.71
CA VAL B 437 25.15 18.12 -18.10
C VAL B 437 24.01 17.13 -18.34
N SER B 438 23.63 16.34 -17.32
CA SER B 438 22.46 15.49 -17.47
C SER B 438 21.19 16.31 -17.62
N TYR B 439 21.09 17.42 -16.87
CA TYR B 439 19.96 18.33 -17.04
C TYR B 439 19.92 18.89 -18.46
N PHE B 440 21.09 19.27 -18.98
CA PHE B 440 21.14 19.78 -20.35
C PHE B 440 20.72 18.70 -21.36
N GLU B 441 21.15 17.46 -21.14
CA GLU B 441 20.75 16.37 -22.03
C GLU B 441 19.25 16.13 -21.99
N TRP B 442 18.66 16.19 -20.80
CA TRP B 442 17.20 16.04 -20.68
C TRP B 442 16.49 17.16 -21.43
N LEU B 443 16.97 18.40 -21.28
CA LEU B 443 16.38 19.50 -22.01
C LEU B 443 16.48 19.31 -23.52
N LYS B 444 17.64 18.84 -23.98
CA LYS B 444 17.80 18.59 -25.42
C LYS B 444 16.85 17.52 -25.91
N ASN B 445 16.67 16.45 -25.12
CA ASN B 445 15.75 15.40 -25.51
C ASN B 445 14.32 15.90 -25.57
N LEU B 446 13.92 16.76 -24.64
CA LEU B 446 12.60 17.37 -24.72
C LEU B 446 12.48 18.34 -25.89
N ASN B 447 13.56 18.98 -26.31
CA ASN B 447 13.51 19.94 -27.41
C ASN B 447 13.50 19.29 -28.78
N HIS B 448 13.86 18.01 -28.87
CA HIS B 448 13.86 17.25 -30.12
C HIS B 448 14.77 17.87 -31.18
N VAL B 449 15.82 18.58 -30.74
CA VAL B 449 16.76 19.21 -31.68
C VAL B 449 18.07 19.45 -30.96
N SER B 450 19.17 19.35 -31.71
CA SER B 450 20.49 19.64 -31.16
C SER B 450 20.64 21.13 -30.92
N TYR B 451 21.47 21.47 -29.93
CA TYR B 451 21.68 22.87 -29.58
C TYR B 451 22.44 23.60 -30.67
N GLY B 452 22.01 24.83 -30.96
CA GLY B 452 22.73 25.68 -31.88
C GLY B 452 22.56 25.35 -33.34
N ARG B 453 21.62 24.49 -33.71
CA ARG B 453 21.45 24.14 -35.12
C ARG B 453 20.95 25.33 -35.93
N LEU B 454 20.05 26.13 -35.36
CA LEU B 454 19.39 27.20 -36.08
C LEU B 454 19.99 28.58 -35.79
N THR B 455 21.11 28.65 -35.08
CA THR B 455 21.66 29.93 -34.65
C THR B 455 23.10 30.18 -35.08
N PHE B 456 23.85 29.13 -35.44
CA PHE B 456 25.27 29.32 -35.71
C PHE B 456 25.50 30.19 -36.95
N LYS B 457 24.84 29.84 -38.06
CA LYS B 457 25.01 30.60 -39.29
C LYS B 457 24.53 32.03 -39.13
N TYR B 458 23.40 32.23 -38.45
CA TYR B 458 22.88 33.57 -38.23
C TYR B 458 23.86 34.42 -37.45
N GLU B 459 24.40 33.88 -36.36
CA GLU B 459 25.36 34.62 -35.55
C GLU B 459 26.63 34.92 -36.32
N ARG B 460 27.13 33.96 -37.10
CA ARG B 460 28.34 34.19 -37.88
C ARG B 460 28.12 35.28 -38.92
N ASP B 461 26.98 35.26 -39.62
CA ASP B 461 26.68 36.32 -40.57
C ASP B 461 26.57 37.67 -39.90
N SER B 462 25.94 37.71 -38.72
CA SER B 462 25.82 38.97 -37.99
C SER B 462 27.20 39.50 -37.60
N ASN B 463 28.08 38.62 -37.14
CA ASN B 463 29.43 39.06 -36.77
C ASN B 463 30.19 39.61 -37.98
N TYR B 464 30.09 38.92 -39.12
CA TYR B 464 30.78 39.42 -40.32
C TYR B 464 30.21 40.76 -40.75
N HIS B 465 28.89 40.92 -40.69
CA HIS B 465 28.27 42.20 -41.05
C HIS B 465 28.73 43.30 -40.10
N LEU B 466 28.84 43.00 -38.81
CA LEU B 466 29.29 44.01 -37.86
C LEU B 466 30.72 44.43 -38.13
N LEU B 467 31.60 43.46 -38.42
CA LEU B 467 32.98 43.81 -38.75
C LEU B 467 33.06 44.65 -40.01
N MET B 468 32.29 44.28 -41.04
CA MET B 468 32.26 45.07 -42.26
C MET B 468 31.75 46.48 -42.00
N SER B 469 30.73 46.62 -41.13
CA SER B 469 30.23 47.94 -40.79
C SER B 469 31.31 48.77 -40.11
N VAL B 470 32.05 48.17 -39.19
CA VAL B 470 33.13 48.91 -38.52
C VAL B 470 34.16 49.37 -39.53
N GLN B 471 34.59 48.46 -40.42
CA GLN B 471 35.60 48.83 -41.40
C GLN B 471 35.11 49.95 -42.33
N GLU B 472 33.89 49.82 -42.84
CA GLU B 472 33.35 50.81 -43.77
C GLU B 472 33.14 52.16 -43.11
N SER B 473 32.67 52.20 -41.87
CA SER B 473 32.45 53.46 -41.17
C SER B 473 33.74 54.05 -40.61
N LEU B 474 34.80 53.27 -40.51
CA LEU B 474 36.11 53.79 -40.14
C LEU B 474 36.88 54.31 -41.34
N GLU B 475 36.68 53.75 -42.52
CA GLU B 475 37.32 54.26 -43.73
C GLU B 475 36.81 55.63 -44.15
N ARG B 476 35.66 56.07 -43.63
CA ARG B 476 35.15 57.39 -43.98
C ARG B 476 36.03 58.50 -43.41
N LYS B 477 36.38 58.39 -42.13
CA LYS B 477 37.21 59.42 -41.49
C LYS B 477 38.59 59.46 -42.12
N PHE B 478 39.18 58.31 -42.40
CA PHE B 478 40.51 58.22 -42.96
C PHE B 478 40.41 58.15 -44.48
N GLY B 479 41.51 57.80 -45.14
CA GLY B 479 41.51 57.65 -46.59
C GLY B 479 42.79 58.08 -47.25
N LYS B 480 43.59 58.87 -46.55
CA LYS B 480 44.86 59.35 -47.08
C LYS B 480 46.01 59.02 -46.14
N THR B 484 41.81 49.52 -47.77
CA THR B 484 42.88 50.31 -47.17
C THR B 484 43.22 49.79 -45.77
N ILE B 485 42.20 49.64 -44.93
CA ILE B 485 42.39 49.15 -43.57
C ILE B 485 41.48 47.96 -43.35
N PRO B 486 41.90 46.75 -43.72
CA PRO B 486 41.05 45.57 -43.51
C PRO B 486 40.89 45.25 -42.03
N ILE B 487 39.72 44.70 -41.70
CA ILE B 487 39.43 44.23 -40.35
C ILE B 487 38.94 42.80 -40.45
N VAL B 488 39.68 41.86 -39.87
CA VAL B 488 39.36 40.45 -39.95
C VAL B 488 39.42 39.83 -38.56
N PRO B 489 38.69 38.75 -38.29
CA PRO B 489 38.75 38.14 -36.96
C PRO B 489 40.14 37.57 -36.68
N THR B 490 40.50 37.59 -35.40
CA THR B 490 41.80 37.09 -34.99
C THR B 490 41.88 35.58 -35.21
N ALA B 491 43.10 35.06 -35.11
CA ALA B 491 43.32 33.64 -35.38
C ALA B 491 42.58 32.74 -34.41
N GLU B 492 42.50 33.14 -33.14
CA GLU B 492 41.82 32.33 -32.14
C GLU B 492 40.30 32.44 -32.24
N PHE B 493 39.80 33.43 -32.99
CA PHE B 493 38.38 33.56 -33.25
C PHE B 493 37.94 32.88 -34.53
N GLN B 494 38.83 32.81 -35.53
CA GLN B 494 38.48 32.20 -36.80
C GLN B 494 38.21 30.71 -36.63
N ASP B 495 39.07 30.01 -35.90
CA ASP B 495 38.82 28.59 -35.66
C ASP B 495 37.60 28.37 -34.78
N ARG B 496 37.34 29.29 -33.85
CA ARG B 496 36.14 29.17 -33.02
C ARG B 496 34.88 29.27 -33.87
N ILE B 497 34.84 30.22 -34.80
CA ILE B 497 33.65 30.35 -35.64
C ILE B 497 33.59 29.30 -36.74
N SER B 498 34.72 28.70 -37.11
CA SER B 498 34.74 27.64 -38.10
C SER B 498 34.53 26.26 -37.49
N GLY B 499 34.58 26.12 -36.17
CA GLY B 499 34.39 24.84 -35.54
C GLY B 499 33.35 24.86 -34.43
N ALA B 500 32.30 25.64 -34.63
CA ALA B 500 31.23 25.72 -33.63
C ALA B 500 30.48 24.39 -33.56
N SER B 501 30.07 24.03 -32.35
CA SER B 501 29.35 22.78 -32.12
C SER B 501 28.56 22.90 -30.82
N GLU B 502 27.87 21.82 -30.47
CA GLU B 502 27.01 21.81 -29.29
C GLU B 502 27.82 21.81 -27.99
N LYS B 503 28.99 21.19 -28.01
CA LYS B 503 29.78 21.10 -26.78
C LYS B 503 30.23 22.47 -26.29
N ASP B 504 30.39 23.44 -27.19
CA ASP B 504 30.70 24.79 -26.77
C ASP B 504 29.57 25.38 -25.92
N ILE B 505 28.33 25.20 -26.39
CA ILE B 505 27.17 25.67 -25.63
C ILE B 505 27.10 24.95 -24.28
N VAL B 506 27.35 23.64 -24.29
CA VAL B 506 27.26 22.87 -23.04
C VAL B 506 28.29 23.38 -22.04
N HIS B 507 29.53 23.58 -22.48
CA HIS B 507 30.57 24.04 -21.58
C HIS B 507 30.29 25.44 -21.07
N SER B 508 29.81 26.33 -21.94
CA SER B 508 29.48 27.68 -21.50
C SER B 508 28.38 27.68 -20.44
N GLY B 509 27.34 26.87 -20.67
CA GLY B 509 26.27 26.77 -19.69
C GLY B 509 26.75 26.22 -18.37
N LEU B 510 27.61 25.19 -18.41
CA LEU B 510 28.15 24.63 -17.18
C LEU B 510 28.97 25.67 -16.41
N ALA B 511 29.82 26.41 -17.12
CA ALA B 511 30.63 27.42 -16.45
C ALA B 511 29.76 28.51 -15.82
N TYR B 512 28.75 28.97 -16.55
CA TYR B 512 27.85 29.99 -16.01
C TYR B 512 27.14 29.49 -14.77
N THR B 513 26.62 28.26 -14.82
CA THR B 513 25.90 27.71 -13.67
C THR B 513 26.81 27.61 -12.45
N MET B 514 28.02 27.11 -12.63
CA MET B 514 28.88 26.93 -11.46
C MET B 514 29.38 28.27 -10.92
N GLU B 515 29.60 29.25 -11.80
CA GLU B 515 29.97 30.58 -11.33
C GLU B 515 28.86 31.18 -10.48
N ARG B 516 27.60 31.09 -10.96
CA ARG B 516 26.50 31.64 -10.20
C ARG B 516 26.33 30.92 -8.86
N SER B 517 26.47 29.60 -8.85
CA SER B 517 26.32 28.85 -7.60
C SER B 517 27.43 29.22 -6.62
N ALA B 518 28.65 29.40 -7.10
CA ALA B 518 29.74 29.79 -6.22
C ALA B 518 29.49 31.18 -5.62
N ARG B 519 28.98 32.10 -6.44
CA ARG B 519 28.65 33.42 -5.91
C ARG B 519 27.57 33.33 -4.84
N GLN B 520 26.55 32.50 -5.07
CA GLN B 520 25.49 32.35 -4.07
C GLN B 520 26.03 31.74 -2.77
N ILE B 521 26.93 30.75 -2.89
CA ILE B 521 27.50 30.14 -1.70
C ILE B 521 28.34 31.15 -0.92
N MET B 522 29.12 31.98 -1.63
CA MET B 522 29.88 33.03 -0.95
C MET B 522 28.96 33.99 -0.22
N ARG B 523 27.87 34.41 -0.87
CA ARG B 523 26.94 35.33 -0.25
C ARG B 523 26.31 34.72 0.99
N THR B 524 25.93 33.45 0.93
CA THR B 524 25.33 32.78 2.08
C THR B 524 26.34 32.67 3.23
N ALA B 525 27.59 32.31 2.91
CA ALA B 525 28.59 32.16 3.95
C ALA B 525 28.94 33.49 4.60
N MET B 526 28.86 34.59 3.85
CA MET B 526 29.14 35.92 4.39
C MET B 526 27.92 36.54 5.07
N LYS B 527 26.95 35.74 5.45
CA LYS B 527 25.75 36.24 6.11
C LYS B 527 25.51 35.63 7.48
N TYR B 528 25.80 34.35 7.66
CA TYR B 528 25.62 33.67 8.94
C TYR B 528 26.87 33.73 9.80
N ASN B 529 27.82 34.61 9.48
CA ASN B 529 29.07 34.74 10.21
C ASN B 529 29.83 33.41 10.25
N LEU B 530 30.12 32.90 9.06
CA LEU B 530 30.84 31.65 8.89
C LEU B 530 32.21 31.93 8.27
N GLY B 531 33.21 31.17 8.68
CA GLY B 531 34.55 31.36 8.17
C GLY B 531 34.80 30.56 6.91
N LEU B 532 35.80 29.69 6.94
CA LEU B 532 36.10 28.81 5.82
C LEU B 532 35.29 27.52 5.85
N ASP B 533 34.18 27.50 6.59
CA ASP B 533 33.33 26.32 6.69
C ASP B 533 32.31 26.33 5.55
N LEU B 534 32.83 26.05 4.34
CA LEU B 534 32.00 26.06 3.15
C LEU B 534 30.98 24.95 3.13
N ARG B 535 31.25 23.83 3.82
CA ARG B 535 30.30 22.72 3.83
C ARG B 535 28.96 23.15 4.44
N THR B 536 29.01 23.77 5.62
CA THR B 536 27.78 24.23 6.25
C THR B 536 27.10 25.32 5.43
N ALA B 537 27.89 26.16 4.74
CA ALA B 537 27.29 27.18 3.90
C ALA B 537 26.51 26.55 2.75
N ALA B 538 27.09 25.56 2.08
CA ALA B 538 26.38 24.88 1.02
C ALA B 538 25.13 24.18 1.54
N TYR B 539 25.24 23.54 2.71
CA TYR B 539 24.09 22.83 3.24
C TYR B 539 22.97 23.78 3.64
N VAL B 540 23.30 24.92 4.26
CA VAL B 540 22.26 25.86 4.64
C VAL B 540 21.62 26.48 3.41
N ASN B 541 22.42 26.74 2.36
CA ASN B 541 21.85 27.24 1.12
C ASN B 541 20.85 26.26 0.53
N ALA B 542 21.24 24.98 0.47
CA ALA B 542 20.34 23.96 -0.08
C ALA B 542 19.08 23.83 0.77
N ILE B 543 19.21 23.86 2.09
CA ILE B 543 18.06 23.72 2.97
C ILE B 543 17.11 24.89 2.79
N GLU B 544 17.64 26.11 2.70
CA GLU B 544 16.77 27.26 2.46
C GLU B 544 16.05 27.14 1.13
N LYS B 545 16.77 26.74 0.08
CA LYS B 545 16.15 26.60 -1.23
C LYS B 545 15.02 25.57 -1.20
N VAL B 546 15.25 24.44 -0.53
CA VAL B 546 14.21 23.41 -0.47
C VAL B 546 13.03 23.88 0.38
N PHE B 547 13.31 24.59 1.48
CA PHE B 547 12.24 25.03 2.36
C PHE B 547 11.35 26.06 1.69
N LYS B 548 11.93 26.92 0.84
CA LYS B 548 11.14 28.01 0.24
C LYS B 548 10.02 27.46 -0.63
N VAL B 549 10.30 26.42 -1.43
CA VAL B 549 9.28 25.90 -2.32
C VAL B 549 8.17 25.20 -1.53
N TYR B 550 8.51 24.51 -0.44
CA TYR B 550 7.47 23.94 0.41
C TYR B 550 6.62 25.03 1.05
N ASN B 551 7.25 26.10 1.53
CA ASN B 551 6.50 27.16 2.20
C ASN B 551 5.57 27.87 1.23
N GLU B 552 6.04 28.14 0.02
CA GLU B 552 5.23 28.91 -0.93
C GLU B 552 4.05 28.12 -1.48
N ALA B 553 4.08 26.79 -1.36
CA ALA B 553 3.00 25.96 -1.90
C ALA B 553 1.84 25.75 -0.93
N GLY B 554 2.01 26.13 0.33
CA GLY B 554 0.96 25.96 1.32
C GLY B 554 0.66 24.51 1.64
N PRO C 64 -48.31 27.95 -10.61
CA PRO C 64 -47.06 28.65 -10.96
C PRO C 64 -46.07 27.76 -11.68
N ASN C 65 -44.84 28.24 -11.84
CA ASN C 65 -43.81 27.46 -12.50
C ASN C 65 -43.41 26.26 -11.65
N PHE C 66 -42.96 25.21 -12.35
CA PHE C 66 -42.61 23.98 -11.65
C PHE C 66 -41.40 24.15 -10.74
N PHE C 67 -40.58 25.18 -10.98
CA PHE C 67 -39.44 25.42 -10.10
C PHE C 67 -39.90 25.71 -8.68
N LYS C 68 -40.89 26.61 -8.54
CA LYS C 68 -41.43 26.92 -7.23
C LYS C 68 -42.09 25.69 -6.61
N MET C 69 -42.80 24.90 -7.42
CA MET C 69 -43.48 23.72 -6.90
C MET C 69 -42.50 22.71 -6.33
N VAL C 70 -41.44 22.40 -7.09
CA VAL C 70 -40.45 21.43 -6.60
C VAL C 70 -39.68 21.99 -5.42
N GLU C 71 -39.41 23.29 -5.41
CA GLU C 71 -38.75 23.89 -4.25
C GLU C 71 -39.61 23.76 -3.01
N GLY C 72 -40.91 24.00 -3.13
CA GLY C 72 -41.80 23.84 -2.00
C GLY C 72 -41.89 22.41 -1.53
N PHE C 73 -41.95 21.46 -2.48
CA PHE C 73 -42.00 20.06 -2.12
C PHE C 73 -40.75 19.65 -1.34
N PHE C 74 -39.58 20.06 -1.84
CA PHE C 74 -38.33 19.74 -1.16
C PHE C 74 -38.28 20.38 0.23
N ASP C 75 -38.72 21.64 0.34
CA ASP C 75 -38.70 22.31 1.63
C ASP C 75 -39.60 21.60 2.64
N ARG C 76 -40.82 21.24 2.21
CA ARG C 76 -41.72 20.55 3.13
C ARG C 76 -41.15 19.19 3.54
N GLY C 77 -40.60 18.44 2.59
CA GLY C 77 -40.02 17.16 2.93
C GLY C 77 -38.85 17.29 3.89
N ALA C 78 -37.97 18.26 3.65
CA ALA C 78 -36.83 18.46 4.55
C ALA C 78 -37.28 18.87 5.94
N SER C 79 -38.27 19.77 6.03
CA SER C 79 -38.76 20.18 7.33
C SER C 79 -39.38 19.00 8.08
N ILE C 80 -40.10 18.14 7.38
CA ILE C 80 -40.69 16.96 8.03
C ILE C 80 -39.59 16.01 8.49
N VAL C 81 -38.58 15.79 7.67
CA VAL C 81 -37.61 14.73 7.97
C VAL C 81 -36.52 15.18 8.93
N GLU C 82 -36.31 16.49 9.10
CA GLU C 82 -35.20 16.95 9.93
C GLU C 82 -35.36 16.53 11.38
N ASP C 83 -36.59 16.57 11.90
CA ASP C 83 -36.81 16.24 13.30
C ASP C 83 -36.43 14.80 13.61
N LYS C 84 -36.81 13.87 12.75
CA LYS C 84 -36.54 12.46 12.96
C LYS C 84 -35.19 12.02 12.41
N LEU C 85 -34.51 12.86 11.65
CA LEU C 85 -33.21 12.51 11.09
C LEU C 85 -32.07 12.68 12.09
N VAL C 86 -32.31 13.35 13.21
CA VAL C 86 -31.30 13.53 14.23
C VAL C 86 -31.55 12.66 15.47
N GLU C 87 -32.81 12.46 15.85
CA GLU C 87 -33.14 11.66 17.02
C GLU C 87 -32.98 10.18 16.68
N ASP C 88 -32.03 9.52 17.35
CA ASP C 88 -31.79 8.08 17.18
C ASP C 88 -31.49 7.72 15.73
N LEU C 89 -30.83 8.62 15.00
CA LEU C 89 -30.45 8.34 13.63
C LEU C 89 -28.98 8.66 13.41
N ARG C 90 -28.43 9.57 14.21
CA ARG C 90 -27.03 9.95 14.15
C ARG C 90 -26.40 9.79 15.53
N THR C 91 -25.14 9.38 15.55
CA THR C 91 -24.43 9.19 16.81
C THR C 91 -23.83 10.50 17.32
N GLU C 95 -23.58 14.84 20.01
CA GLU C 95 -22.40 15.55 20.49
C GLU C 95 -22.67 17.04 20.60
N GLU C 96 -23.10 17.46 21.79
CA GLU C 96 -23.42 18.86 22.09
C GLU C 96 -24.50 19.41 21.19
N GLN C 97 -25.34 18.53 20.64
CA GLN C 97 -26.42 18.91 19.73
C GLN C 97 -25.90 19.73 18.54
N LYS C 98 -24.70 19.39 18.07
CA LYS C 98 -24.14 19.99 16.86
C LYS C 98 -24.68 19.34 15.60
N ARG C 99 -25.45 18.26 15.72
CA ARG C 99 -26.06 17.63 14.56
C ARG C 99 -27.06 18.56 13.88
N ASN C 100 -27.60 19.54 14.61
CA ASN C 100 -28.44 20.55 13.98
C ASN C 100 -27.67 21.42 13.00
N ARG C 101 -26.34 21.39 13.06
CA ARG C 101 -25.50 22.01 12.04
C ARG C 101 -25.00 21.01 11.01
N VAL C 102 -24.85 19.73 11.39
CA VAL C 102 -24.48 18.70 10.42
C VAL C 102 -25.60 18.45 9.43
N ARG C 103 -26.86 18.68 9.83
CA ARG C 103 -27.99 18.55 8.92
C ARG C 103 -28.01 19.62 7.84
N GLY C 104 -26.97 20.44 7.75
CA GLY C 104 -26.86 21.43 6.68
C GLY C 104 -26.60 20.79 5.34
N ILE C 105 -26.45 19.47 5.32
CA ILE C 105 -26.36 18.73 4.07
C ILE C 105 -27.61 18.96 3.23
N LEU C 106 -28.76 19.17 3.89
CA LEU C 106 -30.01 19.37 3.16
C LEU C 106 -29.94 20.60 2.27
N ARG C 107 -29.20 21.63 2.66
CA ARG C 107 -29.04 22.80 1.82
C ARG C 107 -28.00 22.59 0.72
N ILE C 108 -27.25 21.50 0.76
CA ILE C 108 -26.32 21.18 -0.31
C ILE C 108 -27.02 20.42 -1.43
N ILE C 109 -27.96 19.54 -1.08
CA ILE C 109 -28.67 18.75 -2.07
C ILE C 109 -29.59 19.62 -2.92
N LYS C 110 -30.11 20.71 -2.36
CA LYS C 110 -31.12 21.49 -3.06
C LYS C 110 -30.64 22.09 -4.38
N PRO C 111 -29.53 22.81 -4.46
CA PRO C 111 -29.16 23.45 -5.72
C PRO C 111 -28.52 22.48 -6.70
N CYS C 112 -28.57 22.86 -7.98
CA CYS C 112 -27.94 22.07 -9.04
C CYS C 112 -26.44 22.31 -9.06
N ASN C 113 -25.68 21.23 -9.25
CA ASN C 113 -24.23 21.34 -9.20
C ASN C 113 -23.67 22.05 -10.43
N HIS C 114 -24.14 21.67 -11.62
CA HIS C 114 -23.56 22.18 -12.85
C HIS C 114 -24.65 22.54 -13.85
N VAL C 115 -24.47 23.68 -14.51
CA VAL C 115 -25.31 24.11 -15.62
C VAL C 115 -24.40 24.57 -16.75
N LEU C 116 -24.66 24.09 -17.96
CA LEU C 116 -23.82 24.41 -19.11
C LEU C 116 -24.69 25.00 -20.22
N SER C 117 -24.16 26.04 -20.87
CA SER C 117 -24.84 26.71 -21.98
C SER C 117 -23.98 26.62 -23.22
N LEU C 118 -24.62 26.30 -24.36
CA LEU C 118 -23.92 26.06 -25.60
C LEU C 118 -24.34 27.09 -26.65
N SER C 119 -23.49 27.24 -27.66
CA SER C 119 -23.84 27.99 -28.87
C SER C 119 -22.93 27.50 -29.98
N PHE C 120 -23.47 26.73 -30.91
CA PHE C 120 -22.67 26.09 -31.94
C PHE C 120 -23.25 26.35 -33.32
N PRO C 121 -22.41 26.41 -34.34
CA PRO C 121 -22.89 26.70 -35.69
C PRO C 121 -23.22 25.47 -36.51
N ILE C 122 -24.18 25.59 -37.42
CA ILE C 122 -24.44 24.59 -38.44
C ILE C 122 -24.57 25.29 -39.78
N ARG C 123 -24.44 24.51 -40.85
CA ARG C 123 -24.63 25.01 -42.20
C ARG C 123 -25.92 24.43 -42.77
N ARG C 124 -26.83 25.31 -43.15
CA ARG C 124 -28.14 24.88 -43.63
C ARG C 124 -28.02 24.23 -45.00
N ASP C 125 -29.15 23.76 -45.52
CA ASP C 125 -29.16 23.11 -46.83
C ASP C 125 -28.81 24.09 -47.94
N ASP C 126 -29.26 25.34 -47.82
CA ASP C 126 -28.98 26.37 -48.82
C ASP C 126 -27.64 27.06 -48.58
N GLY C 127 -26.75 26.46 -47.82
CA GLY C 127 -25.43 27.04 -47.58
C GLY C 127 -25.44 28.32 -46.79
N SER C 128 -26.28 28.42 -45.76
CA SER C 128 -26.34 29.58 -44.89
C SER C 128 -26.05 29.15 -43.46
N TRP C 129 -25.22 29.94 -42.77
CA TRP C 129 -24.82 29.63 -41.40
C TRP C 129 -25.83 30.19 -40.41
N GLU C 130 -25.99 29.48 -39.30
CA GLU C 130 -26.83 29.96 -38.21
C GLU C 130 -26.32 29.38 -36.90
N VAL C 131 -26.72 30.01 -35.80
CA VAL C 131 -26.26 29.66 -34.46
C VAL C 131 -27.41 29.07 -33.68
N ILE C 132 -27.19 27.91 -33.07
CA ILE C 132 -28.17 27.23 -32.23
C ILE C 132 -27.61 27.11 -30.82
N GLU C 133 -28.43 27.43 -29.83
CA GLU C 133 -28.02 27.38 -28.44
C GLU C 133 -28.79 26.29 -27.70
N GLY C 134 -28.12 25.68 -26.72
CA GLY C 134 -28.71 24.62 -25.93
C GLY C 134 -28.16 24.64 -24.52
N TYR C 135 -28.79 23.84 -23.66
CA TYR C 135 -28.43 23.78 -22.25
C TYR C 135 -28.35 22.34 -21.78
N ARG C 136 -27.56 22.13 -20.73
CA ARG C 136 -27.46 20.83 -20.08
C ARG C 136 -27.12 21.07 -18.61
N ALA C 137 -27.94 20.54 -17.72
CA ALA C 137 -27.77 20.75 -16.29
C ALA C 137 -27.74 19.42 -15.57
N GLN C 138 -26.84 19.30 -14.60
CA GLN C 138 -26.73 18.11 -13.76
C GLN C 138 -26.97 18.52 -12.31
N HIS C 139 -27.96 17.88 -11.68
CA HIS C 139 -28.36 18.29 -10.33
C HIS C 139 -27.44 17.72 -9.27
N SER C 140 -27.38 16.39 -9.17
CA SER C 140 -26.64 15.72 -8.12
C SER C 140 -25.63 14.76 -8.73
N GLN C 141 -24.53 14.55 -8.03
CA GLN C 141 -23.47 13.66 -8.48
C GLN C 141 -23.03 12.70 -7.37
N HIS C 142 -23.89 12.45 -6.38
CA HIS C 142 -23.56 11.46 -5.36
C HIS C 142 -23.44 10.07 -5.96
N ARG C 143 -24.13 9.82 -7.07
CA ARG C 143 -23.95 8.62 -7.87
C ARG C 143 -23.56 9.03 -9.28
N THR C 144 -22.46 8.49 -9.77
CA THR C 144 -21.78 9.10 -10.92
C THR C 144 -22.61 9.13 -12.19
N PRO C 145 -23.21 8.02 -12.67
CA PRO C 145 -23.92 8.10 -13.96
C PRO C 145 -25.21 8.90 -13.86
N CYS C 146 -25.23 10.07 -14.49
CA CYS C 146 -26.42 10.91 -14.51
C CYS C 146 -27.34 10.50 -15.64
N LYS C 147 -28.64 10.67 -15.43
CA LYS C 147 -29.67 10.29 -16.39
C LYS C 147 -30.59 11.47 -16.65
N GLY C 148 -30.96 11.66 -17.91
CA GLY C 148 -31.85 12.74 -18.25
C GLY C 148 -32.28 12.65 -19.70
N GLY C 149 -33.23 13.51 -20.06
CA GLY C 149 -33.75 13.57 -21.41
C GLY C 149 -33.29 14.81 -22.16
N ILE C 150 -33.59 14.81 -23.46
CA ILE C 150 -33.26 15.93 -24.34
C ILE C 150 -34.52 16.37 -25.05
N ARG C 151 -34.84 17.65 -24.98
CA ARG C 151 -36.03 18.22 -25.58
C ARG C 151 -35.65 19.16 -26.72
N TYR C 152 -36.40 19.07 -27.81
CA TYR C 152 -36.23 19.95 -28.98
C TYR C 152 -37.45 20.86 -29.03
N SER C 153 -37.34 22.02 -28.42
CA SER C 153 -38.45 22.96 -28.39
C SER C 153 -37.92 24.38 -28.36
N THR C 154 -38.76 25.32 -28.76
CA THR C 154 -38.38 26.73 -28.84
C THR C 154 -38.64 27.48 -27.54
N ASP C 155 -39.16 26.82 -26.51
CA ASP C 155 -39.46 27.48 -25.25
C ASP C 155 -38.67 26.90 -24.08
N VAL C 156 -37.62 26.13 -24.34
CA VAL C 156 -36.79 25.60 -23.26
C VAL C 156 -35.98 26.73 -22.64
N SER C 157 -35.84 26.71 -21.32
CA SER C 157 -35.13 27.74 -20.59
C SER C 157 -34.25 27.10 -19.53
N VAL C 158 -33.39 27.91 -18.94
CA VAL C 158 -32.46 27.41 -17.92
C VAL C 158 -33.22 26.99 -16.67
N ASP C 159 -34.28 27.71 -16.32
CA ASP C 159 -35.03 27.38 -15.12
C ASP C 159 -35.72 26.01 -15.24
N GLU C 160 -36.37 25.77 -16.38
CA GLU C 160 -37.09 24.53 -16.57
C GLU C 160 -36.14 23.33 -16.56
N VAL C 161 -34.99 23.46 -17.20
CA VAL C 161 -34.06 22.34 -17.26
C VAL C 161 -33.50 22.04 -15.88
N LYS C 162 -33.24 23.07 -15.08
CA LYS C 162 -32.79 22.83 -13.71
C LYS C 162 -33.88 22.17 -12.88
N ALA C 163 -35.13 22.60 -13.05
CA ALA C 163 -36.22 21.99 -12.30
C ALA C 163 -36.38 20.52 -12.64
N LEU C 164 -36.33 20.18 -13.93
CA LEU C 164 -36.45 18.78 -14.32
C LEU C 164 -35.26 17.96 -13.85
N ALA C 165 -34.05 18.54 -13.90
CA ALA C 165 -32.87 17.82 -13.40
C ALA C 165 -33.01 17.55 -11.91
N SER C 166 -33.51 18.53 -11.15
CA SER C 166 -33.73 18.32 -9.72
C SER C 166 -34.76 17.24 -9.47
N LEU C 167 -35.84 17.24 -10.25
CA LEU C 167 -36.89 16.22 -10.06
C LEU C 167 -36.38 14.82 -10.37
N MET C 168 -35.49 14.71 -11.37
CA MET C 168 -35.06 13.39 -11.81
C MET C 168 -34.27 12.65 -10.74
N THR C 169 -33.50 13.36 -9.91
CA THR C 169 -32.73 12.68 -8.87
C THR C 169 -33.65 11.98 -7.88
N TYR C 170 -34.69 12.69 -7.42
CA TYR C 170 -35.65 12.07 -6.50
C TYR C 170 -36.42 10.95 -7.20
N LYS C 171 -36.78 11.16 -8.46
CA LYS C 171 -37.50 10.13 -9.20
C LYS C 171 -36.68 8.85 -9.28
N CYS C 172 -35.37 8.98 -9.53
CA CYS C 172 -34.50 7.81 -9.57
C CYS C 172 -34.30 7.21 -8.18
N ALA C 173 -34.21 8.05 -7.15
CA ALA C 173 -33.98 7.55 -5.80
C ALA C 173 -35.18 6.76 -5.28
N VAL C 174 -36.39 7.11 -5.71
CA VAL C 174 -37.57 6.40 -5.21
C VAL C 174 -37.53 4.94 -5.62
N VAL C 175 -37.17 4.66 -6.88
CA VAL C 175 -37.19 3.30 -7.40
C VAL C 175 -35.83 2.61 -7.29
N ASP C 176 -34.90 3.19 -6.51
CA ASP C 176 -33.62 2.54 -6.20
C ASP C 176 -32.80 2.22 -7.44
N VAL C 177 -32.79 3.10 -8.43
CA VAL C 177 -31.87 2.95 -9.56
C VAL C 177 -30.63 3.81 -9.28
N PRO C 178 -29.44 3.28 -9.44
CA PRO C 178 -28.21 4.01 -9.07
C PRO C 178 -27.82 5.05 -10.12
N PHE C 179 -28.60 6.12 -10.22
CA PHE C 179 -28.39 7.16 -11.20
C PHE C 179 -28.52 8.52 -10.54
N GLY C 180 -27.93 9.53 -11.17
CA GLY C 180 -28.09 10.91 -10.79
C GLY C 180 -29.29 11.54 -11.47
N GLY C 181 -29.19 12.84 -11.72
CA GLY C 181 -30.24 13.54 -12.42
C GLY C 181 -29.74 14.61 -13.36
N ALA C 182 -30.37 14.72 -14.53
CA ALA C 182 -29.95 15.70 -15.53
C ALA C 182 -31.11 15.95 -16.47
N LYS C 183 -30.93 16.95 -17.33
CA LYS C 183 -31.91 17.28 -18.36
C LYS C 183 -31.23 18.15 -19.39
N ALA C 184 -31.73 18.10 -20.63
CA ALA C 184 -31.15 18.84 -21.72
C ALA C 184 -32.27 19.50 -22.53
N GLY C 185 -31.91 20.57 -23.23
CA GLY C 185 -32.85 21.27 -24.07
C GLY C 185 -32.13 22.04 -25.15
N VAL C 186 -32.73 22.07 -26.33
CA VAL C 186 -32.18 22.79 -27.48
C VAL C 186 -33.24 23.74 -28.00
N LYS C 187 -32.89 25.02 -28.10
CA LYS C 187 -33.81 26.05 -28.59
C LYS C 187 -33.95 25.90 -30.09
N ILE C 188 -34.81 24.95 -30.49
CA ILE C 188 -34.96 24.61 -31.90
C ILE C 188 -36.38 24.11 -32.10
N ASN C 189 -36.89 24.28 -33.32
CA ASN C 189 -38.20 23.76 -33.67
C ASN C 189 -38.02 22.56 -34.60
N PRO C 190 -38.27 21.33 -34.14
CA PRO C 190 -37.99 20.16 -34.98
C PRO C 190 -38.79 20.14 -36.28
N LYS C 191 -40.02 20.62 -36.27
CA LYS C 191 -40.86 20.61 -37.47
C LYS C 191 -40.62 21.89 -38.27
N ASN C 192 -39.34 22.17 -38.49
CA ASN C 192 -38.94 23.30 -39.30
C ASN C 192 -37.68 23.00 -40.12
N TYR C 193 -37.16 21.78 -40.07
CA TYR C 193 -35.88 21.45 -40.67
C TYR C 193 -35.98 20.13 -41.40
N THR C 194 -35.12 19.95 -42.40
CA THR C 194 -35.00 18.67 -43.07
C THR C 194 -34.25 17.68 -42.18
N ASP C 195 -34.31 16.41 -42.56
CA ASP C 195 -33.67 15.38 -41.75
C ASP C 195 -32.15 15.56 -41.74
N ASN C 196 -31.58 16.01 -42.85
CA ASN C 196 -30.13 16.17 -42.93
C ASN C 196 -29.62 17.19 -41.91
N GLU C 197 -30.27 18.35 -41.85
CA GLU C 197 -29.81 19.36 -40.92
C GLU C 197 -30.17 19.04 -39.48
N LEU C 198 -31.24 18.28 -39.24
CA LEU C 198 -31.48 17.76 -37.90
C LEU C 198 -30.37 16.83 -37.46
N GLU C 199 -29.92 15.96 -38.38
CA GLU C 199 -28.79 15.08 -38.08
C GLU C 199 -27.53 15.88 -37.81
N LYS C 200 -27.28 16.93 -38.59
CA LYS C 200 -26.13 17.79 -38.35
C LYS C 200 -26.20 18.44 -36.98
N ILE C 201 -27.38 18.93 -36.60
CA ILE C 201 -27.56 19.58 -35.30
C ILE C 201 -27.26 18.59 -34.18
N THR C 202 -27.82 17.38 -34.28
CA THR C 202 -27.58 16.38 -33.25
C THR C 202 -26.10 16.01 -33.17
N ARG C 203 -25.47 15.84 -34.32
CA ARG C 203 -24.04 15.49 -34.36
C ARG C 203 -23.20 16.55 -33.66
N ARG C 204 -23.40 17.82 -34.03
CA ARG C 204 -22.60 18.88 -33.43
C ARG C 204 -22.89 19.03 -31.95
N PHE C 205 -24.17 18.91 -31.55
CA PHE C 205 -24.52 19.00 -30.14
C PHE C 205 -23.83 17.91 -29.34
N THR C 206 -23.83 16.68 -29.84
CA THR C 206 -23.17 15.59 -29.14
C THR C 206 -21.66 15.83 -29.05
N MET C 207 -21.04 16.30 -30.12
CA MET C 207 -19.59 16.54 -30.07
C MET C 207 -19.26 17.62 -29.04
N GLU C 208 -19.99 18.72 -29.05
CA GLU C 208 -19.72 19.81 -28.11
C GLU C 208 -19.98 19.36 -26.68
N LEU C 209 -21.04 18.59 -26.46
CA LEU C 209 -21.35 18.12 -25.12
C LEU C 209 -20.35 17.09 -24.63
N ALA C 210 -19.76 16.33 -25.55
CA ALA C 210 -18.77 15.33 -25.19
C ALA C 210 -17.43 15.97 -24.83
N LYS C 211 -17.01 16.99 -25.58
CA LYS C 211 -15.71 17.59 -25.33
C LYS C 211 -15.61 18.20 -23.94
N LYS C 212 -16.71 18.64 -23.35
CA LYS C 212 -16.71 19.23 -22.02
C LYS C 212 -16.99 18.22 -20.91
N GLY C 213 -17.14 16.95 -21.24
CA GLY C 213 -17.40 15.94 -20.22
C GLY C 213 -18.83 15.91 -19.73
N PHE C 214 -19.77 15.65 -20.65
CA PHE C 214 -21.18 15.61 -20.30
C PHE C 214 -21.93 14.45 -20.97
N ILE C 215 -21.25 13.52 -21.62
CA ILE C 215 -21.92 12.49 -22.40
C ILE C 215 -21.39 11.10 -22.10
N GLY C 216 -20.29 11.02 -21.35
CA GLY C 216 -19.60 9.78 -21.13
C GLY C 216 -20.47 8.68 -20.54
N PRO C 217 -20.26 7.44 -20.96
CA PRO C 217 -21.07 6.33 -20.42
C PRO C 217 -20.96 6.18 -18.92
N GLY C 218 -19.79 6.44 -18.35
CA GLY C 218 -19.62 6.47 -16.91
C GLY C 218 -19.77 7.84 -16.30
N ILE C 219 -20.23 8.82 -17.07
CA ILE C 219 -20.34 10.20 -16.59
C ILE C 219 -21.80 10.65 -16.66
N ASP C 220 -22.38 10.62 -17.87
CA ASP C 220 -23.73 11.12 -18.07
C ASP C 220 -24.33 10.42 -19.28
N VAL C 221 -25.58 9.96 -19.14
CA VAL C 221 -26.26 9.21 -20.19
C VAL C 221 -27.62 9.85 -20.49
N PRO C 222 -27.91 10.22 -21.72
CA PRO C 222 -29.20 10.84 -22.04
C PRO C 222 -30.29 9.80 -22.29
N ALA C 223 -31.47 10.30 -22.66
CA ALA C 223 -32.63 9.47 -22.95
C ALA C 223 -33.59 10.29 -23.79
N PRO C 224 -34.49 9.64 -24.54
CA PRO C 224 -35.42 10.39 -25.41
C PRO C 224 -36.55 11.02 -24.62
N ASP C 225 -36.83 12.29 -24.91
CA ASP C 225 -38.00 12.97 -24.39
C ASP C 225 -39.14 12.87 -25.40
N MET C 226 -40.21 13.63 -25.18
CA MET C 226 -41.37 13.57 -26.07
C MET C 226 -41.09 14.16 -27.45
N SER C 227 -40.13 15.07 -27.56
CA SER C 227 -39.85 15.73 -28.83
C SER C 227 -38.74 15.06 -29.62
N THR C 228 -38.19 13.96 -29.12
CA THR C 228 -37.11 13.24 -29.79
C THR C 228 -37.42 11.75 -29.80
N GLY C 229 -36.79 11.04 -30.72
CA GLY C 229 -37.04 9.62 -30.86
C GLY C 229 -35.77 8.79 -30.94
N GLU C 230 -35.92 7.50 -31.25
CA GLU C 230 -34.77 6.62 -31.35
C GLU C 230 -33.87 6.98 -32.53
N ARG C 231 -34.44 7.58 -33.57
CA ARG C 231 -33.63 7.99 -34.72
C ARG C 231 -32.61 9.04 -34.33
N GLU C 232 -33.01 10.00 -33.48
CA GLU C 232 -32.11 11.06 -33.08
C GLU C 232 -31.03 10.60 -32.12
N MET C 233 -31.13 9.39 -31.57
CA MET C 233 -30.12 8.91 -30.63
C MET C 233 -29.30 7.74 -31.14
N SER C 234 -29.75 7.05 -32.19
CA SER C 234 -28.81 6.22 -32.94
C SER C 234 -27.67 7.08 -33.45
N TRP C 235 -27.98 8.30 -33.89
CA TRP C 235 -26.95 9.25 -34.30
C TRP C 235 -26.02 9.58 -33.15
N ILE C 236 -26.57 9.79 -31.95
CA ILE C 236 -25.74 10.13 -30.78
C ILE C 236 -24.79 8.98 -30.48
N ALA C 237 -25.31 7.75 -30.45
CA ALA C 237 -24.47 6.60 -30.16
C ALA C 237 -23.36 6.45 -31.20
N ASP C 238 -23.71 6.57 -32.48
CA ASP C 238 -22.70 6.46 -33.52
C ASP C 238 -21.65 7.55 -33.40
N THR C 239 -22.08 8.78 -33.10
CA THR C 239 -21.15 9.90 -33.00
C THR C 239 -20.15 9.67 -31.87
N TYR C 240 -20.65 9.26 -30.71
CA TYR C 240 -19.74 9.03 -29.58
C TYR C 240 -18.83 7.85 -29.84
N ALA C 241 -19.35 6.78 -30.45
CA ALA C 241 -18.53 5.60 -30.69
C ALA C 241 -17.52 5.80 -31.80
N SER C 242 -17.70 6.82 -32.65
CA SER C 242 -16.81 7.01 -33.79
C SER C 242 -15.71 8.02 -33.54
N THR C 243 -15.97 9.10 -32.79
CA THR C 243 -15.01 10.18 -32.64
C THR C 243 -14.25 10.14 -31.31
N ILE C 244 -14.97 10.21 -30.19
CA ILE C 244 -14.33 10.37 -28.89
C ILE C 244 -14.11 9.01 -28.24
N GLY C 245 -15.19 8.26 -28.03
CA GLY C 245 -15.09 7.00 -27.33
C GLY C 245 -14.65 5.86 -28.21
N HIS C 246 -13.70 6.12 -29.12
CA HIS C 246 -13.21 5.07 -30.00
C HIS C 246 -12.47 3.99 -29.21
N TYR C 247 -11.75 4.38 -28.17
CA TYR C 247 -10.95 3.45 -27.38
C TYR C 247 -11.70 2.90 -26.18
N ASP C 248 -12.98 3.22 -26.03
CA ASP C 248 -13.79 2.77 -24.91
C ASP C 248 -14.60 1.55 -25.33
N ILE C 249 -14.49 0.48 -24.54
CA ILE C 249 -15.23 -0.74 -24.85
C ILE C 249 -16.72 -0.56 -24.65
N ASN C 250 -17.13 0.38 -23.81
CA ASN C 250 -18.54 0.65 -23.51
C ASN C 250 -19.03 1.91 -24.21
N ALA C 251 -18.54 2.16 -25.44
CA ALA C 251 -18.90 3.37 -26.14
C ALA C 251 -20.39 3.42 -26.44
N HIS C 252 -20.98 2.30 -26.84
CA HIS C 252 -22.39 2.27 -27.20
C HIS C 252 -23.31 2.37 -26.00
N ALA C 253 -22.79 2.28 -24.78
CA ALA C 253 -23.58 2.42 -23.57
C ALA C 253 -23.71 3.87 -23.13
N CYS C 254 -23.45 4.82 -24.03
CA CYS C 254 -23.48 6.24 -23.70
C CYS C 254 -24.85 6.86 -23.88
N VAL C 255 -25.84 6.11 -24.36
CA VAL C 255 -27.18 6.64 -24.56
C VAL C 255 -28.16 5.48 -24.53
N THR C 256 -29.39 5.77 -24.14
CA THR C 256 -30.46 4.78 -24.08
C THR C 256 -31.57 5.17 -25.04
N GLY C 257 -32.56 4.29 -25.18
CA GLY C 257 -33.63 4.51 -26.13
C GLY C 257 -33.28 4.20 -27.56
N LYS C 258 -32.16 3.53 -27.80
CA LYS C 258 -31.72 3.22 -29.15
C LYS C 258 -32.64 2.16 -29.77
N PRO C 259 -32.71 2.11 -31.10
CA PRO C 259 -33.46 1.04 -31.76
C PRO C 259 -32.83 -0.31 -31.49
N ILE C 260 -33.64 -1.36 -31.65
CA ILE C 260 -33.24 -2.70 -31.25
C ILE C 260 -32.03 -3.17 -32.04
N SER C 261 -31.88 -2.70 -33.28
CA SER C 261 -30.74 -3.12 -34.09
C SER C 261 -29.44 -2.53 -33.58
N GLN C 262 -29.48 -1.31 -33.06
CA GLN C 262 -28.29 -0.63 -32.58
C GLN C 262 -27.91 -1.01 -31.16
N GLY C 263 -28.72 -1.81 -30.48
CA GLY C 263 -28.41 -2.20 -29.12
C GLY C 263 -29.49 -1.84 -28.13
N GLY C 264 -30.72 -1.72 -28.60
CA GLY C 264 -31.84 -1.42 -27.73
C GLY C 264 -32.30 -2.63 -26.95
N ILE C 265 -33.40 -2.45 -26.22
CA ILE C 265 -33.96 -3.50 -25.37
C ILE C 265 -35.43 -3.69 -25.74
N HIS C 266 -35.87 -4.94 -25.73
CA HIS C 266 -37.25 -5.24 -26.08
C HIS C 266 -38.20 -4.73 -25.01
N GLY C 267 -39.43 -4.40 -25.43
CA GLY C 267 -40.43 -3.93 -24.50
C GLY C 267 -40.25 -2.52 -24.01
N ARG C 268 -39.48 -1.69 -24.74
CA ARG C 268 -39.28 -0.32 -24.31
C ARG C 268 -40.51 0.54 -24.51
N ILE C 269 -41.29 0.28 -25.55
CA ILE C 269 -42.45 1.11 -25.86
C ILE C 269 -43.52 0.96 -24.80
N SER C 270 -43.71 -0.25 -24.28
CA SER C 270 -44.76 -0.54 -23.31
C SER C 270 -44.26 -0.45 -21.87
N ALA C 271 -43.28 0.41 -21.60
CA ALA C 271 -42.71 0.48 -20.26
C ALA C 271 -43.58 1.31 -19.31
N THR C 272 -43.92 2.53 -19.72
CA THR C 272 -44.65 3.43 -18.82
C THR C 272 -46.04 2.89 -18.49
N GLY C 273 -46.72 2.29 -19.47
CA GLY C 273 -48.03 1.74 -19.20
C GLY C 273 -47.98 0.60 -18.20
N ARG C 274 -47.00 -0.30 -18.35
CA ARG C 274 -46.84 -1.37 -17.38
C ARG C 274 -46.56 -0.81 -15.99
N GLY C 275 -45.72 0.22 -15.90
CA GLY C 275 -45.45 0.83 -14.62
C GLY C 275 -46.69 1.42 -13.98
N VAL C 276 -47.49 2.14 -14.76
CA VAL C 276 -48.72 2.71 -14.22
C VAL C 276 -49.65 1.61 -13.74
N PHE C 277 -49.79 0.55 -14.53
CA PHE C 277 -50.65 -0.55 -14.13
C PHE C 277 -50.19 -1.19 -12.83
N HIS C 278 -48.90 -1.48 -12.71
CA HIS C 278 -48.40 -2.11 -11.49
C HIS C 278 -48.53 -1.18 -10.29
N GLY C 279 -48.29 0.11 -10.49
CA GLY C 279 -48.45 1.06 -9.40
C GLY C 279 -49.88 1.13 -8.90
N ILE C 280 -50.84 1.10 -9.82
CA ILE C 280 -52.25 1.08 -9.41
C ILE C 280 -52.56 -0.23 -8.70
N GLU C 281 -52.10 -1.36 -9.25
CA GLU C 281 -52.44 -2.66 -8.69
C GLU C 281 -51.85 -2.85 -7.30
N ASN C 282 -50.71 -2.21 -7.01
CA ASN C 282 -50.13 -2.31 -5.68
C ASN C 282 -51.06 -1.73 -4.62
N PHE C 283 -51.67 -0.57 -4.91
CA PHE C 283 -52.59 0.05 -3.96
C PHE C 283 -53.98 -0.55 -4.02
N ILE C 284 -54.34 -1.20 -5.13
CA ILE C 284 -55.67 -1.80 -5.24
C ILE C 284 -55.83 -2.93 -4.23
N ASN C 285 -54.81 -3.76 -4.07
CA ASN C 285 -54.90 -4.92 -3.20
C ASN C 285 -54.61 -4.59 -1.73
N GLU C 286 -54.29 -3.33 -1.42
CA GLU C 286 -54.03 -2.94 -0.04
C GLU C 286 -55.36 -2.85 0.71
N ALA C 287 -55.55 -3.76 1.67
CA ALA C 287 -56.83 -3.81 2.38
C ALA C 287 -57.05 -2.58 3.26
N SER C 288 -55.99 -2.09 3.90
CA SER C 288 -56.15 -1.00 4.86
C SER C 288 -56.64 0.26 4.19
N TYR C 289 -56.05 0.62 3.04
CA TYR C 289 -56.45 1.86 2.36
C TYR C 289 -57.86 1.74 1.81
N MET C 290 -58.21 0.58 1.24
CA MET C 290 -59.57 0.39 0.74
C MET C 290 -60.59 0.45 1.85
N SER C 291 -60.29 -0.12 3.01
CA SER C 291 -61.18 0.02 4.16
C SER C 291 -61.27 1.47 4.62
N ILE C 292 -60.16 2.21 4.55
CA ILE C 292 -60.17 3.59 4.99
C ILE C 292 -61.06 4.44 4.11
N LEU C 293 -60.90 4.32 2.79
CA LEU C 293 -61.69 5.14 1.88
C LEU C 293 -62.95 4.43 1.37
N GLY C 294 -63.20 3.21 1.82
CA GLY C 294 -64.50 2.59 1.66
C GLY C 294 -64.85 2.03 0.28
N MET C 295 -64.11 1.03 -0.18
CA MET C 295 -64.52 0.26 -1.34
C MET C 295 -63.83 -1.10 -1.31
N THR C 296 -64.38 -2.04 -2.06
CA THR C 296 -63.88 -3.40 -2.05
C THR C 296 -62.50 -3.48 -2.72
N PRO C 297 -61.63 -4.35 -2.22
CA PRO C 297 -60.32 -4.54 -2.87
C PRO C 297 -60.46 -5.35 -4.16
N GLY C 298 -59.35 -5.39 -4.90
CA GLY C 298 -59.31 -6.15 -6.13
C GLY C 298 -59.84 -5.37 -7.32
N PHE C 299 -59.86 -6.06 -8.47
CA PHE C 299 -60.35 -5.50 -9.72
C PHE C 299 -61.69 -6.10 -10.13
N GLY C 300 -62.52 -6.50 -9.17
CA GLY C 300 -63.78 -7.13 -9.46
C GLY C 300 -64.72 -6.27 -10.28
N ASP C 301 -65.20 -5.17 -9.70
CA ASP C 301 -66.10 -4.24 -10.37
C ASP C 301 -65.55 -2.84 -10.15
N LYS C 302 -64.69 -2.39 -11.06
CA LYS C 302 -64.06 -1.09 -10.96
C LYS C 302 -64.18 -0.35 -12.28
N THR C 303 -64.24 0.97 -12.21
CA THR C 303 -64.39 1.83 -13.37
C THR C 303 -63.27 2.85 -13.39
N PHE C 304 -62.61 2.98 -14.54
CA PHE C 304 -61.56 3.97 -14.73
C PHE C 304 -61.84 4.77 -15.98
N VAL C 305 -61.57 6.08 -15.91
CA VAL C 305 -61.73 6.98 -17.04
C VAL C 305 -60.36 7.54 -17.39
N VAL C 306 -59.95 7.36 -18.64
CA VAL C 306 -58.66 7.83 -19.11
C VAL C 306 -58.83 9.19 -19.74
N GLN C 307 -57.99 10.14 -19.33
CA GLN C 307 -58.08 11.53 -19.77
C GLN C 307 -57.02 11.83 -20.82
N GLY C 308 -56.77 10.87 -21.71
CA GLY C 308 -55.81 11.07 -22.78
C GLY C 308 -55.44 9.77 -23.45
N PHE C 309 -55.32 9.78 -24.77
CA PHE C 309 -55.02 8.58 -25.54
C PHE C 309 -53.66 8.66 -26.22
N GLY C 310 -52.66 9.15 -25.49
CA GLY C 310 -51.30 9.14 -25.96
C GLY C 310 -50.68 7.77 -25.75
N ASN C 311 -49.34 7.75 -25.75
CA ASN C 311 -48.63 6.49 -25.56
C ASN C 311 -48.94 5.88 -24.19
N VAL C 312 -48.80 6.68 -23.13
CA VAL C 312 -48.97 6.15 -21.77
C VAL C 312 -50.42 5.72 -21.56
N GLY C 313 -51.37 6.55 -21.98
CA GLY C 313 -52.77 6.20 -21.79
C GLY C 313 -53.18 4.97 -22.58
N LEU C 314 -52.77 4.91 -23.84
CA LEU C 314 -53.11 3.75 -24.68
C LEU C 314 -52.53 2.47 -24.09
N HIS C 315 -51.25 2.51 -23.71
CA HIS C 315 -50.63 1.27 -23.24
C HIS C 315 -51.11 0.87 -21.86
N SER C 316 -51.42 1.83 -20.99
CA SER C 316 -51.92 1.47 -19.67
C SER C 316 -53.38 1.02 -19.73
N MET C 317 -54.15 1.51 -20.69
CA MET C 317 -55.58 1.21 -20.71
C MET C 317 -55.84 -0.23 -21.15
N ARG C 318 -54.95 -0.82 -21.95
CA ARG C 318 -55.11 -2.23 -22.30
C ARG C 318 -54.92 -3.13 -21.10
N TYR C 319 -53.88 -2.87 -20.30
CA TYR C 319 -53.53 -3.78 -19.22
C TYR C 319 -54.60 -3.80 -18.13
N LEU C 320 -55.27 -2.68 -17.89
CA LEU C 320 -56.37 -2.67 -16.93
C LEU C 320 -57.50 -3.60 -17.38
N HIS C 321 -57.86 -3.53 -18.66
CA HIS C 321 -58.93 -4.38 -19.17
C HIS C 321 -58.54 -5.86 -19.15
N ARG C 322 -57.24 -6.15 -19.30
CA ARG C 322 -56.81 -7.54 -19.33
C ARG C 322 -57.03 -8.24 -17.99
N PHE C 323 -57.29 -7.49 -16.92
CA PHE C 323 -57.48 -8.06 -15.58
C PHE C 323 -58.76 -7.57 -14.95
N GLY C 324 -59.85 -7.55 -15.72
CA GLY C 324 -61.17 -7.36 -15.15
C GLY C 324 -61.60 -5.94 -14.88
N ALA C 325 -60.89 -4.94 -15.41
CA ALA C 325 -61.30 -3.55 -15.25
C ALA C 325 -62.01 -3.07 -16.51
N LYS C 326 -62.99 -2.20 -16.33
CA LYS C 326 -63.81 -1.71 -17.42
C LYS C 326 -63.63 -0.20 -17.56
N CYS C 327 -63.42 0.26 -18.79
CA CYS C 327 -63.32 1.67 -19.10
C CYS C 327 -64.67 2.18 -19.59
N ILE C 328 -65.06 3.37 -19.15
CA ILE C 328 -66.38 3.89 -19.48
C ILE C 328 -66.27 5.16 -20.32
N ALA C 329 -65.20 5.93 -20.11
CA ALA C 329 -65.02 7.18 -20.82
C ALA C 329 -63.56 7.38 -21.19
N VAL C 330 -63.33 7.87 -22.40
CA VAL C 330 -61.99 8.18 -22.89
C VAL C 330 -62.00 9.58 -23.47
N GLY C 331 -61.06 10.42 -23.04
CA GLY C 331 -60.93 11.77 -23.54
C GLY C 331 -59.71 11.95 -24.42
N GLU C 332 -59.60 13.15 -24.96
CA GLU C 332 -58.50 13.53 -25.84
C GLU C 332 -58.54 15.05 -25.99
N SER C 333 -57.73 15.58 -26.92
CA SER C 333 -57.78 17.00 -27.22
C SER C 333 -59.08 17.42 -27.89
N ASP C 334 -59.90 16.48 -28.30
CA ASP C 334 -61.21 16.72 -28.90
C ASP C 334 -62.29 16.15 -27.99
N GLY C 335 -63.52 16.11 -28.50
CA GLY C 335 -64.63 15.62 -27.69
C GLY C 335 -64.40 14.18 -27.27
N SER C 336 -64.83 13.87 -26.05
CA SER C 336 -64.66 12.54 -25.49
C SER C 336 -65.74 11.60 -25.99
N ILE C 337 -65.51 10.30 -25.78
CA ILE C 337 -66.45 9.25 -26.13
C ILE C 337 -66.81 8.50 -24.86
N TRP C 338 -68.11 8.28 -24.65
CA TRP C 338 -68.61 7.67 -23.42
C TRP C 338 -69.49 6.49 -23.77
N ASN C 339 -69.27 5.37 -23.08
CA ASN C 339 -70.08 4.17 -23.24
C ASN C 339 -70.11 3.38 -21.95
N PRO C 340 -71.22 3.41 -21.20
CA PRO C 340 -71.26 2.69 -19.92
C PRO C 340 -71.05 1.20 -20.06
N ASP C 341 -71.40 0.61 -21.20
CA ASP C 341 -71.17 -0.81 -21.39
C ASP C 341 -69.69 -1.14 -21.43
N GLY C 342 -68.85 -0.21 -21.86
CA GLY C 342 -67.42 -0.45 -21.95
C GLY C 342 -66.87 -0.14 -23.33
N ILE C 343 -65.56 0.08 -23.42
CA ILE C 343 -64.90 0.38 -24.69
C ILE C 343 -63.83 -0.68 -24.93
N ASP C 344 -63.90 -1.33 -26.08
CA ASP C 344 -62.93 -2.36 -26.42
C ASP C 344 -61.58 -1.72 -26.69
N PRO C 345 -60.51 -2.21 -26.06
CA PRO C 345 -59.18 -1.63 -26.29
C PRO C 345 -58.68 -1.79 -27.72
N LYS C 346 -58.66 -3.03 -28.22
CA LYS C 346 -58.03 -3.32 -29.50
C LYS C 346 -58.70 -2.56 -30.65
N GLU C 347 -60.03 -2.49 -30.63
CA GLU C 347 -60.74 -1.80 -31.70
C GLU C 347 -60.51 -0.29 -31.67
N LEU C 348 -60.17 0.27 -30.51
CA LEU C 348 -60.06 1.73 -30.40
C LEU C 348 -58.84 2.25 -31.14
N GLU C 349 -57.67 1.63 -30.92
CA GLU C 349 -56.47 2.14 -31.59
C GLU C 349 -56.49 1.87 -33.09
N ASP C 350 -57.15 0.80 -33.52
CA ASP C 350 -57.32 0.58 -34.95
C ASP C 350 -58.13 1.68 -35.59
N PHE C 351 -59.23 2.09 -34.94
CA PHE C 351 -60.02 3.20 -35.44
C PHE C 351 -59.23 4.49 -35.44
N LYS C 352 -58.45 4.73 -34.37
CA LYS C 352 -57.65 5.95 -34.30
C LYS C 352 -56.60 5.98 -35.42
N LEU C 353 -55.93 4.85 -35.66
CA LEU C 353 -54.91 4.81 -36.70
C LEU C 353 -55.53 4.86 -38.09
N GLN C 354 -56.77 4.42 -38.24
CA GLN C 354 -57.42 4.45 -39.55
C GLN C 354 -57.57 5.87 -40.06
N HIS C 355 -57.97 6.80 -39.19
CA HIS C 355 -58.16 8.18 -39.61
C HIS C 355 -58.18 9.08 -38.38
N GLY C 356 -57.27 10.03 -38.31
CA GLY C 356 -57.32 11.09 -37.32
C GLY C 356 -57.34 10.64 -35.87
N SER C 357 -58.34 11.10 -35.13
CA SER C 357 -58.47 10.87 -33.71
C SER C 357 -59.73 10.06 -33.42
N ILE C 358 -60.06 9.92 -32.13
CA ILE C 358 -61.21 9.13 -31.71
C ILE C 358 -62.54 9.79 -32.00
N LEU C 359 -62.54 10.97 -32.61
CA LEU C 359 -63.80 11.66 -32.92
C LEU C 359 -64.63 10.82 -33.88
N GLY C 360 -65.93 10.71 -33.57
CA GLY C 360 -66.82 9.91 -34.39
C GLY C 360 -66.68 8.42 -34.20
N PHE C 361 -66.13 7.98 -33.09
CA PHE C 361 -65.97 6.55 -32.86
C PHE C 361 -67.34 5.89 -32.64
N PRO C 362 -67.67 4.85 -33.39
CA PRO C 362 -68.98 4.19 -33.21
C PRO C 362 -69.05 3.47 -31.88
N LYS C 363 -70.29 3.10 -31.51
CA LYS C 363 -70.57 2.38 -30.28
C LYS C 363 -70.15 3.17 -29.04
N ALA C 364 -70.18 4.50 -29.13
CA ALA C 364 -69.83 5.35 -28.00
C ALA C 364 -70.49 6.71 -28.21
N LYS C 365 -71.51 7.00 -27.42
CA LYS C 365 -72.16 8.29 -27.49
C LYS C 365 -71.22 9.37 -26.95
N PRO C 366 -71.16 10.53 -27.61
CA PRO C 366 -70.30 11.61 -27.10
C PRO C 366 -70.74 12.07 -25.73
N TYR C 367 -69.76 12.46 -24.91
CA TYR C 367 -69.99 12.86 -23.53
C TYR C 367 -69.94 14.39 -23.46
N GLU C 368 -71.06 15.00 -23.15
CA GLU C 368 -71.12 16.45 -22.97
C GLU C 368 -70.54 16.83 -21.62
N GLY C 369 -69.75 17.89 -21.60
CA GLY C 369 -69.11 18.36 -20.39
C GLY C 369 -67.68 17.90 -20.27
N SER C 370 -67.19 17.88 -19.03
CA SER C 370 -65.83 17.50 -18.72
C SER C 370 -65.81 16.12 -18.09
N ILE C 371 -64.98 15.22 -18.63
CA ILE C 371 -64.84 13.88 -18.09
C ILE C 371 -64.20 13.87 -16.70
N LEU C 372 -63.58 14.97 -16.30
CA LEU C 372 -62.96 15.03 -14.98
C LEU C 372 -64.00 14.86 -13.87
N GLU C 373 -65.16 15.48 -14.05
CA GLU C 373 -66.25 15.37 -13.08
C GLU C 373 -67.13 14.14 -13.32
N ALA C 374 -66.84 13.35 -14.35
CA ALA C 374 -67.65 12.18 -14.65
C ALA C 374 -67.50 11.13 -13.55
N ASP C 375 -68.52 10.29 -13.43
CA ASP C 375 -68.53 9.26 -12.38
C ASP C 375 -67.57 8.14 -12.74
N CYS C 376 -66.58 7.93 -11.87
CA CYS C 376 -65.60 6.87 -12.04
C CYS C 376 -64.94 6.62 -10.69
N ASP C 377 -63.88 5.82 -10.69
CA ASP C 377 -63.13 5.54 -9.47
C ASP C 377 -61.63 5.62 -9.62
N ILE C 378 -61.08 5.45 -10.82
CA ILE C 378 -59.63 5.33 -11.00
C ILE C 378 -59.17 6.33 -12.05
N LEU C 379 -59.82 7.48 -12.10
CA LEU C 379 -59.50 8.55 -13.06
C LEU C 379 -57.99 8.73 -13.23
N ILE C 380 -57.56 8.79 -14.48
CA ILE C 380 -56.14 8.89 -14.84
C ILE C 380 -55.93 10.16 -15.63
N PRO C 381 -55.49 11.25 -14.98
CA PRO C 381 -55.14 12.49 -15.71
C PRO C 381 -53.77 12.42 -16.35
N ALA C 382 -53.73 11.86 -17.57
CA ALA C 382 -52.47 11.61 -18.27
C ALA C 382 -52.34 12.43 -19.55
N ALA C 383 -52.97 13.60 -19.62
CA ALA C 383 -52.90 14.43 -20.82
C ALA C 383 -51.79 15.47 -20.75
N SER C 384 -51.87 16.36 -19.77
CA SER C 384 -50.93 17.48 -19.66
C SER C 384 -50.81 17.85 -18.19
N GLU C 385 -50.30 19.05 -17.93
CA GLU C 385 -50.05 19.53 -16.58
C GLU C 385 -51.10 20.57 -16.18
N LYS C 386 -51.20 20.78 -14.87
CA LYS C 386 -52.09 21.80 -14.29
C LYS C 386 -53.54 21.60 -14.76
N GLN C 387 -53.96 20.35 -14.81
CA GLN C 387 -55.31 20.01 -15.25
C GLN C 387 -56.30 19.86 -14.10
N LEU C 388 -55.87 20.08 -12.86
CA LEU C 388 -56.75 19.98 -11.71
C LEU C 388 -56.46 21.15 -10.78
N THR C 389 -57.27 22.20 -10.88
CA THR C 389 -57.13 23.39 -10.07
C THR C 389 -58.14 23.34 -8.91
N LYS C 390 -58.21 24.42 -8.15
CA LYS C 390 -59.15 24.50 -7.04
C LYS C 390 -60.59 24.71 -7.50
N SER C 391 -60.81 25.02 -8.78
CA SER C 391 -62.16 25.24 -9.27
C SER C 391 -62.86 23.94 -9.62
N ASN C 392 -62.20 23.09 -10.41
CA ASN C 392 -62.79 21.82 -10.81
C ASN C 392 -62.62 20.72 -9.77
N ALA C 393 -61.76 20.93 -8.77
CA ALA C 393 -61.57 19.90 -7.74
C ALA C 393 -62.83 19.58 -6.96
N PRO C 394 -63.64 20.53 -6.50
CA PRO C 394 -64.84 20.16 -5.72
C PRO C 394 -65.85 19.32 -6.48
N ARG C 395 -65.83 19.34 -7.81
CA ARG C 395 -66.81 18.60 -8.60
C ARG C 395 -66.35 17.20 -8.97
N VAL C 396 -65.15 16.80 -8.58
CA VAL C 396 -64.65 15.47 -8.92
C VAL C 396 -65.34 14.44 -8.03
N LYS C 397 -65.84 13.38 -8.66
CA LYS C 397 -66.56 12.33 -7.95
C LYS C 397 -65.83 10.99 -8.03
N ALA C 398 -64.50 11.03 -8.11
CA ALA C 398 -63.70 9.83 -8.17
C ALA C 398 -63.35 9.37 -6.75
N LYS C 399 -62.57 8.28 -6.66
CA LYS C 399 -62.13 7.76 -5.38
C LYS C 399 -60.63 7.63 -5.34
N ILE C 400 -60.02 7.29 -6.48
CA ILE C 400 -58.58 7.15 -6.61
C ILE C 400 -58.15 7.87 -7.88
N ILE C 401 -57.12 8.72 -7.76
CA ILE C 401 -56.59 9.47 -8.89
C ILE C 401 -55.21 8.93 -9.21
N ALA C 402 -55.06 8.35 -10.39
CA ALA C 402 -53.79 7.80 -10.84
C ALA C 402 -53.06 8.87 -11.63
N GLU C 403 -52.07 9.50 -11.01
CA GLU C 403 -51.36 10.63 -11.60
C GLU C 403 -50.32 10.10 -12.60
N GLY C 404 -50.82 9.77 -13.79
CA GLY C 404 -49.94 9.23 -14.82
C GLY C 404 -49.07 10.26 -15.51
N ALA C 405 -49.56 11.49 -15.62
CA ALA C 405 -48.80 12.55 -16.30
C ALA C 405 -47.75 13.11 -15.36
N ASN C 406 -47.11 14.21 -15.77
CA ASN C 406 -46.04 14.82 -14.99
C ASN C 406 -46.59 16.06 -14.29
N GLY C 407 -47.23 15.83 -13.14
CA GLY C 407 -47.71 16.90 -12.29
C GLY C 407 -48.86 17.70 -12.87
N PRO C 408 -50.03 17.09 -13.01
CA PRO C 408 -51.22 17.83 -13.45
C PRO C 408 -52.09 18.37 -12.34
N THR C 409 -51.71 18.20 -11.08
CA THR C 409 -52.51 18.64 -9.94
C THR C 409 -51.85 19.81 -9.25
N THR C 410 -52.61 20.88 -9.04
CA THR C 410 -52.09 22.04 -8.33
C THR C 410 -51.90 21.72 -6.84
N PRO C 411 -50.93 22.37 -6.19
CA PRO C 411 -50.74 22.11 -4.75
C PRO C 411 -51.96 22.42 -3.91
N GLU C 412 -52.72 23.46 -4.27
CA GLU C 412 -53.92 23.79 -3.52
C GLU C 412 -54.99 22.71 -3.65
N ALA C 413 -55.06 22.05 -4.81
CA ALA C 413 -56.03 20.96 -4.97
C ALA C 413 -55.70 19.78 -4.07
N ASP C 414 -54.44 19.62 -3.69
CA ASP C 414 -54.07 18.53 -2.78
C ASP C 414 -54.75 18.68 -1.44
N LYS C 415 -54.86 19.91 -0.93
CA LYS C 415 -55.50 20.14 0.35
C LYS C 415 -56.97 19.74 0.32
N ILE C 416 -57.69 20.15 -0.73
CA ILE C 416 -59.11 19.82 -0.79
C ILE C 416 -59.29 18.32 -1.06
N PHE C 417 -58.38 17.69 -1.81
CA PHE C 417 -58.45 16.25 -2.00
C PHE C 417 -58.25 15.52 -0.68
N LEU C 418 -57.30 15.98 0.14
CA LEU C 418 -57.11 15.40 1.46
C LEU C 418 -58.33 15.60 2.35
N GLU C 419 -58.94 16.78 2.27
CA GLU C 419 -60.15 17.04 3.05
C GLU C 419 -61.29 16.11 2.64
N ARG C 420 -61.43 15.87 1.34
CA ARG C 420 -62.45 14.96 0.83
C ARG C 420 -62.09 13.49 1.06
N ASN C 421 -60.88 13.20 1.54
CA ASN C 421 -60.42 11.84 1.78
C ASN C 421 -60.37 11.04 0.48
N ILE C 422 -59.56 11.54 -0.45
CA ILE C 422 -59.30 10.89 -1.73
C ILE C 422 -57.80 10.82 -1.93
N MET C 423 -57.26 9.62 -2.08
CA MET C 423 -55.82 9.46 -2.23
C MET C 423 -55.40 9.76 -3.66
N VAL C 424 -54.18 10.28 -3.80
CA VAL C 424 -53.59 10.58 -5.09
C VAL C 424 -52.22 9.91 -5.15
N ILE C 425 -52.05 9.00 -6.10
CA ILE C 425 -50.73 8.37 -6.29
C ILE C 425 -49.77 9.41 -6.85
N PRO C 426 -48.59 9.60 -6.24
CA PRO C 426 -47.69 10.66 -6.70
C PRO C 426 -47.19 10.40 -8.11
N ASP C 427 -46.98 11.50 -8.85
CA ASP C 427 -46.34 11.40 -10.15
C ASP C 427 -44.86 11.06 -10.06
N LEU C 428 -44.27 11.20 -8.88
CA LEU C 428 -42.87 10.83 -8.69
C LEU C 428 -42.68 9.32 -8.68
N TYR C 429 -43.75 8.55 -8.53
CA TYR C 429 -43.70 7.11 -8.42
C TYR C 429 -44.38 6.37 -9.56
N LEU C 430 -45.48 6.91 -10.09
CA LEU C 430 -46.33 6.12 -10.98
C LEU C 430 -45.68 5.86 -12.33
N ASN C 431 -44.89 6.80 -12.83
CA ASN C 431 -44.33 6.72 -14.18
C ASN C 431 -42.81 6.53 -14.19
N ALA C 432 -42.31 5.69 -13.29
CA ALA C 432 -40.89 5.36 -13.25
C ALA C 432 -40.54 4.13 -14.07
N GLY C 433 -41.50 3.55 -14.77
CA GLY C 433 -41.20 2.40 -15.62
C GLY C 433 -40.22 2.74 -16.72
N GLY C 434 -40.32 3.94 -17.27
CA GLY C 434 -39.42 4.33 -18.33
C GLY C 434 -37.97 4.40 -17.86
N VAL C 435 -37.74 5.02 -16.70
CA VAL C 435 -36.38 5.11 -16.20
C VAL C 435 -35.88 3.74 -15.75
N THR C 436 -36.76 2.89 -15.23
CA THR C 436 -36.33 1.54 -14.86
C THR C 436 -35.89 0.75 -16.10
N VAL C 437 -36.66 0.83 -17.19
CA VAL C 437 -36.28 0.14 -18.41
C VAL C 437 -35.02 0.73 -19.00
N SER C 438 -34.83 2.05 -18.89
CA SER C 438 -33.58 2.65 -19.35
C SER C 438 -32.39 2.11 -18.55
N TYR C 439 -32.57 1.94 -17.24
CA TYR C 439 -31.52 1.34 -16.42
C TYR C 439 -31.22 -0.08 -16.87
N PHE C 440 -32.26 -0.86 -17.17
CA PHE C 440 -32.04 -2.22 -17.66
C PHE C 440 -31.30 -2.22 -18.98
N GLU C 441 -31.63 -1.29 -19.88
CA GLU C 441 -30.94 -1.19 -21.15
C GLU C 441 -29.48 -0.83 -20.97
N TRP C 442 -29.20 0.09 -20.05
CA TRP C 442 -27.81 0.44 -19.73
C TRP C 442 -27.06 -0.78 -19.23
N LEU C 443 -27.68 -1.57 -18.35
CA LEU C 443 -27.05 -2.79 -17.87
C LEU C 443 -26.79 -3.76 -19.01
N LYS C 444 -27.75 -3.90 -19.93
CA LYS C 444 -27.57 -4.81 -21.05
C LYS C 444 -26.40 -4.38 -21.94
N ASN C 445 -26.31 -3.08 -22.22
CA ASN C 445 -25.18 -2.60 -23.01
C ASN C 445 -23.86 -2.79 -22.27
N LEU C 446 -23.87 -2.74 -20.94
CA LEU C 446 -22.67 -3.05 -20.19
C LEU C 446 -22.36 -4.54 -20.17
N ASN C 447 -23.32 -5.39 -20.50
CA ASN C 447 -23.12 -6.84 -20.48
C ASN C 447 -22.73 -7.42 -21.83
N HIS C 448 -23.00 -6.69 -22.92
CA HIS C 448 -22.68 -7.14 -24.28
C HIS C 448 -23.39 -8.45 -24.64
N VAL C 449 -24.56 -8.69 -24.04
CA VAL C 449 -25.32 -9.89 -24.34
C VAL C 449 -26.78 -9.64 -23.96
N SER C 450 -27.69 -10.29 -24.68
CA SER C 450 -29.10 -10.19 -24.37
C SER C 450 -29.44 -10.99 -23.13
N TYR C 451 -30.49 -10.58 -22.45
CA TYR C 451 -30.91 -11.26 -21.22
C TYR C 451 -31.52 -12.62 -21.56
N GLY C 452 -31.16 -13.62 -20.76
CA GLY C 452 -31.75 -14.94 -20.88
C GLY C 452 -31.25 -15.77 -22.03
N ARG C 453 -30.23 -15.32 -22.76
CA ARG C 453 -29.71 -16.10 -23.88
C ARG C 453 -29.09 -17.41 -23.42
N LEU C 454 -28.39 -17.38 -22.28
CA LEU C 454 -27.66 -18.55 -21.79
C LEU C 454 -28.43 -19.34 -20.74
N THR C 455 -29.68 -18.98 -20.45
CA THR C 455 -30.42 -19.65 -19.40
C THR C 455 -31.76 -20.22 -19.83
N PHE C 456 -32.27 -19.88 -21.01
CA PHE C 456 -33.61 -20.33 -21.39
C PHE C 456 -33.65 -21.85 -21.59
N LYS C 457 -32.72 -22.39 -22.38
CA LYS C 457 -32.72 -23.83 -22.63
C LYS C 457 -32.40 -24.62 -21.37
N TYR C 458 -31.47 -24.13 -20.56
CA TYR C 458 -31.15 -24.80 -19.30
C TYR C 458 -32.36 -24.84 -18.37
N GLU C 459 -33.08 -23.72 -18.25
CA GLU C 459 -34.26 -23.70 -17.40
C GLU C 459 -35.34 -24.61 -17.94
N ARG C 460 -35.51 -24.64 -19.28
CA ARG C 460 -36.50 -25.53 -19.86
C ARG C 460 -36.18 -26.99 -19.58
N ASP C 461 -34.91 -27.37 -19.71
CA ASP C 461 -34.51 -28.74 -19.43
C ASP C 461 -34.72 -29.08 -17.95
N SER C 462 -34.38 -28.14 -17.06
CA SER C 462 -34.59 -28.38 -15.64
C SER C 462 -36.06 -28.57 -15.32
N ASN C 463 -36.92 -27.72 -15.89
CA ASN C 463 -38.35 -27.86 -15.66
C ASN C 463 -38.87 -29.19 -16.16
N TYR C 464 -38.44 -29.60 -17.36
CA TYR C 464 -38.89 -30.87 -17.91
C TYR C 464 -38.46 -32.04 -17.05
N HIS C 465 -37.20 -32.03 -16.59
CA HIS C 465 -36.74 -33.12 -15.72
C HIS C 465 -37.49 -33.14 -14.40
N LEU C 466 -37.70 -31.96 -13.80
CA LEU C 466 -38.40 -31.91 -12.52
C LEU C 466 -39.83 -32.41 -12.64
N LEU C 467 -40.50 -32.06 -13.74
CA LEU C 467 -41.88 -32.51 -13.93
C LEU C 467 -41.92 -33.99 -14.31
N MET C 468 -40.88 -34.48 -14.97
CA MET C 468 -40.79 -35.90 -15.28
C MET C 468 -40.62 -36.74 -14.02
N SER C 469 -39.85 -36.24 -13.07
CA SER C 469 -39.58 -37.01 -11.85
C SER C 469 -40.86 -37.32 -11.08
N VAL C 470 -41.83 -36.41 -11.11
CA VAL C 470 -43.05 -36.59 -10.32
C VAL C 470 -43.82 -37.82 -10.80
N GLN C 471 -44.00 -37.96 -12.10
CA GLN C 471 -44.76 -39.09 -12.60
C GLN C 471 -44.03 -40.40 -12.38
N GLU C 472 -42.70 -40.39 -12.47
CA GLU C 472 -41.93 -41.59 -12.16
C GLU C 472 -42.14 -42.00 -10.71
N SER C 473 -42.11 -41.03 -9.79
CA SER C 473 -42.34 -41.35 -8.39
C SER C 473 -43.75 -41.88 -8.15
N LEU C 474 -44.75 -41.23 -8.75
CA LEU C 474 -46.13 -41.69 -8.57
C LEU C 474 -46.34 -43.09 -9.13
N GLU C 475 -45.78 -43.38 -10.31
CA GLU C 475 -45.89 -44.72 -10.85
C GLU C 475 -45.15 -45.73 -10.00
N ARG C 476 -44.02 -45.34 -9.40
CA ARG C 476 -43.32 -46.23 -8.48
C ARG C 476 -44.19 -46.53 -7.26
N LYS C 477 -44.92 -45.54 -6.77
CA LYS C 477 -45.75 -45.75 -5.59
C LYS C 477 -46.99 -46.57 -5.92
N PHE C 478 -47.86 -46.04 -6.79
CA PHE C 478 -49.13 -46.70 -7.06
C PHE C 478 -48.94 -47.96 -7.88
N GLY C 479 -48.05 -47.91 -8.88
CA GLY C 479 -47.88 -49.08 -9.71
C GLY C 479 -48.99 -49.24 -10.72
N LYS C 480 -48.99 -50.39 -11.39
CA LYS C 480 -50.00 -50.69 -12.40
C LYS C 480 -51.36 -50.96 -11.78
N GLY C 482 -51.56 -47.71 -13.35
CA GLY C 482 -51.74 -47.23 -14.71
C GLY C 482 -50.67 -46.26 -15.16
N GLY C 483 -50.79 -45.81 -16.41
CA GLY C 483 -49.83 -44.87 -16.96
C GLY C 483 -50.22 -43.42 -16.75
N THR C 484 -50.16 -42.95 -15.50
CA THR C 484 -50.47 -41.56 -15.22
C THR C 484 -49.46 -40.64 -15.90
N ILE C 485 -49.95 -39.50 -16.39
CA ILE C 485 -49.11 -38.59 -17.16
C ILE C 485 -49.22 -37.15 -16.66
N PRO C 486 -48.73 -36.83 -15.46
CA PRO C 486 -48.67 -35.43 -15.03
C PRO C 486 -47.52 -34.63 -15.62
N ILE C 487 -46.83 -35.17 -16.64
CA ILE C 487 -45.68 -34.47 -17.20
C ILE C 487 -46.07 -33.44 -18.26
N VAL C 488 -47.35 -33.31 -18.55
CA VAL C 488 -47.79 -32.32 -19.55
C VAL C 488 -48.02 -30.99 -18.86
N PRO C 489 -47.42 -29.90 -19.35
CA PRO C 489 -47.69 -28.58 -18.80
C PRO C 489 -49.01 -28.03 -19.34
N THR C 490 -49.49 -26.98 -18.67
CA THR C 490 -50.70 -26.31 -19.13
C THR C 490 -50.41 -25.49 -20.39
N ALA C 491 -51.49 -24.97 -21.00
CA ALA C 491 -51.33 -24.15 -22.19
C ALA C 491 -50.54 -22.88 -21.88
N GLU C 492 -50.82 -22.25 -20.74
CA GLU C 492 -50.09 -21.04 -20.36
C GLU C 492 -48.61 -21.34 -20.18
N PHE C 493 -48.29 -22.44 -19.49
CA PHE C 493 -46.89 -22.78 -19.27
C PHE C 493 -46.20 -23.15 -20.58
N GLN C 494 -46.91 -23.85 -21.47
CA GLN C 494 -46.33 -24.17 -22.77
C GLN C 494 -46.05 -22.91 -23.58
N ASP C 495 -46.98 -21.96 -23.59
CA ASP C 495 -46.75 -20.71 -24.29
C ASP C 495 -45.58 -19.94 -23.68
N ARG C 496 -45.49 -19.93 -22.35
CA ARG C 496 -44.36 -19.25 -21.71
C ARG C 496 -43.04 -19.91 -22.07
N ILE C 497 -43.01 -21.24 -22.12
CA ILE C 497 -41.78 -21.94 -22.46
C ILE C 497 -41.38 -21.67 -23.90
N SER C 498 -42.34 -21.77 -24.83
CA SER C 498 -42.03 -21.59 -26.25
C SER C 498 -41.81 -20.13 -26.60
N GLY C 499 -42.45 -19.20 -25.89
CA GLY C 499 -42.37 -17.79 -26.20
C GLY C 499 -41.38 -17.03 -25.36
N ALA C 500 -40.42 -17.74 -24.75
CA ALA C 500 -39.45 -17.09 -23.87
C ALA C 500 -38.60 -16.10 -24.65
N SER C 501 -38.40 -14.92 -24.07
CA SER C 501 -37.63 -13.86 -24.70
C SER C 501 -37.18 -12.88 -23.63
N GLU C 502 -36.54 -11.79 -24.08
CA GLU C 502 -36.00 -10.81 -23.15
C GLU C 502 -37.10 -9.96 -22.52
N LYS C 503 -38.19 -9.72 -23.24
CA LYS C 503 -39.26 -8.88 -22.72
C LYS C 503 -39.86 -9.45 -21.45
N ASP C 504 -39.89 -10.79 -21.32
CA ASP C 504 -40.38 -11.39 -20.08
C ASP C 504 -39.50 -11.00 -18.90
N ILE C 505 -38.18 -11.07 -19.09
CA ILE C 505 -37.27 -10.68 -18.02
C ILE C 505 -37.44 -9.20 -17.68
N VAL C 506 -37.56 -8.36 -18.70
CA VAL C 506 -37.71 -6.93 -18.46
C VAL C 506 -38.98 -6.63 -17.67
N HIS C 507 -40.09 -7.26 -18.08
CA HIS C 507 -41.36 -7.02 -17.40
C HIS C 507 -41.32 -7.53 -15.97
N SER C 508 -40.71 -8.70 -15.75
CA SER C 508 -40.61 -9.22 -14.39
C SER C 508 -39.77 -8.29 -13.52
N GLY C 509 -38.66 -7.78 -14.05
CA GLY C 509 -37.84 -6.86 -13.29
C GLY C 509 -38.57 -5.58 -12.94
N LEU C 510 -39.32 -5.04 -13.89
CA LEU C 510 -40.10 -3.82 -13.63
C LEU C 510 -41.15 -4.07 -12.56
N ALA C 511 -41.86 -5.19 -12.65
CA ALA C 511 -42.89 -5.51 -11.67
C ALA C 511 -42.28 -5.66 -10.28
N TYR C 512 -41.15 -6.36 -10.18
CA TYR C 512 -40.49 -6.52 -8.90
C TYR C 512 -40.03 -5.19 -8.32
N THR C 513 -39.48 -4.32 -9.17
CA THR C 513 -39.01 -3.02 -8.71
C THR C 513 -40.14 -2.20 -8.12
N MET C 514 -41.27 -2.12 -8.84
CA MET C 514 -42.35 -1.30 -8.33
C MET C 514 -43.04 -1.94 -7.13
N GLU C 515 -43.09 -3.28 -7.09
CA GLU C 515 -43.61 -3.95 -5.89
C GLU C 515 -42.78 -3.61 -4.67
N ARG C 516 -41.44 -3.63 -4.82
CA ARG C 516 -40.60 -3.33 -3.68
C ARG C 516 -40.66 -1.86 -3.28
N SER C 517 -40.85 -0.96 -4.26
CA SER C 517 -40.94 0.46 -3.93
C SER C 517 -42.24 0.79 -3.22
N ALA C 518 -43.33 0.12 -3.59
CA ALA C 518 -44.63 0.42 -3.00
C ALA C 518 -44.62 0.17 -1.50
N ARG C 519 -44.05 -0.95 -1.06
CA ARG C 519 -44.04 -1.27 0.37
C ARG C 519 -43.17 -0.29 1.14
N GLN C 520 -42.07 0.17 0.55
CA GLN C 520 -41.25 1.20 1.18
C GLN C 520 -42.04 2.47 1.36
N ILE C 521 -42.83 2.85 0.35
CA ILE C 521 -43.68 4.04 0.48
C ILE C 521 -44.70 3.84 1.60
N MET C 522 -45.30 2.65 1.67
CA MET C 522 -46.23 2.36 2.76
C MET C 522 -45.56 2.57 4.11
N ARG C 523 -44.38 1.98 4.29
CA ARG C 523 -43.70 2.05 5.58
C ARG C 523 -43.34 3.48 5.93
N THR C 524 -42.86 4.25 4.96
CA THR C 524 -42.51 5.64 5.24
C THR C 524 -43.75 6.46 5.60
N ALA C 525 -44.86 6.24 4.90
CA ALA C 525 -46.08 6.95 5.22
C ALA C 525 -46.57 6.60 6.62
N MET C 526 -46.47 5.33 7.00
CA MET C 526 -46.88 4.93 8.35
C MET C 526 -45.96 5.48 9.41
N LYS C 527 -44.66 5.63 9.10
CA LYS C 527 -43.70 6.08 10.10
C LYS C 527 -43.99 7.49 10.58
N TYR C 528 -44.36 8.39 9.67
CA TYR C 528 -44.52 9.80 9.99
C TYR C 528 -45.97 10.21 10.16
N ASN C 529 -46.86 9.25 10.44
CA ASN C 529 -48.26 9.53 10.75
C ASN C 529 -48.94 10.33 9.65
N LEU C 530 -48.64 10.00 8.40
CA LEU C 530 -49.30 10.59 7.25
C LEU C 530 -50.48 9.72 6.84
N GLY C 531 -51.49 10.35 6.27
CA GLY C 531 -52.69 9.64 5.87
C GLY C 531 -52.66 9.23 4.41
N LEU C 532 -53.45 9.93 3.59
CA LEU C 532 -53.48 9.67 2.16
C LEU C 532 -52.52 10.55 1.38
N ASP C 533 -51.71 11.37 2.07
CA ASP C 533 -50.74 12.24 1.41
C ASP C 533 -49.51 11.40 1.05
N LEU C 534 -49.63 10.68 -0.05
CA LEU C 534 -48.53 9.83 -0.50
C LEU C 534 -47.41 10.63 -1.16
N ARG C 535 -47.70 11.82 -1.67
CA ARG C 535 -46.66 12.61 -2.34
C ARG C 535 -45.57 13.02 -1.36
N THR C 536 -45.97 13.55 -0.20
CA THR C 536 -45.00 13.95 0.81
C THR C 536 -44.31 12.76 1.45
N ALA C 537 -44.84 11.55 1.30
CA ALA C 537 -44.16 10.34 1.74
C ALA C 537 -43.11 9.87 0.73
N ALA C 538 -43.44 9.91 -0.55
CA ALA C 538 -42.44 9.59 -1.57
C ALA C 538 -41.29 10.59 -1.54
N TYR C 539 -41.61 11.87 -1.36
CA TYR C 539 -40.56 12.88 -1.28
C TYR C 539 -39.67 12.65 -0.06
N VAL C 540 -40.27 12.28 1.07
CA VAL C 540 -39.49 11.99 2.27
C VAL C 540 -38.59 10.78 2.03
N ASN C 541 -39.12 9.74 1.37
CA ASN C 541 -38.30 8.59 1.02
C ASN C 541 -37.08 9.02 0.21
N ALA C 542 -37.31 9.82 -0.83
CA ALA C 542 -36.22 10.24 -1.69
C ALA C 542 -35.19 11.06 -0.92
N ILE C 543 -35.66 11.97 -0.08
CA ILE C 543 -34.75 12.83 0.67
C ILE C 543 -33.90 12.01 1.63
N GLU C 544 -34.54 11.09 2.36
CA GLU C 544 -33.80 10.26 3.30
C GLU C 544 -32.77 9.39 2.59
N LYS C 545 -33.17 8.78 1.47
CA LYS C 545 -32.25 7.91 0.75
C LYS C 545 -31.08 8.69 0.16
N VAL C 546 -31.31 9.90 -0.33
CA VAL C 546 -30.20 10.68 -0.88
C VAL C 546 -29.34 11.27 0.24
N PHE C 547 -29.91 11.49 1.42
CA PHE C 547 -29.12 11.98 2.54
C PHE C 547 -28.23 10.90 3.12
N LYS C 548 -28.70 9.65 3.12
CA LYS C 548 -27.92 8.56 3.70
C LYS C 548 -26.58 8.40 2.97
N VAL C 549 -26.58 8.55 1.64
CA VAL C 549 -25.35 8.41 0.88
C VAL C 549 -24.36 9.51 1.24
N TYR C 550 -24.85 10.75 1.35
CA TYR C 550 -23.97 11.87 1.69
C TYR C 550 -23.41 11.72 3.09
N ASN C 551 -24.24 11.30 4.05
CA ASN C 551 -23.81 11.28 5.45
C ASN C 551 -22.68 10.27 5.66
N GLU C 552 -22.77 9.10 5.03
CA GLU C 552 -21.82 8.02 5.28
C GLU C 552 -20.59 8.09 4.40
N ALA C 553 -20.45 9.12 3.57
CA ALA C 553 -19.28 9.29 2.72
C ALA C 553 -18.30 10.33 3.25
N GLY C 554 -18.77 11.32 3.99
CA GLY C 554 -17.92 12.37 4.51
C GLY C 554 -18.41 13.77 4.19
N PRO D 64 8.48 -20.67 17.51
CA PRO D 64 9.09 -19.78 16.50
C PRO D 64 8.18 -18.62 16.14
N ASN D 65 8.65 -17.73 15.26
CA ASN D 65 7.87 -16.58 14.84
C ASN D 65 6.86 -17.01 13.78
N PHE D 66 6.19 -16.04 13.17
CA PHE D 66 5.22 -16.33 12.13
C PHE D 66 5.86 -16.50 10.75
N PHE D 67 6.89 -15.70 10.46
CA PHE D 67 7.50 -15.74 9.14
C PHE D 67 8.11 -17.10 8.85
N LYS D 68 8.95 -17.60 9.77
CA LYS D 68 9.55 -18.92 9.57
C LYS D 68 8.50 -20.01 9.59
N MET D 69 7.47 -19.88 10.43
CA MET D 69 6.44 -20.90 10.51
C MET D 69 5.69 -21.04 9.18
N VAL D 70 5.36 -19.91 8.55
CA VAL D 70 4.68 -20.00 7.26
C VAL D 70 5.65 -20.29 6.13
N GLU D 71 6.95 -20.05 6.34
CA GLU D 71 7.94 -20.32 5.30
C GLU D 71 8.29 -21.79 5.21
N GLY D 72 8.33 -22.50 6.34
CA GLY D 72 8.61 -23.93 6.32
C GLY D 72 7.52 -24.75 5.66
N PHE D 73 6.27 -24.32 5.76
CA PHE D 73 5.17 -25.04 5.14
C PHE D 73 5.33 -25.09 3.63
N PHE D 74 5.74 -23.97 3.02
CA PHE D 74 5.96 -23.96 1.57
C PHE D 74 7.07 -24.92 1.19
N ASP D 75 8.15 -24.96 1.97
CA ASP D 75 9.24 -25.88 1.67
C ASP D 75 8.77 -27.32 1.72
N ARG D 76 8.00 -27.67 2.75
CA ARG D 76 7.47 -29.04 2.85
C ARG D 76 6.58 -29.35 1.65
N GLY D 77 5.69 -28.42 1.29
CA GLY D 77 4.79 -28.66 0.19
C GLY D 77 5.52 -28.83 -1.13
N ALA D 78 6.50 -27.96 -1.40
CA ALA D 78 7.26 -28.05 -2.64
C ALA D 78 8.06 -29.35 -2.70
N SER D 79 8.68 -29.74 -1.58
CA SER D 79 9.44 -30.98 -1.57
C SER D 79 8.55 -32.18 -1.85
N ILE D 80 7.33 -32.17 -1.30
CA ILE D 80 6.41 -33.28 -1.57
C ILE D 80 5.95 -33.25 -3.01
N VAL D 81 5.66 -32.07 -3.55
CA VAL D 81 5.06 -31.96 -4.88
C VAL D 81 6.05 -32.36 -5.96
N GLU D 82 7.30 -31.90 -5.85
CA GLU D 82 8.24 -31.96 -6.97
C GLU D 82 8.34 -33.35 -7.58
N ASP D 83 8.39 -34.39 -6.74
CA ASP D 83 8.62 -35.75 -7.24
C ASP D 83 7.55 -36.16 -8.24
N LYS D 84 6.28 -35.97 -7.90
CA LYS D 84 5.21 -36.31 -8.82
C LYS D 84 5.06 -35.27 -9.92
N LEU D 85 5.35 -34.00 -9.63
CA LEU D 85 5.15 -32.94 -10.60
C LEU D 85 6.14 -33.01 -11.75
N VAL D 86 7.30 -33.61 -11.54
CA VAL D 86 8.28 -33.72 -12.63
C VAL D 86 7.71 -34.50 -13.80
N GLU D 87 7.07 -35.63 -13.52
CA GLU D 87 6.54 -36.48 -14.58
C GLU D 87 5.08 -36.22 -14.90
N ASP D 88 4.30 -35.75 -13.93
CA ASP D 88 2.87 -35.54 -14.17
C ASP D 88 2.59 -34.42 -15.16
N LEU D 89 3.53 -33.48 -15.32
CA LEU D 89 3.35 -32.36 -16.22
C LEU D 89 4.27 -32.39 -17.43
N ARG D 90 5.13 -33.39 -17.53
CA ARG D 90 6.04 -33.48 -18.67
C ARG D 90 5.26 -33.70 -19.96
N THR D 91 5.65 -32.95 -21.00
CA THR D 91 5.03 -33.08 -22.31
C THR D 91 6.09 -33.22 -23.40
N GLU D 95 11.65 -33.49 -22.75
CA GLU D 95 12.76 -32.97 -23.55
C GLU D 95 14.06 -33.01 -22.77
N GLU D 96 14.87 -34.04 -23.03
CA GLU D 96 16.20 -34.23 -22.44
C GLU D 96 16.15 -34.37 -20.92
N GLN D 97 14.97 -34.62 -20.37
CA GLN D 97 14.78 -34.77 -18.92
C GLN D 97 15.36 -33.58 -18.16
N LYS D 98 15.15 -32.39 -18.70
CA LYS D 98 15.56 -31.15 -18.05
C LYS D 98 14.48 -30.58 -17.15
N ARG D 99 13.44 -31.37 -16.84
CA ARG D 99 12.36 -30.89 -16.00
C ARG D 99 12.84 -30.55 -14.59
N ASN D 100 13.89 -31.21 -14.12
CA ASN D 100 14.43 -30.90 -12.80
C ASN D 100 14.94 -29.47 -12.74
N ARG D 101 15.63 -29.02 -13.78
CA ARG D 101 16.08 -27.64 -13.82
C ARG D 101 14.93 -26.65 -13.95
N VAL D 102 13.75 -27.13 -14.37
CA VAL D 102 12.58 -26.25 -14.47
C VAL D 102 12.02 -25.92 -13.09
N ARG D 103 12.52 -26.57 -12.04
CA ARG D 103 12.03 -26.31 -10.69
C ARG D 103 12.44 -24.97 -10.13
N GLY D 104 13.03 -24.08 -10.94
CA GLY D 104 13.15 -22.70 -10.53
C GLY D 104 11.81 -22.01 -10.41
N ILE D 105 10.77 -22.54 -11.06
CA ILE D 105 9.43 -21.99 -10.92
C ILE D 105 9.03 -21.97 -9.45
N LEU D 106 9.35 -23.04 -8.72
CA LEU D 106 9.01 -23.09 -7.30
C LEU D 106 9.73 -22.01 -6.52
N ARG D 107 11.00 -21.76 -6.81
CA ARG D 107 11.72 -20.73 -6.08
C ARG D 107 11.29 -19.33 -6.50
N ILE D 108 10.62 -19.19 -7.65
CA ILE D 108 10.03 -17.90 -8.01
C ILE D 108 8.87 -17.58 -7.09
N ILE D 109 8.08 -18.59 -6.70
CA ILE D 109 6.87 -18.34 -5.92
C ILE D 109 7.20 -17.83 -4.52
N LYS D 110 8.36 -18.20 -3.97
CA LYS D 110 8.65 -17.87 -2.57
C LYS D 110 8.70 -16.37 -2.30
N PRO D 111 9.61 -15.59 -2.89
CA PRO D 111 9.75 -14.20 -2.45
C PRO D 111 8.59 -13.33 -2.93
N CYS D 112 8.36 -12.25 -2.19
CA CYS D 112 7.37 -11.25 -2.59
C CYS D 112 7.92 -10.40 -3.73
N ASN D 113 7.07 -10.10 -4.70
CA ASN D 113 7.51 -9.37 -5.88
C ASN D 113 7.85 -7.92 -5.54
N HIS D 114 6.96 -7.23 -4.82
CA HIS D 114 7.14 -5.82 -4.53
C HIS D 114 6.73 -5.52 -3.10
N VAL D 115 7.52 -4.68 -2.43
CA VAL D 115 7.17 -4.09 -1.15
C VAL D 115 7.48 -2.60 -1.22
N LEU D 116 6.63 -1.79 -0.58
CA LEU D 116 6.78 -0.34 -0.62
C LEU D 116 6.59 0.22 0.79
N SER D 117 7.38 1.22 1.13
CA SER D 117 7.28 1.91 2.40
C SER D 117 6.99 3.39 2.16
N LEU D 118 6.11 3.96 2.98
CA LEU D 118 5.62 5.31 2.78
C LEU D 118 6.06 6.21 3.94
N SER D 119 5.97 7.51 3.70
CA SER D 119 6.20 8.51 4.75
C SER D 119 5.52 9.80 4.31
N PHE D 120 4.42 10.16 4.96
CA PHE D 120 3.63 11.30 4.55
C PHE D 120 3.28 12.18 5.74
N PRO D 121 3.12 13.47 5.54
CA PRO D 121 2.81 14.39 6.64
C PRO D 121 1.31 14.54 6.88
N ILE D 122 0.99 15.06 8.07
CA ILE D 122 -0.39 15.31 8.48
C ILE D 122 -0.46 16.66 9.20
N ARG D 123 -1.50 17.41 8.90
CA ARG D 123 -1.68 18.75 9.42
C ARG D 123 -2.01 18.79 10.91
N ARG D 124 -2.64 17.74 11.44
CA ARG D 124 -3.06 17.66 12.84
C ARG D 124 -4.10 18.71 13.19
N ASP D 125 -4.82 18.51 14.30
CA ASP D 125 -5.84 19.45 14.71
C ASP D 125 -5.31 20.62 15.52
N ASP D 126 -4.06 20.54 16.00
CA ASP D 126 -3.45 21.62 16.77
C ASP D 126 -2.36 22.34 15.99
N GLY D 127 -2.31 22.15 14.67
CA GLY D 127 -1.34 22.86 13.86
C GLY D 127 0.03 22.26 13.83
N SER D 128 0.25 21.14 14.51
CA SER D 128 1.55 20.47 14.52
C SER D 128 1.67 19.56 13.30
N TRP D 129 2.88 19.08 13.06
CA TRP D 129 3.17 18.23 11.92
C TRP D 129 3.79 16.93 12.39
N GLU D 130 3.37 15.82 11.79
CA GLU D 130 3.88 14.51 12.12
C GLU D 130 4.04 13.69 10.85
N VAL D 131 4.91 12.69 10.91
CA VAL D 131 5.15 11.78 9.80
C VAL D 131 4.67 10.39 10.19
N ILE D 132 4.12 9.66 9.23
CA ILE D 132 3.54 8.35 9.46
C ILE D 132 4.16 7.37 8.47
N GLU D 133 4.57 6.21 8.96
CA GLU D 133 5.16 5.17 8.13
C GLU D 133 4.11 4.12 7.79
N GLY D 134 4.05 3.75 6.51
CA GLY D 134 3.14 2.71 6.08
C GLY D 134 3.84 1.77 5.11
N TYR D 135 3.29 0.57 5.00
CA TYR D 135 3.86 -0.47 4.16
C TYR D 135 2.77 -1.14 3.35
N ARG D 136 3.15 -1.70 2.20
CA ARG D 136 2.27 -2.53 1.41
C ARG D 136 3.12 -3.48 0.59
N ALA D 137 2.72 -4.76 0.55
CA ALA D 137 3.48 -5.78 -0.14
C ALA D 137 2.57 -6.51 -1.13
N GLN D 138 3.17 -6.95 -2.23
CA GLN D 138 2.46 -7.72 -3.25
C GLN D 138 3.27 -8.98 -3.51
N HIS D 139 2.72 -10.13 -3.14
CA HIS D 139 3.47 -11.38 -3.19
C HIS D 139 3.54 -11.94 -4.61
N SER D 140 2.38 -12.24 -5.19
CA SER D 140 2.31 -12.88 -6.49
C SER D 140 1.53 -12.02 -7.48
N GLN D 141 2.00 -12.00 -8.72
CA GLN D 141 1.34 -11.26 -9.79
C GLN D 141 0.80 -12.19 -10.88
N HIS D 142 0.70 -13.48 -10.61
CA HIS D 142 0.21 -14.42 -11.62
C HIS D 142 -1.25 -14.19 -11.94
N ARG D 143 -1.99 -13.50 -11.09
CA ARG D 143 -3.36 -13.06 -11.39
C ARG D 143 -3.45 -11.59 -11.04
N THR D 144 -3.87 -10.77 -12.00
CA THR D 144 -3.65 -9.33 -11.93
C THR D 144 -4.26 -8.65 -10.71
N PRO D 145 -5.52 -8.86 -10.33
CA PRO D 145 -6.03 -8.17 -9.16
C PRO D 145 -5.50 -8.78 -7.87
N CYS D 146 -5.06 -7.93 -6.96
CA CYS D 146 -4.49 -8.36 -5.69
C CYS D 146 -5.43 -7.99 -4.55
N LYS D 147 -5.54 -8.88 -3.58
CA LYS D 147 -6.45 -8.70 -2.45
C LYS D 147 -5.66 -8.75 -1.15
N GLY D 148 -5.98 -7.84 -0.24
CA GLY D 148 -5.28 -7.80 1.04
C GLY D 148 -5.98 -6.86 2.00
N GLY D 149 -5.50 -6.88 3.24
CA GLY D 149 -6.06 -6.05 4.29
C GLY D 149 -5.18 -4.87 4.65
N ILE D 150 -5.74 -3.98 5.48
CA ILE D 150 -5.05 -2.79 5.96
C ILE D 150 -5.17 -2.76 7.48
N ARG D 151 -4.04 -2.78 8.17
CA ARG D 151 -4.00 -2.86 9.62
C ARG D 151 -3.46 -1.57 10.21
N TYR D 152 -4.12 -1.08 11.25
CA TYR D 152 -3.74 0.14 11.96
C TYR D 152 -3.20 -0.26 13.32
N SER D 153 -1.88 -0.46 13.41
CA SER D 153 -1.27 -0.85 14.67
C SER D 153 0.18 -0.38 14.67
N THR D 154 0.75 -0.28 15.87
CA THR D 154 2.13 0.11 16.04
C THR D 154 3.10 -1.06 15.96
N ASP D 155 2.59 -2.28 15.85
CA ASP D 155 3.43 -3.47 15.77
C ASP D 155 3.69 -3.93 14.34
N VAL D 156 3.25 -3.16 13.35
CA VAL D 156 3.41 -3.57 11.96
C VAL D 156 4.88 -3.50 11.55
N SER D 157 5.27 -4.39 10.64
CA SER D 157 6.62 -4.43 10.13
C SER D 157 6.58 -5.02 8.72
N VAL D 158 7.67 -4.80 7.98
CA VAL D 158 7.73 -5.27 6.59
C VAL D 158 7.68 -6.79 6.53
N ASP D 159 8.37 -7.45 7.48
CA ASP D 159 8.35 -8.91 7.50
C ASP D 159 6.94 -9.44 7.73
N GLU D 160 6.21 -8.84 8.67
CA GLU D 160 4.86 -9.30 8.94
C GLU D 160 3.95 -9.13 7.74
N VAL D 161 4.01 -7.98 7.07
CA VAL D 161 3.10 -7.76 5.94
C VAL D 161 3.46 -8.67 4.78
N LYS D 162 4.76 -8.90 4.53
CA LYS D 162 5.11 -9.78 3.43
C LYS D 162 4.72 -11.23 3.73
N ALA D 163 4.87 -11.66 4.99
CA ALA D 163 4.42 -13.01 5.35
C ALA D 163 2.92 -13.15 5.21
N LEU D 164 2.16 -12.13 5.63
CA LEU D 164 0.71 -12.19 5.49
C LEU D 164 0.28 -12.21 4.04
N ALA D 165 0.96 -11.45 3.17
CA ALA D 165 0.64 -11.51 1.74
C ALA D 165 0.94 -12.89 1.17
N SER D 166 2.07 -13.48 1.58
CA SER D 166 2.39 -14.82 1.12
C SER D 166 1.32 -15.81 1.55
N LEU D 167 0.84 -15.69 2.78
CA LEU D 167 -0.26 -16.55 3.23
C LEU D 167 -1.52 -16.31 2.42
N MET D 168 -1.82 -15.04 2.12
CA MET D 168 -3.06 -14.69 1.43
C MET D 168 -3.10 -15.26 0.02
N THR D 169 -1.95 -15.34 -0.66
CA THR D 169 -1.96 -15.91 -2.01
C THR D 169 -2.48 -17.34 -2.00
N TYR D 170 -1.94 -18.20 -1.14
CA TYR D 170 -2.42 -19.57 -1.06
C TYR D 170 -3.83 -19.62 -0.49
N LYS D 171 -4.16 -18.69 0.41
CA LYS D 171 -5.52 -18.59 0.92
C LYS D 171 -6.52 -18.43 -0.20
N CYS D 172 -6.24 -17.53 -1.13
CA CYS D 172 -7.13 -17.32 -2.28
C CYS D 172 -7.06 -18.50 -3.24
N ALA D 173 -5.88 -19.09 -3.42
CA ALA D 173 -5.73 -20.17 -4.38
C ALA D 173 -6.51 -21.42 -3.95
N VAL D 174 -6.65 -21.65 -2.65
CA VAL D 174 -7.31 -22.88 -2.18
C VAL D 174 -8.78 -22.88 -2.60
N VAL D 175 -9.46 -21.75 -2.46
CA VAL D 175 -10.90 -21.68 -2.67
C VAL D 175 -11.24 -21.14 -4.06
N ASP D 176 -10.30 -21.24 -5.01
CA ASP D 176 -10.55 -20.91 -6.41
C ASP D 176 -11.03 -19.47 -6.58
N VAL D 177 -10.43 -18.55 -5.84
CA VAL D 177 -10.70 -17.12 -5.98
C VAL D 177 -9.59 -16.52 -6.84
N PRO D 178 -9.90 -15.95 -7.99
CA PRO D 178 -8.85 -15.49 -8.93
C PRO D 178 -8.23 -14.16 -8.51
N PHE D 179 -7.53 -14.18 -7.38
CA PHE D 179 -6.86 -13.01 -6.84
C PHE D 179 -5.40 -13.34 -6.57
N GLY D 180 -4.62 -12.28 -6.34
CA GLY D 180 -3.23 -12.46 -5.98
C GLY D 180 -3.03 -12.52 -4.48
N GLY D 181 -2.26 -11.59 -3.93
CA GLY D 181 -2.06 -11.54 -2.50
C GLY D 181 -1.33 -10.29 -2.06
N ALA D 182 -1.83 -9.63 -1.04
CA ALA D 182 -1.26 -8.37 -0.59
C ALA D 182 -1.57 -8.17 0.89
N LYS D 183 -0.90 -7.19 1.48
CA LYS D 183 -1.13 -6.81 2.86
C LYS D 183 -0.54 -5.43 3.09
N ALA D 184 -1.22 -4.63 3.91
CA ALA D 184 -0.77 -3.27 4.21
C ALA D 184 -0.84 -3.04 5.71
N GLY D 185 0.03 -2.14 6.18
CA GLY D 185 0.05 -1.78 7.58
C GLY D 185 0.49 -0.35 7.79
N VAL D 186 -0.18 0.36 8.69
CA VAL D 186 0.14 1.75 9.01
C VAL D 186 0.55 1.80 10.47
N LYS D 187 1.76 2.28 10.73
CA LYS D 187 2.31 2.33 12.08
C LYS D 187 1.66 3.49 12.81
N ILE D 188 0.50 3.21 13.42
CA ILE D 188 -0.30 4.26 14.05
C ILE D 188 -1.16 3.60 15.12
N ASN D 189 -1.48 4.35 16.16
CA ASN D 189 -2.41 3.88 17.19
C ASN D 189 -3.74 4.60 17.03
N PRO D 190 -4.81 3.92 16.62
CA PRO D 190 -6.09 4.61 16.37
C PRO D 190 -6.65 5.31 17.59
N LYS D 191 -6.38 4.80 18.80
CA LYS D 191 -6.94 5.39 20.01
C LYS D 191 -6.33 6.75 20.34
N ASN D 192 -5.24 7.13 19.69
CA ASN D 192 -4.58 8.40 19.97
C ASN D 192 -5.03 9.53 19.07
N TYR D 193 -5.95 9.28 18.15
CA TYR D 193 -6.40 10.28 17.20
C TYR D 193 -7.91 10.33 17.16
N THR D 194 -8.44 11.52 16.87
CA THR D 194 -9.88 11.67 16.72
C THR D 194 -10.29 11.30 15.29
N ASP D 195 -11.57 11.54 14.98
CA ASP D 195 -12.09 11.16 13.66
C ASP D 195 -11.42 11.95 12.55
N ASN D 196 -11.15 13.24 12.77
CA ASN D 196 -10.58 14.07 11.72
C ASN D 196 -9.16 13.62 11.37
N GLU D 197 -8.35 13.29 12.37
CA GLU D 197 -7.00 12.80 12.08
C GLU D 197 -7.03 11.50 11.31
N LEU D 198 -7.94 10.58 11.68
CA LEU D 198 -8.05 9.33 10.94
C LEU D 198 -8.50 9.58 9.52
N GLU D 199 -9.43 10.52 9.32
CA GLU D 199 -9.83 10.93 7.99
C GLU D 199 -8.63 11.36 7.16
N LYS D 200 -7.82 12.27 7.72
CA LYS D 200 -6.66 12.77 6.98
C LYS D 200 -5.66 11.66 6.69
N ILE D 201 -5.42 10.80 7.68
CA ILE D 201 -4.50 9.67 7.49
C ILE D 201 -4.97 8.81 6.32
N THR D 202 -6.25 8.45 6.32
CA THR D 202 -6.76 7.56 5.27
C THR D 202 -6.70 8.22 3.91
N ARG D 203 -7.07 9.50 3.81
CA ARG D 203 -7.04 10.18 2.53
C ARG D 203 -5.61 10.24 1.98
N ARG D 204 -4.66 10.67 2.82
CA ARG D 204 -3.29 10.79 2.35
C ARG D 204 -2.70 9.45 1.99
N PHE D 205 -2.97 8.42 2.79
CA PHE D 205 -2.44 7.09 2.50
C PHE D 205 -2.99 6.56 1.18
N THR D 206 -4.29 6.75 0.94
CA THR D 206 -4.87 6.28 -0.31
C THR D 206 -4.29 7.03 -1.50
N MET D 207 -4.11 8.35 -1.37
CA MET D 207 -3.53 9.10 -2.48
C MET D 207 -2.10 8.65 -2.77
N GLU D 208 -1.29 8.45 -1.72
CA GLU D 208 0.08 8.02 -1.92
C GLU D 208 0.14 6.63 -2.56
N LEU D 209 -0.76 5.74 -2.14
CA LEU D 209 -0.81 4.41 -2.76
C LEU D 209 -1.24 4.51 -4.22
N ALA D 210 -2.19 5.40 -4.52
CA ALA D 210 -2.70 5.53 -5.88
C ALA D 210 -1.62 6.06 -6.82
N LYS D 211 -0.76 6.96 -6.31
CA LYS D 211 0.28 7.52 -7.16
C LYS D 211 1.18 6.45 -7.73
N LYS D 212 1.59 5.49 -6.91
CA LYS D 212 2.53 4.46 -7.34
C LYS D 212 1.85 3.23 -7.93
N GLY D 213 0.52 3.14 -7.85
CA GLY D 213 -0.19 2.04 -8.49
C GLY D 213 -0.42 0.83 -7.61
N PHE D 214 -0.91 1.05 -6.39
CA PHE D 214 -1.25 -0.03 -5.46
C PHE D 214 -2.71 0.03 -5.02
N ILE D 215 -3.58 0.69 -5.76
CA ILE D 215 -4.95 0.88 -5.31
C ILE D 215 -5.95 0.54 -6.41
N GLY D 216 -5.47 0.42 -7.65
CA GLY D 216 -6.33 0.27 -8.79
C GLY D 216 -7.29 -0.89 -8.71
N PRO D 217 -8.53 -0.70 -9.18
CA PRO D 217 -9.50 -1.79 -9.16
C PRO D 217 -9.05 -3.01 -9.93
N GLY D 218 -8.33 -2.82 -11.04
CA GLY D 218 -7.75 -3.91 -11.77
C GLY D 218 -6.34 -4.26 -11.35
N ILE D 219 -5.85 -3.68 -10.26
CA ILE D 219 -4.47 -3.90 -9.81
C ILE D 219 -4.46 -4.46 -8.39
N ASP D 220 -4.99 -3.68 -7.44
CA ASP D 220 -4.92 -4.07 -6.04
C ASP D 220 -6.19 -3.62 -5.33
N VAL D 221 -6.77 -4.52 -4.53
CA VAL D 221 -8.03 -4.24 -3.84
C VAL D 221 -7.86 -4.46 -2.34
N PRO D 222 -7.90 -3.40 -1.53
CA PRO D 222 -7.78 -3.57 -0.07
C PRO D 222 -9.04 -4.17 0.54
N ALA D 223 -8.94 -4.44 1.84
CA ALA D 223 -10.02 -5.04 2.61
C ALA D 223 -9.82 -4.68 4.07
N PRO D 224 -10.88 -4.69 4.87
CA PRO D 224 -10.74 -4.33 6.29
C PRO D 224 -10.06 -5.42 7.09
N ASP D 225 -9.21 -4.99 8.02
CA ASP D 225 -8.56 -5.87 8.98
C ASP D 225 -9.26 -5.74 10.33
N MET D 226 -8.67 -6.34 11.37
CA MET D 226 -9.28 -6.32 12.69
C MET D 226 -9.31 -4.92 13.28
N SER D 227 -8.33 -4.08 12.95
CA SER D 227 -8.23 -2.74 13.54
C SER D 227 -8.92 -1.67 12.71
N THR D 228 -9.52 -2.03 11.58
CA THR D 228 -10.22 -1.07 10.72
C THR D 228 -11.61 -1.60 10.41
N GLY D 229 -12.51 -0.68 10.05
CA GLY D 229 -13.88 -1.02 9.74
C GLY D 229 -14.30 -0.46 8.39
N GLU D 230 -15.60 -0.63 8.11
CA GLU D 230 -16.16 -0.12 6.86
C GLU D 230 -16.10 1.40 6.79
N ARG D 231 -15.98 2.05 7.94
CA ARG D 231 -15.93 3.50 7.98
C ARG D 231 -14.71 4.05 7.25
N GLU D 232 -13.56 3.40 7.40
CA GLU D 232 -12.35 3.85 6.70
C GLU D 232 -12.45 3.55 5.21
N MET D 233 -13.01 2.39 4.85
CA MET D 233 -13.14 2.02 3.45
C MET D 233 -14.12 2.93 2.71
N SER D 234 -15.12 3.47 3.41
CA SER D 234 -15.96 4.48 2.78
C SER D 234 -15.15 5.69 2.36
N TRP D 235 -14.20 6.13 3.20
CA TRP D 235 -13.31 7.22 2.83
C TRP D 235 -12.41 6.84 1.67
N ILE D 236 -11.86 5.63 1.70
CA ILE D 236 -10.96 5.21 0.62
C ILE D 236 -11.69 5.23 -0.72
N ALA D 237 -12.92 4.70 -0.75
CA ALA D 237 -13.64 4.58 -2.01
C ALA D 237 -13.85 5.94 -2.66
N ASP D 238 -14.38 6.91 -1.92
CA ASP D 238 -14.71 8.18 -2.55
C ASP D 238 -13.49 9.07 -2.72
N THR D 239 -12.40 8.83 -1.97
CA THR D 239 -11.20 9.59 -2.24
C THR D 239 -10.47 9.06 -3.48
N TYR D 240 -10.62 7.77 -3.78
CA TYR D 240 -10.06 7.27 -5.04
C TYR D 240 -10.97 7.60 -6.22
N ALA D 241 -12.28 7.61 -6.02
CA ALA D 241 -13.21 7.80 -7.12
C ALA D 241 -13.34 9.25 -7.57
N SER D 242 -12.68 10.18 -6.89
CA SER D 242 -12.80 11.60 -7.23
C SER D 242 -11.49 12.28 -7.54
N THR D 243 -10.35 11.61 -7.38
CA THR D 243 -9.06 12.23 -7.64
C THR D 243 -8.32 11.56 -8.79
N ILE D 244 -8.07 10.26 -8.71
CA ILE D 244 -7.29 9.55 -9.72
C ILE D 244 -8.18 8.74 -10.66
N GLY D 245 -9.12 7.99 -10.10
CA GLY D 245 -9.98 7.15 -10.91
C GLY D 245 -11.28 7.83 -11.30
N HIS D 246 -11.23 9.14 -11.55
CA HIS D 246 -12.45 9.86 -11.92
C HIS D 246 -12.98 9.37 -13.27
N TYR D 247 -12.08 9.08 -14.20
CA TYR D 247 -12.47 8.63 -15.53
C TYR D 247 -12.72 7.14 -15.61
N ASP D 248 -12.56 6.42 -14.49
CA ASP D 248 -12.76 4.98 -14.47
C ASP D 248 -14.21 4.66 -14.14
N ILE D 249 -14.85 3.86 -15.01
CA ILE D 249 -16.23 3.48 -14.76
C ILE D 249 -16.33 2.55 -13.55
N ASN D 250 -15.28 1.79 -13.26
CA ASN D 250 -15.26 0.86 -12.14
C ASN D 250 -14.47 1.42 -10.96
N ALA D 251 -14.55 2.74 -10.73
CA ALA D 251 -13.79 3.35 -9.65
C ALA D 251 -14.25 2.85 -8.29
N HIS D 252 -15.54 2.59 -8.12
CA HIS D 252 -16.06 2.15 -6.83
C HIS D 252 -15.70 0.71 -6.50
N ALA D 253 -15.15 -0.04 -7.46
CA ALA D 253 -14.75 -1.43 -7.23
C ALA D 253 -13.32 -1.55 -6.73
N CYS D 254 -12.67 -0.43 -6.42
CA CYS D 254 -11.29 -0.48 -5.96
C CYS D 254 -11.17 -1.15 -4.61
N VAL D 255 -12.13 -0.93 -3.72
CA VAL D 255 -12.07 -1.42 -2.34
C VAL D 255 -13.34 -2.18 -2.02
N THR D 256 -13.19 -3.30 -1.32
CA THR D 256 -14.30 -4.09 -0.82
C THR D 256 -14.40 -3.96 0.69
N GLY D 257 -15.59 -4.24 1.22
CA GLY D 257 -15.86 -4.12 2.64
C GLY D 257 -16.58 -2.85 3.02
N LYS D 258 -16.97 -2.03 2.06
CA LYS D 258 -17.65 -0.77 2.34
C LYS D 258 -19.10 -1.03 2.76
N PRO D 259 -19.75 -0.06 3.40
CA PRO D 259 -21.15 -0.26 3.81
C PRO D 259 -22.07 -0.36 2.61
N ILE D 260 -23.35 -0.67 2.91
CA ILE D 260 -24.32 -0.96 1.86
C ILE D 260 -24.58 0.27 1.01
N SER D 261 -24.67 1.45 1.63
CA SER D 261 -25.13 2.63 0.92
C SER D 261 -24.18 3.03 -0.22
N GLN D 262 -22.90 2.73 -0.10
CA GLN D 262 -21.94 3.00 -1.16
C GLN D 262 -21.62 1.79 -2.00
N GLY D 263 -22.34 0.69 -1.83
CA GLY D 263 -22.13 -0.47 -2.67
C GLY D 263 -21.60 -1.69 -1.95
N GLY D 264 -22.00 -1.88 -0.70
CA GLY D 264 -21.66 -3.07 0.04
C GLY D 264 -22.53 -4.24 -0.35
N ILE D 265 -22.29 -5.37 0.31
CA ILE D 265 -23.02 -6.60 0.05
C ILE D 265 -23.66 -7.08 1.34
N HIS D 266 -24.80 -7.75 1.21
CA HIS D 266 -25.51 -8.25 2.38
C HIS D 266 -24.90 -9.56 2.86
N GLY D 267 -25.02 -9.80 4.17
CA GLY D 267 -24.45 -10.99 4.76
C GLY D 267 -22.96 -10.95 4.95
N ARG D 268 -22.35 -9.77 4.86
CA ARG D 268 -20.90 -9.67 5.01
C ARG D 268 -20.45 -9.87 6.46
N ILE D 269 -21.33 -9.56 7.42
CA ILE D 269 -20.94 -9.67 8.82
C ILE D 269 -20.76 -11.12 9.22
N SER D 270 -21.71 -11.98 8.84
CA SER D 270 -21.71 -13.38 9.24
C SER D 270 -20.98 -14.28 8.25
N ALA D 271 -20.05 -13.72 7.46
CA ALA D 271 -19.40 -14.51 6.43
C ALA D 271 -18.46 -15.54 7.03
N THR D 272 -17.60 -15.12 7.96
CA THR D 272 -16.57 -16.02 8.47
C THR D 272 -17.17 -17.14 9.31
N GLY D 273 -18.18 -16.82 10.11
CA GLY D 273 -18.86 -17.86 10.87
C GLY D 273 -19.52 -18.89 9.99
N ARG D 274 -20.20 -18.43 8.93
CA ARG D 274 -20.81 -19.35 7.98
C ARG D 274 -19.75 -20.22 7.32
N GLY D 275 -18.62 -19.64 6.94
CA GLY D 275 -17.55 -20.42 6.34
C GLY D 275 -17.00 -21.47 7.28
N VAL D 276 -16.79 -21.10 8.55
CA VAL D 276 -16.28 -22.06 9.53
C VAL D 276 -17.27 -23.19 9.73
N PHE D 277 -18.56 -22.85 9.86
CA PHE D 277 -19.56 -23.89 10.06
C PHE D 277 -19.64 -24.83 8.87
N HIS D 278 -19.60 -24.28 7.65
CA HIS D 278 -19.68 -25.13 6.46
C HIS D 278 -18.45 -26.01 6.34
N GLY D 279 -17.27 -25.47 6.66
CA GLY D 279 -16.07 -26.28 6.63
C GLY D 279 -16.12 -27.43 7.62
N ILE D 280 -16.63 -27.16 8.83
CA ILE D 280 -16.78 -28.23 9.81
C ILE D 280 -17.79 -29.26 9.33
N GLU D 281 -18.91 -28.80 8.78
CA GLU D 281 -19.96 -29.72 8.34
C GLU D 281 -19.49 -30.63 7.21
N ASN D 282 -18.72 -30.08 6.26
CA ASN D 282 -18.25 -30.88 5.14
C ASN D 282 -17.36 -32.02 5.57
N PHE D 283 -16.65 -31.88 6.70
CA PHE D 283 -15.79 -32.93 7.20
C PHE D 283 -16.47 -33.81 8.23
N ILE D 284 -17.52 -33.34 8.88
CA ILE D 284 -18.24 -34.12 9.87
C ILE D 284 -19.31 -35.00 9.23
N ASN D 285 -19.39 -35.00 7.90
CA ASN D 285 -20.34 -35.87 7.21
C ASN D 285 -19.64 -36.84 6.27
N GLU D 286 -18.35 -37.09 6.46
CA GLU D 286 -17.58 -38.03 5.66
C GLU D 286 -17.38 -39.30 6.46
N ALA D 287 -17.92 -40.41 5.95
CA ALA D 287 -17.82 -41.68 6.67
C ALA D 287 -16.38 -42.17 6.74
N SER D 288 -15.62 -42.01 5.65
CA SER D 288 -14.27 -42.54 5.61
C SER D 288 -13.37 -41.89 6.65
N TYR D 289 -13.46 -40.57 6.80
CA TYR D 289 -12.59 -39.87 7.73
C TYR D 289 -12.99 -40.07 9.18
N MET D 290 -14.29 -40.14 9.46
CA MET D 290 -14.73 -40.28 10.85
C MET D 290 -14.88 -41.74 11.29
N SER D 291 -14.69 -42.70 10.39
CA SER D 291 -14.58 -44.09 10.80
C SER D 291 -13.24 -44.40 11.44
N ILE D 292 -12.22 -43.55 11.20
CA ILE D 292 -10.92 -43.75 11.82
C ILE D 292 -10.97 -43.56 13.32
N LEU D 293 -11.80 -42.64 13.80
CA LEU D 293 -11.96 -42.41 15.23
C LEU D 293 -13.28 -42.94 15.78
N GLY D 294 -14.36 -42.87 14.99
CA GLY D 294 -15.64 -43.37 15.42
C GLY D 294 -16.54 -42.24 15.90
N MET D 295 -17.46 -41.80 15.04
CA MET D 295 -18.29 -40.66 15.36
C MET D 295 -19.79 -40.96 15.32
N THR D 296 -20.26 -41.64 14.27
CA THR D 296 -21.67 -41.65 13.91
C THR D 296 -22.12 -40.20 13.86
N PRO D 297 -21.64 -39.44 12.89
CA PRO D 297 -21.67 -37.97 13.01
C PRO D 297 -22.87 -37.30 12.35
N GLY D 298 -22.96 -35.99 12.54
CA GLY D 298 -23.99 -35.18 11.92
C GLY D 298 -25.12 -34.78 12.84
N PHE D 299 -25.64 -35.70 13.66
CA PHE D 299 -26.76 -35.38 14.53
C PHE D 299 -26.63 -36.03 15.91
N GLY D 300 -25.48 -36.61 16.23
CA GLY D 300 -25.33 -37.32 17.50
C GLY D 300 -25.18 -36.41 18.70
N ASP D 301 -25.66 -35.17 18.57
CA ASP D 301 -25.60 -34.18 19.65
C ASP D 301 -24.18 -34.02 20.19
N LYS D 302 -23.24 -33.95 19.25
CA LYS D 302 -21.85 -33.81 19.63
C LYS D 302 -21.60 -32.47 20.31
N THR D 303 -20.86 -32.49 21.41
CA THR D 303 -20.61 -31.29 22.18
C THR D 303 -19.39 -30.56 21.63
N PHE D 304 -19.39 -29.24 21.78
CA PHE D 304 -18.29 -28.42 21.32
C PHE D 304 -18.09 -27.27 22.28
N VAL D 305 -16.85 -26.76 22.32
CA VAL D 305 -16.50 -25.62 23.15
C VAL D 305 -15.84 -24.57 22.27
N VAL D 306 -16.14 -23.31 22.54
CA VAL D 306 -15.63 -22.19 21.77
C VAL D 306 -14.74 -21.36 22.67
N GLN D 307 -13.51 -21.11 22.25
CA GLN D 307 -12.57 -20.28 22.98
C GLN D 307 -12.36 -18.99 22.20
N GLY D 308 -12.73 -17.87 22.83
CA GLY D 308 -12.75 -16.60 22.12
C GLY D 308 -14.12 -16.29 21.58
N PHE D 309 -14.77 -15.25 22.11
CA PHE D 309 -16.15 -14.92 21.76
C PHE D 309 -16.22 -13.72 20.81
N GLY D 310 -15.29 -13.61 19.87
CA GLY D 310 -15.33 -12.54 18.90
C GLY D 310 -16.43 -12.71 17.86
N ASN D 311 -16.28 -12.05 16.71
CA ASN D 311 -17.27 -12.15 15.66
C ASN D 311 -17.40 -13.58 15.14
N VAL D 312 -16.27 -14.18 14.76
CA VAL D 312 -16.31 -15.50 14.13
C VAL D 312 -16.80 -16.56 15.12
N GLY D 313 -16.34 -16.49 16.37
CA GLY D 313 -16.78 -17.46 17.36
C GLY D 313 -18.27 -17.38 17.61
N LEU D 314 -18.78 -16.16 17.79
CA LEU D 314 -20.22 -15.99 18.04
C LEU D 314 -21.04 -16.51 16.86
N HIS D 315 -20.67 -16.12 15.63
CA HIS D 315 -21.47 -16.52 14.48
C HIS D 315 -21.44 -18.04 14.29
N SER D 316 -20.24 -18.63 14.35
CA SER D 316 -20.13 -20.07 14.16
C SER D 316 -20.86 -20.83 15.24
N MET D 317 -20.76 -20.36 16.50
CA MET D 317 -21.45 -21.02 17.59
C MET D 317 -22.96 -20.94 17.40
N ARG D 318 -23.49 -19.79 16.96
CA ARG D 318 -24.94 -19.72 16.75
C ARG D 318 -25.36 -20.71 15.68
N TYR D 319 -24.64 -20.76 14.55
CA TYR D 319 -25.07 -21.65 13.48
C TYR D 319 -24.97 -23.12 13.90
N LEU D 320 -23.89 -23.47 14.62
CA LEU D 320 -23.74 -24.85 15.07
C LEU D 320 -24.86 -25.23 16.03
N HIS D 321 -25.21 -24.34 16.96
CA HIS D 321 -26.33 -24.62 17.85
C HIS D 321 -27.63 -24.74 17.07
N ARG D 322 -27.82 -23.89 16.06
CA ARG D 322 -29.05 -23.91 15.29
C ARG D 322 -29.23 -25.23 14.54
N PHE D 323 -28.15 -25.80 14.02
CA PHE D 323 -28.26 -27.07 13.29
C PHE D 323 -27.89 -28.28 14.15
N GLY D 324 -28.22 -28.23 15.44
CA GLY D 324 -28.15 -29.43 16.27
C GLY D 324 -26.81 -29.72 16.91
N ALA D 325 -26.29 -28.77 17.70
CA ALA D 325 -25.07 -29.00 18.46
C ALA D 325 -25.22 -28.33 19.82
N LYS D 326 -24.50 -28.87 20.80
CA LYS D 326 -24.55 -28.38 22.18
C LYS D 326 -23.24 -27.69 22.51
N CYS D 327 -23.33 -26.42 22.92
CA CYS D 327 -22.16 -25.67 23.36
C CYS D 327 -22.04 -25.81 24.87
N ILE D 328 -20.96 -26.44 25.32
CA ILE D 328 -20.80 -26.73 26.75
C ILE D 328 -20.08 -25.61 27.48
N ALA D 329 -18.94 -25.17 26.96
CA ALA D 329 -18.14 -24.15 27.62
C ALA D 329 -17.75 -23.07 26.62
N VAL D 330 -17.70 -21.83 27.12
CA VAL D 330 -17.28 -20.68 26.34
C VAL D 330 -16.19 -19.95 27.12
N GLY D 331 -15.08 -19.64 26.45
CA GLY D 331 -13.96 -19.00 27.11
C GLY D 331 -13.62 -17.69 26.42
N GLU D 332 -12.69 -16.96 27.05
CA GLU D 332 -12.22 -15.69 26.55
C GLU D 332 -10.85 -15.41 27.17
N SER D 333 -10.35 -14.19 26.97
CA SER D 333 -9.09 -13.81 27.60
C SER D 333 -9.21 -13.85 29.12
N ASP D 334 -10.31 -13.36 29.66
CA ASP D 334 -10.61 -13.46 31.08
C ASP D 334 -11.22 -14.81 31.40
N GLY D 335 -11.77 -14.96 32.60
CA GLY D 335 -12.30 -16.25 33.02
C GLY D 335 -13.42 -16.74 32.12
N SER D 336 -13.60 -18.05 32.13
CA SER D 336 -14.55 -18.73 31.26
C SER D 336 -15.79 -19.16 32.07
N ILE D 337 -16.70 -19.85 31.38
CA ILE D 337 -17.92 -20.37 31.99
C ILE D 337 -18.08 -21.82 31.54
N TRP D 338 -19.04 -22.50 32.18
CA TRP D 338 -19.30 -23.90 31.86
C TRP D 338 -20.71 -24.25 32.29
N ASN D 339 -21.42 -24.96 31.41
CA ASN D 339 -22.76 -25.45 31.70
C ASN D 339 -23.04 -26.69 30.88
N PRO D 340 -23.05 -27.88 31.50
CA PRO D 340 -23.31 -29.11 30.73
C PRO D 340 -24.68 -29.14 30.07
N ASP D 341 -25.63 -28.34 30.56
CA ASP D 341 -26.96 -28.30 29.97
C ASP D 341 -26.99 -27.54 28.65
N GLY D 342 -25.91 -26.89 28.27
CA GLY D 342 -25.87 -26.09 27.07
C GLY D 342 -26.11 -24.61 27.35
N ILE D 343 -25.63 -23.78 26.43
CA ILE D 343 -25.74 -22.33 26.55
C ILE D 343 -26.51 -21.80 25.35
N ASP D 344 -27.53 -20.99 25.62
CA ASP D 344 -28.31 -20.39 24.55
C ASP D 344 -27.52 -19.29 23.88
N PRO D 345 -27.27 -19.36 22.57
CA PRO D 345 -26.47 -18.31 21.92
C PRO D 345 -27.07 -16.92 22.03
N LYS D 346 -28.39 -16.80 21.88
CA LYS D 346 -29.02 -15.49 21.91
C LYS D 346 -28.89 -14.85 23.29
N GLU D 347 -29.15 -15.63 24.35
CA GLU D 347 -29.05 -15.10 25.70
C GLU D 347 -27.63 -14.67 26.02
N LEU D 348 -26.64 -15.48 25.64
CA LEU D 348 -25.25 -15.13 25.90
C LEU D 348 -24.84 -13.88 25.11
N GLU D 349 -25.28 -13.78 23.86
CA GLU D 349 -24.96 -12.60 23.07
C GLU D 349 -25.59 -11.34 23.67
N ASP D 350 -26.83 -11.44 24.12
CA ASP D 350 -27.49 -10.30 24.75
C ASP D 350 -26.79 -9.92 26.05
N PHE D 351 -26.36 -10.92 26.84
CA PHE D 351 -25.65 -10.63 28.07
C PHE D 351 -24.33 -9.92 27.79
N LYS D 352 -23.58 -10.38 26.79
CA LYS D 352 -22.32 -9.72 26.46
C LYS D 352 -22.56 -8.30 25.96
N LEU D 353 -23.57 -8.12 25.11
CA LEU D 353 -23.88 -6.79 24.59
C LEU D 353 -24.35 -5.87 25.71
N GLN D 354 -24.93 -6.42 26.77
CA GLN D 354 -25.49 -5.60 27.84
C GLN D 354 -24.38 -4.87 28.61
N HIS D 355 -23.35 -5.59 29.02
CA HIS D 355 -22.28 -4.99 29.81
C HIS D 355 -20.99 -5.78 29.62
N GLY D 356 -20.09 -5.28 28.79
CA GLY D 356 -18.73 -5.78 28.73
C GLY D 356 -18.67 -7.27 28.41
N SER D 357 -17.90 -7.99 29.22
CA SER D 357 -17.63 -9.41 29.00
C SER D 357 -18.82 -10.24 29.48
N ILE D 358 -18.62 -11.55 29.56
CA ILE D 358 -19.69 -12.48 29.90
C ILE D 358 -19.56 -12.98 31.33
N LEU D 359 -18.86 -12.24 32.20
CA LEU D 359 -18.70 -12.65 33.58
C LEU D 359 -20.05 -12.61 34.31
N GLY D 360 -20.25 -13.57 35.20
CA GLY D 360 -21.49 -13.65 35.95
C GLY D 360 -22.71 -13.96 35.12
N PHE D 361 -22.55 -14.78 34.10
CA PHE D 361 -23.69 -15.17 33.27
C PHE D 361 -24.57 -16.15 34.04
N PRO D 362 -25.87 -15.91 34.13
CA PRO D 362 -26.75 -16.88 34.82
C PRO D 362 -26.75 -18.22 34.12
N LYS D 363 -26.92 -19.27 34.92
CA LYS D 363 -26.90 -20.66 34.43
C LYS D 363 -25.58 -20.99 33.75
N ALA D 364 -24.49 -20.47 34.29
CA ALA D 364 -23.15 -20.72 33.76
C ALA D 364 -22.17 -20.77 34.93
N LYS D 365 -21.69 -21.97 35.23
CA LYS D 365 -20.73 -22.11 36.33
C LYS D 365 -19.38 -21.54 35.91
N PRO D 366 -18.72 -20.77 36.77
CA PRO D 366 -17.40 -20.22 36.40
C PRO D 366 -16.31 -21.27 36.42
N TYR D 367 -16.16 -21.99 35.32
CA TYR D 367 -15.18 -23.07 35.23
C TYR D 367 -13.77 -22.53 35.45
N GLU D 368 -12.96 -23.32 36.16
CA GLU D 368 -11.57 -23.00 36.43
C GLU D 368 -10.67 -24.03 35.77
N GLY D 369 -9.48 -23.59 35.38
CA GLY D 369 -8.53 -24.44 34.69
C GLY D 369 -8.50 -24.16 33.20
N SER D 370 -7.69 -24.96 32.51
CA SER D 370 -7.50 -24.79 31.08
C SER D 370 -8.70 -25.35 30.32
N ILE D 371 -9.45 -24.47 29.68
CA ILE D 371 -10.59 -24.91 28.87
C ILE D 371 -10.14 -25.69 27.64
N LEU D 372 -8.91 -25.46 27.18
CA LEU D 372 -8.40 -26.18 26.02
C LEU D 372 -8.29 -27.67 26.30
N GLU D 373 -8.13 -28.06 27.56
CA GLU D 373 -8.07 -29.45 27.95
C GLU D 373 -9.42 -30.00 28.40
N ALA D 374 -10.47 -29.19 28.35
CA ALA D 374 -11.78 -29.64 28.80
C ALA D 374 -12.34 -30.71 27.85
N ASP D 375 -13.13 -31.62 28.41
CA ASP D 375 -13.72 -32.68 27.62
C ASP D 375 -14.76 -32.12 26.66
N CYS D 376 -14.66 -32.51 25.39
CA CYS D 376 -15.54 -32.03 24.33
C CYS D 376 -15.32 -32.91 23.11
N ASP D 377 -15.93 -32.54 21.99
CA ASP D 377 -15.71 -33.20 20.72
C ASP D 377 -15.15 -32.28 19.65
N ILE D 378 -15.55 -31.01 19.63
CA ILE D 378 -15.06 -30.03 18.67
C ILE D 378 -14.48 -28.86 19.43
N LEU D 379 -13.29 -28.42 19.03
CA LEU D 379 -12.63 -27.28 19.65
C LEU D 379 -12.46 -26.17 18.62
N ILE D 380 -12.76 -24.94 19.03
CA ILE D 380 -12.73 -23.79 18.12
C ILE D 380 -11.81 -22.72 18.67
N PRO D 381 -10.49 -22.83 18.51
CA PRO D 381 -9.57 -21.80 19.03
C PRO D 381 -9.51 -20.54 18.17
N ALA D 382 -10.49 -19.66 18.38
CA ALA D 382 -10.55 -18.38 17.68
C ALA D 382 -10.01 -17.27 18.58
N ALA D 383 -8.69 -17.25 18.72
CA ALA D 383 -8.02 -16.30 19.59
C ALA D 383 -6.64 -15.99 19.01
N SER D 384 -5.74 -15.46 19.84
CA SER D 384 -4.42 -15.09 19.40
C SER D 384 -3.62 -16.31 18.94
N GLU D 385 -2.41 -16.06 18.47
CA GLU D 385 -1.60 -17.09 17.86
C GLU D 385 -1.08 -18.07 18.91
N LYS D 386 -0.63 -19.23 18.43
CA LYS D 386 -0.01 -20.31 19.22
C LYS D 386 -0.71 -20.51 20.56
N GLN D 387 -2.01 -20.78 20.50
CA GLN D 387 -2.73 -21.15 21.71
C GLN D 387 -2.40 -22.58 22.14
N LEU D 388 -2.19 -23.47 21.17
CA LEU D 388 -1.88 -24.86 21.45
C LEU D 388 -0.39 -25.08 21.23
N THR D 389 0.29 -25.61 22.25
CA THR D 389 1.74 -25.81 22.18
C THR D 389 2.11 -27.25 22.50
N LYS D 390 3.40 -27.52 22.60
CA LYS D 390 3.85 -28.89 22.89
C LYS D 390 3.37 -29.36 24.25
N SER D 391 3.42 -28.47 25.26
CA SER D 391 2.97 -28.84 26.59
C SER D 391 1.47 -29.13 26.62
N ASN D 392 0.68 -28.29 25.93
CA ASN D 392 -0.77 -28.43 26.00
C ASN D 392 -1.26 -29.61 25.16
N ALA D 393 -0.50 -29.99 24.13
CA ALA D 393 -0.98 -30.96 23.14
C ALA D 393 -1.39 -32.31 23.73
N PRO D 394 -0.61 -32.97 24.59
CA PRO D 394 -1.02 -34.30 25.06
C PRO D 394 -2.11 -34.28 26.11
N ARG D 395 -2.41 -33.12 26.70
CA ARG D 395 -3.35 -33.04 27.81
C ARG D 395 -4.77 -32.65 27.36
N VAL D 396 -5.01 -32.52 26.06
CA VAL D 396 -6.33 -32.18 25.56
C VAL D 396 -7.14 -33.45 25.35
N LYS D 397 -8.45 -33.32 25.41
CA LYS D 397 -9.35 -34.44 25.22
C LYS D 397 -10.26 -34.28 24.00
N ALA D 398 -10.12 -33.20 23.25
CA ALA D 398 -10.96 -32.99 22.07
C ALA D 398 -10.59 -33.97 20.96
N LYS D 399 -11.57 -34.26 20.11
CA LYS D 399 -11.36 -35.16 18.99
C LYS D 399 -11.07 -34.44 17.68
N ILE D 400 -11.68 -33.27 17.46
CA ILE D 400 -11.50 -32.50 16.24
C ILE D 400 -11.08 -31.10 16.62
N ILE D 401 -10.07 -30.57 15.94
CA ILE D 401 -9.60 -29.20 16.15
C ILE D 401 -9.93 -28.40 14.90
N ALA D 402 -10.67 -27.31 15.08
CA ALA D 402 -11.10 -26.46 13.98
C ALA D 402 -10.47 -25.08 14.17
N GLU D 403 -9.38 -24.83 13.44
CA GLU D 403 -8.64 -23.58 13.57
C GLU D 403 -9.45 -22.43 12.98
N GLY D 404 -9.99 -21.58 13.84
CA GLY D 404 -10.74 -20.43 13.40
C GLY D 404 -9.93 -19.14 13.28
N ALA D 405 -8.68 -19.16 13.69
CA ALA D 405 -7.81 -17.99 13.64
C ALA D 405 -6.57 -18.32 12.82
N ASN D 406 -5.61 -17.39 12.80
CA ASN D 406 -4.39 -17.54 12.00
C ASN D 406 -3.36 -18.28 12.83
N GLY D 407 -3.26 -19.58 12.59
CA GLY D 407 -2.28 -20.42 13.25
C GLY D 407 -2.44 -20.53 14.74
N PRO D 408 -3.55 -21.13 15.20
CA PRO D 408 -3.69 -21.40 16.64
C PRO D 408 -2.69 -22.41 17.17
N THR D 409 -2.16 -23.28 16.32
CA THR D 409 -1.28 -24.36 16.74
C THR D 409 0.11 -24.18 16.14
N THR D 410 1.11 -24.63 16.88
CA THR D 410 2.51 -24.62 16.47
C THR D 410 2.89 -25.95 15.81
N PRO D 411 3.80 -25.92 14.84
CA PRO D 411 4.19 -27.17 14.17
C PRO D 411 4.76 -28.22 15.11
N GLU D 412 5.41 -27.81 16.20
CA GLU D 412 5.92 -28.77 17.16
C GLU D 412 4.80 -29.56 17.82
N ALA D 413 3.62 -28.97 17.99
CA ALA D 413 2.48 -29.66 18.57
C ALA D 413 1.62 -30.35 17.52
N ASP D 414 1.87 -30.10 16.23
CA ASP D 414 1.14 -30.77 15.17
C ASP D 414 1.52 -32.23 15.05
N LYS D 415 2.81 -32.54 15.20
CA LYS D 415 3.24 -33.94 15.20
C LYS D 415 2.64 -34.70 16.37
N ILE D 416 2.45 -34.03 17.51
CA ILE D 416 1.83 -34.68 18.66
C ILE D 416 0.40 -35.11 18.32
N PHE D 417 -0.37 -34.20 17.71
CA PHE D 417 -1.73 -34.52 17.32
C PHE D 417 -1.74 -35.61 16.25
N LEU D 418 -0.81 -35.56 15.31
CA LEU D 418 -0.75 -36.59 14.28
C LEU D 418 -0.44 -37.95 14.87
N GLU D 419 0.38 -37.99 15.92
CA GLU D 419 0.73 -39.26 16.55
C GLU D 419 -0.49 -39.93 17.15
N ARG D 420 -1.36 -39.16 17.81
CA ARG D 420 -2.56 -39.69 18.45
C ARG D 420 -3.81 -39.49 17.59
N ASN D 421 -3.64 -39.48 16.28
CA ASN D 421 -4.73 -39.40 15.28
C ASN D 421 -5.83 -38.44 15.70
N ILE D 422 -5.44 -37.19 15.93
CA ILE D 422 -6.36 -36.11 16.22
C ILE D 422 -6.49 -35.25 14.97
N MET D 423 -7.69 -35.18 14.41
CA MET D 423 -7.90 -34.42 13.19
C MET D 423 -7.83 -32.92 13.47
N VAL D 424 -7.07 -32.22 12.63
CA VAL D 424 -6.91 -30.77 12.75
C VAL D 424 -7.26 -30.17 11.39
N ILE D 425 -8.37 -29.44 11.33
CA ILE D 425 -8.77 -28.77 10.09
C ILE D 425 -7.92 -27.52 9.91
N PRO D 426 -7.24 -27.37 8.77
CA PRO D 426 -6.29 -26.26 8.61
C PRO D 426 -7.01 -24.91 8.64
N ASP D 427 -6.30 -23.90 9.15
CA ASP D 427 -6.81 -22.55 9.13
C ASP D 427 -6.81 -21.95 7.73
N LEU D 428 -5.94 -22.46 6.84
CA LEU D 428 -5.88 -21.94 5.49
C LEU D 428 -7.18 -22.16 4.73
N TYR D 429 -7.96 -23.16 5.13
CA TYR D 429 -9.21 -23.48 4.46
C TYR D 429 -10.44 -23.04 5.24
N LEU D 430 -10.37 -23.01 6.57
CA LEU D 430 -11.58 -22.89 7.37
C LEU D 430 -12.20 -21.50 7.28
N ASN D 431 -11.38 -20.46 7.26
CA ASN D 431 -11.87 -19.08 7.34
C ASN D 431 -11.71 -18.33 6.01
N ALA D 432 -12.01 -19.00 4.89
CA ALA D 432 -11.95 -18.36 3.59
C ALA D 432 -13.25 -17.66 3.21
N GLY D 433 -14.27 -17.71 4.07
CA GLY D 433 -15.50 -16.99 3.78
C GLY D 433 -15.31 -15.51 3.65
N GLY D 434 -14.39 -14.93 4.43
CA GLY D 434 -14.15 -13.50 4.36
C GLY D 434 -13.66 -13.06 2.99
N VAL D 435 -12.77 -13.83 2.38
CA VAL D 435 -12.30 -13.49 1.05
C VAL D 435 -13.30 -13.90 -0.03
N THR D 436 -14.08 -14.96 0.20
CA THR D 436 -15.10 -15.35 -0.76
C THR D 436 -16.16 -14.26 -0.92
N VAL D 437 -16.66 -13.74 0.21
CA VAL D 437 -17.67 -12.70 0.12
C VAL D 437 -17.07 -11.40 -0.42
N SER D 438 -15.78 -11.16 -0.15
CA SER D 438 -15.12 -10.01 -0.75
C SER D 438 -15.07 -10.13 -2.26
N TYR D 439 -14.77 -11.33 -2.76
CA TYR D 439 -14.80 -11.58 -4.20
C TYR D 439 -16.19 -11.35 -4.76
N PHE D 440 -17.22 -11.81 -4.05
CA PHE D 440 -18.59 -11.60 -4.50
C PHE D 440 -18.94 -10.12 -4.54
N GLU D 441 -18.50 -9.35 -3.53
CA GLU D 441 -18.76 -7.92 -3.51
C GLU D 441 -18.04 -7.21 -4.65
N TRP D 442 -16.81 -7.63 -4.95
CA TRP D 442 -16.09 -7.06 -6.08
C TRP D 442 -16.83 -7.33 -7.39
N LEU D 443 -17.33 -8.56 -7.55
CA LEU D 443 -18.11 -8.88 -8.74
C LEU D 443 -19.38 -8.03 -8.83
N LYS D 444 -20.05 -7.82 -7.69
CA LYS D 444 -21.25 -7.00 -7.68
C LYS D 444 -20.92 -5.56 -8.08
N ASN D 445 -19.83 -5.02 -7.56
CA ASN D 445 -19.43 -3.67 -7.94
C ASN D 445 -19.11 -3.58 -9.43
N LEU D 446 -18.51 -4.63 -9.99
CA LEU D 446 -18.26 -4.65 -11.43
C LEU D 446 -19.55 -4.75 -12.23
N ASN D 447 -20.56 -5.44 -11.71
CA ASN D 447 -21.79 -5.65 -12.46
C ASN D 447 -22.74 -4.46 -12.39
N HIS D 448 -22.53 -3.54 -11.45
CA HIS D 448 -23.37 -2.35 -11.29
C HIS D 448 -24.83 -2.71 -11.02
N VAL D 449 -25.08 -3.86 -10.39
CA VAL D 449 -26.44 -4.28 -10.08
C VAL D 449 -26.38 -5.30 -8.96
N SER D 450 -27.36 -5.23 -8.06
CA SER D 450 -27.45 -6.20 -6.98
C SER D 450 -27.86 -7.56 -7.51
N TYR D 451 -27.45 -8.61 -6.80
CA TYR D 451 -27.70 -9.97 -7.25
C TYR D 451 -29.19 -10.31 -7.15
N GLY D 452 -29.70 -10.99 -8.19
CA GLY D 452 -31.03 -11.53 -8.17
C GLY D 452 -32.15 -10.53 -8.39
N ARG D 453 -31.84 -9.27 -8.69
CA ARG D 453 -32.89 -8.28 -8.87
C ARG D 453 -33.77 -8.61 -10.08
N LEU D 454 -33.16 -9.10 -11.15
CA LEU D 454 -33.86 -9.33 -12.41
C LEU D 454 -34.41 -10.74 -12.55
N THR D 455 -34.31 -11.59 -11.54
CA THR D 455 -34.69 -12.99 -11.67
C THR D 455 -35.65 -13.50 -10.61
N PHE D 456 -35.91 -12.75 -9.54
CA PHE D 456 -36.74 -13.28 -8.46
C PHE D 456 -38.18 -13.51 -8.92
N LYS D 457 -38.79 -12.49 -9.54
CA LYS D 457 -40.18 -12.61 -9.97
C LYS D 457 -40.33 -13.66 -11.05
N TYR D 458 -39.36 -13.76 -11.97
CA TYR D 458 -39.40 -14.78 -13.01
C TYR D 458 -39.42 -16.17 -12.40
N GLU D 459 -38.54 -16.43 -11.44
CA GLU D 459 -38.50 -17.73 -10.80
C GLU D 459 -39.77 -18.02 -10.01
N ARG D 460 -40.31 -17.00 -9.34
CA ARG D 460 -41.56 -17.20 -8.60
C ARG D 460 -42.70 -17.60 -9.54
N ASP D 461 -42.80 -16.89 -10.68
CA ASP D 461 -43.84 -17.22 -11.65
C ASP D 461 -43.63 -18.61 -12.22
N SER D 462 -42.38 -18.99 -12.49
CA SER D 462 -42.10 -20.32 -13.02
C SER D 462 -42.50 -21.41 -12.03
N ASN D 463 -42.20 -21.22 -10.74
CA ASN D 463 -42.57 -22.20 -9.75
C ASN D 463 -44.09 -22.31 -9.62
N TYR D 464 -44.78 -21.16 -9.62
CA TYR D 464 -46.24 -21.20 -9.54
C TYR D 464 -46.83 -21.91 -10.75
N HIS D 465 -46.28 -21.67 -11.94
CA HIS D 465 -46.76 -22.35 -13.13
C HIS D 465 -46.53 -23.84 -13.05
N LEU D 466 -45.37 -24.27 -12.54
CA LEU D 466 -45.11 -25.70 -12.38
C LEU D 466 -46.13 -26.34 -11.45
N LEU D 467 -46.39 -25.69 -10.31
CA LEU D 467 -47.34 -26.25 -9.36
C LEU D 467 -48.74 -26.31 -9.95
N MET D 468 -49.16 -25.25 -10.66
CA MET D 468 -50.48 -25.26 -11.27
C MET D 468 -50.58 -26.36 -12.33
N SER D 469 -49.52 -26.55 -13.12
CA SER D 469 -49.54 -27.57 -14.16
C SER D 469 -49.65 -28.97 -13.55
N VAL D 470 -48.88 -29.25 -12.51
CA VAL D 470 -48.96 -30.57 -11.89
C VAL D 470 -50.33 -30.77 -11.24
N GLN D 471 -50.90 -29.70 -10.67
CA GLN D 471 -52.23 -29.81 -10.07
C GLN D 471 -53.27 -30.15 -11.13
N GLU D 472 -53.28 -29.43 -12.24
CA GLU D 472 -54.27 -29.68 -13.29
C GLU D 472 -54.10 -31.08 -13.88
N SER D 473 -52.85 -31.48 -14.13
CA SER D 473 -52.61 -32.80 -14.70
C SER D 473 -53.04 -33.91 -13.75
N LEU D 474 -52.82 -33.72 -12.45
CA LEU D 474 -53.24 -34.74 -11.48
C LEU D 474 -54.76 -34.77 -11.36
N GLU D 475 -55.41 -33.61 -11.42
CA GLU D 475 -56.87 -33.59 -11.38
C GLU D 475 -57.48 -34.23 -12.62
N ARG D 476 -56.78 -34.17 -13.75
CA ARG D 476 -57.33 -34.73 -14.98
C ARG D 476 -57.58 -36.23 -14.86
N LYS D 477 -56.62 -36.97 -14.29
CA LYS D 477 -56.78 -38.41 -14.20
C LYS D 477 -57.80 -38.81 -13.15
N PHE D 478 -57.74 -38.20 -11.97
CA PHE D 478 -58.61 -38.58 -10.85
C PHE D 478 -59.94 -37.80 -10.93
N GLY D 479 -60.71 -38.12 -11.96
CA GLY D 479 -62.01 -37.51 -12.15
C GLY D 479 -61.93 -36.15 -12.84
N GLY D 482 -64.24 -34.26 -7.45
CA GLY D 482 -63.27 -33.81 -6.47
C GLY D 482 -62.07 -33.14 -7.08
N GLY D 483 -61.47 -32.21 -6.34
CA GLY D 483 -60.30 -31.50 -6.83
C GLY D 483 -59.18 -31.43 -5.81
N THR D 484 -58.03 -32.01 -6.15
CA THR D 484 -56.85 -31.96 -5.29
C THR D 484 -56.20 -30.59 -5.38
N ILE D 485 -55.53 -30.20 -4.30
CA ILE D 485 -54.91 -28.88 -4.23
C ILE D 485 -53.43 -29.02 -3.89
N PRO D 486 -52.58 -29.47 -4.82
CA PRO D 486 -51.14 -29.46 -4.56
C PRO D 486 -50.47 -28.12 -4.83
N ILE D 487 -51.23 -27.10 -5.24
CA ILE D 487 -50.65 -25.81 -5.57
C ILE D 487 -50.03 -25.13 -4.35
N VAL D 488 -50.51 -25.44 -3.15
CA VAL D 488 -50.02 -24.78 -1.95
C VAL D 488 -48.61 -25.26 -1.62
N PRO D 489 -47.65 -24.35 -1.48
CA PRO D 489 -46.31 -24.74 -1.04
C PRO D 489 -46.25 -24.89 0.47
N THR D 490 -45.14 -25.45 0.93
CA THR D 490 -44.93 -25.60 2.37
C THR D 490 -44.62 -24.25 3.00
N ALA D 491 -44.68 -24.21 4.33
CA ALA D 491 -44.43 -22.96 5.06
C ALA D 491 -43.00 -22.48 4.83
N GLU D 492 -42.03 -23.39 4.88
CA GLU D 492 -40.64 -22.99 4.67
C GLU D 492 -40.44 -22.47 3.25
N PHE D 493 -41.00 -23.15 2.26
CA PHE D 493 -40.87 -22.69 0.88
C PHE D 493 -41.57 -21.35 0.67
N GLN D 494 -42.74 -21.17 1.30
CA GLN D 494 -43.44 -19.88 1.18
C GLN D 494 -42.63 -18.76 1.81
N ASP D 495 -42.03 -19.01 2.98
CA ASP D 495 -41.21 -17.99 3.61
C ASP D 495 -39.97 -17.69 2.76
N ARG D 496 -39.38 -18.70 2.15
CA ARG D 496 -38.24 -18.49 1.27
C ARG D 496 -38.63 -17.65 0.06
N ILE D 497 -39.81 -17.92 -0.52
CA ILE D 497 -40.26 -17.17 -1.67
C ILE D 497 -40.54 -15.71 -1.30
N SER D 498 -41.22 -15.49 -0.17
CA SER D 498 -41.61 -14.15 0.21
C SER D 498 -40.40 -13.27 0.52
N GLY D 499 -39.40 -13.82 1.20
CA GLY D 499 -38.28 -13.02 1.65
C GLY D 499 -36.98 -13.28 0.92
N ALA D 500 -37.04 -13.47 -0.40
CA ALA D 500 -35.84 -13.65 -1.19
C ALA D 500 -35.06 -12.35 -1.27
N SER D 501 -33.73 -12.45 -1.17
CA SER D 501 -32.88 -11.27 -1.18
C SER D 501 -31.47 -11.70 -1.61
N GLU D 502 -30.52 -10.78 -1.47
CA GLU D 502 -29.15 -11.05 -1.89
C GLU D 502 -28.44 -12.00 -0.94
N LYS D 503 -28.79 -11.94 0.35
CA LYS D 503 -28.10 -12.75 1.35
C LYS D 503 -28.23 -14.24 1.04
N ASP D 504 -29.38 -14.65 0.50
CA ASP D 504 -29.56 -16.06 0.15
C ASP D 504 -28.57 -16.48 -0.93
N ILE D 505 -28.42 -15.65 -1.96
CA ILE D 505 -27.48 -15.97 -3.04
C ILE D 505 -26.06 -16.00 -2.52
N VAL D 506 -25.69 -15.04 -1.67
CA VAL D 506 -24.35 -15.00 -1.12
C VAL D 506 -24.06 -16.25 -0.30
N HIS D 507 -25.01 -16.64 0.55
CA HIS D 507 -24.82 -17.83 1.38
C HIS D 507 -24.73 -19.09 0.52
N SER D 508 -25.56 -19.18 -0.51
CA SER D 508 -25.50 -20.33 -1.41
C SER D 508 -24.14 -20.44 -2.08
N GLY D 509 -23.63 -19.32 -2.60
CA GLY D 509 -22.32 -19.34 -3.23
C GLY D 509 -21.22 -19.72 -2.28
N LEU D 510 -21.28 -19.18 -1.05
CA LEU D 510 -20.27 -19.51 -0.04
C LEU D 510 -20.29 -20.99 0.28
N ALA D 511 -21.48 -21.56 0.48
CA ALA D 511 -21.58 -22.98 0.80
C ALA D 511 -21.05 -23.84 -0.33
N TYR D 512 -21.41 -23.48 -1.57
CA TYR D 512 -20.93 -24.25 -2.72
C TYR D 512 -19.41 -24.21 -2.80
N THR D 513 -18.81 -23.03 -2.62
CA THR D 513 -17.36 -22.91 -2.68
C THR D 513 -16.68 -23.74 -1.60
N MET D 514 -17.19 -23.66 -0.37
CA MET D 514 -16.58 -24.41 0.73
C MET D 514 -16.68 -25.91 0.47
N GLU D 515 -17.83 -26.38 0.00
CA GLU D 515 -17.99 -27.82 -0.26
C GLU D 515 -17.03 -28.29 -1.35
N ARG D 516 -16.92 -27.53 -2.44
CA ARG D 516 -16.02 -27.95 -3.52
C ARG D 516 -14.57 -27.95 -3.06
N SER D 517 -14.17 -26.93 -2.29
CA SER D 517 -12.80 -26.89 -1.79
C SER D 517 -12.52 -28.06 -0.85
N ALA D 518 -13.48 -28.41 0.01
CA ALA D 518 -13.30 -29.54 0.90
C ALA D 518 -13.13 -30.83 0.11
N ARG D 519 -13.95 -31.03 -0.92
CA ARG D 519 -13.83 -32.24 -1.73
C ARG D 519 -12.46 -32.30 -2.41
N GLN D 520 -12.00 -31.18 -2.96
CA GLN D 520 -10.70 -31.16 -3.61
C GLN D 520 -9.57 -31.47 -2.63
N ILE D 521 -9.64 -30.90 -1.42
CA ILE D 521 -8.61 -31.16 -0.42
C ILE D 521 -8.60 -32.63 -0.04
N MET D 522 -9.78 -33.22 0.15
CA MET D 522 -9.85 -34.63 0.51
C MET D 522 -9.26 -35.50 -0.58
N ARG D 523 -9.57 -35.21 -1.84
CA ARG D 523 -9.05 -36.03 -2.93
C ARG D 523 -7.54 -35.87 -3.07
N THR D 524 -7.02 -34.66 -2.84
CA THR D 524 -5.57 -34.48 -2.88
C THR D 524 -4.88 -35.26 -1.78
N ALA D 525 -5.43 -35.20 -0.56
CA ALA D 525 -4.84 -35.94 0.56
C ALA D 525 -4.87 -37.44 0.29
N MET D 526 -5.96 -37.92 -0.31
CA MET D 526 -6.01 -39.34 -0.67
C MET D 526 -4.97 -39.68 -1.74
N LYS D 527 -4.77 -38.78 -2.70
CA LYS D 527 -3.88 -39.07 -3.81
C LYS D 527 -2.42 -39.10 -3.39
N TYR D 528 -2.00 -38.19 -2.51
CA TYR D 528 -0.62 -38.19 -2.01
C TYR D 528 -0.45 -38.99 -0.73
N ASN D 529 -1.37 -39.92 -0.44
CA ASN D 529 -1.19 -40.88 0.64
C ASN D 529 -0.91 -40.20 1.98
N LEU D 530 -1.63 -39.12 2.25
CA LEU D 530 -1.55 -38.44 3.53
C LEU D 530 -2.68 -38.91 4.43
N GLY D 531 -2.44 -38.84 5.74
CA GLY D 531 -3.43 -39.31 6.69
C GLY D 531 -4.37 -38.21 7.13
N LEU D 532 -4.29 -37.83 8.40
CA LEU D 532 -5.08 -36.73 8.94
C LEU D 532 -4.33 -35.40 8.88
N ASP D 533 -3.16 -35.37 8.26
CA ASP D 533 -2.36 -34.15 8.13
C ASP D 533 -2.92 -33.31 6.97
N LEU D 534 -4.05 -32.67 7.25
CA LEU D 534 -4.75 -31.90 6.22
C LEU D 534 -4.04 -30.60 5.88
N ARG D 535 -3.22 -30.08 6.78
CA ARG D 535 -2.49 -28.84 6.51
C ARG D 535 -1.58 -29.01 5.30
N THR D 536 -0.81 -30.10 5.27
CA THR D 536 0.07 -30.35 4.14
C THR D 536 -0.73 -30.59 2.87
N ALA D 537 -1.87 -31.25 2.98
CA ALA D 537 -2.71 -31.47 1.81
C ALA D 537 -3.18 -30.15 1.21
N ALA D 538 -3.63 -29.23 2.06
CA ALA D 538 -4.09 -27.93 1.56
C ALA D 538 -2.95 -27.15 0.95
N TYR D 539 -1.78 -27.14 1.60
CA TYR D 539 -0.64 -26.42 1.05
C TYR D 539 -0.19 -27.01 -0.28
N VAL D 540 -0.17 -28.33 -0.39
CA VAL D 540 0.18 -28.98 -1.65
C VAL D 540 -0.82 -28.63 -2.74
N ASN D 541 -2.11 -28.63 -2.41
CA ASN D 541 -3.12 -28.28 -3.41
C ASN D 541 -2.93 -26.85 -3.90
N ALA D 542 -2.70 -25.91 -2.97
CA ALA D 542 -2.50 -24.52 -3.36
C ALA D 542 -1.25 -24.36 -4.23
N ILE D 543 -0.15 -25.01 -3.84
CA ILE D 543 1.09 -24.90 -4.60
C ILE D 543 0.93 -25.48 -5.98
N GLU D 544 0.25 -26.63 -6.09
CA GLU D 544 0.02 -27.24 -7.39
C GLU D 544 -0.82 -26.33 -8.29
N LYS D 545 -1.87 -25.72 -7.73
CA LYS D 545 -2.69 -24.82 -8.53
C LYS D 545 -1.88 -23.62 -9.01
N VAL D 546 -1.07 -23.03 -8.12
CA VAL D 546 -0.28 -21.86 -8.50
C VAL D 546 0.73 -22.24 -9.57
N PHE D 547 1.38 -23.40 -9.42
CA PHE D 547 2.33 -23.84 -10.44
C PHE D 547 1.65 -24.08 -11.78
N LYS D 548 0.48 -24.70 -11.77
CA LYS D 548 -0.23 -24.94 -13.01
C LYS D 548 -0.61 -23.64 -13.70
N VAL D 549 -1.06 -22.65 -12.93
CA VAL D 549 -1.40 -21.37 -13.53
C VAL D 549 -0.16 -20.68 -14.09
N TYR D 550 0.95 -20.71 -13.35
CA TYR D 550 2.12 -19.92 -13.71
C TYR D 550 2.96 -20.57 -14.79
N ASN D 551 2.85 -21.88 -14.97
CA ASN D 551 3.68 -22.60 -15.94
C ASN D 551 3.22 -22.36 -17.38
N GLU D 552 1.92 -22.37 -17.62
CA GLU D 552 1.38 -22.37 -18.97
C GLU D 552 1.46 -21.02 -19.66
N ALA D 553 2.18 -20.06 -19.10
CA ALA D 553 2.36 -18.75 -19.71
C ALA D 553 3.80 -18.50 -20.14
N GLY D 554 4.75 -18.63 -19.22
CA GLY D 554 6.15 -18.40 -19.54
C GLY D 554 6.81 -19.59 -20.19
N PRO E 64 -10.91 -22.05 -59.45
CA PRO E 64 -12.04 -21.75 -58.57
C PRO E 64 -11.60 -21.39 -57.16
N ASN E 65 -10.91 -20.26 -57.01
CA ASN E 65 -10.48 -19.81 -55.70
C ASN E 65 -11.69 -19.35 -54.88
N PHE E 66 -11.51 -19.37 -53.55
CA PHE E 66 -12.61 -19.03 -52.66
C PHE E 66 -13.09 -17.60 -52.84
N PHE E 67 -12.20 -16.70 -53.26
CA PHE E 67 -12.60 -15.31 -53.46
C PHE E 67 -13.70 -15.20 -54.50
N LYS E 68 -13.54 -15.91 -55.63
CA LYS E 68 -14.55 -15.86 -56.68
C LYS E 68 -15.87 -16.43 -56.19
N MET E 69 -15.83 -17.55 -55.46
CA MET E 69 -17.06 -18.17 -55.00
C MET E 69 -17.79 -17.28 -53.99
N VAL E 70 -17.07 -16.69 -53.05
CA VAL E 70 -17.73 -15.85 -52.06
C VAL E 70 -18.27 -14.57 -52.71
N GLU E 71 -17.53 -14.02 -53.69
CA GLU E 71 -18.03 -12.86 -54.42
C GLU E 71 -19.31 -13.19 -55.17
N GLY E 72 -19.34 -14.35 -55.83
CA GLY E 72 -20.55 -14.76 -56.52
C GLY E 72 -21.72 -14.98 -55.58
N PHE E 73 -21.47 -15.60 -54.44
CA PHE E 73 -22.52 -15.82 -53.46
C PHE E 73 -23.09 -14.50 -52.96
N PHE E 74 -22.21 -13.55 -52.64
CA PHE E 74 -22.67 -12.24 -52.17
C PHE E 74 -23.45 -11.52 -53.26
N ASP E 75 -22.98 -11.60 -54.51
CA ASP E 75 -23.69 -10.93 -55.60
C ASP E 75 -25.08 -11.51 -55.79
N ARG E 76 -25.20 -12.85 -55.76
CA ARG E 76 -26.51 -13.47 -55.91
C ARG E 76 -27.43 -13.07 -54.76
N GLY E 77 -26.91 -13.09 -53.53
CA GLY E 77 -27.74 -12.69 -52.40
C GLY E 77 -28.21 -11.26 -52.49
N ALA E 78 -27.31 -10.35 -52.87
CA ALA E 78 -27.69 -8.94 -53.00
C ALA E 78 -28.73 -8.75 -54.10
N SER E 79 -28.54 -9.41 -55.24
CA SER E 79 -29.51 -9.29 -56.32
C SER E 79 -30.88 -9.82 -55.90
N ILE E 80 -30.90 -10.93 -55.16
CA ILE E 80 -32.17 -11.51 -54.73
C ILE E 80 -32.85 -10.60 -53.71
N VAL E 81 -32.08 -9.97 -52.82
CA VAL E 81 -32.72 -9.24 -51.74
C VAL E 81 -33.12 -7.82 -52.13
N GLU E 82 -32.34 -7.16 -52.99
CA GLU E 82 -32.54 -5.73 -53.22
C GLU E 82 -33.90 -5.43 -53.83
N ASP E 83 -34.34 -6.25 -54.79
CA ASP E 83 -35.56 -5.95 -55.55
C ASP E 83 -36.76 -5.75 -54.64
N LYS E 84 -36.85 -6.53 -53.56
CA LYS E 84 -37.94 -6.34 -52.60
C LYS E 84 -37.53 -5.45 -51.45
N LEU E 85 -36.22 -5.31 -51.18
CA LEU E 85 -35.78 -4.37 -50.16
C LEU E 85 -35.99 -2.93 -50.59
N VAL E 86 -36.30 -2.68 -51.87
CA VAL E 86 -36.46 -1.31 -52.34
C VAL E 86 -37.54 -0.58 -51.57
N GLU E 87 -38.73 -1.17 -51.44
CA GLU E 87 -39.87 -0.48 -50.87
C GLU E 87 -40.61 -1.25 -49.80
N ASP E 88 -40.41 -2.57 -49.68
CA ASP E 88 -41.20 -3.35 -48.74
C ASP E 88 -40.97 -2.90 -47.30
N LEU E 89 -39.72 -2.61 -46.94
CA LEU E 89 -39.37 -2.27 -45.58
C LEU E 89 -38.92 -0.83 -45.37
N ARG E 90 -38.62 -0.10 -46.45
CA ARG E 90 -38.12 1.27 -46.29
C ARG E 90 -39.24 2.20 -45.85
N THR E 91 -38.92 3.08 -44.91
CA THR E 91 -39.87 4.04 -44.33
C THR E 91 -41.19 3.39 -43.93
N GLU E 95 -37.20 8.59 -50.11
CA GLU E 95 -38.44 9.14 -50.67
C GLU E 95 -38.29 9.43 -52.16
N GLU E 96 -39.41 9.38 -52.88
CA GLU E 96 -39.45 9.68 -54.32
C GLU E 96 -38.50 8.79 -55.11
N GLN E 97 -38.43 7.52 -54.71
CA GLN E 97 -37.71 6.48 -55.46
C GLN E 97 -36.22 6.82 -55.64
N LYS E 98 -35.60 7.32 -54.57
CA LYS E 98 -34.16 7.27 -54.43
C LYS E 98 -33.71 6.08 -53.59
N ARG E 99 -34.64 5.22 -53.18
CA ARG E 99 -34.27 4.01 -52.45
C ARG E 99 -33.42 3.09 -53.30
N ASN E 100 -33.65 3.07 -54.61
CA ASN E 100 -32.81 2.27 -55.49
C ASN E 100 -31.42 2.89 -55.63
N ARG E 101 -31.33 4.22 -55.51
CA ARG E 101 -30.05 4.90 -55.61
C ARG E 101 -29.30 4.96 -54.28
N VAL E 102 -29.93 4.55 -53.18
CA VAL E 102 -29.27 4.59 -51.89
C VAL E 102 -28.72 3.20 -51.59
N ARG E 103 -28.71 2.34 -52.61
CA ARG E 103 -28.14 1.01 -52.49
C ARG E 103 -26.63 0.99 -52.75
N GLY E 104 -25.95 2.08 -52.45
CA GLY E 104 -24.51 2.01 -52.31
C GLY E 104 -24.07 1.32 -51.04
N ILE E 105 -25.01 1.05 -50.12
CA ILE E 105 -24.68 0.31 -48.91
C ILE E 105 -24.22 -1.10 -49.25
N LEU E 106 -24.92 -1.76 -50.18
CA LEU E 106 -24.47 -3.06 -50.65
C LEU E 106 -23.11 -2.96 -51.31
N ARG E 107 -22.82 -1.84 -51.97
CA ARG E 107 -21.49 -1.62 -52.52
C ARG E 107 -20.44 -1.52 -51.42
N ILE E 108 -20.78 -0.86 -50.31
CA ILE E 108 -19.86 -0.76 -49.18
C ILE E 108 -19.63 -2.12 -48.52
N ILE E 109 -20.67 -2.97 -48.52
CA ILE E 109 -20.57 -4.27 -47.84
C ILE E 109 -19.44 -5.11 -48.44
N LYS E 110 -19.34 -5.14 -49.76
CA LYS E 110 -18.49 -6.14 -50.42
C LYS E 110 -17.01 -6.04 -50.06
N PRO E 111 -16.34 -4.90 -50.19
CA PRO E 111 -14.89 -4.90 -50.00
C PRO E 111 -14.49 -4.87 -48.53
N CYS E 112 -13.25 -5.27 -48.27
CA CYS E 112 -12.70 -5.24 -46.93
C CYS E 112 -12.27 -3.83 -46.56
N ASN E 113 -12.54 -3.44 -45.31
CA ASN E 113 -12.24 -2.08 -44.88
C ASN E 113 -10.74 -1.86 -44.69
N HIS E 114 -10.06 -2.81 -44.06
CA HIS E 114 -8.65 -2.65 -43.74
C HIS E 114 -7.90 -3.95 -44.03
N VAL E 115 -6.61 -3.79 -44.34
CA VAL E 115 -5.70 -4.93 -44.47
C VAL E 115 -4.29 -4.41 -44.22
N LEU E 116 -3.50 -5.18 -43.47
CA LEU E 116 -2.19 -4.75 -43.03
C LEU E 116 -1.18 -5.85 -43.27
N SER E 117 -0.02 -5.47 -43.81
CA SER E 117 1.08 -6.38 -44.06
C SER E 117 2.27 -6.01 -43.18
N LEU E 118 2.97 -7.01 -42.68
CA LEU E 118 4.05 -6.80 -41.72
C LEU E 118 5.34 -7.43 -42.22
N SER E 119 6.44 -6.99 -41.63
CA SER E 119 7.76 -7.57 -41.88
C SER E 119 8.60 -7.31 -40.63
N PHE E 120 8.73 -8.32 -39.77
CA PHE E 120 9.42 -8.14 -38.51
C PHE E 120 10.56 -9.13 -38.38
N PRO E 121 11.65 -8.75 -37.71
CA PRO E 121 12.79 -9.65 -37.57
C PRO E 121 12.76 -10.45 -36.28
N ILE E 122 13.39 -11.62 -36.34
CA ILE E 122 13.60 -12.47 -35.18
C ILE E 122 15.05 -12.95 -35.19
N ARG E 123 15.51 -13.42 -34.04
CA ARG E 123 16.83 -14.01 -33.89
C ARG E 123 16.68 -15.50 -33.65
N ARG E 124 17.29 -16.31 -34.52
CA ARG E 124 17.17 -17.75 -34.41
C ARG E 124 18.05 -18.27 -33.27
N ASP E 125 17.93 -19.58 -33.02
CA ASP E 125 18.67 -20.19 -31.92
C ASP E 125 20.18 -20.20 -32.17
N ASP E 126 20.58 -20.23 -33.43
CA ASP E 126 22.00 -20.25 -33.79
C ASP E 126 22.57 -18.84 -33.96
N GLY E 127 21.80 -17.80 -33.65
CA GLY E 127 22.26 -16.44 -33.77
C GLY E 127 21.96 -15.77 -35.10
N SER E 128 21.46 -16.51 -36.08
CA SER E 128 21.12 -15.93 -37.37
C SER E 128 19.87 -15.05 -37.25
N TRP E 129 19.75 -14.13 -38.19
CA TRP E 129 18.60 -13.23 -38.27
C TRP E 129 17.71 -13.65 -39.42
N GLU E 130 16.42 -13.34 -39.30
CA GLU E 130 15.45 -13.70 -40.32
C GLU E 130 14.30 -12.70 -40.30
N VAL E 131 13.76 -12.42 -41.48
CA VAL E 131 12.64 -11.50 -41.66
C VAL E 131 11.40 -12.33 -41.99
N ILE E 132 10.32 -12.08 -41.27
CA ILE E 132 9.08 -12.85 -41.38
C ILE E 132 7.95 -11.93 -41.79
N GLU E 133 7.10 -12.41 -42.70
CA GLU E 133 5.99 -11.63 -43.22
C GLU E 133 4.67 -12.14 -42.64
N GLY E 134 3.72 -11.22 -42.48
CA GLY E 134 2.41 -11.56 -41.94
C GLY E 134 1.36 -10.61 -42.46
N TYR E 135 0.11 -11.04 -42.35
CA TYR E 135 -1.02 -10.28 -42.86
C TYR E 135 -2.18 -10.35 -41.88
N ARG E 136 -3.05 -9.34 -41.93
CA ARG E 136 -4.31 -9.37 -41.21
C ARG E 136 -5.27 -8.40 -41.87
N ALA E 137 -6.53 -8.81 -42.00
CA ALA E 137 -7.54 -8.01 -42.67
C ALA E 137 -8.79 -7.91 -41.80
N GLN E 138 -9.42 -6.74 -41.81
CA GLN E 138 -10.69 -6.51 -41.15
C GLN E 138 -11.71 -6.11 -42.20
N HIS E 139 -12.90 -6.69 -42.12
CA HIS E 139 -13.86 -6.60 -43.22
C HIS E 139 -14.94 -5.55 -43.01
N SER E 140 -15.71 -5.64 -41.93
CA SER E 140 -16.94 -4.87 -41.80
C SER E 140 -16.84 -3.76 -40.75
N GLN E 141 -16.51 -4.10 -39.51
CA GLN E 141 -16.45 -3.13 -38.41
C GLN E 141 -17.81 -2.49 -38.13
N HIS E 142 -18.90 -3.13 -38.54
CA HIS E 142 -20.21 -2.66 -38.10
C HIS E 142 -20.46 -3.02 -36.65
N ARG E 143 -19.85 -4.09 -36.17
CA ARG E 143 -19.74 -4.39 -34.74
C ARG E 143 -18.27 -4.26 -34.36
N THR E 144 -17.99 -3.50 -33.30
CA THR E 144 -16.62 -3.07 -33.04
C THR E 144 -15.64 -4.23 -32.84
N PRO E 145 -15.91 -5.25 -32.04
CA PRO E 145 -14.95 -6.36 -31.96
C PRO E 145 -14.96 -7.18 -33.23
N CYS E 146 -13.80 -7.75 -33.55
CA CYS E 146 -13.64 -8.55 -34.76
C CYS E 146 -13.06 -9.91 -34.39
N LYS E 147 -13.67 -10.97 -34.89
CA LYS E 147 -13.20 -12.33 -34.67
C LYS E 147 -12.40 -12.81 -35.87
N GLY E 148 -11.42 -13.67 -35.60
CA GLY E 148 -10.61 -14.21 -36.67
C GLY E 148 -9.64 -15.24 -36.15
N GLY E 149 -8.97 -15.91 -37.09
CA GLY E 149 -8.00 -16.93 -36.76
C GLY E 149 -6.65 -16.60 -37.34
N ILE E 150 -5.64 -17.33 -36.87
CA ILE E 150 -4.25 -17.15 -37.31
C ILE E 150 -3.76 -18.48 -37.83
N ARG E 151 -3.19 -18.47 -39.03
CA ARG E 151 -2.66 -19.66 -39.68
C ARG E 151 -1.16 -19.55 -39.83
N TYR E 152 -0.44 -20.62 -39.50
CA TYR E 152 1.00 -20.71 -39.70
C TYR E 152 1.24 -21.68 -40.85
N SER E 153 1.29 -21.13 -42.07
CA SER E 153 1.51 -21.95 -43.25
C SER E 153 2.20 -21.12 -44.32
N THR E 154 2.94 -21.80 -45.19
CA THR E 154 3.60 -21.14 -46.32
C THR E 154 2.69 -21.18 -47.55
N ASP E 155 1.43 -20.80 -47.34
CA ASP E 155 0.48 -20.70 -48.44
C ASP E 155 -0.44 -19.50 -48.32
N VAL E 156 -0.31 -18.69 -47.27
CA VAL E 156 -1.26 -17.61 -47.01
C VAL E 156 -0.92 -16.43 -47.93
N SER E 157 -1.95 -15.82 -48.49
CA SER E 157 -1.83 -14.63 -49.31
C SER E 157 -2.87 -13.60 -48.88
N VAL E 158 -2.74 -12.40 -49.42
CA VAL E 158 -3.64 -11.31 -49.03
C VAL E 158 -5.08 -11.61 -49.44
N ASP E 159 -5.27 -12.09 -50.66
CA ASP E 159 -6.62 -12.35 -51.16
C ASP E 159 -7.31 -13.47 -50.38
N GLU E 160 -6.58 -14.52 -50.02
CA GLU E 160 -7.18 -15.59 -49.23
C GLU E 160 -7.63 -15.07 -47.87
N VAL E 161 -6.81 -14.24 -47.24
CA VAL E 161 -7.16 -13.66 -45.94
C VAL E 161 -8.40 -12.79 -46.08
N LYS E 162 -8.46 -11.97 -47.13
CA LYS E 162 -9.62 -11.11 -47.34
C LYS E 162 -10.88 -11.93 -47.55
N ALA E 163 -10.79 -13.00 -48.36
CA ALA E 163 -11.96 -13.84 -48.59
C ALA E 163 -12.42 -14.51 -47.32
N LEU E 164 -11.48 -15.01 -46.51
CA LEU E 164 -11.86 -15.66 -45.26
C LEU E 164 -12.51 -14.68 -44.28
N ALA E 165 -11.99 -13.45 -44.23
CA ALA E 165 -12.61 -12.43 -43.37
C ALA E 165 -14.02 -12.10 -43.84
N SER E 166 -14.20 -11.99 -45.16
CA SER E 166 -15.54 -11.71 -45.68
C SER E 166 -16.50 -12.84 -45.34
N LEU E 167 -16.03 -14.09 -45.44
CA LEU E 167 -16.88 -15.21 -45.07
C LEU E 167 -17.21 -15.19 -43.58
N MET E 168 -16.22 -14.86 -42.74
CA MET E 168 -16.43 -14.85 -41.30
C MET E 168 -17.44 -13.79 -40.89
N THR E 169 -17.46 -12.65 -41.59
CA THR E 169 -18.45 -11.63 -41.27
C THR E 169 -19.87 -12.17 -41.38
N TYR E 170 -20.19 -12.80 -42.51
CA TYR E 170 -21.53 -13.36 -42.70
C TYR E 170 -21.78 -14.55 -41.78
N LYS E 171 -20.74 -15.33 -41.49
CA LYS E 171 -20.92 -16.45 -40.55
C LYS E 171 -21.31 -15.94 -39.18
N CYS E 172 -20.68 -14.86 -38.71
CA CYS E 172 -21.08 -14.25 -37.46
C CYS E 172 -22.48 -13.67 -37.54
N ALA E 173 -22.80 -13.01 -38.66
CA ALA E 173 -24.09 -12.35 -38.79
C ALA E 173 -25.24 -13.35 -38.75
N VAL E 174 -25.10 -14.49 -39.40
CA VAL E 174 -26.21 -15.44 -39.50
C VAL E 174 -26.54 -16.07 -38.16
N VAL E 175 -25.60 -16.04 -37.20
CA VAL E 175 -25.80 -16.68 -35.90
C VAL E 175 -26.23 -15.68 -34.83
N ASP E 176 -26.30 -14.39 -35.17
CA ASP E 176 -26.67 -13.33 -34.23
C ASP E 176 -25.67 -13.24 -33.08
N VAL E 177 -24.41 -13.06 -33.44
CA VAL E 177 -23.32 -12.80 -32.51
C VAL E 177 -22.68 -11.48 -32.90
N PRO E 178 -22.52 -10.53 -31.97
CA PRO E 178 -22.04 -9.18 -32.33
C PRO E 178 -20.53 -9.11 -32.55
N PHE E 179 -20.09 -9.52 -33.74
CA PHE E 179 -18.69 -9.51 -34.09
C PHE E 179 -18.53 -9.13 -35.55
N GLY E 180 -17.34 -8.66 -35.89
CA GLY E 180 -16.97 -8.37 -37.26
C GLY E 180 -16.33 -9.56 -37.93
N GLY E 181 -15.52 -9.29 -38.94
CA GLY E 181 -14.80 -10.33 -39.64
C GLY E 181 -13.33 -10.02 -39.74
N ALA E 182 -12.50 -11.03 -39.48
CA ALA E 182 -11.06 -10.85 -39.51
C ALA E 182 -10.40 -12.19 -39.78
N LYS E 183 -9.13 -12.14 -40.14
CA LYS E 183 -8.31 -13.31 -40.42
C LYS E 183 -6.87 -12.87 -40.54
N ALA E 184 -5.95 -13.72 -40.07
CA ALA E 184 -4.53 -13.43 -40.11
C ALA E 184 -3.77 -14.65 -40.63
N GLY E 185 -2.52 -14.42 -41.01
CA GLY E 185 -1.68 -15.50 -41.50
C GLY E 185 -0.22 -15.11 -41.44
N VAL E 186 0.64 -16.12 -41.22
CA VAL E 186 2.08 -15.94 -41.16
C VAL E 186 2.72 -16.94 -42.09
N LYS E 187 3.65 -16.48 -42.93
CA LYS E 187 4.28 -17.33 -43.94
C LYS E 187 5.49 -18.05 -43.33
N ILE E 188 5.19 -19.01 -42.45
CA ILE E 188 6.20 -19.87 -41.86
C ILE E 188 5.69 -21.31 -41.87
N ASN E 189 6.63 -22.24 -41.79
CA ASN E 189 6.31 -23.66 -41.64
C ASN E 189 6.66 -24.08 -40.22
N PRO E 190 5.67 -24.42 -39.37
CA PRO E 190 5.99 -24.75 -37.98
C PRO E 190 6.90 -25.96 -37.83
N LYS E 191 6.96 -26.83 -38.83
CA LYS E 191 7.82 -28.02 -38.73
C LYS E 191 9.30 -27.69 -38.84
N ASN E 192 9.65 -26.48 -39.28
CA ASN E 192 11.04 -26.10 -39.48
C ASN E 192 11.54 -25.12 -38.42
N TYR E 193 10.86 -25.03 -37.28
CA TYR E 193 11.22 -24.08 -36.24
C TYR E 193 11.20 -24.78 -34.88
N THR E 194 12.18 -24.42 -34.04
CA THR E 194 12.22 -24.95 -32.69
C THR E 194 11.05 -24.39 -31.88
N ASP E 195 10.64 -25.16 -30.86
CA ASP E 195 9.54 -24.72 -30.01
C ASP E 195 9.86 -23.39 -29.32
N ASN E 196 11.14 -23.11 -29.08
CA ASN E 196 11.51 -21.83 -28.50
C ASN E 196 11.37 -20.69 -29.50
N GLU E 197 11.69 -20.96 -30.77
CA GLU E 197 11.61 -19.92 -31.79
C GLU E 197 10.17 -19.49 -32.05
N LEU E 198 9.23 -20.45 -31.98
CA LEU E 198 7.84 -20.12 -32.21
C LEU E 198 7.32 -19.13 -31.19
N GLU E 199 7.75 -19.27 -29.93
CA GLU E 199 7.29 -18.38 -28.88
C GLU E 199 7.70 -16.94 -29.18
N LYS E 200 8.96 -16.72 -29.53
CA LYS E 200 9.41 -15.35 -29.80
C LYS E 200 8.82 -14.81 -31.11
N ILE E 201 8.62 -15.68 -32.11
CA ILE E 201 7.96 -15.25 -33.33
C ILE E 201 6.56 -14.74 -33.02
N THR E 202 5.82 -15.51 -32.22
CA THR E 202 4.45 -15.15 -31.88
C THR E 202 4.41 -13.88 -31.04
N ARG E 203 5.32 -13.75 -30.08
CA ARG E 203 5.35 -12.55 -29.24
C ARG E 203 5.68 -11.30 -30.06
N ARG E 204 6.63 -11.41 -30.99
CA ARG E 204 6.95 -10.26 -31.84
C ARG E 204 5.78 -9.92 -32.76
N PHE E 205 5.09 -10.94 -33.27
CA PHE E 205 3.91 -10.69 -34.08
C PHE E 205 2.86 -9.93 -33.29
N THR E 206 2.63 -10.34 -32.04
CA THR E 206 1.67 -9.62 -31.20
C THR E 206 2.12 -8.19 -30.93
N MET E 207 3.42 -7.99 -30.67
CA MET E 207 3.95 -6.66 -30.46
C MET E 207 3.67 -5.76 -31.66
N GLU E 208 4.01 -6.24 -32.86
CA GLU E 208 3.81 -5.42 -34.05
C GLU E 208 2.33 -5.19 -34.34
N LEU E 209 1.48 -6.18 -34.03
CA LEU E 209 0.06 -6.07 -34.31
C LEU E 209 -0.67 -5.17 -33.32
N ALA E 210 -0.14 -5.03 -32.10
CA ALA E 210 -0.82 -4.25 -31.08
C ALA E 210 -0.71 -2.75 -31.34
N LYS E 211 0.47 -2.28 -31.73
CA LYS E 211 0.71 -0.85 -31.87
C LYS E 211 -0.13 -0.22 -32.97
N LYS E 212 -0.64 -1.01 -33.90
CA LYS E 212 -1.47 -0.50 -34.99
C LYS E 212 -2.96 -0.69 -34.74
N GLY E 213 -3.34 -1.08 -33.53
CA GLY E 213 -4.74 -1.26 -33.20
C GLY E 213 -5.38 -2.44 -33.90
N PHE E 214 -4.87 -3.64 -33.64
CA PHE E 214 -5.39 -4.85 -34.26
C PHE E 214 -5.53 -6.01 -33.29
N ILE E 215 -5.35 -5.79 -31.98
CA ILE E 215 -5.33 -6.90 -31.04
C ILE E 215 -6.22 -6.59 -29.84
N GLY E 216 -6.62 -5.33 -29.70
CA GLY E 216 -7.34 -4.88 -28.53
C GLY E 216 -8.62 -5.65 -28.25
N PRO E 217 -8.91 -5.88 -26.97
CA PRO E 217 -10.13 -6.62 -26.62
C PRO E 217 -11.40 -5.96 -27.12
N GLY E 218 -11.45 -4.63 -27.15
CA GLY E 218 -12.57 -3.92 -27.72
C GLY E 218 -12.42 -3.59 -29.18
N ILE E 219 -11.35 -4.04 -29.83
CA ILE E 219 -11.09 -3.72 -31.22
C ILE E 219 -11.09 -4.98 -32.06
N ASP E 220 -10.17 -5.90 -31.75
CA ASP E 220 -10.00 -7.10 -32.55
C ASP E 220 -9.55 -8.24 -31.65
N VAL E 221 -10.24 -9.37 -31.71
CA VAL E 221 -9.95 -10.53 -30.88
C VAL E 221 -9.69 -11.76 -31.76
N PRO E 222 -8.49 -12.31 -31.76
CA PRO E 222 -8.18 -13.45 -32.62
C PRO E 222 -8.61 -14.77 -31.96
N ALA E 223 -8.26 -15.87 -32.64
CA ALA E 223 -8.62 -17.20 -32.20
C ALA E 223 -7.66 -18.19 -32.87
N PRO E 224 -7.54 -19.41 -32.33
CA PRO E 224 -6.67 -20.40 -32.96
C PRO E 224 -7.27 -20.90 -34.26
N ASP E 225 -6.48 -21.72 -34.96
CA ASP E 225 -6.89 -22.27 -36.24
C ASP E 225 -6.29 -23.67 -36.37
N MET E 226 -6.26 -24.19 -37.59
CA MET E 226 -5.78 -25.55 -37.81
C MET E 226 -4.31 -25.70 -37.43
N SER E 227 -3.49 -24.70 -37.76
CA SER E 227 -2.06 -24.78 -37.55
C SER E 227 -1.60 -24.20 -36.22
N THR E 228 -2.52 -23.74 -35.38
CA THR E 228 -2.18 -23.14 -34.10
C THR E 228 -2.98 -23.79 -32.98
N GLY E 229 -2.45 -23.69 -31.77
CA GLY E 229 -3.10 -24.29 -30.62
C GLY E 229 -3.24 -23.35 -29.44
N GLU E 230 -3.34 -23.90 -28.23
CA GLU E 230 -3.50 -23.08 -27.04
C GLU E 230 -2.21 -22.39 -26.63
N ARG E 231 -1.06 -22.96 -26.99
CA ARG E 231 0.21 -22.35 -26.60
C ARG E 231 0.35 -20.95 -27.19
N GLU E 232 0.00 -20.79 -28.46
CA GLU E 232 0.07 -19.48 -29.10
C GLU E 232 -0.89 -18.50 -28.44
N MET E 233 -2.09 -18.97 -28.09
CA MET E 233 -3.05 -18.09 -27.44
C MET E 233 -2.53 -17.62 -26.08
N SER E 234 -1.90 -18.51 -25.31
CA SER E 234 -1.28 -18.08 -24.06
C SER E 234 -0.16 -17.08 -24.31
N TRP E 235 0.67 -17.36 -25.32
CA TRP E 235 1.83 -16.50 -25.60
C TRP E 235 1.41 -15.12 -26.09
N ILE E 236 0.23 -15.00 -26.67
CA ILE E 236 -0.24 -13.68 -27.08
C ILE E 236 -1.01 -12.99 -25.95
N ALA E 237 -1.78 -13.76 -25.17
CA ALA E 237 -2.52 -13.17 -24.06
C ALA E 237 -1.60 -12.57 -23.03
N ASP E 238 -0.58 -13.34 -22.60
CA ASP E 238 0.32 -12.80 -21.59
C ASP E 238 1.15 -11.62 -22.10
N THR E 239 1.58 -11.67 -23.36
CA THR E 239 2.30 -10.55 -23.94
C THR E 239 1.47 -9.28 -23.96
N TYR E 240 0.21 -9.39 -24.41
CA TYR E 240 -0.65 -8.20 -24.43
C TYR E 240 -0.92 -7.71 -23.02
N ALA E 241 -1.18 -8.62 -22.08
CA ALA E 241 -1.48 -8.22 -20.72
C ALA E 241 -0.26 -7.66 -19.99
N SER E 242 0.95 -7.94 -20.45
CA SER E 242 2.16 -7.49 -19.77
C SER E 242 2.83 -6.30 -20.44
N THR E 243 2.52 -5.99 -21.70
CA THR E 243 3.22 -4.93 -22.41
C THR E 243 2.33 -3.74 -22.71
N ILE E 244 1.23 -3.93 -23.43
CA ILE E 244 0.40 -2.83 -23.89
C ILE E 244 -0.83 -2.67 -23.01
N GLY E 245 -1.57 -3.75 -22.78
CA GLY E 245 -2.78 -3.67 -21.99
C GLY E 245 -2.53 -3.83 -20.50
N HIS E 246 -1.43 -3.24 -20.01
CA HIS E 246 -1.11 -3.36 -18.60
C HIS E 246 -2.18 -2.71 -17.74
N TYR E 247 -2.65 -1.53 -18.13
CA TYR E 247 -3.66 -0.81 -17.36
C TYR E 247 -5.08 -1.23 -17.70
N ASP E 248 -5.26 -2.05 -18.73
CA ASP E 248 -6.60 -2.53 -19.08
C ASP E 248 -7.06 -3.57 -18.06
N ILE E 249 -8.35 -3.50 -17.70
CA ILE E 249 -8.91 -4.48 -16.78
C ILE E 249 -9.36 -5.75 -17.49
N ASN E 250 -9.64 -5.68 -18.79
CA ASN E 250 -10.02 -6.84 -19.58
C ASN E 250 -8.91 -7.25 -20.55
N ALA E 251 -7.67 -7.13 -20.10
CA ALA E 251 -6.54 -7.47 -20.97
C ALA E 251 -6.55 -8.94 -21.37
N HIS E 252 -6.88 -9.82 -20.42
CA HIS E 252 -6.91 -11.25 -20.71
C HIS E 252 -8.08 -11.64 -21.60
N ALA E 253 -9.02 -10.74 -21.84
CA ALA E 253 -10.14 -11.01 -22.74
C ALA E 253 -9.80 -10.71 -24.19
N CYS E 254 -8.57 -10.33 -24.49
CA CYS E 254 -8.19 -9.93 -25.84
C CYS E 254 -8.16 -11.09 -26.82
N VAL E 255 -8.18 -12.34 -26.35
CA VAL E 255 -8.09 -13.51 -27.22
C VAL E 255 -9.01 -14.59 -26.71
N THR E 256 -9.26 -15.58 -27.56
CA THR E 256 -10.09 -16.73 -27.23
C THR E 256 -9.33 -18.00 -27.58
N GLY E 257 -9.73 -19.10 -26.95
CA GLY E 257 -9.06 -20.36 -27.13
C GLY E 257 -7.96 -20.66 -26.16
N LYS E 258 -7.81 -19.85 -25.11
CA LYS E 258 -6.77 -20.09 -24.12
C LYS E 258 -7.10 -21.33 -23.30
N PRO E 259 -6.09 -21.94 -22.66
CA PRO E 259 -6.36 -23.09 -21.79
C PRO E 259 -7.23 -22.69 -20.61
N ILE E 260 -7.83 -23.70 -19.99
CA ILE E 260 -8.72 -23.45 -18.85
C ILE E 260 -7.97 -22.77 -17.73
N SER E 261 -6.70 -23.14 -17.53
CA SER E 261 -5.89 -22.51 -16.49
C SER E 261 -5.70 -21.02 -16.74
N GLN E 262 -5.51 -20.62 -18.00
CA GLN E 262 -5.29 -19.22 -18.34
C GLN E 262 -6.57 -18.42 -18.45
N GLY E 263 -7.73 -19.06 -18.36
CA GLY E 263 -8.99 -18.34 -18.47
C GLY E 263 -9.86 -18.83 -19.61
N GLY E 264 -9.69 -20.09 -20.00
CA GLY E 264 -10.49 -20.69 -21.05
C GLY E 264 -11.84 -21.12 -20.54
N ILE E 265 -12.57 -21.82 -21.40
CA ILE E 265 -13.91 -22.28 -21.09
C ILE E 265 -14.01 -23.76 -21.37
N HIS E 266 -14.92 -24.43 -20.67
CA HIS E 266 -15.11 -25.86 -20.83
C HIS E 266 -15.94 -26.16 -22.07
N GLY E 267 -15.72 -27.33 -22.65
CA GLY E 267 -16.43 -27.72 -23.85
C GLY E 267 -15.92 -27.10 -25.12
N ARG E 268 -14.76 -26.47 -25.10
CA ARG E 268 -14.23 -25.82 -26.30
C ARG E 268 -13.92 -26.84 -27.39
N ILE E 269 -13.35 -27.99 -27.02
CA ILE E 269 -12.88 -28.94 -28.01
C ILE E 269 -14.05 -29.58 -28.75
N SER E 270 -15.14 -29.88 -28.05
CA SER E 270 -16.28 -30.57 -28.63
C SER E 270 -17.36 -29.62 -29.11
N ALA E 271 -17.02 -28.36 -29.39
CA ALA E 271 -18.03 -27.39 -29.76
C ALA E 271 -18.54 -27.60 -31.18
N THR E 272 -17.64 -27.87 -32.13
CA THR E 272 -18.05 -28.00 -33.52
C THR E 272 -18.90 -29.24 -33.75
N GLY E 273 -18.55 -30.35 -33.09
CA GLY E 273 -19.35 -31.56 -33.24
C GLY E 273 -20.77 -31.37 -32.75
N ARG E 274 -20.93 -30.74 -31.59
CA ARG E 274 -22.27 -30.44 -31.10
C ARG E 274 -22.99 -29.50 -32.05
N GLY E 275 -22.28 -28.53 -32.62
CA GLY E 275 -22.91 -27.62 -33.55
C GLY E 275 -23.46 -28.32 -34.78
N VAL E 276 -22.66 -29.18 -35.40
CA VAL E 276 -23.13 -29.88 -36.59
C VAL E 276 -24.23 -30.88 -36.24
N PHE E 277 -24.13 -31.51 -35.07
CA PHE E 277 -25.19 -32.44 -34.66
C PHE E 277 -26.51 -31.71 -34.48
N HIS E 278 -26.48 -30.55 -33.82
CA HIS E 278 -27.71 -29.78 -33.63
C HIS E 278 -28.23 -29.24 -34.95
N GLY E 279 -27.33 -28.84 -35.86
CA GLY E 279 -27.78 -28.40 -37.17
C GLY E 279 -28.50 -29.49 -37.93
N ILE E 280 -27.97 -30.71 -37.90
CA ILE E 280 -28.65 -31.83 -38.55
C ILE E 280 -29.97 -32.13 -37.84
N GLU E 281 -29.96 -32.12 -36.51
CA GLU E 281 -31.15 -32.49 -35.74
C GLU E 281 -32.30 -31.51 -35.97
N ASN E 282 -31.99 -30.23 -36.11
CA ASN E 282 -33.05 -29.24 -36.32
C ASN E 282 -33.76 -29.46 -37.64
N PHE E 283 -33.01 -29.80 -38.70
CA PHE E 283 -33.61 -30.01 -40.02
C PHE E 283 -34.21 -31.39 -40.19
N ILE E 284 -33.78 -32.37 -39.39
CA ILE E 284 -34.36 -33.71 -39.51
C ILE E 284 -35.81 -33.71 -39.07
N ASN E 285 -36.14 -32.95 -38.02
CA ASN E 285 -37.49 -32.94 -37.49
C ASN E 285 -38.44 -32.03 -38.25
N GLU E 286 -37.95 -31.28 -39.23
CA GLU E 286 -38.82 -30.40 -40.02
C GLU E 286 -39.73 -31.25 -40.88
N ALA E 287 -41.02 -31.27 -40.54
CA ALA E 287 -41.96 -32.13 -41.25
C ALA E 287 -42.12 -31.71 -42.71
N SER E 288 -42.15 -30.40 -42.97
CA SER E 288 -42.40 -29.92 -44.33
C SER E 288 -41.29 -30.35 -45.27
N TYR E 289 -40.03 -30.21 -44.86
CA TYR E 289 -38.91 -30.61 -45.72
C TYR E 289 -38.85 -32.13 -45.85
N MET E 290 -39.08 -32.85 -44.76
CA MET E 290 -38.97 -34.31 -44.81
C MET E 290 -40.05 -34.93 -45.70
N SER E 291 -41.26 -34.36 -45.67
CA SER E 291 -42.34 -34.88 -46.51
C SER E 291 -42.01 -34.74 -47.98
N ILE E 292 -41.48 -33.58 -48.38
CA ILE E 292 -41.14 -33.36 -49.79
C ILE E 292 -39.82 -33.98 -50.18
N LEU E 293 -39.00 -34.40 -49.21
CA LEU E 293 -37.73 -35.03 -49.52
C LEU E 293 -37.84 -36.55 -49.66
N GLY E 294 -38.72 -37.19 -48.89
CA GLY E 294 -39.02 -38.59 -49.10
C GLY E 294 -38.51 -39.55 -48.05
N MET E 295 -38.50 -39.15 -46.79
CA MET E 295 -38.18 -40.05 -45.69
C MET E 295 -39.09 -39.74 -44.51
N THR E 296 -39.00 -40.59 -43.47
CA THR E 296 -39.80 -40.42 -42.27
C THR E 296 -39.12 -39.47 -41.33
N PRO E 297 -39.79 -38.42 -40.85
CA PRO E 297 -39.13 -37.46 -39.94
C PRO E 297 -38.69 -38.13 -38.65
N GLY E 298 -37.58 -37.65 -38.11
CA GLY E 298 -37.07 -38.11 -36.84
C GLY E 298 -35.95 -39.13 -37.00
N PHE E 299 -35.03 -39.15 -36.04
CA PHE E 299 -33.96 -40.13 -36.05
C PHE E 299 -34.53 -41.53 -35.84
N GLY E 300 -33.83 -42.52 -36.41
CA GLY E 300 -34.27 -43.90 -36.29
C GLY E 300 -34.27 -44.61 -37.63
N ASP E 301 -33.58 -45.75 -37.69
CA ASP E 301 -33.43 -46.51 -38.94
C ASP E 301 -32.85 -45.63 -40.05
N LYS E 302 -31.93 -44.75 -39.66
CA LYS E 302 -31.29 -43.84 -40.60
C LYS E 302 -29.78 -44.03 -40.50
N THR E 303 -29.15 -44.33 -41.63
CA THR E 303 -27.72 -44.56 -41.69
C THR E 303 -26.99 -43.34 -42.24
N PHE E 304 -25.80 -43.09 -41.71
CA PHE E 304 -25.00 -41.96 -42.12
C PHE E 304 -23.55 -42.40 -42.28
N VAL E 305 -22.82 -41.67 -43.10
CA VAL E 305 -21.40 -41.91 -43.32
C VAL E 305 -20.65 -40.60 -43.13
N VAL E 306 -19.39 -40.70 -42.76
CA VAL E 306 -18.54 -39.54 -42.50
C VAL E 306 -17.26 -39.67 -43.33
N GLN E 307 -16.90 -38.58 -44.00
CA GLN E 307 -15.69 -38.53 -44.81
C GLN E 307 -14.69 -37.65 -44.09
N GLY E 308 -13.51 -38.20 -43.81
CA GLY E 308 -12.53 -37.51 -42.99
C GLY E 308 -12.81 -37.74 -41.52
N PHE E 309 -11.78 -38.13 -40.76
CA PHE E 309 -11.94 -38.47 -39.34
C PHE E 309 -10.97 -37.61 -38.54
N GLY E 310 -11.42 -36.42 -38.16
CA GLY E 310 -10.67 -35.52 -37.30
C GLY E 310 -11.46 -35.20 -36.05
N ASN E 311 -11.24 -33.99 -35.55
CA ASN E 311 -12.00 -33.52 -34.39
C ASN E 311 -13.48 -33.42 -34.70
N VAL E 312 -13.81 -32.73 -35.79
CA VAL E 312 -15.22 -32.52 -36.15
C VAL E 312 -15.90 -33.85 -36.45
N GLY E 313 -15.26 -34.69 -37.24
CA GLY E 313 -15.87 -35.95 -37.61
C GLY E 313 -16.12 -36.85 -36.42
N LEU E 314 -15.11 -36.99 -35.55
CA LEU E 314 -15.26 -37.84 -34.37
C LEU E 314 -16.33 -37.30 -33.42
N HIS E 315 -16.27 -36.01 -33.11
CA HIS E 315 -17.23 -35.45 -32.17
C HIS E 315 -18.63 -35.33 -32.74
N SER E 316 -18.78 -35.42 -34.06
CA SER E 316 -20.12 -35.50 -34.63
C SER E 316 -20.63 -36.94 -34.65
N MET E 317 -19.75 -37.90 -34.98
CA MET E 317 -20.15 -39.29 -35.02
C MET E 317 -20.56 -39.80 -33.64
N ARG E 318 -19.83 -39.38 -32.60
CA ARG E 318 -20.16 -39.83 -31.25
C ARG E 318 -21.59 -39.42 -30.89
N TYR E 319 -21.92 -38.14 -31.09
CA TYR E 319 -23.24 -37.65 -30.70
C TYR E 319 -24.33 -38.16 -31.63
N LEU E 320 -24.01 -38.41 -32.90
CA LEU E 320 -25.01 -39.00 -33.78
C LEU E 320 -25.34 -40.43 -33.38
N HIS E 321 -24.32 -41.22 -33.03
CA HIS E 321 -24.55 -42.58 -32.57
C HIS E 321 -25.27 -42.59 -31.23
N ARG E 322 -24.97 -41.62 -30.35
CA ARG E 322 -25.59 -41.60 -29.03
C ARG E 322 -27.11 -41.47 -29.13
N PHE E 323 -27.61 -40.77 -30.13
CA PHE E 323 -29.04 -40.54 -30.26
C PHE E 323 -29.74 -41.55 -31.17
N GLY E 324 -29.03 -42.56 -31.64
CA GLY E 324 -29.63 -43.63 -32.41
C GLY E 324 -29.41 -43.60 -33.91
N ALA E 325 -28.23 -43.21 -34.36
CA ALA E 325 -27.90 -43.23 -35.78
C ALA E 325 -26.75 -44.20 -36.01
N LYS E 326 -26.90 -45.07 -37.00
CA LYS E 326 -25.91 -46.10 -37.28
C LYS E 326 -24.92 -45.61 -38.33
N CYS E 327 -23.64 -45.63 -37.99
CA CYS E 327 -22.58 -45.28 -38.92
C CYS E 327 -22.09 -46.54 -39.61
N ILE E 328 -22.04 -46.50 -40.94
CA ILE E 328 -21.68 -47.69 -41.72
C ILE E 328 -20.41 -47.51 -42.52
N ALA E 329 -19.92 -46.29 -42.74
CA ALA E 329 -18.70 -46.11 -43.51
C ALA E 329 -17.96 -44.88 -43.01
N VAL E 330 -16.64 -45.00 -42.88
CA VAL E 330 -15.78 -43.90 -42.46
C VAL E 330 -14.63 -43.79 -43.45
N GLY E 331 -14.40 -42.57 -43.94
CA GLY E 331 -13.32 -42.32 -44.88
C GLY E 331 -12.22 -41.48 -44.25
N GLU E 332 -11.09 -41.46 -44.94
CA GLU E 332 -9.91 -40.72 -44.49
C GLU E 332 -8.98 -40.55 -45.68
N SER E 333 -7.74 -40.13 -45.41
CA SER E 333 -6.72 -40.03 -46.44
C SER E 333 -6.28 -41.39 -46.96
N ASP E 334 -6.71 -42.47 -46.32
CA ASP E 334 -6.37 -43.83 -46.73
C ASP E 334 -7.64 -44.62 -46.99
N GLY E 335 -7.52 -45.93 -47.12
CA GLY E 335 -8.68 -46.75 -47.45
C GLY E 335 -9.77 -46.62 -46.40
N SER E 336 -11.01 -46.71 -46.86
CA SER E 336 -12.18 -46.56 -46.02
C SER E 336 -12.52 -47.87 -45.31
N ILE E 337 -13.45 -47.78 -44.37
CA ILE E 337 -13.91 -48.90 -43.57
C ILE E 337 -15.43 -48.96 -43.64
N TRP E 338 -15.97 -50.13 -43.94
CA TRP E 338 -17.41 -50.30 -44.14
C TRP E 338 -17.93 -51.47 -43.33
N ASN E 339 -19.05 -51.26 -42.64
CA ASN E 339 -19.72 -52.31 -41.89
C ASN E 339 -21.22 -52.00 -41.81
N PRO E 340 -22.07 -52.79 -42.48
CA PRO E 340 -23.51 -52.53 -42.41
C PRO E 340 -24.08 -52.59 -41.00
N ASP E 341 -23.52 -53.42 -40.13
CA ASP E 341 -24.04 -53.54 -38.77
C ASP E 341 -23.86 -52.24 -38.02
N GLY E 342 -22.72 -51.59 -38.15
CA GLY E 342 -22.42 -50.35 -37.46
C GLY E 342 -21.01 -50.36 -36.91
N ILE E 343 -20.53 -49.17 -36.56
CA ILE E 343 -19.18 -48.99 -36.01
C ILE E 343 -19.29 -48.26 -34.68
N ASP E 344 -18.61 -48.78 -33.67
CA ASP E 344 -18.60 -48.16 -32.35
C ASP E 344 -17.60 -47.01 -32.33
N PRO E 345 -18.03 -45.77 -32.05
CA PRO E 345 -17.07 -44.65 -32.04
C PRO E 345 -15.96 -44.82 -31.02
N LYS E 346 -16.24 -45.40 -29.86
CA LYS E 346 -15.21 -45.51 -28.82
C LYS E 346 -14.08 -46.43 -29.26
N GLU E 347 -14.44 -47.61 -29.78
CA GLU E 347 -13.41 -48.55 -30.23
C GLU E 347 -12.60 -47.97 -31.37
N LEU E 348 -13.26 -47.29 -32.32
CA LEU E 348 -12.54 -46.68 -33.43
C LEU E 348 -11.60 -45.59 -32.94
N GLU E 349 -12.05 -44.76 -32.00
CA GLU E 349 -11.19 -43.71 -31.45
C GLU E 349 -9.98 -44.31 -30.74
N ASP E 350 -10.20 -45.37 -29.96
CA ASP E 350 -9.08 -46.02 -29.27
C ASP E 350 -8.10 -46.61 -30.28
N PHE E 351 -8.61 -47.25 -31.33
CA PHE E 351 -7.74 -47.82 -32.35
C PHE E 351 -6.93 -46.74 -33.04
N LYS E 352 -7.57 -45.63 -33.38
CA LYS E 352 -6.86 -44.54 -34.05
C LYS E 352 -5.80 -43.93 -33.14
N LEU E 353 -6.11 -43.77 -31.85
CA LEU E 353 -5.14 -43.20 -30.92
C LEU E 353 -4.01 -44.16 -30.64
N GLN E 354 -4.27 -45.47 -30.75
CA GLN E 354 -3.26 -46.47 -30.37
C GLN E 354 -2.05 -46.42 -31.31
N HIS E 355 -2.29 -46.44 -32.61
CA HIS E 355 -1.18 -46.52 -33.56
C HIS E 355 -1.65 -46.02 -34.92
N GLY E 356 -1.09 -44.90 -35.37
CA GLY E 356 -1.31 -44.46 -36.74
C GLY E 356 -2.74 -44.09 -37.03
N SER E 357 -3.17 -44.38 -38.25
CA SER E 357 -4.50 -44.05 -38.72
C SER E 357 -5.46 -45.20 -38.45
N ILE E 358 -6.65 -45.13 -39.03
CA ILE E 358 -7.68 -46.14 -38.81
C ILE E 358 -7.54 -47.26 -39.83
N LEU E 359 -6.45 -47.25 -40.58
CA LEU E 359 -6.22 -48.29 -41.58
C LEU E 359 -6.12 -49.67 -40.92
N GLY E 360 -6.83 -50.64 -41.49
CA GLY E 360 -6.80 -51.98 -40.97
C GLY E 360 -7.52 -52.14 -39.64
N PHE E 361 -8.79 -51.76 -39.60
CA PHE E 361 -9.59 -51.90 -38.38
C PHE E 361 -10.12 -53.33 -38.30
N PRO E 362 -9.82 -54.07 -37.24
CA PRO E 362 -10.21 -55.49 -37.15
C PRO E 362 -11.66 -55.71 -36.71
N LYS E 363 -12.57 -54.92 -37.29
CA LYS E 363 -14.00 -55.13 -37.05
C LYS E 363 -14.85 -54.97 -38.30
N ALA E 364 -14.29 -54.65 -39.44
CA ALA E 364 -15.07 -54.45 -40.66
C ALA E 364 -14.19 -54.81 -41.85
N LYS E 365 -14.59 -54.39 -43.05
CA LYS E 365 -13.87 -54.71 -44.26
C LYS E 365 -13.36 -53.44 -44.94
N PRO E 366 -12.20 -53.51 -45.60
CA PRO E 366 -11.68 -52.33 -46.30
C PRO E 366 -12.42 -52.04 -47.58
N TYR E 367 -13.53 -51.29 -47.48
CA TYR E 367 -14.36 -50.98 -48.63
C TYR E 367 -13.55 -50.32 -49.73
N GLU E 368 -13.76 -50.78 -50.96
CA GLU E 368 -13.05 -50.25 -52.13
C GLU E 368 -13.95 -49.28 -52.87
N GLY E 369 -13.34 -48.24 -53.44
CA GLY E 369 -14.07 -47.20 -54.14
C GLY E 369 -14.40 -46.02 -53.25
N SER E 370 -14.74 -44.92 -53.90
CA SER E 370 -15.08 -43.70 -53.18
C SER E 370 -16.37 -43.90 -52.38
N ILE E 371 -16.34 -43.45 -51.12
CA ILE E 371 -17.50 -43.58 -50.25
C ILE E 371 -18.62 -42.61 -50.61
N LEU E 372 -18.34 -41.62 -51.46
CA LEU E 372 -19.35 -40.65 -51.83
C LEU E 372 -20.53 -41.30 -52.55
N GLU E 373 -20.29 -42.42 -53.22
CA GLU E 373 -21.33 -43.15 -53.92
C GLU E 373 -21.99 -44.22 -53.06
N ALA E 374 -21.56 -44.38 -51.82
CA ALA E 374 -22.14 -45.39 -50.95
C ALA E 374 -23.59 -45.04 -50.61
N ASP E 375 -24.42 -46.07 -50.49
CA ASP E 375 -25.83 -45.88 -50.18
C ASP E 375 -25.98 -45.53 -48.70
N CYS E 376 -26.58 -44.38 -48.42
CA CYS E 376 -26.77 -43.90 -47.05
C CYS E 376 -27.82 -42.78 -47.10
N ASP E 377 -27.99 -42.10 -45.97
CA ASP E 377 -28.93 -41.00 -45.89
C ASP E 377 -28.29 -39.65 -45.59
N ILE E 378 -27.22 -39.62 -44.81
CA ILE E 378 -26.53 -38.38 -44.45
C ILE E 378 -25.05 -38.55 -44.77
N LEU E 379 -24.48 -37.56 -45.46
CA LEU E 379 -23.06 -37.53 -45.80
C LEU E 379 -22.40 -36.36 -45.11
N ILE E 380 -21.18 -36.56 -44.63
CA ILE E 380 -20.46 -35.55 -43.87
C ILE E 380 -19.12 -35.26 -44.52
N PRO E 381 -19.08 -34.46 -45.58
CA PRO E 381 -17.78 -34.09 -46.18
C PRO E 381 -17.01 -33.12 -45.31
N ALA E 382 -16.39 -33.63 -44.23
CA ALA E 382 -15.70 -32.78 -43.27
C ALA E 382 -14.18 -32.90 -43.35
N ALA E 383 -13.66 -33.35 -44.49
CA ALA E 383 -12.22 -33.55 -44.65
C ALA E 383 -11.53 -32.35 -45.29
N SER E 384 -11.92 -32.00 -46.52
CA SER E 384 -11.25 -30.94 -47.26
C SER E 384 -12.24 -30.29 -48.21
N GLU E 385 -11.77 -29.27 -48.92
CA GLU E 385 -12.61 -28.49 -49.80
C GLU E 385 -12.58 -29.04 -51.23
N LYS E 386 -13.54 -28.56 -52.04
CA LYS E 386 -13.64 -28.93 -53.45
C LYS E 386 -13.73 -30.45 -53.62
N GLN E 387 -14.51 -31.09 -52.76
CA GLN E 387 -14.64 -32.55 -52.80
C GLN E 387 -15.65 -32.97 -53.86
N LEU E 388 -16.89 -32.51 -53.75
CA LEU E 388 -17.96 -32.91 -54.65
C LEU E 388 -17.98 -31.97 -55.84
N THR E 389 -17.52 -32.45 -56.99
CA THR E 389 -17.50 -31.69 -58.22
C THR E 389 -18.66 -32.13 -59.11
N LYS E 390 -18.71 -31.59 -60.32
CA LYS E 390 -19.75 -31.97 -61.27
C LYS E 390 -19.59 -33.39 -61.78
N SER E 391 -18.36 -33.93 -61.77
CA SER E 391 -18.13 -35.28 -62.26
C SER E 391 -18.81 -36.31 -61.39
N ASN E 392 -18.60 -36.24 -60.08
CA ASN E 392 -19.16 -37.19 -59.14
C ASN E 392 -20.49 -36.73 -58.56
N ALA E 393 -21.02 -35.60 -59.02
CA ALA E 393 -22.31 -35.12 -58.51
C ALA E 393 -23.46 -36.10 -58.71
N PRO E 394 -23.69 -36.67 -59.90
CA PRO E 394 -24.86 -37.53 -60.06
C PRO E 394 -24.69 -38.94 -59.55
N ARG E 395 -23.49 -39.32 -59.08
CA ARG E 395 -23.24 -40.68 -58.63
C ARG E 395 -23.48 -40.87 -57.14
N VAL E 396 -23.83 -39.81 -56.41
CA VAL E 396 -24.08 -39.95 -54.98
C VAL E 396 -25.49 -40.46 -54.74
N LYS E 397 -25.69 -41.08 -53.58
CA LYS E 397 -26.98 -41.65 -53.22
C LYS E 397 -27.61 -41.05 -51.99
N ALA E 398 -26.83 -40.41 -51.11
CA ALA E 398 -27.38 -39.82 -49.91
C ALA E 398 -28.30 -38.65 -50.25
N LYS E 399 -29.42 -38.56 -49.55
CA LYS E 399 -30.39 -37.50 -49.80
C LYS E 399 -30.09 -36.21 -49.04
N ILE E 400 -29.16 -36.23 -48.09
CA ILE E 400 -28.80 -35.06 -47.30
C ILE E 400 -27.28 -34.98 -47.22
N ILE E 401 -26.72 -33.80 -47.48
CA ILE E 401 -25.29 -33.55 -47.35
C ILE E 401 -25.10 -32.45 -46.31
N ALA E 402 -24.22 -32.71 -45.34
CA ALA E 402 -23.92 -31.77 -44.27
C ALA E 402 -22.50 -31.25 -44.48
N GLU E 403 -22.37 -29.99 -44.87
CA GLU E 403 -21.08 -29.40 -45.18
C GLU E 403 -20.34 -29.11 -43.88
N GLY E 404 -19.60 -30.10 -43.39
CA GLY E 404 -18.84 -29.92 -42.17
C GLY E 404 -17.68 -28.95 -42.34
N ALA E 405 -16.98 -29.03 -43.47
CA ALA E 405 -15.80 -28.21 -43.72
C ALA E 405 -16.21 -26.92 -44.43
N ASN E 406 -15.22 -26.14 -44.86
CA ASN E 406 -15.47 -24.87 -45.53
C ASN E 406 -15.48 -25.11 -47.04
N GLY E 407 -16.68 -25.08 -47.62
CA GLY E 407 -16.84 -25.20 -49.05
C GLY E 407 -16.35 -26.52 -49.63
N PRO E 408 -17.02 -27.62 -49.30
CA PRO E 408 -16.68 -28.91 -49.91
C PRO E 408 -17.39 -29.18 -51.23
N THR E 409 -18.31 -28.31 -51.64
CA THR E 409 -19.09 -28.51 -52.86
C THR E 409 -18.88 -27.32 -53.79
N THR E 410 -18.50 -27.60 -55.03
CA THR E 410 -18.36 -26.54 -56.02
C THR E 410 -19.74 -26.03 -56.44
N PRO E 411 -19.84 -24.75 -56.80
CA PRO E 411 -21.16 -24.21 -57.20
C PRO E 411 -21.77 -24.93 -58.39
N GLU E 412 -20.94 -25.45 -59.30
CA GLU E 412 -21.49 -26.19 -60.43
C GLU E 412 -22.21 -27.46 -59.98
N ALA E 413 -21.67 -28.14 -58.97
CA ALA E 413 -22.28 -29.38 -58.50
C ALA E 413 -23.62 -29.13 -57.84
N ASP E 414 -23.80 -27.97 -57.18
CA ASP E 414 -25.04 -27.71 -56.48
C ASP E 414 -26.24 -27.67 -57.42
N LYS E 415 -26.02 -27.33 -58.69
CA LYS E 415 -27.11 -27.33 -59.65
C LYS E 415 -27.68 -28.73 -59.82
N ILE E 416 -26.83 -29.74 -59.84
CA ILE E 416 -27.30 -31.12 -59.96
C ILE E 416 -28.16 -31.50 -58.75
N PHE E 417 -27.69 -31.14 -57.54
CA PHE E 417 -28.45 -31.49 -56.34
C PHE E 417 -29.80 -30.78 -56.32
N LEU E 418 -29.83 -29.50 -56.70
CA LEU E 418 -31.12 -28.80 -56.80
C LEU E 418 -31.99 -29.40 -57.89
N GLU E 419 -31.38 -29.98 -58.93
CA GLU E 419 -32.17 -30.57 -60.01
C GLU E 419 -32.99 -31.75 -59.52
N ARG E 420 -32.42 -32.60 -58.68
CA ARG E 420 -33.08 -33.80 -58.19
C ARG E 420 -33.36 -33.72 -56.68
N ASN E 421 -33.72 -32.54 -56.22
CA ASN E 421 -34.18 -32.27 -54.85
C ASN E 421 -33.37 -33.03 -53.79
N ILE E 422 -32.08 -32.72 -53.76
CA ILE E 422 -31.18 -33.26 -52.74
C ILE E 422 -30.79 -32.11 -51.83
N MET E 423 -31.23 -32.17 -50.57
CA MET E 423 -30.97 -31.09 -49.63
C MET E 423 -29.50 -31.01 -49.27
N VAL E 424 -28.99 -29.78 -49.20
CA VAL E 424 -27.60 -29.52 -48.82
C VAL E 424 -27.60 -28.48 -47.71
N ILE E 425 -27.09 -28.87 -46.55
CA ILE E 425 -26.98 -27.95 -45.42
C ILE E 425 -25.77 -27.05 -45.64
N PRO E 426 -25.94 -25.73 -45.62
CA PRO E 426 -24.81 -24.84 -45.93
C PRO E 426 -23.72 -24.93 -44.87
N ASP E 427 -22.48 -24.71 -45.32
CA ASP E 427 -21.35 -24.67 -44.41
C ASP E 427 -21.34 -23.37 -43.59
N LEU E 428 -22.00 -22.33 -44.07
CA LEU E 428 -22.02 -21.06 -43.36
C LEU E 428 -22.69 -21.20 -42.00
N TYR E 429 -23.74 -22.02 -41.92
CA TYR E 429 -24.52 -22.15 -40.69
C TYR E 429 -24.11 -23.36 -39.87
N LEU E 430 -23.58 -24.41 -40.52
CA LEU E 430 -23.39 -25.69 -39.83
C LEU E 430 -22.29 -25.62 -38.78
N ASN E 431 -21.14 -25.05 -39.13
CA ASN E 431 -19.94 -25.12 -38.29
C ASN E 431 -19.73 -23.83 -37.50
N ALA E 432 -20.80 -23.21 -37.02
CA ALA E 432 -20.68 -21.99 -36.22
C ALA E 432 -20.59 -22.26 -34.72
N GLY E 433 -20.51 -23.53 -34.31
CA GLY E 433 -20.37 -23.82 -32.91
C GLY E 433 -19.10 -23.25 -32.32
N GLY E 434 -18.01 -23.28 -33.08
CA GLY E 434 -16.77 -22.68 -32.61
C GLY E 434 -16.90 -21.19 -32.40
N VAL E 435 -17.57 -20.49 -33.31
CA VAL E 435 -17.78 -19.06 -33.16
C VAL E 435 -18.62 -18.78 -31.92
N THR E 436 -19.69 -19.54 -31.73
CA THR E 436 -20.55 -19.32 -30.56
C THR E 436 -19.79 -19.57 -29.26
N VAL E 437 -18.99 -20.64 -29.20
CA VAL E 437 -18.28 -20.93 -27.95
C VAL E 437 -17.18 -19.90 -27.72
N SER E 438 -16.57 -19.38 -28.79
CA SER E 438 -15.61 -18.30 -28.62
C SER E 438 -16.28 -17.05 -28.08
N TYR E 439 -17.49 -16.76 -28.56
CA TYR E 439 -18.27 -15.64 -28.02
C TYR E 439 -18.55 -15.84 -26.53
N PHE E 440 -18.92 -17.07 -26.15
CA PHE E 440 -19.18 -17.36 -24.75
C PHE E 440 -17.92 -17.20 -23.90
N GLU E 441 -16.77 -17.65 -24.41
CA GLU E 441 -15.52 -17.49 -23.68
C GLU E 441 -15.16 -16.02 -23.51
N TRP E 442 -15.36 -15.22 -24.57
CA TRP E 442 -15.12 -13.78 -24.46
C TRP E 442 -16.02 -13.16 -23.41
N LEU E 443 -17.30 -13.55 -23.38
CA LEU E 443 -18.21 -13.05 -22.37
C LEU E 443 -17.77 -13.44 -20.97
N LYS E 444 -17.31 -14.69 -20.81
CA LYS E 444 -16.85 -15.13 -19.50
C LYS E 444 -15.64 -14.32 -19.04
N ASN E 445 -14.70 -14.07 -19.95
CA ASN E 445 -13.55 -13.25 -19.59
C ASN E 445 -13.97 -11.84 -19.23
N LEU E 446 -14.98 -11.30 -19.91
CA LEU E 446 -15.51 -9.99 -19.54
C LEU E 446 -16.12 -10.01 -18.14
N ASN E 447 -16.85 -11.08 -17.80
CA ASN E 447 -17.56 -11.14 -16.52
C ASN E 447 -16.65 -11.48 -15.34
N HIS E 448 -15.44 -11.96 -15.59
CA HIS E 448 -14.47 -12.30 -14.55
C HIS E 448 -14.97 -13.38 -13.61
N VAL E 449 -15.88 -14.24 -14.05
CA VAL E 449 -16.40 -15.32 -13.22
C VAL E 449 -16.91 -16.43 -14.11
N SER E 450 -16.69 -17.67 -13.70
CA SER E 450 -17.20 -18.82 -14.43
C SER E 450 -18.71 -18.88 -14.33
N TYR E 451 -19.33 -19.45 -15.37
CA TYR E 451 -20.79 -19.50 -15.43
C TYR E 451 -21.35 -20.44 -14.36
N GLY E 452 -22.50 -20.07 -13.82
CA GLY E 452 -23.20 -20.90 -12.86
C GLY E 452 -22.45 -21.11 -11.55
N ARG E 453 -21.76 -20.08 -11.09
CA ARG E 453 -21.07 -20.16 -9.80
C ARG E 453 -21.92 -19.68 -8.64
N LEU E 454 -22.87 -18.79 -8.89
CA LEU E 454 -23.72 -18.22 -7.86
C LEU E 454 -25.13 -18.78 -7.89
N THR E 455 -25.38 -19.83 -8.66
CA THR E 455 -26.76 -20.30 -8.83
C THR E 455 -26.95 -21.81 -8.74
N PHE E 456 -25.90 -22.62 -8.68
CA PHE E 456 -26.10 -24.06 -8.66
C PHE E 456 -26.78 -24.52 -7.37
N LYS E 457 -26.25 -24.10 -6.22
CA LYS E 457 -26.84 -24.50 -4.96
C LYS E 457 -28.21 -23.88 -4.75
N TYR E 458 -28.39 -22.65 -5.22
CA TYR E 458 -29.71 -22.00 -5.14
C TYR E 458 -30.75 -22.80 -5.91
N GLU E 459 -30.41 -23.19 -7.14
CA GLU E 459 -31.35 -23.97 -7.95
C GLU E 459 -31.61 -25.34 -7.32
N ARG E 460 -30.56 -25.97 -6.78
CA ARG E 460 -30.75 -27.27 -6.13
C ARG E 460 -31.70 -27.16 -4.95
N ASP E 461 -31.51 -26.14 -4.12
CA ASP E 461 -32.39 -25.95 -2.97
C ASP E 461 -33.81 -25.66 -3.41
N SER E 462 -33.98 -24.84 -4.45
CA SER E 462 -35.33 -24.54 -4.94
C SER E 462 -36.01 -25.80 -5.45
N ASN E 463 -35.29 -26.64 -6.20
CA ASN E 463 -35.88 -27.88 -6.69
C ASN E 463 -36.27 -28.81 -5.55
N TYR E 464 -35.40 -28.94 -4.55
CA TYR E 464 -35.73 -29.79 -3.41
C TYR E 464 -36.95 -29.27 -2.66
N HIS E 465 -37.03 -27.95 -2.48
CA HIS E 465 -38.19 -27.37 -1.81
C HIS E 465 -39.46 -27.61 -2.62
N LEU E 466 -39.39 -27.50 -3.93
CA LEU E 466 -40.57 -27.73 -4.77
C LEU E 466 -41.03 -29.18 -4.66
N LEU E 467 -40.09 -30.12 -4.71
CA LEU E 467 -40.46 -31.52 -4.57
C LEU E 467 -41.06 -31.81 -3.20
N MET E 468 -40.48 -31.24 -2.15
CA MET E 468 -41.04 -31.42 -0.81
C MET E 468 -42.42 -30.81 -0.69
N SER E 469 -42.66 -29.67 -1.33
CA SER E 469 -43.98 -29.06 -1.32
C SER E 469 -44.99 -29.96 -1.99
N VAL E 470 -44.62 -30.55 -3.14
CA VAL E 470 -45.52 -31.48 -3.81
C VAL E 470 -45.82 -32.67 -2.90
N GLN E 471 -44.78 -33.20 -2.25
CA GLN E 471 -44.96 -34.34 -1.35
C GLN E 471 -45.94 -34.01 -0.23
N GLU E 472 -45.70 -32.89 0.46
CA GLU E 472 -46.55 -32.53 1.59
C GLU E 472 -47.98 -32.26 1.15
N SER E 473 -48.16 -31.61 0.00
CA SER E 473 -49.50 -31.35 -0.49
C SER E 473 -50.23 -32.63 -0.84
N LEU E 474 -49.52 -33.60 -1.44
CA LEU E 474 -50.15 -34.88 -1.74
C LEU E 474 -50.50 -35.64 -0.47
N GLU E 475 -49.63 -35.58 0.54
CA GLU E 475 -49.91 -36.26 1.80
C GLU E 475 -51.14 -35.69 2.51
N ARG E 476 -51.48 -34.42 2.23
CA ARG E 476 -52.65 -33.84 2.87
C ARG E 476 -53.94 -34.45 2.33
N LYS E 477 -53.98 -34.77 1.04
CA LYS E 477 -55.20 -35.29 0.43
C LYS E 477 -55.48 -36.72 0.87
N PHE E 478 -54.46 -37.58 0.91
CA PHE E 478 -54.62 -38.98 1.29
C PHE E 478 -53.82 -39.25 2.55
N GLY E 479 -54.47 -39.82 3.56
CA GLY E 479 -53.81 -40.14 4.81
C GLY E 479 -53.98 -41.58 5.24
N GLY E 482 -50.21 -42.81 5.00
CA GLY E 482 -48.86 -43.34 4.96
C GLY E 482 -47.96 -42.59 4.00
N GLY E 483 -46.65 -42.84 4.11
CA GLY E 483 -45.69 -42.19 3.25
C GLY E 483 -45.89 -42.51 1.77
N THR E 484 -45.90 -41.47 0.94
CA THR E 484 -46.08 -41.61 -0.50
C THR E 484 -45.11 -40.72 -1.26
N ILE E 485 -43.90 -40.55 -0.73
CA ILE E 485 -42.95 -39.50 -1.11
C ILE E 485 -42.71 -39.43 -2.62
N PRO E 486 -43.11 -38.33 -3.29
CA PRO E 486 -42.63 -38.05 -4.64
C PRO E 486 -41.34 -37.23 -4.63
N ILE E 487 -40.39 -37.67 -3.82
CA ILE E 487 -39.20 -36.88 -3.55
C ILE E 487 -37.97 -37.38 -4.31
N VAL E 488 -37.87 -38.67 -4.59
CA VAL E 488 -36.70 -39.20 -5.28
C VAL E 488 -36.71 -38.72 -6.72
N PRO E 489 -35.65 -38.06 -7.18
CA PRO E 489 -35.55 -37.70 -8.59
C PRO E 489 -35.13 -38.90 -9.43
N THR E 490 -35.30 -38.76 -10.74
CA THR E 490 -34.88 -39.80 -11.65
C THR E 490 -33.35 -39.90 -11.65
N ALA E 491 -32.86 -41.05 -12.12
CA ALA E 491 -31.41 -41.25 -12.18
C ALA E 491 -30.76 -40.23 -13.11
N GLU E 492 -31.37 -39.97 -14.26
CA GLU E 492 -30.84 -38.97 -15.19
C GLU E 492 -30.85 -37.57 -14.58
N PHE E 493 -31.77 -37.29 -13.67
CA PHE E 493 -31.82 -35.99 -13.00
C PHE E 493 -30.89 -35.95 -11.79
N GLN E 494 -30.80 -37.05 -11.05
CA GLN E 494 -29.88 -37.09 -9.90
C GLN E 494 -28.44 -36.98 -10.37
N ASP E 495 -28.08 -37.65 -11.46
CA ASP E 495 -26.72 -37.52 -11.99
C ASP E 495 -26.45 -36.11 -12.48
N ARG E 496 -27.45 -35.48 -13.11
CA ARG E 496 -27.28 -34.12 -13.60
C ARG E 496 -27.09 -33.15 -12.44
N ILE E 497 -27.83 -33.32 -11.35
CA ILE E 497 -27.71 -32.43 -10.20
C ILE E 497 -26.30 -32.52 -9.60
N SER E 498 -25.79 -33.74 -9.43
CA SER E 498 -24.48 -33.91 -8.79
C SER E 498 -23.35 -33.35 -9.65
N GLY E 499 -23.41 -33.57 -10.96
CA GLY E 499 -22.32 -33.17 -11.84
C GLY E 499 -22.55 -31.86 -12.56
N ALA E 500 -23.11 -30.87 -11.87
CA ALA E 500 -23.35 -29.58 -12.49
C ALA E 500 -22.03 -28.84 -12.72
N SER E 501 -21.93 -28.20 -13.88
CA SER E 501 -20.75 -27.43 -14.25
C SER E 501 -21.12 -26.48 -15.36
N GLU E 502 -20.21 -25.56 -15.66
CA GLU E 502 -20.46 -24.59 -16.72
C GLU E 502 -20.47 -25.22 -18.11
N LYS E 503 -19.96 -26.45 -18.22
CA LYS E 503 -20.04 -27.16 -19.50
C LYS E 503 -21.49 -27.38 -19.90
N ASP E 504 -22.34 -27.74 -18.93
CA ASP E 504 -23.76 -27.88 -19.22
C ASP E 504 -24.37 -26.58 -19.70
N ILE E 505 -23.99 -25.47 -19.08
CA ILE E 505 -24.54 -24.16 -19.46
C ILE E 505 -24.12 -23.80 -20.87
N VAL E 506 -22.84 -24.01 -21.21
CA VAL E 506 -22.39 -23.62 -22.54
C VAL E 506 -23.00 -24.53 -23.60
N HIS E 507 -23.14 -25.82 -23.31
CA HIS E 507 -23.80 -26.71 -24.26
C HIS E 507 -25.27 -26.31 -24.47
N SER E 508 -25.95 -25.95 -23.38
CA SER E 508 -27.33 -25.51 -23.50
C SER E 508 -27.44 -24.24 -24.33
N GLY E 509 -26.53 -23.29 -24.11
CA GLY E 509 -26.53 -22.07 -24.91
C GLY E 509 -26.29 -22.35 -26.38
N LEU E 510 -25.35 -23.25 -26.68
CA LEU E 510 -25.09 -23.63 -28.07
C LEU E 510 -26.34 -24.24 -28.70
N ALA E 511 -26.99 -25.16 -27.99
CA ALA E 511 -28.19 -25.80 -28.54
C ALA E 511 -29.28 -24.78 -28.80
N TYR E 512 -29.50 -23.88 -27.84
CA TYR E 512 -30.53 -22.86 -28.02
C TYR E 512 -30.22 -21.95 -29.20
N THR E 513 -28.96 -21.54 -29.33
CA THR E 513 -28.59 -20.65 -30.43
C THR E 513 -28.80 -21.32 -31.79
N MET E 514 -28.37 -22.58 -31.91
CA MET E 514 -28.55 -23.28 -33.18
C MET E 514 -30.03 -23.48 -33.49
N GLU E 515 -30.82 -23.84 -32.47
CA GLU E 515 -32.25 -24.04 -32.68
C GLU E 515 -32.92 -22.76 -33.14
N ARG E 516 -32.59 -21.64 -32.52
CA ARG E 516 -33.20 -20.37 -32.89
C ARG E 516 -32.73 -19.88 -34.25
N SER E 517 -31.48 -20.14 -34.63
CA SER E 517 -30.99 -19.73 -35.95
C SER E 517 -31.55 -20.58 -37.08
N ALA E 518 -31.78 -21.87 -36.84
CA ALA E 518 -32.30 -22.73 -37.90
C ALA E 518 -33.66 -22.27 -38.37
N ARG E 519 -34.56 -21.95 -37.44
CA ARG E 519 -35.90 -21.50 -37.81
C ARG E 519 -35.83 -20.15 -38.53
N GLN E 520 -34.95 -19.27 -38.09
CA GLN E 520 -34.80 -17.98 -38.75
C GLN E 520 -34.33 -18.16 -40.20
N ILE E 521 -33.43 -19.12 -40.43
CA ILE E 521 -33.03 -19.43 -41.80
C ILE E 521 -34.21 -20.01 -42.58
N MET E 522 -34.98 -20.90 -41.94
CA MET E 522 -36.13 -21.52 -42.60
C MET E 522 -37.16 -20.48 -43.05
N ARG E 523 -37.31 -19.39 -42.29
CA ARG E 523 -38.33 -18.40 -42.62
C ARG E 523 -38.05 -17.75 -43.97
N THR E 524 -36.79 -17.39 -44.24
CA THR E 524 -36.48 -16.64 -45.44
C THR E 524 -36.70 -17.45 -46.71
N ALA E 525 -36.50 -18.77 -46.65
CA ALA E 525 -36.71 -19.59 -47.83
C ALA E 525 -38.17 -19.57 -48.26
N MET E 526 -39.09 -19.65 -47.31
CA MET E 526 -40.51 -19.45 -47.64
C MET E 526 -40.77 -18.01 -48.05
N LYS E 527 -40.05 -17.05 -47.46
CA LYS E 527 -40.30 -15.65 -47.78
C LYS E 527 -40.01 -15.35 -49.25
N TYR E 528 -38.92 -15.89 -49.78
CA TYR E 528 -38.51 -15.62 -51.15
C TYR E 528 -38.81 -16.77 -52.10
N ASN E 529 -39.67 -17.71 -51.70
CA ASN E 529 -40.10 -18.82 -52.55
C ASN E 529 -38.92 -19.69 -52.99
N LEU E 530 -37.85 -19.70 -52.19
CA LEU E 530 -36.72 -20.56 -52.47
C LEU E 530 -37.06 -22.00 -52.13
N GLY E 531 -36.41 -22.92 -52.83
CA GLY E 531 -36.67 -24.34 -52.63
C GLY E 531 -35.77 -24.95 -51.58
N LEU E 532 -34.96 -25.92 -51.98
CA LEU E 532 -34.01 -26.58 -51.09
C LEU E 532 -32.65 -25.90 -51.10
N ASP E 533 -32.54 -24.71 -51.69
CA ASP E 533 -31.27 -23.98 -51.76
C ASP E 533 -31.16 -23.15 -50.48
N LEU E 534 -30.67 -23.78 -49.42
CA LEU E 534 -30.54 -23.10 -48.14
C LEU E 534 -29.35 -22.15 -48.10
N ARG E 535 -28.34 -22.37 -48.94
CA ARG E 535 -27.16 -21.51 -48.93
C ARG E 535 -27.52 -20.07 -49.26
N THR E 536 -28.30 -19.88 -50.33
CA THR E 536 -28.71 -18.53 -50.68
C THR E 536 -29.64 -17.93 -49.64
N ALA E 537 -30.43 -18.76 -48.97
CA ALA E 537 -31.29 -18.26 -47.90
C ALA E 537 -30.46 -17.72 -46.74
N ALA E 538 -29.42 -18.47 -46.33
CA ALA E 538 -28.56 -18.00 -45.26
C ALA E 538 -27.81 -16.73 -45.66
N TYR E 539 -27.34 -16.68 -46.92
CA TYR E 539 -26.64 -15.49 -47.38
C TYR E 539 -27.56 -14.27 -47.39
N VAL E 540 -28.81 -14.45 -47.83
CA VAL E 540 -29.76 -13.35 -47.80
C VAL E 540 -30.04 -12.92 -46.37
N ASN E 541 -30.15 -13.87 -45.45
CA ASN E 541 -30.34 -13.52 -44.04
C ASN E 541 -29.22 -12.63 -43.53
N ALA E 542 -27.97 -13.04 -43.79
CA ALA E 542 -26.83 -12.25 -43.34
C ALA E 542 -26.81 -10.87 -43.98
N ILE E 543 -27.09 -10.80 -45.29
CA ILE E 543 -27.09 -9.52 -45.99
C ILE E 543 -28.15 -8.60 -45.41
N GLU E 544 -29.34 -9.12 -45.16
CA GLU E 544 -30.42 -8.30 -44.61
C GLU E 544 -30.05 -7.78 -43.22
N LYS E 545 -29.48 -8.64 -42.38
CA LYS E 545 -29.11 -8.20 -41.03
C LYS E 545 -28.07 -7.09 -41.08
N VAL E 546 -27.02 -7.27 -41.88
CA VAL E 546 -25.96 -6.27 -41.93
C VAL E 546 -26.47 -4.97 -42.54
N PHE E 547 -27.33 -5.08 -43.57
CA PHE E 547 -27.92 -3.89 -44.16
C PHE E 547 -28.76 -3.13 -43.15
N LYS E 548 -29.52 -3.85 -42.32
CA LYS E 548 -30.27 -3.18 -41.27
C LYS E 548 -29.34 -2.46 -40.31
N VAL E 549 -28.24 -3.11 -39.93
CA VAL E 549 -27.30 -2.50 -38.99
C VAL E 549 -26.78 -1.17 -39.55
N TYR E 550 -26.40 -1.16 -40.83
CA TYR E 550 -26.01 0.13 -41.43
C TYR E 550 -27.18 1.10 -41.54
N ASN E 551 -28.38 0.61 -41.86
CA ASN E 551 -29.49 1.52 -42.16
C ASN E 551 -29.91 2.30 -40.92
N GLU E 552 -30.13 1.62 -39.80
CA GLU E 552 -30.45 2.37 -38.59
C GLU E 552 -29.25 3.05 -37.95
N ALA E 553 -28.04 2.79 -38.45
CA ALA E 553 -26.86 3.49 -37.92
C ALA E 553 -26.87 4.96 -38.29
N GLY E 554 -27.31 5.28 -39.50
CA GLY E 554 -27.32 6.66 -39.97
C GLY E 554 -26.61 6.85 -41.28
N ASN F 65 -23.79 50.97 -20.22
CA ASN F 65 -23.01 50.10 -19.35
C ASN F 65 -21.94 49.36 -20.13
N PHE F 66 -21.02 48.71 -19.38
CA PHE F 66 -19.88 48.05 -20.01
C PHE F 66 -20.27 46.84 -20.84
N PHE F 67 -21.41 46.20 -20.54
CA PHE F 67 -21.77 45.00 -21.27
C PHE F 67 -22.17 45.30 -22.70
N LYS F 68 -22.80 46.45 -22.94
CA LYS F 68 -23.29 46.80 -24.27
C LYS F 68 -22.26 47.50 -25.14
N MET F 69 -21.27 48.17 -24.54
CA MET F 69 -20.28 48.89 -25.33
C MET F 69 -19.39 47.97 -26.14
N VAL F 70 -19.01 46.80 -25.60
CA VAL F 70 -18.19 45.87 -26.37
C VAL F 70 -18.97 45.34 -27.57
N GLU F 71 -20.26 45.03 -27.38
CA GLU F 71 -21.08 44.58 -28.50
C GLU F 71 -21.22 45.69 -29.54
N GLY F 72 -21.40 46.93 -29.09
CA GLY F 72 -21.47 48.04 -30.02
C GLY F 72 -20.19 48.23 -30.82
N PHE F 73 -19.05 48.09 -30.14
CA PHE F 73 -17.76 48.19 -30.82
C PHE F 73 -17.61 47.09 -31.86
N PHE F 74 -17.98 45.86 -31.51
CA PHE F 74 -17.89 44.77 -32.48
C PHE F 74 -18.81 45.01 -33.66
N ASP F 75 -20.03 45.50 -33.41
CA ASP F 75 -20.96 45.76 -34.50
C ASP F 75 -20.44 46.86 -35.42
N ARG F 76 -19.86 47.92 -34.84
CA ARG F 76 -19.30 48.99 -35.65
C ARG F 76 -18.11 48.49 -36.48
N GLY F 77 -17.27 47.64 -35.90
CA GLY F 77 -16.11 47.14 -36.61
C GLY F 77 -16.41 46.07 -37.65
N ALA F 78 -17.53 45.36 -37.48
CA ALA F 78 -17.88 44.28 -38.38
C ALA F 78 -18.56 44.75 -39.66
N SER F 79 -19.03 46.00 -39.70
CA SER F 79 -19.63 46.54 -40.90
C SER F 79 -18.64 47.29 -41.79
N ILE F 80 -17.60 47.87 -41.19
CA ILE F 80 -16.59 48.56 -41.96
C ILE F 80 -15.76 47.58 -42.77
N VAL F 81 -15.46 46.40 -42.21
CA VAL F 81 -14.54 45.47 -42.85
C VAL F 81 -15.23 44.57 -43.87
N GLU F 82 -16.56 44.43 -43.80
CA GLU F 82 -17.25 43.45 -44.64
C GLU F 82 -17.11 43.77 -46.12
N ASP F 83 -17.21 45.05 -46.48
CA ASP F 83 -17.17 45.43 -47.90
C ASP F 83 -15.84 45.06 -48.53
N LYS F 84 -14.73 45.35 -47.83
CA LYS F 84 -13.43 44.99 -48.36
C LYS F 84 -13.16 43.50 -48.25
N LEU F 85 -13.78 42.83 -47.26
CA LEU F 85 -13.53 41.42 -47.05
C LEU F 85 -14.20 40.55 -48.11
N VAL F 86 -15.43 40.90 -48.49
CA VAL F 86 -16.16 40.08 -49.45
C VAL F 86 -15.50 40.15 -50.83
N GLU F 87 -14.92 41.30 -51.18
CA GLU F 87 -14.41 41.50 -52.53
C GLU F 87 -13.04 40.87 -52.72
N ASP F 88 -12.04 41.33 -51.96
CA ASP F 88 -10.65 40.98 -52.20
C ASP F 88 -10.09 40.01 -51.17
N LEU F 89 -10.93 39.13 -50.62
CA LEU F 89 -10.44 38.13 -49.67
C LEU F 89 -11.06 36.76 -49.89
N ARG F 90 -11.60 36.49 -51.08
CA ARG F 90 -12.17 35.19 -51.40
C ARG F 90 -11.70 34.75 -52.77
N THR F 91 -11.69 33.43 -52.97
CA THR F 91 -11.26 32.85 -54.23
C THR F 91 -12.33 31.92 -54.81
N GLU F 95 -17.93 31.01 -54.75
CA GLU F 95 -18.14 31.61 -56.06
C GLU F 95 -19.60 32.01 -56.25
N GLU F 96 -19.93 32.38 -57.49
CA GLU F 96 -21.29 32.75 -57.88
C GLU F 96 -21.84 33.93 -57.07
N GLN F 97 -20.94 34.77 -56.55
CA GLN F 97 -21.31 35.97 -55.79
C GLN F 97 -22.09 35.61 -54.53
N LYS F 98 -22.15 34.33 -54.19
CA LYS F 98 -22.76 33.89 -52.94
C LYS F 98 -21.75 33.92 -51.80
N ARG F 99 -21.08 35.06 -51.65
CA ARG F 99 -20.08 35.25 -50.61
C ARG F 99 -20.54 36.18 -49.50
N ASN F 100 -21.54 37.01 -49.74
CA ASN F 100 -22.17 37.75 -48.66
C ASN F 100 -22.90 36.84 -47.68
N ARG F 101 -23.34 35.67 -48.14
CA ARG F 101 -23.89 34.66 -47.25
C ARG F 101 -22.81 33.93 -46.46
N VAL F 102 -21.55 34.03 -46.88
CA VAL F 102 -20.44 33.50 -46.11
C VAL F 102 -20.10 34.40 -44.93
N ARG F 103 -20.70 35.59 -44.86
CA ARG F 103 -20.50 36.50 -43.75
C ARG F 103 -21.24 36.06 -42.49
N GLY F 104 -21.72 34.83 -42.44
CA GLY F 104 -22.14 34.24 -41.20
C GLY F 104 -20.99 33.93 -40.26
N ILE F 105 -19.75 33.99 -40.74
CA ILE F 105 -18.60 33.81 -39.86
C ILE F 105 -18.60 34.89 -38.78
N LEU F 106 -19.00 36.10 -39.12
CA LEU F 106 -19.12 37.15 -38.12
C LEU F 106 -20.16 36.78 -37.07
N ARG F 107 -21.29 36.24 -37.49
CA ARG F 107 -22.30 35.79 -36.54
C ARG F 107 -21.78 34.66 -35.66
N ILE F 108 -20.90 33.82 -36.20
CA ILE F 108 -20.29 32.77 -35.39
C ILE F 108 -19.35 33.37 -34.35
N ILE F 109 -18.56 34.36 -34.76
CA ILE F 109 -17.60 34.98 -33.85
C ILE F 109 -18.30 35.74 -32.74
N LYS F 110 -19.44 36.36 -33.04
CA LYS F 110 -20.06 37.31 -32.11
C LYS F 110 -20.35 36.75 -30.72
N PRO F 111 -21.01 35.60 -30.54
CA PRO F 111 -21.42 35.18 -29.20
C PRO F 111 -20.40 34.28 -28.53
N CYS F 112 -20.57 34.15 -27.22
CA CYS F 112 -19.72 33.29 -26.41
C CYS F 112 -20.08 31.82 -26.63
N ASN F 113 -19.05 30.97 -26.59
CA ASN F 113 -19.26 29.55 -26.91
C ASN F 113 -19.80 28.78 -25.71
N HIS F 114 -19.04 28.73 -24.62
CA HIS F 114 -19.39 27.91 -23.46
C HIS F 114 -19.49 28.78 -22.21
N VAL F 115 -20.52 28.54 -21.41
CA VAL F 115 -20.68 29.19 -20.11
C VAL F 115 -21.04 28.10 -19.10
N LEU F 116 -20.34 28.11 -17.96
CA LEU F 116 -20.52 27.08 -16.95
C LEU F 116 -20.82 27.73 -15.60
N SER F 117 -21.85 27.25 -14.92
CA SER F 117 -22.22 27.72 -13.60
C SER F 117 -22.03 26.60 -12.59
N LEU F 118 -21.51 26.95 -11.41
CA LEU F 118 -21.15 25.97 -10.41
C LEU F 118 -21.84 26.27 -9.08
N SER F 119 -21.89 25.25 -8.22
CA SER F 119 -22.39 25.40 -6.85
C SER F 119 -21.75 24.30 -6.03
N PHE F 120 -20.72 24.65 -5.26
CA PHE F 120 -19.96 23.65 -4.51
C PHE F 120 -19.93 24.01 -3.04
N PRO F 121 -19.91 23.00 -2.17
CA PRO F 121 -19.89 23.26 -0.73
C PRO F 121 -18.50 23.27 -0.14
N ILE F 122 -18.35 24.05 0.94
CA ILE F 122 -17.13 24.11 1.72
C ILE F 122 -17.48 23.93 3.18
N ARG F 123 -16.46 23.62 3.98
CA ARG F 123 -16.62 23.46 5.43
C ARG F 123 -15.94 24.64 6.11
N ARG F 124 -16.73 25.42 6.84
CA ARG F 124 -16.19 26.57 7.53
C ARG F 124 -15.40 26.14 8.77
N ASP F 125 -14.73 27.11 9.40
CA ASP F 125 -13.91 26.80 10.56
C ASP F 125 -14.74 26.29 11.72
N ASP F 126 -15.90 26.91 11.96
CA ASP F 126 -16.74 26.51 13.10
C ASP F 126 -17.78 25.46 12.70
N GLY F 127 -17.33 24.41 12.02
CA GLY F 127 -18.20 23.28 11.72
C GLY F 127 -19.46 23.65 10.96
N SER F 128 -19.34 24.57 10.01
CA SER F 128 -20.49 25.07 9.26
C SER F 128 -20.33 24.75 7.78
N TRP F 129 -21.46 24.56 7.11
CA TRP F 129 -21.49 24.25 5.69
C TRP F 129 -22.13 25.41 4.93
N GLU F 130 -21.49 25.80 3.84
CA GLU F 130 -21.98 26.87 2.99
C GLU F 130 -21.84 26.45 1.54
N VAL F 131 -22.66 27.06 0.67
CA VAL F 131 -22.63 26.81 -0.76
C VAL F 131 -22.13 28.06 -1.45
N ILE F 132 -21.18 27.89 -2.38
CA ILE F 132 -20.57 28.99 -3.10
C ILE F 132 -20.76 28.74 -4.59
N GLU F 133 -21.17 29.77 -5.31
CA GLU F 133 -21.44 29.68 -6.74
C GLU F 133 -20.40 30.46 -7.53
N GLY F 134 -19.99 29.90 -8.67
CA GLY F 134 -19.01 30.54 -9.52
C GLY F 134 -19.35 30.34 -10.99
N TYR F 135 -18.67 31.13 -11.82
CA TYR F 135 -18.94 31.14 -13.26
C TYR F 135 -17.65 31.08 -14.05
N ARG F 136 -17.74 30.55 -15.26
CA ARG F 136 -16.63 30.53 -16.20
C ARG F 136 -17.19 30.59 -17.62
N ALA F 137 -16.56 31.41 -18.46
CA ALA F 137 -17.02 31.59 -19.83
C ALA F 137 -15.83 31.47 -20.78
N GLN F 138 -16.01 30.75 -21.88
CA GLN F 138 -15.01 30.64 -22.93
C GLN F 138 -15.60 31.18 -24.21
N HIS F 139 -15.03 32.28 -24.73
CA HIS F 139 -15.63 32.96 -25.86
C HIS F 139 -15.31 32.25 -27.17
N SER F 140 -14.04 32.16 -27.53
CA SER F 140 -13.63 31.59 -28.80
C SER F 140 -12.61 30.48 -28.57
N GLN F 141 -12.57 29.54 -29.50
CA GLN F 141 -11.68 28.39 -29.39
C GLN F 141 -10.92 28.14 -30.68
N HIS F 142 -10.66 29.20 -31.46
CA HIS F 142 -9.82 29.04 -32.64
C HIS F 142 -8.37 28.79 -32.24
N ARG F 143 -7.95 29.29 -31.09
CA ARG F 143 -6.66 28.94 -30.50
C ARG F 143 -6.94 28.04 -29.30
N THR F 144 -6.27 26.90 -29.24
CA THR F 144 -6.63 25.88 -28.27
C THR F 144 -6.48 26.35 -26.83
N PRO F 145 -5.37 27.01 -26.41
CA PRO F 145 -5.30 27.50 -25.02
C PRO F 145 -6.17 28.73 -24.84
N CYS F 146 -7.19 28.62 -24.00
CA CYS F 146 -7.97 29.78 -23.62
C CYS F 146 -7.30 30.50 -22.46
N LYS F 147 -7.40 31.83 -22.48
CA LYS F 147 -6.76 32.66 -21.47
C LYS F 147 -7.79 33.57 -20.82
N GLY F 148 -7.65 33.78 -19.51
CA GLY F 148 -8.59 34.63 -18.80
C GLY F 148 -8.20 34.72 -17.33
N GLY F 149 -8.89 35.62 -16.64
CA GLY F 149 -8.63 35.86 -15.24
C GLY F 149 -9.70 35.29 -14.33
N ILE F 150 -9.41 35.35 -13.03
CA ILE F 150 -10.32 34.89 -11.98
C ILE F 150 -10.55 36.05 -11.02
N ARG F 151 -11.82 36.37 -10.77
CA ARG F 151 -12.20 37.51 -9.96
C ARG F 151 -12.95 37.05 -8.73
N TYR F 152 -12.53 37.53 -7.55
CA TYR F 152 -13.21 37.27 -6.29
C TYR F 152 -13.96 38.53 -5.89
N SER F 153 -15.29 38.52 -6.04
CA SER F 153 -16.10 39.67 -5.70
C SER F 153 -17.50 39.21 -5.40
N THR F 154 -18.26 40.06 -4.71
CA THR F 154 -19.62 39.75 -4.31
C THR F 154 -20.66 40.30 -5.28
N ASP F 155 -20.23 40.81 -6.44
CA ASP F 155 -21.16 41.38 -7.42
C ASP F 155 -20.89 40.87 -8.82
N VAL F 156 -20.19 39.74 -8.96
CA VAL F 156 -19.93 39.18 -10.28
C VAL F 156 -21.22 38.62 -10.84
N SER F 157 -21.39 38.75 -12.16
CA SER F 157 -22.58 38.28 -12.85
C SER F 157 -22.17 37.56 -14.13
N VAL F 158 -23.12 36.83 -14.70
CA VAL F 158 -22.85 36.09 -15.94
C VAL F 158 -22.52 37.06 -17.07
N ASP F 159 -23.28 38.16 -17.17
CA ASP F 159 -23.06 39.10 -18.25
C ASP F 159 -21.67 39.72 -18.18
N GLU F 160 -21.19 39.99 -16.97
CA GLU F 160 -19.87 40.59 -16.81
C GLU F 160 -18.78 39.67 -17.36
N VAL F 161 -18.82 38.39 -16.98
CA VAL F 161 -17.79 37.47 -17.45
C VAL F 161 -17.95 37.24 -18.95
N LYS F 162 -19.18 37.23 -19.47
CA LYS F 162 -19.38 37.13 -20.91
C LYS F 162 -18.68 38.28 -21.64
N ALA F 163 -18.93 39.51 -21.20
CA ALA F 163 -18.34 40.66 -21.87
C ALA F 163 -16.83 40.67 -21.75
N LEU F 164 -16.30 40.33 -20.57
CA LEU F 164 -14.86 40.35 -20.38
C LEU F 164 -14.18 39.25 -21.20
N ALA F 165 -14.77 38.06 -21.28
CA ALA F 165 -14.22 37.01 -22.12
C ALA F 165 -14.27 37.41 -23.59
N SER F 166 -15.34 38.08 -24.02
CA SER F 166 -15.40 38.57 -25.39
C SER F 166 -14.31 39.60 -25.66
N LEU F 167 -14.04 40.47 -24.70
CA LEU F 167 -12.96 41.44 -24.87
C LEU F 167 -11.59 40.77 -24.91
N MET F 168 -11.41 39.70 -24.13
CA MET F 168 -10.09 39.11 -24.01
C MET F 168 -9.59 38.51 -25.32
N THR F 169 -10.47 37.90 -26.10
CA THR F 169 -10.02 37.30 -27.36
C THR F 169 -9.52 38.35 -28.33
N TYR F 170 -10.20 39.49 -28.43
CA TYR F 170 -9.72 40.56 -29.29
C TYR F 170 -8.43 41.16 -28.74
N LYS F 171 -8.34 41.30 -27.41
CA LYS F 171 -7.11 41.80 -26.82
C LYS F 171 -5.93 40.91 -27.16
N CYS F 172 -6.12 39.59 -27.09
CA CYS F 172 -5.06 38.65 -27.44
C CYS F 172 -4.75 38.72 -28.93
N ALA F 173 -5.76 38.86 -29.77
CA ALA F 173 -5.54 38.88 -31.22
C ALA F 173 -4.79 40.13 -31.65
N VAL F 174 -4.97 41.25 -30.95
CA VAL F 174 -4.31 42.49 -31.35
C VAL F 174 -2.80 42.36 -31.26
N VAL F 175 -2.29 41.78 -30.17
CA VAL F 175 -0.85 41.71 -29.96
C VAL F 175 -0.30 40.39 -30.48
N ASP F 176 -1.14 39.63 -31.20
CA ASP F 176 -0.74 38.41 -31.88
C ASP F 176 -0.14 37.39 -30.91
N VAL F 177 -0.98 36.93 -29.99
CA VAL F 177 -0.63 35.81 -29.12
C VAL F 177 -1.63 34.69 -29.38
N PRO F 178 -1.22 33.44 -29.41
CA PRO F 178 -2.12 32.34 -29.79
C PRO F 178 -2.98 31.85 -28.62
N PHE F 179 -3.91 32.70 -28.19
CA PHE F 179 -4.79 32.40 -27.06
C PHE F 179 -6.23 32.72 -27.42
N GLY F 180 -7.15 32.06 -26.75
CA GLY F 180 -8.56 32.33 -26.93
C GLY F 180 -9.06 33.42 -26.01
N GLY F 181 -10.18 33.19 -25.35
CA GLY F 181 -10.72 34.17 -24.42
C GLY F 181 -11.50 33.52 -23.30
N ALA F 182 -11.30 33.97 -22.06
CA ALA F 182 -11.96 33.36 -20.92
C ALA F 182 -12.08 34.38 -19.80
N LYS F 183 -12.92 34.06 -18.82
CA LYS F 183 -13.08 34.88 -17.63
C LYS F 183 -13.80 34.06 -16.57
N ALA F 184 -13.44 34.27 -15.31
CA ALA F 184 -14.03 33.55 -14.20
C ALA F 184 -14.54 34.53 -13.16
N GLY F 185 -15.23 34.00 -12.16
CA GLY F 185 -15.77 34.82 -11.08
C GLY F 185 -16.41 34.01 -9.99
N VAL F 186 -16.11 34.35 -8.74
CA VAL F 186 -16.64 33.65 -7.57
C VAL F 186 -17.34 34.64 -6.68
N LYS F 187 -18.60 34.35 -6.31
CA LYS F 187 -19.42 35.25 -5.51
C LYS F 187 -18.99 35.18 -4.04
N ILE F 188 -17.79 35.71 -3.79
CA ILE F 188 -17.18 35.67 -2.46
C ILE F 188 -16.55 37.03 -2.17
N ASN F 189 -16.80 37.55 -0.97
CA ASN F 189 -16.11 38.74 -0.50
C ASN F 189 -14.81 38.31 0.16
N PRO F 190 -13.64 38.66 -0.39
CA PRO F 190 -12.39 38.15 0.19
C PRO F 190 -12.16 38.58 1.64
N LYS F 191 -12.62 39.75 2.03
CA LYS F 191 -12.39 40.23 3.39
C LYS F 191 -13.49 39.76 4.33
N ASN F 192 -13.80 38.47 4.28
CA ASN F 192 -14.75 37.86 5.18
C ASN F 192 -14.34 36.48 5.66
N TYR F 193 -13.29 35.89 5.10
CA TYR F 193 -12.92 34.50 5.34
C TYR F 193 -11.48 34.42 5.82
N THR F 194 -11.21 33.44 6.68
CA THR F 194 -9.84 33.15 7.08
C THR F 194 -9.06 32.62 5.88
N ASP F 195 -7.73 32.80 5.93
CA ASP F 195 -6.88 32.33 4.83
C ASP F 195 -7.08 30.84 4.57
N ASN F 196 -7.32 30.06 5.63
CA ASN F 196 -7.59 28.64 5.45
C ASN F 196 -8.86 28.41 4.65
N GLU F 197 -9.92 29.18 4.96
CA GLU F 197 -11.17 29.04 4.22
C GLU F 197 -11.01 29.46 2.76
N LEU F 198 -10.25 30.53 2.52
CA LEU F 198 -9.99 30.95 1.14
C LEU F 198 -9.23 29.87 0.37
N GLU F 199 -8.23 29.27 1.02
CA GLU F 199 -7.48 28.19 0.37
C GLU F 199 -8.39 27.01 0.06
N LYS F 200 -9.27 26.65 0.99
CA LYS F 200 -10.17 25.52 0.75
C LYS F 200 -11.13 25.82 -0.39
N ILE F 201 -11.66 27.04 -0.44
CA ILE F 201 -12.53 27.44 -1.55
C ILE F 201 -11.79 27.34 -2.87
N THR F 202 -10.55 27.82 -2.89
CA THR F 202 -9.75 27.78 -4.11
C THR F 202 -9.50 26.35 -4.57
N ARG F 203 -9.17 25.46 -3.63
CA ARG F 203 -8.94 24.07 -3.99
C ARG F 203 -10.19 23.44 -4.58
N ARG F 204 -11.34 23.64 -3.93
CA ARG F 204 -12.56 23.01 -4.43
C ARG F 204 -12.96 23.57 -5.78
N PHE F 205 -12.81 24.89 -5.97
CA PHE F 205 -13.11 25.49 -7.26
C PHE F 205 -12.20 24.93 -8.35
N THR F 206 -10.91 24.77 -8.04
CA THR F 206 -9.98 24.20 -9.00
C THR F 206 -10.40 22.79 -9.40
N MET F 207 -10.75 21.96 -8.42
CA MET F 207 -11.14 20.59 -8.73
C MET F 207 -12.39 20.56 -9.58
N GLU F 208 -13.40 21.35 -9.21
CA GLU F 208 -14.66 21.34 -9.96
C GLU F 208 -14.45 21.83 -11.39
N LEU F 209 -13.64 22.88 -11.58
CA LEU F 209 -13.37 23.35 -12.94
C LEU F 209 -12.58 22.33 -13.75
N ALA F 210 -11.61 21.66 -13.12
CA ALA F 210 -10.77 20.72 -13.85
C ALA F 210 -11.54 19.47 -14.27
N LYS F 211 -12.49 19.03 -13.44
CA LYS F 211 -13.22 17.81 -13.77
C LYS F 211 -14.04 17.96 -15.05
N LYS F 212 -14.45 19.18 -15.39
CA LYS F 212 -15.29 19.42 -16.55
C LYS F 212 -14.52 20.00 -17.73
N GLY F 213 -13.19 19.97 -17.68
CA GLY F 213 -12.39 20.45 -18.79
C GLY F 213 -12.33 21.96 -18.89
N PHE F 214 -11.79 22.61 -17.87
CA PHE F 214 -11.67 24.07 -17.88
C PHE F 214 -10.34 24.55 -17.28
N ILE F 215 -9.41 23.66 -16.98
CA ILE F 215 -8.16 24.06 -16.33
C ILE F 215 -6.91 23.55 -17.06
N GLY F 216 -7.00 22.51 -17.88
CA GLY F 216 -5.82 21.89 -18.47
C GLY F 216 -4.91 22.85 -19.19
N PRO F 217 -3.60 22.57 -19.15
CA PRO F 217 -2.63 23.48 -19.78
C PRO F 217 -2.86 23.66 -21.27
N GLY F 218 -3.34 22.65 -21.95
CA GLY F 218 -3.69 22.75 -23.35
C GLY F 218 -5.10 23.17 -23.64
N ILE F 219 -5.86 23.55 -22.62
CA ILE F 219 -7.27 23.90 -22.80
C ILE F 219 -7.52 25.33 -22.31
N ASP F 220 -7.30 25.58 -21.02
CA ASP F 220 -7.61 26.87 -20.43
C ASP F 220 -6.58 27.18 -19.35
N VAL F 221 -6.17 28.44 -19.28
CA VAL F 221 -5.16 28.87 -18.32
C VAL F 221 -5.66 30.10 -17.56
N PRO F 222 -5.95 29.99 -16.27
CA PRO F 222 -6.35 31.16 -15.49
C PRO F 222 -5.20 32.12 -15.26
N ALA F 223 -5.54 33.36 -14.97
CA ALA F 223 -4.58 34.42 -14.71
C ALA F 223 -5.08 35.26 -13.55
N PRO F 224 -4.18 35.93 -12.82
CA PRO F 224 -4.60 36.71 -11.65
C PRO F 224 -5.40 37.95 -12.06
N ASP F 225 -6.00 38.56 -11.04
CA ASP F 225 -6.82 39.76 -11.22
C ASP F 225 -6.50 40.72 -10.09
N MET F 226 -7.35 41.74 -9.93
CA MET F 226 -7.11 42.73 -8.89
C MET F 226 -7.40 42.17 -7.50
N SER F 227 -8.41 41.32 -7.38
CA SER F 227 -8.82 40.79 -6.09
C SER F 227 -8.18 39.45 -5.76
N THR F 228 -7.32 38.93 -6.62
CA THR F 228 -6.65 37.65 -6.40
C THR F 228 -5.17 37.81 -6.67
N GLY F 229 -4.34 37.54 -5.66
CA GLY F 229 -2.90 37.64 -5.80
C GLY F 229 -2.27 36.34 -6.25
N GLU F 230 -0.94 36.34 -6.23
CA GLU F 230 -0.19 35.15 -6.61
C GLU F 230 -0.32 34.03 -5.59
N ARG F 231 -0.67 34.36 -4.34
CA ARG F 231 -0.86 33.32 -3.33
C ARG F 231 -2.02 32.41 -3.69
N GLU F 232 -3.10 32.98 -4.22
CA GLU F 232 -4.25 32.16 -4.61
C GLU F 232 -3.87 31.18 -5.70
N MET F 233 -3.06 31.62 -6.66
CA MET F 233 -2.70 30.79 -7.80
C MET F 233 -1.46 29.95 -7.55
N SER F 234 -0.82 30.10 -6.40
CA SER F 234 0.08 29.06 -5.94
C SER F 234 -0.69 27.81 -5.55
N TRP F 235 -1.91 27.97 -5.04
CA TRP F 235 -2.75 26.84 -4.68
C TRP F 235 -3.37 26.17 -5.91
N ILE F 236 -3.59 26.94 -6.98
CA ILE F 236 -4.13 26.36 -8.21
C ILE F 236 -3.16 25.33 -8.77
N ALA F 237 -1.86 25.66 -8.76
CA ALA F 237 -0.86 24.82 -9.41
C ALA F 237 -0.76 23.46 -8.75
N ASP F 238 -0.59 23.43 -7.42
CA ASP F 238 -0.44 22.14 -6.74
C ASP F 238 -1.79 21.58 -6.30
N THR F 239 -2.75 21.65 -7.22
CA THR F 239 -3.99 20.89 -7.13
C THR F 239 -4.33 20.17 -8.42
N TYR F 240 -3.99 20.74 -9.57
CA TYR F 240 -4.04 20.05 -10.85
C TYR F 240 -2.87 19.08 -11.00
N ALA F 241 -1.70 19.46 -10.49
CA ALA F 241 -0.52 18.61 -10.59
C ALA F 241 -0.50 17.48 -9.57
N SER F 242 -1.42 17.49 -8.60
CA SER F 242 -1.47 16.47 -7.57
C SER F 242 -2.68 15.54 -7.67
N THR F 243 -3.74 15.97 -8.34
CA THR F 243 -4.96 15.16 -8.43
C THR F 243 -5.25 14.70 -9.85
N ILE F 244 -5.36 15.61 -10.80
CA ILE F 244 -5.78 15.28 -12.16
C ILE F 244 -4.58 15.16 -13.10
N GLY F 245 -3.77 16.20 -13.20
CA GLY F 245 -2.64 16.18 -14.11
C GLY F 245 -1.41 15.56 -13.49
N HIS F 246 -1.59 14.48 -12.72
CA HIS F 246 -0.44 13.81 -12.13
C HIS F 246 0.48 13.24 -13.20
N TYR F 247 -0.09 12.66 -14.25
CA TYR F 247 0.70 12.07 -15.33
C TYR F 247 1.08 13.08 -16.39
N ASP F 248 0.61 14.32 -16.29
CA ASP F 248 0.95 15.34 -17.28
C ASP F 248 2.30 15.96 -16.96
N ILE F 249 3.20 15.93 -17.93
CA ILE F 249 4.53 16.51 -17.73
C ILE F 249 4.44 18.03 -17.61
N ASN F 250 3.47 18.65 -18.30
CA ASN F 250 3.27 20.09 -18.28
C ASN F 250 2.17 20.50 -17.30
N ALA F 251 2.05 19.79 -16.18
CA ALA F 251 0.98 20.07 -15.23
C ALA F 251 1.12 21.47 -14.64
N HIS F 252 2.34 21.88 -14.33
CA HIS F 252 2.57 23.17 -13.70
C HIS F 252 2.37 24.33 -14.66
N ALA F 253 2.20 24.07 -15.95
CA ALA F 253 2.04 25.12 -16.95
C ALA F 253 0.58 25.55 -17.12
N CYS F 254 -0.33 25.05 -16.30
CA CYS F 254 -1.74 25.36 -16.45
C CYS F 254 -2.14 26.68 -15.79
N VAL F 255 -1.21 27.36 -15.12
CA VAL F 255 -1.50 28.62 -14.44
C VAL F 255 -0.43 29.62 -14.80
N THR F 256 -0.81 30.90 -14.85
CA THR F 256 0.13 32.00 -15.03
C THR F 256 0.00 32.97 -13.86
N GLY F 257 1.12 33.57 -13.49
CA GLY F 257 1.16 34.47 -12.36
C GLY F 257 1.61 33.86 -11.05
N LYS F 258 2.12 32.63 -11.07
CA LYS F 258 2.58 31.99 -9.86
C LYS F 258 3.89 32.61 -9.39
N PRO F 259 4.25 32.43 -8.12
CA PRO F 259 5.50 33.00 -7.61
C PRO F 259 6.71 32.41 -8.31
N ILE F 260 7.85 33.09 -8.16
CA ILE F 260 9.07 32.68 -8.83
C ILE F 260 9.52 31.30 -8.36
N SER F 261 9.33 31.01 -7.07
CA SER F 261 9.76 29.72 -6.54
C SER F 261 8.97 28.57 -7.16
N GLN F 262 7.71 28.80 -7.51
CA GLN F 262 6.87 27.76 -8.07
C GLN F 262 6.89 27.73 -9.60
N GLY F 263 7.70 28.57 -10.23
CA GLY F 263 7.77 28.58 -11.68
C GLY F 263 7.31 29.87 -12.30
N GLY F 264 7.49 30.98 -11.58
CA GLY F 264 7.10 32.28 -12.08
C GLY F 264 8.09 32.84 -13.08
N ILE F 265 7.82 34.08 -13.49
CA ILE F 265 8.65 34.77 -14.47
C ILE F 265 9.11 36.08 -13.88
N HIS F 266 10.37 36.44 -14.12
CA HIS F 266 10.91 37.69 -13.62
C HIS F 266 10.32 38.86 -14.37
N GLY F 267 10.21 39.99 -13.67
CA GLY F 267 9.65 41.19 -14.28
C GLY F 267 8.15 41.14 -14.51
N ARG F 268 7.44 40.29 -13.78
CA ARG F 268 6.00 40.20 -13.96
C ARG F 268 5.29 41.44 -13.44
N ILE F 269 5.79 42.02 -12.35
CA ILE F 269 5.08 43.12 -11.69
C ILE F 269 5.04 44.35 -12.58
N SER F 270 6.18 44.71 -13.17
CA SER F 270 6.31 45.93 -13.95
C SER F 270 5.91 45.74 -15.41
N ALA F 271 5.11 44.72 -15.72
CA ALA F 271 4.76 44.43 -17.10
C ALA F 271 3.86 45.52 -17.69
N THR F 272 2.79 45.88 -16.98
CA THR F 272 1.80 46.80 -17.54
C THR F 272 2.36 48.20 -17.68
N GLY F 273 3.17 48.64 -16.72
CA GLY F 273 3.79 49.95 -16.82
C GLY F 273 4.71 50.07 -18.01
N ARG F 274 5.56 49.06 -18.21
CA ARG F 274 6.44 49.07 -19.38
C ARG F 274 5.62 49.00 -20.65
N GLY F 275 4.54 48.22 -20.66
CA GLY F 275 3.69 48.15 -21.83
C GLY F 275 3.09 49.49 -22.21
N VAL F 276 2.50 50.18 -21.24
CA VAL F 276 1.88 51.46 -21.54
C VAL F 276 2.94 52.50 -21.93
N PHE F 277 4.13 52.43 -21.30
CA PHE F 277 5.19 53.34 -21.67
C PHE F 277 5.62 53.13 -23.12
N HIS F 278 5.78 51.87 -23.53
CA HIS F 278 6.18 51.58 -24.90
C HIS F 278 5.08 51.99 -25.88
N GLY F 279 3.82 51.76 -25.51
CA GLY F 279 2.72 52.16 -26.37
C GLY F 279 2.67 53.67 -26.58
N ILE F 280 2.90 54.43 -25.51
CA ILE F 280 2.95 55.88 -25.65
C ILE F 280 4.15 56.28 -26.50
N GLU F 281 5.31 55.67 -26.25
CA GLU F 281 6.53 56.06 -26.94
C GLU F 281 6.43 55.81 -28.44
N ASN F 282 5.77 54.73 -28.84
CA ASN F 282 5.68 54.41 -30.26
C ASN F 282 4.94 55.49 -31.03
N PHE F 283 3.86 56.03 -30.46
CA PHE F 283 3.07 57.04 -31.16
C PHE F 283 3.71 58.42 -31.12
N ILE F 284 4.45 58.73 -30.05
CA ILE F 284 5.07 60.05 -29.95
C ILE F 284 6.13 60.22 -31.04
N ASN F 285 6.92 59.18 -31.31
CA ASN F 285 7.97 59.25 -32.30
C ASN F 285 7.45 59.11 -33.73
N GLU F 286 6.15 59.23 -33.95
CA GLU F 286 5.55 59.17 -35.27
C GLU F 286 5.34 60.59 -35.78
N ALA F 287 6.15 61.00 -36.76
CA ALA F 287 6.09 62.37 -37.24
C ALA F 287 4.76 62.66 -37.91
N SER F 288 4.24 61.71 -38.70
CA SER F 288 3.02 61.96 -39.46
C SER F 288 1.83 62.20 -38.53
N TYR F 289 1.70 61.38 -37.48
CA TYR F 289 0.57 61.55 -36.56
C TYR F 289 0.74 62.78 -35.69
N MET F 290 1.97 63.04 -35.22
CA MET F 290 2.19 64.20 -34.38
C MET F 290 2.07 65.51 -35.13
N SER F 291 2.24 65.49 -36.46
CA SER F 291 2.08 66.70 -37.25
C SER F 291 0.64 67.20 -37.20
N ILE F 292 -0.32 66.27 -37.24
CA ILE F 292 -1.73 66.64 -37.19
C ILE F 292 -2.05 67.34 -35.87
N LEU F 293 -1.56 66.79 -34.76
CA LEU F 293 -1.81 67.39 -33.46
C LEU F 293 -1.04 68.68 -33.24
N GLY F 294 -0.10 69.01 -34.12
CA GLY F 294 0.66 70.24 -34.00
C GLY F 294 1.59 70.30 -32.81
N MET F 295 2.27 69.21 -32.50
CA MET F 295 3.30 69.21 -31.48
C MET F 295 4.62 68.67 -31.98
N THR F 296 4.60 67.64 -32.82
CA THR F 296 5.74 66.95 -33.42
C THR F 296 6.88 66.76 -32.41
N PRO F 297 8.14 67.20 -32.69
CA PRO F 297 9.31 66.45 -32.17
C PRO F 297 9.02 65.07 -31.61
N GLY F 298 9.53 64.82 -30.40
CA GLY F 298 9.30 63.57 -29.69
C GLY F 298 9.17 63.81 -28.21
N PHE F 299 9.91 63.05 -27.40
CA PHE F 299 9.96 63.31 -25.97
C PHE F 299 10.78 64.56 -25.69
N GLY F 300 10.64 65.07 -24.48
CA GLY F 300 11.31 66.30 -24.09
C GLY F 300 10.36 67.46 -24.00
N ASP F 301 10.33 68.13 -22.85
CA ASP F 301 9.44 69.24 -22.53
C ASP F 301 7.98 68.82 -22.47
N LYS F 302 7.68 67.53 -22.65
CA LYS F 302 6.31 67.06 -22.55
C LYS F 302 5.86 67.05 -21.09
N THR F 303 4.59 67.37 -20.87
CA THR F 303 4.00 67.41 -19.54
C THR F 303 2.86 66.39 -19.50
N PHE F 304 2.92 65.47 -18.54
CA PHE F 304 1.90 64.45 -18.41
C PHE F 304 1.37 64.42 -16.99
N VAL F 305 0.08 64.09 -16.87
CA VAL F 305 -0.60 63.99 -15.59
C VAL F 305 -1.24 62.61 -15.51
N VAL F 306 -1.17 62.00 -14.33
CA VAL F 306 -1.75 60.68 -14.11
C VAL F 306 -2.84 60.80 -13.04
N GLN F 307 -3.94 60.10 -13.27
CA GLN F 307 -5.05 60.06 -12.33
C GLN F 307 -5.20 58.61 -11.88
N GLY F 308 -5.23 58.41 -10.57
CA GLY F 308 -5.14 57.06 -10.02
C GLY F 308 -3.69 56.67 -9.85
N PHE F 309 -3.34 56.10 -8.71
CA PHE F 309 -1.96 55.76 -8.37
C PHE F 309 -1.84 54.29 -8.00
N GLY F 310 -2.40 53.42 -8.83
CA GLY F 310 -2.23 51.99 -8.65
C GLY F 310 -0.88 51.53 -9.13
N ASN F 311 -0.75 50.21 -9.30
CA ASN F 311 0.49 49.66 -9.82
C ASN F 311 0.79 50.19 -11.22
N VAL F 312 -0.22 50.20 -12.08
CA VAL F 312 -0.05 50.65 -13.46
C VAL F 312 0.42 52.09 -13.49
N GLY F 313 -0.25 52.96 -12.73
CA GLY F 313 0.11 54.37 -12.73
C GLY F 313 1.52 54.60 -12.19
N LEU F 314 1.87 53.92 -11.11
CA LEU F 314 3.18 54.11 -10.51
C LEU F 314 4.28 53.68 -11.47
N HIS F 315 4.19 52.47 -12.03
CA HIS F 315 5.25 52.02 -12.93
C HIS F 315 5.28 52.82 -14.22
N SER F 316 4.11 53.21 -14.75
CA SER F 316 4.09 54.05 -15.94
C SER F 316 4.79 55.38 -15.68
N MET F 317 4.49 56.01 -14.54
CA MET F 317 5.13 57.28 -14.22
C MET F 317 6.64 57.11 -14.06
N ARG F 318 7.08 56.04 -13.40
CA ARG F 318 8.51 55.82 -13.23
C ARG F 318 9.21 55.68 -14.58
N TYR F 319 8.71 54.78 -15.42
CA TYR F 319 9.37 54.52 -16.70
C TYR F 319 9.26 55.73 -17.64
N LEU F 320 8.20 56.52 -17.51
CA LEU F 320 8.04 57.68 -18.38
C LEU F 320 8.94 58.82 -17.94
N HIS F 321 9.11 59.00 -16.62
CA HIS F 321 10.00 60.04 -16.13
C HIS F 321 11.46 59.67 -16.35
N ARG F 322 11.78 58.38 -16.39
CA ARG F 322 13.16 57.98 -16.67
C ARG F 322 13.65 58.52 -18.02
N PHE F 323 12.74 58.76 -18.97
CA PHE F 323 13.12 59.19 -20.31
C PHE F 323 12.94 60.69 -20.52
N GLY F 324 12.83 61.47 -19.45
CA GLY F 324 12.82 62.91 -19.54
C GLY F 324 11.47 63.57 -19.41
N ALA F 325 10.38 62.81 -19.40
CA ALA F 325 9.06 63.40 -19.23
C ALA F 325 8.91 63.98 -17.82
N LYS F 326 8.09 65.01 -17.71
CA LYS F 326 7.86 65.70 -16.44
C LYS F 326 6.43 65.45 -15.97
N CYS F 327 6.30 64.98 -14.73
CA CYS F 327 5.00 64.70 -14.14
C CYS F 327 4.48 65.96 -13.45
N ILE F 328 3.52 66.63 -14.08
CA ILE F 328 3.00 67.88 -13.52
C ILE F 328 2.17 67.61 -12.27
N ALA F 329 1.29 66.61 -12.34
CA ALA F 329 0.35 66.39 -11.24
C ALA F 329 0.02 64.90 -11.15
N VAL F 330 -0.45 64.51 -9.96
CA VAL F 330 -0.86 63.14 -9.69
C VAL F 330 -2.22 63.18 -9.00
N GLY F 331 -3.17 62.40 -9.51
CA GLY F 331 -4.48 62.28 -8.90
C GLY F 331 -4.63 60.97 -8.14
N GLU F 332 -5.70 60.91 -7.35
CA GLU F 332 -6.03 59.73 -6.57
C GLU F 332 -7.45 59.89 -6.06
N SER F 333 -7.91 58.92 -5.26
CA SER F 333 -9.23 59.03 -4.65
C SER F 333 -9.29 60.20 -3.69
N ASP F 334 -8.23 60.44 -2.94
CA ASP F 334 -8.14 61.58 -2.03
C ASP F 334 -7.78 62.83 -2.83
N GLY F 335 -7.36 63.88 -2.14
CA GLY F 335 -7.01 65.11 -2.81
C GLY F 335 -5.83 64.94 -3.75
N SER F 336 -5.82 65.76 -4.80
CA SER F 336 -4.79 65.68 -5.81
C SER F 336 -3.51 66.40 -5.35
N ILE F 337 -2.47 66.26 -6.17
CA ILE F 337 -1.17 66.87 -5.91
C ILE F 337 -0.75 67.62 -7.17
N TRP F 338 -0.37 68.89 -7.00
CA TRP F 338 -0.03 69.76 -8.11
C TRP F 338 1.33 70.39 -7.90
N ASN F 339 2.23 70.23 -8.86
CA ASN F 339 3.55 70.85 -8.80
C ASN F 339 4.09 71.06 -10.20
N PRO F 340 4.06 72.29 -10.72
CA PRO F 340 4.63 72.54 -12.05
C PRO F 340 6.12 72.27 -12.14
N ASP F 341 6.83 72.29 -11.02
CA ASP F 341 8.27 72.04 -11.03
C ASP F 341 8.61 70.58 -11.27
N GLY F 342 7.63 69.69 -11.26
CA GLY F 342 7.89 68.27 -11.45
C GLY F 342 7.92 67.53 -10.13
N ILE F 343 7.60 66.24 -10.19
CA ILE F 343 7.55 65.38 -9.01
C ILE F 343 8.46 64.19 -9.24
N ASP F 344 9.29 63.89 -8.24
CA ASP F 344 10.15 62.71 -8.30
C ASP F 344 9.34 61.46 -8.01
N PRO F 345 9.26 60.50 -8.94
CA PRO F 345 8.48 59.29 -8.67
C PRO F 345 8.96 58.51 -7.45
N LYS F 346 10.28 58.45 -7.24
CA LYS F 346 10.81 57.65 -6.13
C LYS F 346 10.39 58.23 -4.79
N GLU F 347 10.51 59.55 -4.63
CA GLU F 347 10.14 60.18 -3.36
C GLU F 347 8.66 60.02 -3.07
N LEU F 348 7.81 60.22 -4.08
CA LEU F 348 6.37 60.08 -3.88
C LEU F 348 6.00 58.64 -3.56
N GLU F 349 6.66 57.68 -4.23
CA GLU F 349 6.40 56.27 -3.94
C GLU F 349 6.81 55.94 -2.50
N ASP F 350 7.95 56.45 -2.06
CA ASP F 350 8.38 56.22 -0.69
C ASP F 350 7.41 56.82 0.31
N PHE F 351 6.92 58.04 0.03
CA PHE F 351 5.94 58.66 0.90
C PHE F 351 4.65 57.84 0.96
N LYS F 352 4.19 57.38 -0.20
CA LYS F 352 2.96 56.59 -0.23
C LYS F 352 3.12 55.28 0.55
N LEU F 353 4.26 54.61 0.38
CA LEU F 353 4.49 53.37 1.11
C LEU F 353 4.72 53.60 2.59
N GLN F 354 5.19 54.79 2.97
CA GLN F 354 5.51 55.05 4.37
C GLN F 354 4.26 55.02 5.25
N HIS F 355 3.22 55.75 4.85
CA HIS F 355 2.02 55.85 5.68
C HIS F 355 0.86 56.35 4.83
N GLY F 356 -0.16 55.51 4.67
CA GLY F 356 -1.40 55.94 4.06
C GLY F 356 -1.25 56.38 2.62
N SER F 357 -2.06 57.35 2.22
CA SER F 357 -2.10 57.87 0.87
C SER F 357 -1.12 59.03 0.74
N ILE F 358 -1.22 59.75 -0.38
CA ILE F 358 -0.33 60.87 -0.66
C ILE F 358 -0.99 62.19 -0.26
N LEU F 359 -1.98 62.11 0.63
CA LEU F 359 -2.70 63.29 1.09
C LEU F 359 -1.76 64.12 1.97
N GLY F 360 -1.18 65.16 1.39
CA GLY F 360 -0.21 65.97 2.08
C GLY F 360 1.20 65.51 1.78
N PHE F 361 1.92 66.28 0.96
CA PHE F 361 3.24 65.87 0.49
C PHE F 361 4.14 67.09 0.42
N PRO F 362 5.35 67.03 0.98
CA PRO F 362 6.27 68.17 0.86
C PRO F 362 6.61 68.47 -0.58
N LYS F 363 6.83 69.76 -0.86
CA LYS F 363 7.10 70.25 -2.21
C LYS F 363 5.97 69.87 -3.17
N ALA F 364 4.73 69.98 -2.69
CA ALA F 364 3.57 69.61 -3.49
C ALA F 364 2.36 70.37 -2.98
N LYS F 365 1.85 71.31 -3.79
CA LYS F 365 0.67 72.08 -3.44
C LYS F 365 -0.57 71.33 -3.88
N PRO F 366 -1.53 71.07 -2.99
CA PRO F 366 -2.75 70.36 -3.40
C PRO F 366 -3.50 71.12 -4.49
N TYR F 367 -4.06 70.36 -5.43
CA TYR F 367 -4.76 70.93 -6.58
C TYR F 367 -6.24 71.05 -6.26
N GLU F 368 -6.76 72.28 -6.28
CA GLU F 368 -8.18 72.49 -6.10
C GLU F 368 -8.92 72.25 -7.40
N GLY F 369 -10.01 71.47 -7.32
CA GLY F 369 -10.78 71.13 -8.49
C GLY F 369 -10.27 69.89 -9.20
N SER F 370 -11.04 69.46 -10.19
CA SER F 370 -10.68 68.26 -10.94
C SER F 370 -9.43 68.50 -11.78
N ILE F 371 -8.56 67.49 -11.83
CA ILE F 371 -7.34 67.57 -12.62
C ILE F 371 -7.55 67.12 -14.06
N LEU F 372 -8.73 66.59 -14.40
CA LEU F 372 -8.98 66.13 -15.76
C LEU F 372 -8.93 67.30 -16.75
N GLU F 373 -9.25 68.51 -16.29
CA GLU F 373 -9.23 69.70 -17.13
C GLU F 373 -7.94 70.49 -17.00
N ALA F 374 -6.95 69.97 -16.26
CA ALA F 374 -5.71 70.68 -16.08
C ALA F 374 -4.90 70.74 -17.38
N ASP F 375 -4.07 71.76 -17.48
CA ASP F 375 -3.26 71.96 -18.68
C ASP F 375 -2.10 70.97 -18.68
N CYS F 376 -2.02 70.17 -19.74
CA CYS F 376 -0.99 69.15 -19.87
C CYS F 376 -0.90 68.73 -21.33
N ASP F 377 -0.12 67.69 -21.59
CA ASP F 377 0.02 67.13 -22.93
C ASP F 377 -0.45 65.69 -23.02
N ILE F 378 -0.21 64.87 -21.99
CA ILE F 378 -0.63 63.48 -21.97
C ILE F 378 -1.40 63.24 -20.68
N LEU F 379 -2.56 62.61 -20.79
CA LEU F 379 -3.41 62.27 -19.65
C LEU F 379 -3.58 60.76 -19.59
N ILE F 380 -3.32 60.19 -18.43
CA ILE F 380 -3.38 58.75 -18.22
C ILE F 380 -4.42 58.47 -17.14
N PRO F 381 -5.64 58.10 -17.52
CA PRO F 381 -6.71 57.75 -16.55
C PRO F 381 -6.69 56.28 -16.15
N ALA F 382 -5.76 55.93 -15.25
CA ALA F 382 -5.62 54.55 -14.78
C ALA F 382 -6.39 54.40 -13.47
N ALA F 383 -7.70 54.35 -13.59
CA ALA F 383 -8.59 54.22 -12.43
C ALA F 383 -9.85 53.48 -12.87
N SER F 384 -10.92 53.61 -12.09
CA SER F 384 -12.18 52.95 -12.39
C SER F 384 -12.73 53.42 -13.74
N GLU F 385 -13.75 52.71 -14.20
CA GLU F 385 -14.34 52.97 -15.50
C GLU F 385 -15.19 54.23 -15.48
N LYS F 386 -15.54 54.70 -16.69
CA LYS F 386 -16.42 55.86 -16.88
C LYS F 386 -15.87 57.12 -16.21
N GLN F 387 -14.54 57.28 -16.25
CA GLN F 387 -13.92 58.47 -15.69
C GLN F 387 -14.12 59.71 -16.56
N LEU F 388 -14.46 59.53 -17.83
CA LEU F 388 -14.71 60.64 -18.75
C LEU F 388 -16.11 60.51 -19.31
N THR F 389 -16.88 61.59 -19.22
CA THR F 389 -18.26 61.61 -19.70
C THR F 389 -18.41 62.70 -20.76
N LYS F 390 -19.63 62.78 -21.32
CA LYS F 390 -19.90 63.77 -22.35
C LYS F 390 -19.79 65.18 -21.79
N SER F 391 -20.29 65.40 -20.57
CA SER F 391 -20.23 66.73 -19.97
C SER F 391 -18.78 67.15 -19.72
N ASN F 392 -17.95 66.22 -19.26
CA ASN F 392 -16.58 66.57 -18.91
C ASN F 392 -15.68 66.66 -20.13
N ALA F 393 -16.14 66.15 -21.27
CA ALA F 393 -15.30 66.11 -22.46
C ALA F 393 -14.84 67.48 -22.95
N PRO F 394 -15.71 68.48 -23.12
CA PRO F 394 -15.23 69.77 -23.66
C PRO F 394 -14.22 70.48 -22.79
N ARG F 395 -14.20 70.21 -21.48
CA ARG F 395 -13.37 70.98 -20.57
C ARG F 395 -11.93 70.51 -20.50
N VAL F 396 -11.62 69.33 -21.05
CA VAL F 396 -10.25 68.82 -20.96
C VAL F 396 -9.33 69.65 -21.86
N LYS F 397 -8.03 69.57 -21.57
CA LYS F 397 -7.04 70.33 -22.31
C LYS F 397 -5.88 69.49 -22.84
N ALA F 398 -5.74 68.24 -22.40
CA ALA F 398 -4.66 67.40 -22.89
C ALA F 398 -4.87 67.05 -24.36
N LYS F 399 -3.78 67.10 -25.13
CA LYS F 399 -3.87 66.78 -26.54
C LYS F 399 -3.81 65.27 -26.82
N ILE F 400 -3.38 64.47 -25.84
CA ILE F 400 -3.28 63.03 -26.00
C ILE F 400 -3.82 62.36 -24.74
N ILE F 401 -4.69 61.38 -24.92
CA ILE F 401 -5.21 60.57 -23.82
C ILE F 401 -4.72 59.14 -24.01
N ALA F 402 -4.02 58.62 -23.01
CA ALA F 402 -3.50 57.25 -23.04
C ALA F 402 -4.32 56.43 -22.05
N GLU F 403 -5.27 55.67 -22.58
CA GLU F 403 -6.18 54.89 -21.75
C GLU F 403 -5.41 53.75 -21.08
N GLY F 404 -5.08 53.93 -19.80
CA GLY F 404 -4.36 52.91 -19.06
C GLY F 404 -5.23 51.91 -18.33
N ALA F 405 -6.53 52.14 -18.28
CA ALA F 405 -7.47 51.27 -17.58
C ALA F 405 -8.43 50.65 -18.58
N ASN F 406 -9.40 49.89 -18.06
CA ASN F 406 -10.37 49.19 -18.91
C ASN F 406 -11.58 50.10 -19.14
N GLY F 407 -11.53 50.84 -20.24
CA GLY F 407 -12.66 51.64 -20.66
C GLY F 407 -12.97 52.81 -19.76
N PRO F 408 -12.11 53.82 -19.73
CA PRO F 408 -12.39 55.04 -18.98
C PRO F 408 -13.07 56.14 -19.79
N THR F 409 -13.46 55.86 -21.03
CA THR F 409 -14.07 56.86 -21.90
C THR F 409 -15.40 56.35 -22.41
N THR F 410 -16.44 57.17 -22.29
CA THR F 410 -17.75 56.82 -22.80
C THR F 410 -17.78 56.93 -24.32
N PRO F 411 -18.62 56.14 -24.99
CA PRO F 411 -18.70 56.25 -26.46
C PRO F 411 -19.09 57.63 -26.95
N GLU F 412 -19.93 58.34 -26.19
CA GLU F 412 -20.31 59.69 -26.60
C GLU F 412 -19.10 60.63 -26.62
N ALA F 413 -18.24 60.53 -25.60
CA ALA F 413 -17.10 61.44 -25.50
C ALA F 413 -16.13 61.26 -26.66
N ASP F 414 -16.11 60.08 -27.28
CA ASP F 414 -15.25 59.86 -28.43
C ASP F 414 -15.64 60.78 -29.59
N LYS F 415 -16.94 61.06 -29.75
CA LYS F 415 -17.37 61.98 -30.80
C LYS F 415 -16.82 63.38 -30.56
N ILE F 416 -16.86 63.85 -29.31
CA ILE F 416 -16.31 65.17 -28.99
C ILE F 416 -14.80 65.18 -29.24
N PHE F 417 -14.11 64.12 -28.81
CA PHE F 417 -12.66 64.08 -28.99
C PHE F 417 -12.28 64.08 -30.47
N LEU F 418 -13.03 63.34 -31.29
CA LEU F 418 -12.79 63.36 -32.73
C LEU F 418 -13.08 64.74 -33.31
N GLU F 419 -14.15 65.38 -32.86
CA GLU F 419 -14.49 66.70 -33.37
C GLU F 419 -13.45 67.75 -32.99
N ARG F 420 -12.79 67.56 -31.84
CA ARG F 420 -11.79 68.52 -31.37
C ARG F 420 -10.38 68.19 -31.83
N ASN F 421 -10.22 67.17 -32.67
CA ASN F 421 -8.91 66.75 -33.18
C ASN F 421 -7.97 66.40 -32.01
N ILE F 422 -8.39 65.40 -31.23
CA ILE F 422 -7.64 64.93 -30.08
C ILE F 422 -7.43 63.42 -30.24
N MET F 423 -6.18 62.98 -30.06
CA MET F 423 -5.86 61.57 -30.20
C MET F 423 -6.19 60.82 -28.92
N VAL F 424 -6.81 59.65 -29.07
CA VAL F 424 -7.16 58.79 -27.95
C VAL F 424 -6.60 57.40 -28.25
N ILE F 425 -5.63 56.99 -27.44
CA ILE F 425 -5.02 55.66 -27.61
C ILE F 425 -5.97 54.61 -27.01
N PRO F 426 -6.36 53.59 -27.77
CA PRO F 426 -7.35 52.64 -27.27
C PRO F 426 -6.84 51.85 -26.07
N ASP F 427 -7.77 51.47 -25.19
CA ASP F 427 -7.44 50.62 -24.06
C ASP F 427 -7.27 49.17 -24.46
N LEU F 428 -7.82 48.76 -25.60
CA LEU F 428 -7.62 47.38 -26.08
C LEU F 428 -6.16 47.12 -26.41
N TYR F 429 -5.40 48.17 -26.67
CA TYR F 429 -4.00 48.07 -27.06
C TYR F 429 -3.02 48.37 -25.94
N LEU F 430 -3.29 49.37 -25.11
CA LEU F 430 -2.24 49.95 -24.28
C LEU F 430 -1.80 48.99 -23.18
N ASN F 431 -2.73 48.28 -22.55
CA ASN F 431 -2.43 47.48 -21.37
C ASN F 431 -2.37 45.98 -21.66
N ALA F 432 -1.83 45.59 -22.81
CA ALA F 432 -1.66 44.18 -23.15
C ALA F 432 -0.30 43.63 -22.74
N GLY F 433 0.51 44.44 -22.05
CA GLY F 433 1.79 43.95 -21.58
C GLY F 433 1.66 42.80 -20.60
N GLY F 434 0.64 42.87 -19.75
CA GLY F 434 0.40 41.76 -18.83
C GLY F 434 0.09 40.47 -19.55
N VAL F 435 -0.75 40.54 -20.58
CA VAL F 435 -1.06 39.34 -21.37
C VAL F 435 0.19 38.82 -22.06
N THR F 436 1.00 39.71 -22.61
CA THR F 436 2.22 39.27 -23.28
C THR F 436 3.18 38.58 -22.32
N VAL F 437 3.37 39.15 -21.13
CA VAL F 437 4.27 38.54 -20.16
C VAL F 437 3.69 37.22 -19.65
N SER F 438 2.37 37.13 -19.53
CA SER F 438 1.76 35.85 -19.16
C SER F 438 2.01 34.79 -20.23
N TYR F 439 1.94 35.19 -21.50
CA TYR F 439 2.28 34.26 -22.58
C TYR F 439 3.73 33.81 -22.48
N PHE F 440 4.63 34.73 -22.17
CA PHE F 440 6.03 34.38 -21.99
C PHE F 440 6.21 33.40 -20.84
N GLU F 441 5.48 33.62 -19.74
CA GLU F 441 5.55 32.71 -18.59
C GLU F 441 5.05 31.31 -18.97
N TRP F 442 3.97 31.24 -19.74
CA TRP F 442 3.46 29.96 -20.20
C TRP F 442 4.50 29.24 -21.06
N LEU F 443 5.15 29.98 -21.95
CA LEU F 443 6.20 29.39 -22.78
C LEU F 443 7.36 28.89 -21.92
N LYS F 444 7.74 29.65 -20.90
CA LYS F 444 8.82 29.22 -20.02
C LYS F 444 8.45 27.94 -19.29
N ASN F 445 7.22 27.86 -18.78
CA ASN F 445 6.77 26.65 -18.11
C ASN F 445 6.76 25.46 -19.05
N LEU F 446 6.41 25.68 -20.33
CA LEU F 446 6.51 24.60 -21.29
C LEU F 446 7.96 24.19 -21.55
N ASN F 447 8.88 25.16 -21.55
CA ASN F 447 10.28 24.88 -21.87
C ASN F 447 11.03 24.22 -20.74
N HIS F 448 10.53 24.32 -19.50
CA HIS F 448 11.16 23.70 -18.33
C HIS F 448 12.55 24.27 -18.05
N VAL F 449 12.80 25.51 -18.47
CA VAL F 449 14.09 26.16 -18.23
C VAL F 449 13.88 27.66 -18.30
N SER F 450 14.62 28.38 -17.46
CA SER F 450 14.57 29.84 -17.49
C SER F 450 15.25 30.36 -18.74
N TYR F 451 14.81 31.55 -19.19
CA TYR F 451 15.31 32.11 -20.42
C TYR F 451 16.77 32.54 -20.29
N GLY F 452 17.55 32.27 -21.32
CA GLY F 452 18.91 32.77 -21.41
C GLY F 452 19.95 32.03 -20.60
N ARG F 453 19.57 30.92 -19.95
CA ARG F 453 20.53 30.22 -19.10
C ARG F 453 21.68 29.63 -19.89
N LEU F 454 21.43 29.23 -21.14
CA LEU F 454 22.43 28.54 -21.94
C LEU F 454 23.06 29.43 -23.00
N THR F 455 22.91 30.75 -22.89
CA THR F 455 23.42 31.64 -23.92
C THR F 455 24.17 32.86 -23.41
N PHE F 456 24.09 33.20 -22.13
CA PHE F 456 24.72 34.43 -21.64
C PHE F 456 26.24 34.37 -21.78
N LYS F 457 26.84 33.29 -21.28
CA LYS F 457 28.30 33.17 -21.35
C LYS F 457 28.79 33.09 -22.78
N TYR F 458 28.03 32.40 -23.65
CA TYR F 458 28.42 32.29 -25.05
C TYR F 458 28.46 33.66 -25.71
N GLU F 459 27.42 34.47 -25.51
CA GLU F 459 27.41 35.81 -26.09
C GLU F 459 28.51 36.67 -25.51
N ARG F 460 28.75 36.56 -24.20
CA ARG F 460 29.82 37.34 -23.59
C ARG F 460 31.18 37.01 -24.20
N ASP F 461 31.46 35.71 -24.36
CA ASP F 461 32.72 35.30 -24.97
C ASP F 461 32.81 35.76 -26.42
N SER F 462 31.71 35.69 -27.16
CA SER F 462 31.72 36.15 -28.55
C SER F 462 32.02 37.64 -28.63
N ASN F 463 31.41 38.44 -27.75
CA ASN F 463 31.65 39.87 -27.75
C ASN F 463 33.10 40.19 -27.41
N TYR F 464 33.65 39.52 -26.39
CA TYR F 464 35.05 39.74 -26.07
C TYR F 464 35.97 39.35 -27.22
N HIS F 465 35.69 38.23 -27.89
CA HIS F 465 36.50 37.82 -29.03
C HIS F 465 36.43 38.84 -30.16
N LEU F 466 35.23 39.36 -30.42
CA LEU F 466 35.09 40.34 -31.49
C LEU F 466 35.86 41.62 -31.16
N LEU F 467 35.81 42.06 -29.90
CA LEU F 467 36.57 43.23 -29.50
C LEU F 467 38.08 42.98 -29.62
N MET F 468 38.54 41.77 -29.25
CA MET F 468 39.94 41.43 -29.43
C MET F 468 40.34 41.50 -30.91
N SER F 469 39.48 40.97 -31.78
CA SER F 469 39.79 41.00 -33.21
C SER F 469 39.89 42.42 -33.73
N VAL F 470 38.97 43.30 -33.32
CA VAL F 470 39.04 44.69 -33.74
C VAL F 470 40.30 45.35 -33.22
N GLN F 471 40.65 45.11 -31.96
CA GLN F 471 41.85 45.71 -31.40
C GLN F 471 43.11 45.24 -32.13
N GLU F 472 43.20 43.94 -32.42
CA GLU F 472 44.37 43.43 -33.13
C GLU F 472 44.45 43.98 -34.55
N SER F 473 43.31 44.07 -35.24
CA SER F 473 43.32 44.60 -36.59
C SER F 473 43.77 46.06 -36.61
N LEU F 474 43.30 46.85 -35.65
CA LEU F 474 43.78 48.23 -35.57
C LEU F 474 45.25 48.30 -35.19
N GLU F 475 45.70 47.40 -34.30
CA GLU F 475 47.09 47.45 -33.84
C GLU F 475 48.05 47.13 -34.98
N ARG F 476 47.77 46.08 -35.75
CA ARG F 476 48.67 45.75 -36.85
C ARG F 476 48.28 46.48 -38.14
N LYS F 477 48.04 47.77 -37.98
CA LYS F 477 47.91 48.75 -39.04
C LYS F 477 48.74 50.00 -38.76
N PHE F 478 48.82 50.40 -37.50
CA PHE F 478 49.63 51.54 -37.07
C PHE F 478 50.72 51.08 -36.10
N GLY F 479 51.18 49.84 -36.28
CA GLY F 479 52.09 49.24 -35.32
C GLY F 479 53.50 49.78 -35.36
N LYS F 480 53.66 51.09 -35.21
CA LYS F 480 54.96 51.71 -35.13
C LYS F 480 55.04 52.56 -33.87
N HIS F 481 53.94 53.21 -33.52
CA HIS F 481 53.84 54.03 -32.32
C HIS F 481 52.38 54.06 -31.90
N GLY F 482 52.05 53.30 -30.86
CA GLY F 482 50.68 53.26 -30.36
C GLY F 482 50.35 51.98 -29.62
N GLY F 483 49.64 52.13 -28.49
CA GLY F 483 49.21 51.02 -27.69
C GLY F 483 47.71 51.00 -27.50
N THR F 484 46.99 51.32 -28.58
CA THR F 484 45.55 51.49 -28.51
C THR F 484 44.86 50.24 -27.98
N ILE F 485 43.82 50.45 -27.18
CA ILE F 485 43.06 49.35 -26.58
C ILE F 485 41.58 49.57 -26.79
N PRO F 486 41.06 49.42 -28.03
CA PRO F 486 39.62 49.57 -28.29
C PRO F 486 38.80 48.36 -27.84
N ILE F 487 39.05 47.91 -26.61
CA ILE F 487 38.44 46.70 -26.10
C ILE F 487 37.85 46.95 -24.72
N VAL F 488 37.54 48.20 -24.43
CA VAL F 488 36.94 48.58 -23.15
C VAL F 488 35.46 48.85 -23.41
N PRO F 489 34.56 47.98 -22.97
CA PRO F 489 33.13 48.29 -23.11
C PRO F 489 32.75 49.49 -22.26
N THR F 490 31.72 50.20 -22.72
CA THR F 490 31.22 51.34 -21.98
C THR F 490 30.63 50.89 -20.65
N ALA F 491 30.49 51.85 -19.73
CA ALA F 491 29.96 51.53 -18.41
C ALA F 491 28.54 50.98 -18.50
N GLU F 492 27.71 51.57 -19.37
CA GLU F 492 26.37 51.05 -19.56
C GLU F 492 26.39 49.64 -20.13
N PHE F 493 27.33 49.36 -21.04
CA PHE F 493 27.44 48.01 -21.58
C PHE F 493 27.99 47.03 -20.54
N GLN F 494 28.95 47.47 -19.73
CA GLN F 494 29.50 46.59 -18.70
C GLN F 494 28.46 46.23 -17.67
N ASP F 495 27.63 47.21 -17.27
CA ASP F 495 26.56 46.92 -16.33
C ASP F 495 25.56 45.93 -16.90
N ARG F 496 25.23 46.07 -18.19
CA ARG F 496 24.33 45.12 -18.83
C ARG F 496 24.95 43.72 -18.88
N ILE F 497 26.23 43.64 -19.20
CA ILE F 497 26.89 42.33 -19.27
C ILE F 497 26.91 41.66 -17.91
N SER F 498 27.25 42.41 -16.86
CA SER F 498 27.37 41.81 -15.53
C SER F 498 26.01 41.48 -14.94
N GLY F 499 24.97 42.24 -15.28
CA GLY F 499 23.67 42.05 -14.67
C GLY F 499 22.67 41.33 -15.56
N ALA F 500 23.16 40.49 -16.46
CA ALA F 500 22.28 39.80 -17.39
C ALA F 500 21.36 38.82 -16.66
N SER F 501 20.10 38.80 -17.06
CA SER F 501 19.10 37.90 -16.49
C SER F 501 17.93 37.82 -17.45
N GLU F 502 16.98 36.93 -17.12
CA GLU F 502 15.82 36.74 -17.99
C GLU F 502 14.88 37.95 -17.98
N LYS F 503 15.03 38.85 -17.02
CA LYS F 503 14.24 40.07 -17.01
C LYS F 503 14.49 40.90 -18.25
N ASP F 504 15.76 40.99 -18.66
CA ASP F 504 16.09 41.72 -19.88
C ASP F 504 15.45 41.07 -21.11
N ILE F 505 15.46 39.75 -21.17
CA ILE F 505 14.84 39.04 -22.29
C ILE F 505 13.34 39.33 -22.33
N VAL F 506 12.68 39.27 -21.17
CA VAL F 506 11.24 39.52 -21.13
C VAL F 506 10.93 40.95 -21.58
N HIS F 507 11.70 41.92 -21.09
CA HIS F 507 11.45 43.31 -21.46
C HIS F 507 11.69 43.54 -22.95
N SER F 508 12.76 42.94 -23.49
CA SER F 508 13.03 43.07 -24.92
C SER F 508 11.90 42.48 -25.75
N GLY F 509 11.41 41.30 -25.36
CA GLY F 509 10.30 40.70 -26.08
C GLY F 509 9.04 41.54 -26.03
N LEU F 510 8.75 42.11 -24.86
CA LEU F 510 7.59 42.98 -24.72
C LEU F 510 7.70 44.20 -25.62
N ALA F 511 8.87 44.84 -25.63
CA ALA F 511 9.05 46.02 -26.45
C ALA F 511 8.91 45.69 -27.93
N TYR F 512 9.53 44.59 -28.37
CA TYR F 512 9.40 44.19 -29.77
C TYR F 512 7.96 43.92 -30.14
N THR F 513 7.22 43.21 -29.27
CA THR F 513 5.83 42.89 -29.57
C THR F 513 4.99 44.15 -29.70
N MET F 514 5.15 45.09 -28.76
CA MET F 514 4.30 46.26 -28.79
C MET F 514 4.74 47.29 -29.83
N GLU F 515 5.94 47.18 -30.36
CA GLU F 515 6.28 47.99 -31.54
C GLU F 515 5.70 47.39 -32.81
N ARG F 516 5.88 46.08 -32.99
CA ARG F 516 5.38 45.42 -34.19
C ARG F 516 3.86 45.47 -34.28
N SER F 517 3.16 45.39 -33.16
CA SER F 517 1.71 45.47 -33.17
C SER F 517 1.19 46.90 -33.29
N ALA F 518 2.02 47.91 -33.01
CA ALA F 518 1.67 49.29 -33.29
C ALA F 518 1.80 49.64 -34.76
N ARG F 519 2.83 49.09 -35.43
CA ARG F 519 2.95 49.32 -36.86
C ARG F 519 1.73 48.80 -37.60
N GLN F 520 1.22 47.63 -37.19
CA GLN F 520 0.07 47.04 -37.86
C GLN F 520 -1.18 47.90 -37.69
N ILE F 521 -1.41 48.40 -36.49
CA ILE F 521 -2.61 49.21 -36.26
C ILE F 521 -2.51 50.53 -37.02
N MET F 522 -1.31 51.11 -37.09
CA MET F 522 -1.16 52.33 -37.88
C MET F 522 -1.42 52.07 -39.35
N ARG F 523 -0.93 50.94 -39.87
CA ARG F 523 -1.18 50.60 -41.27
C ARG F 523 -2.66 50.41 -41.52
N THR F 524 -3.35 49.71 -40.62
CA THR F 524 -4.79 49.49 -40.81
C THR F 524 -5.55 50.81 -40.79
N ALA F 525 -5.23 51.69 -39.85
CA ALA F 525 -5.89 52.99 -39.78
C ALA F 525 -5.66 53.79 -41.05
N MET F 526 -4.43 53.76 -41.57
CA MET F 526 -4.16 54.46 -42.83
C MET F 526 -4.93 53.85 -43.98
N LYS F 527 -5.01 52.51 -44.03
CA LYS F 527 -5.66 51.84 -45.16
C LYS F 527 -7.15 52.13 -45.20
N TYR F 528 -7.83 52.04 -44.06
CA TYR F 528 -9.28 52.16 -44.04
C TYR F 528 -9.75 53.61 -44.04
N ASN F 529 -8.85 54.56 -44.29
CA ASN F 529 -9.19 55.97 -44.48
C ASN F 529 -9.98 56.54 -43.30
N LEU F 530 -9.41 56.37 -42.10
CA LEU F 530 -9.98 56.95 -40.90
C LEU F 530 -8.89 57.68 -40.14
N GLY F 531 -9.30 58.73 -39.41
CA GLY F 531 -8.35 59.61 -38.76
C GLY F 531 -7.83 59.09 -37.44
N LEU F 532 -7.88 59.92 -36.41
CA LEU F 532 -7.36 59.59 -35.09
C LEU F 532 -8.24 58.60 -34.33
N ASP F 533 -9.26 58.02 -34.95
CA ASP F 533 -10.14 57.06 -34.28
C ASP F 533 -9.48 55.69 -34.31
N LEU F 534 -8.52 55.50 -33.40
CA LEU F 534 -7.71 54.29 -33.40
C LEU F 534 -8.44 53.07 -32.83
N ARG F 535 -9.48 53.29 -32.03
CA ARG F 535 -10.18 52.16 -31.42
C ARG F 535 -10.83 51.27 -32.48
N THR F 536 -11.53 51.89 -33.43
CA THR F 536 -12.11 51.12 -34.52
C THR F 536 -11.04 50.46 -35.37
N ALA F 537 -9.88 51.10 -35.51
CA ALA F 537 -8.78 50.46 -36.24
C ALA F 537 -8.32 49.20 -35.55
N ALA F 538 -8.16 49.25 -34.22
CA ALA F 538 -7.76 48.05 -33.47
C ALA F 538 -8.81 46.96 -33.60
N TYR F 539 -10.09 47.33 -33.47
CA TYR F 539 -11.15 46.34 -33.56
C TYR F 539 -11.20 45.71 -34.94
N VAL F 540 -11.01 46.52 -35.99
CA VAL F 540 -10.99 46.00 -37.36
C VAL F 540 -9.83 45.04 -37.54
N ASN F 541 -8.66 45.40 -37.01
CA ASN F 541 -7.50 44.52 -37.13
C ASN F 541 -7.76 43.17 -36.45
N ALA F 542 -8.31 43.20 -35.24
CA ALA F 542 -8.58 41.96 -34.53
C ALA F 542 -9.62 41.11 -35.26
N ILE F 543 -10.68 41.75 -35.76
CA ILE F 543 -11.73 41.00 -36.46
C ILE F 543 -11.16 40.39 -37.74
N GLU F 544 -10.32 41.13 -38.45
CA GLU F 544 -9.68 40.60 -39.65
C GLU F 544 -8.84 39.38 -39.32
N LYS F 545 -8.06 39.44 -38.24
CA LYS F 545 -7.23 38.29 -37.88
C LYS F 545 -8.08 37.07 -37.53
N VAL F 546 -9.14 37.27 -36.75
CA VAL F 546 -9.98 36.14 -36.36
C VAL F 546 -10.69 35.54 -37.57
N PHE F 547 -11.20 36.39 -38.46
CA PHE F 547 -11.84 35.88 -39.66
C PHE F 547 -10.86 35.13 -40.54
N LYS F 548 -9.62 35.61 -40.64
CA LYS F 548 -8.62 34.90 -41.41
C LYS F 548 -8.33 33.54 -40.80
N VAL F 549 -8.34 33.45 -39.47
CA VAL F 549 -8.12 32.16 -38.81
C VAL F 549 -9.25 31.20 -39.15
N TYR F 550 -10.50 31.67 -39.07
CA TYR F 550 -11.61 30.78 -39.42
C TYR F 550 -11.71 30.46 -40.92
N ASN F 551 -11.17 31.32 -41.78
CA ASN F 551 -11.46 31.19 -43.21
C ASN F 551 -10.90 29.89 -43.78
N GLU F 552 -9.62 29.62 -43.54
CA GLU F 552 -8.96 28.45 -44.10
C GLU F 552 -8.90 27.29 -43.12
N ALA F 553 -9.90 27.15 -42.26
CA ALA F 553 -9.99 26.03 -41.34
C ALA F 553 -11.16 25.10 -41.64
N GLY F 554 -12.16 25.55 -42.39
CA GLY F 554 -13.31 24.74 -42.70
C GLY F 554 -14.58 25.19 -41.99
N VAL G 23 -6.48 -35.46 65.49
CA VAL G 23 -7.21 -34.40 64.81
C VAL G 23 -7.64 -33.33 65.82
N ASN G 24 -6.92 -33.25 66.92
CA ASN G 24 -7.20 -32.28 67.98
C ASN G 24 -6.15 -31.17 68.05
N ASN G 25 -4.87 -31.53 67.95
CA ASN G 25 -3.75 -30.59 67.98
C ASN G 25 -3.62 -29.89 69.32
N THR G 26 -2.44 -29.33 69.60
CA THR G 26 -2.19 -28.64 70.86
C THR G 26 -1.23 -27.49 70.59
N TYR G 27 -1.68 -26.27 70.87
CA TYR G 27 -0.87 -25.07 70.71
C TYR G 27 -0.40 -24.59 72.07
N ARG G 28 0.91 -24.40 72.22
CA ARG G 28 1.51 -23.95 73.47
C ARG G 28 2.16 -22.59 73.25
N SER G 29 1.80 -21.63 74.09
CA SER G 29 2.40 -20.31 74.00
C SER G 29 3.83 -20.32 74.51
N ALA G 30 4.62 -19.37 74.04
CA ALA G 30 6.02 -19.24 74.45
C ALA G 30 6.20 -18.40 75.70
N GLN G 31 5.16 -17.72 76.18
CA GLN G 31 5.22 -16.93 77.40
C GLN G 31 4.55 -17.62 78.59
N HIS G 32 4.22 -18.90 78.44
CA HIS G 32 3.54 -19.62 79.52
C HIS G 32 4.42 -19.82 80.75
N SER G 33 5.74 -19.81 80.58
CA SER G 33 6.63 -19.96 81.73
C SER G 33 6.49 -18.79 82.69
N GLN G 34 6.40 -17.57 82.14
CA GLN G 34 6.20 -16.39 82.99
C GLN G 34 4.87 -16.45 83.73
N ALA G 35 3.82 -16.90 83.04
CA ALA G 35 2.51 -17.03 83.69
C ALA G 35 2.55 -18.08 84.80
N LEU G 36 3.24 -19.20 84.55
CA LEU G 36 3.36 -20.23 85.58
C LEU G 36 4.14 -19.71 86.78
N LEU G 37 5.22 -18.98 86.54
CA LEU G 37 6.00 -18.41 87.64
C LEU G 37 5.16 -17.40 88.44
N ARG G 38 4.39 -16.57 87.74
CA ARG G 38 3.54 -15.60 88.43
C ARG G 38 2.47 -16.30 89.25
N GLY G 39 1.87 -17.37 88.71
CA GLY G 39 0.89 -18.11 89.48
C GLY G 39 1.49 -18.78 90.70
N LEU G 40 2.69 -19.35 90.56
CA LEU G 40 3.37 -19.94 91.71
C LEU G 40 3.69 -18.90 92.77
N LEU G 41 4.15 -17.72 92.35
CA LEU G 41 4.43 -16.64 93.29
C LEU G 41 3.17 -16.19 94.01
N ALA G 42 2.06 -16.06 93.27
CA ALA G 42 0.79 -15.67 93.89
C ALA G 42 0.32 -16.71 94.89
N LEU G 43 0.45 -18.00 94.54
CA LEU G 43 0.07 -19.06 95.47
C LEU G 43 0.94 -19.04 96.72
N ARG G 44 2.24 -18.82 96.56
CA ARG G 44 3.15 -18.75 97.71
C ARG G 44 2.82 -17.57 98.61
N ASP G 45 2.53 -16.41 98.01
CA ASP G 45 2.23 -15.21 98.79
C ASP G 45 0.82 -15.21 99.37
N SER G 46 -0.08 -16.04 98.85
CA SER G 46 -1.44 -16.09 99.38
C SER G 46 -1.47 -16.64 100.80
N GLY G 47 -0.62 -17.62 101.09
CA GLY G 47 -0.62 -18.24 102.40
C GLY G 47 -1.69 -19.31 102.58
N ILE G 48 -2.32 -19.75 101.49
CA ILE G 48 -3.37 -20.77 101.57
C ILE G 48 -3.05 -21.88 100.58
N LEU G 49 -3.95 -22.85 100.47
CA LEU G 49 -3.80 -24.00 99.57
C LEU G 49 -2.53 -24.78 99.88
N PHE G 50 -2.26 -24.98 101.17
CA PHE G 50 -1.12 -25.76 101.61
C PHE G 50 -1.55 -27.20 101.87
N ASP G 51 -0.90 -28.15 101.19
CA ASP G 51 -1.24 -29.56 101.31
C ASP G 51 -0.19 -30.40 102.00
N VAL G 52 1.06 -29.95 102.04
CA VAL G 52 2.15 -30.67 102.70
C VAL G 52 2.76 -29.76 103.75
N VAL G 53 2.80 -30.25 104.99
CA VAL G 53 3.38 -29.52 106.11
C VAL G 53 4.57 -30.31 106.63
N LEU G 54 5.75 -29.68 106.62
CA LEU G 54 6.98 -30.31 107.08
C LEU G 54 7.70 -29.38 108.03
N VAL G 55 8.11 -29.89 109.18
CA VAL G 55 8.85 -29.13 110.18
C VAL G 55 10.25 -29.75 110.27
N VAL G 56 11.26 -28.95 109.94
CA VAL G 56 12.65 -29.39 109.96
C VAL G 56 13.47 -28.39 110.76
N GLU G 57 14.25 -28.89 111.73
CA GLU G 57 15.14 -28.07 112.54
C GLU G 57 14.39 -26.98 113.29
N GLY G 58 13.12 -27.22 113.61
CA GLY G 58 12.34 -26.27 114.38
C GLY G 58 11.91 -25.03 113.62
N ARG G 59 12.02 -25.02 112.29
CA ARG G 59 11.64 -23.89 111.47
C ARG G 59 10.31 -24.17 110.78
N HIS G 60 9.36 -23.27 110.97
CA HIS G 60 8.02 -23.41 110.42
C HIS G 60 7.81 -22.36 109.32
N ILE G 61 7.48 -22.83 108.12
CA ILE G 61 7.21 -21.95 106.99
C ILE G 61 5.98 -22.47 106.25
N GLU G 62 5.36 -21.58 105.48
CA GLU G 62 4.19 -21.91 104.66
C GLU G 62 4.52 -21.69 103.20
N ALA G 63 4.39 -22.74 102.39
CA ALA G 63 4.67 -22.65 100.97
C ALA G 63 3.95 -23.78 100.25
N HIS G 64 3.82 -23.63 98.94
CA HIS G 64 3.19 -24.63 98.10
C HIS G 64 4.20 -25.73 97.74
N ARG G 65 3.74 -26.98 97.82
CA ARG G 65 4.61 -28.11 97.49
C ARG G 65 5.03 -28.08 96.02
N ILE G 66 4.08 -27.80 95.13
CA ILE G 66 4.40 -27.74 93.71
C ILE G 66 5.37 -26.60 93.42
N LEU G 67 5.13 -25.43 94.03
CA LEU G 67 6.03 -24.30 93.83
C LEU G 67 7.42 -24.60 94.38
N LEU G 68 7.50 -25.24 95.55
CA LEU G 68 8.79 -25.60 96.11
C LEU G 68 9.53 -26.60 95.22
N ALA G 69 8.80 -27.57 94.68
CA ALA G 69 9.43 -28.55 93.79
C ALA G 69 9.93 -27.90 92.52
N ALA G 70 9.14 -26.97 91.95
CA ALA G 70 9.52 -26.30 90.71
C ALA G 70 10.61 -25.27 90.91
N SER G 71 10.78 -24.76 92.14
CA SER G 71 11.81 -23.76 92.40
C SER G 71 13.20 -24.32 92.16
N CYS G 72 13.45 -25.54 92.63
CA CYS G 72 14.74 -26.21 92.46
C CYS G 72 14.67 -27.19 91.30
N ASP G 73 15.81 -27.82 91.02
CA ASP G 73 15.91 -28.81 89.94
C ASP G 73 15.92 -30.24 90.47
N TYR G 74 16.82 -30.56 91.40
CA TYR G 74 16.90 -31.89 91.96
C TYR G 74 15.82 -32.17 93.00
N PHE G 75 15.19 -31.12 93.55
CA PHE G 75 14.15 -31.33 94.55
C PHE G 75 12.94 -32.04 93.93
N ARG G 76 12.57 -31.67 92.71
CA ARG G 76 11.43 -32.32 92.05
C ARG G 76 11.72 -33.81 91.81
N GLY G 77 12.94 -34.14 91.40
CA GLY G 77 13.28 -35.54 91.17
C GLY G 77 13.56 -36.32 92.44
N MET G 78 13.80 -35.63 93.55
CA MET G 78 14.11 -36.32 94.81
C MET G 78 12.88 -36.52 95.68
N PHE G 79 12.20 -35.43 96.04
CA PHE G 79 11.08 -35.48 96.96
C PHE G 79 9.73 -35.66 96.27
N ALA G 80 9.70 -35.65 94.95
CA ALA G 80 8.45 -35.81 94.19
C ALA G 80 8.60 -36.91 93.16
N GLY G 81 9.31 -37.97 93.51
CA GLY G 81 9.50 -39.11 92.63
C GLY G 81 8.44 -40.18 92.70
N GLY G 82 7.39 -39.97 93.49
CA GLY G 82 6.31 -40.93 93.59
C GLY G 82 6.64 -42.16 94.41
N LEU G 83 7.72 -42.13 95.20
CA LEU G 83 8.10 -43.26 96.02
C LEU G 83 7.31 -43.21 97.34
N LYS G 84 7.65 -44.12 98.26
CA LYS G 84 6.97 -44.14 99.56
C LYS G 84 7.26 -42.89 100.37
N GLU G 85 8.49 -42.38 100.32
CA GLU G 85 8.83 -41.18 101.06
C GLU G 85 8.14 -39.94 100.52
N MET G 86 7.76 -39.95 99.24
CA MET G 86 7.07 -38.81 98.65
C MET G 86 5.60 -38.73 99.05
N GLU G 87 5.07 -39.77 99.69
CA GLU G 87 3.69 -39.82 100.13
C GLU G 87 3.59 -39.95 101.65
N GLN G 88 4.42 -39.20 102.36
CA GLN G 88 4.46 -39.24 103.81
C GLN G 88 4.42 -37.81 104.35
N GLU G 89 3.94 -37.67 105.59
CA GLU G 89 3.85 -36.36 106.21
C GLU G 89 5.23 -35.75 106.41
N GLU G 90 6.21 -36.56 106.81
CA GLU G 90 7.57 -36.10 107.06
C GLU G 90 8.49 -36.73 106.03
N VAL G 91 9.34 -35.90 105.42
CA VAL G 91 10.31 -36.35 104.43
C VAL G 91 11.70 -36.19 105.03
N LEU G 92 12.50 -37.26 104.97
CA LEU G 92 13.83 -37.27 105.54
C LEU G 92 14.83 -36.78 104.51
N ILE G 93 15.59 -35.74 104.87
CA ILE G 93 16.61 -35.15 104.00
C ILE G 93 17.95 -35.25 104.73
N HIS G 94 18.94 -35.83 104.05
CA HIS G 94 20.29 -35.98 104.60
C HIS G 94 21.28 -35.29 103.68
N GLY G 95 22.25 -34.59 104.28
CA GLY G 95 23.26 -33.88 103.54
C GLY G 95 22.82 -32.53 103.01
N VAL G 96 21.62 -32.07 103.35
CA VAL G 96 21.12 -30.78 102.89
C VAL G 96 21.48 -29.74 103.94
N SER G 97 22.33 -28.79 103.56
CA SER G 97 22.75 -27.73 104.46
C SER G 97 21.92 -26.47 104.23
N TYR G 98 22.11 -25.49 105.11
CA TYR G 98 21.40 -24.21 104.97
C TYR G 98 21.85 -23.46 103.73
N ASN G 99 23.09 -23.67 103.28
CA ASN G 99 23.58 -23.00 102.09
C ASN G 99 22.79 -23.42 100.85
N ALA G 100 22.47 -24.71 100.74
CA ALA G 100 21.67 -25.17 99.62
C ALA G 100 20.28 -24.57 99.63
N MET G 101 19.66 -24.49 100.81
CA MET G 101 18.34 -23.86 100.90
C MET G 101 18.39 -22.39 100.54
N CYS G 102 19.43 -21.68 101.00
CA CYS G 102 19.57 -20.27 100.66
C CYS G 102 19.77 -20.09 99.16
N GLN G 103 20.58 -20.95 98.54
CA GLN G 103 20.78 -20.86 97.09
C GLN G 103 19.48 -21.14 96.34
N ILE G 104 18.71 -22.13 96.80
CA ILE G 104 17.44 -22.43 96.14
C ILE G 104 16.47 -21.26 96.27
N LEU G 105 16.41 -20.65 97.45
CA LEU G 105 15.54 -19.49 97.65
C LEU G 105 15.96 -18.32 96.76
N HIS G 106 17.27 -18.07 96.68
CA HIS G 106 17.76 -16.98 95.85
C HIS G 106 17.46 -17.24 94.37
N PHE G 107 17.65 -18.48 93.92
CA PHE G 107 17.34 -18.81 92.53
C PHE G 107 15.85 -18.67 92.24
N ILE G 108 15.00 -19.06 93.19
CA ILE G 108 13.56 -18.94 92.99
C ILE G 108 13.15 -17.48 92.94
N TYR G 109 13.72 -16.65 93.82
CA TYR G 109 13.33 -15.24 93.89
C TYR G 109 13.83 -14.46 92.68
N THR G 110 15.11 -14.64 92.32
CA THR G 110 15.72 -13.87 91.24
C THR G 110 15.56 -14.50 89.87
N SER G 111 15.12 -15.76 89.80
CA SER G 111 14.97 -16.48 88.53
C SER G 111 16.26 -16.48 87.73
N GLU G 112 17.39 -16.59 88.44
CA GLU G 112 18.71 -16.58 87.84
C GLU G 112 19.51 -17.78 88.33
N LEU G 113 20.29 -18.36 87.42
CA LEU G 113 21.14 -19.51 87.73
C LEU G 113 22.53 -19.24 87.16
N GLU G 114 23.42 -18.70 88.00
CA GLU G 114 24.77 -18.38 87.57
C GLU G 114 25.68 -18.36 88.79
N LEU G 115 26.98 -18.40 88.53
CA LEU G 115 27.99 -18.37 89.57
C LEU G 115 28.71 -17.02 89.57
N SER G 116 29.33 -16.71 90.70
CA SER G 116 30.05 -15.45 90.88
C SER G 116 31.36 -15.73 91.61
N LEU G 117 32.04 -14.66 91.99
CA LEU G 117 33.32 -14.77 92.69
C LEU G 117 33.16 -15.04 94.18
N SER G 118 31.94 -14.98 94.71
CA SER G 118 31.70 -15.23 96.13
C SER G 118 30.78 -16.41 96.39
N ASN G 119 30.32 -17.11 95.35
CA ASN G 119 29.43 -18.25 95.49
C ASN G 119 29.87 -19.39 94.59
N VAL G 120 31.18 -19.61 94.51
CA VAL G 120 31.74 -20.67 93.68
C VAL G 120 32.22 -21.85 94.53
N GLN G 121 33.14 -21.59 95.45
CA GLN G 121 33.66 -22.66 96.30
C GLN G 121 32.58 -23.19 97.25
N GLU G 122 31.74 -22.30 97.78
CA GLU G 122 30.70 -22.73 98.71
C GLU G 122 29.70 -23.64 98.04
N THR G 123 29.28 -23.32 96.81
CA THR G 123 28.33 -24.15 96.10
C THR G 123 28.91 -25.53 95.81
N LEU G 124 30.17 -25.58 95.38
CA LEU G 124 30.81 -26.87 95.12
C LEU G 124 30.95 -27.68 96.39
N VAL G 125 31.30 -27.04 97.51
CA VAL G 125 31.43 -27.74 98.78
C VAL G 125 30.08 -28.30 99.23
N ALA G 126 29.02 -27.51 99.10
CA ALA G 126 27.70 -27.93 99.55
C ALA G 126 27.05 -28.93 98.60
N ALA G 127 27.47 -29.00 97.35
CA ALA G 127 26.90 -29.94 96.40
C ALA G 127 27.49 -31.33 96.50
N CYS G 128 28.60 -31.50 97.23
CA CYS G 128 29.19 -32.83 97.37
C CYS G 128 28.30 -33.74 98.20
N GLN G 129 27.70 -33.21 99.28
CA GLN G 129 26.83 -34.00 100.13
C GLN G 129 25.38 -34.02 99.67
N LEU G 130 25.04 -33.24 98.64
CA LEU G 130 23.66 -33.21 98.14
C LEU G 130 23.36 -34.34 97.18
N GLN G 131 24.38 -35.08 96.72
CA GLN G 131 24.20 -36.20 95.80
C GLN G 131 23.46 -35.77 94.53
N ILE G 132 23.76 -34.55 94.06
CA ILE G 132 23.16 -34.00 92.86
C ILE G 132 24.24 -33.97 91.77
N PRO G 133 24.16 -34.83 90.75
CA PRO G 133 25.18 -34.81 89.70
C PRO G 133 25.03 -33.63 88.76
N GLU G 134 23.79 -33.24 88.49
CA GLU G 134 23.55 -32.10 87.61
C GLU G 134 24.08 -30.80 88.22
N ILE G 135 23.85 -30.60 89.51
CA ILE G 135 24.34 -29.39 90.18
C ILE G 135 25.87 -29.38 90.20
N ILE G 136 26.49 -30.53 90.46
CA ILE G 136 27.94 -30.60 90.46
C ILE G 136 28.50 -30.31 89.08
N HIS G 137 27.88 -30.86 88.04
CA HIS G 137 28.34 -30.60 86.68
C HIS G 137 28.18 -29.13 86.32
N PHE G 138 27.06 -28.51 86.71
CA PHE G 138 26.87 -27.09 86.44
C PHE G 138 27.91 -26.24 87.17
N CYS G 139 28.21 -26.58 88.43
CA CYS G 139 29.23 -25.86 89.17
C CYS G 139 30.60 -26.01 88.52
N CYS G 140 30.93 -27.23 88.06
CA CYS G 140 32.21 -27.44 87.39
C CYS G 140 32.29 -26.64 86.09
N ASP G 141 31.20 -26.61 85.33
CA ASP G 141 31.20 -25.82 84.09
C ASP G 141 31.35 -24.34 84.38
N PHE G 142 30.67 -23.84 85.43
CA PHE G 142 30.80 -22.44 85.80
C PHE G 142 32.22 -22.12 86.23
N LEU G 143 32.85 -23.02 87.00
CA LEU G 143 34.23 -22.81 87.41
C LEU G 143 35.16 -22.81 86.21
N MET G 144 34.93 -23.70 85.25
CA MET G 144 35.74 -23.71 84.04
C MET G 144 35.57 -22.41 83.24
N SER G 145 34.35 -21.90 83.18
CA SER G 145 34.10 -20.63 82.49
C SER G 145 34.64 -19.42 83.24
N TRP G 146 34.97 -19.57 84.52
CA TRP G 146 35.54 -18.50 85.34
C TRP G 146 36.82 -18.99 86.01
N VAL G 147 37.67 -19.64 85.25
CA VAL G 147 38.91 -20.23 85.75
C VAL G 147 40.05 -19.24 85.52
N ASP G 148 40.74 -18.87 86.59
CA ASP G 148 41.89 -17.98 86.54
C ASP G 148 43.06 -18.62 87.28
N GLU G 149 44.20 -17.94 87.25
CA GLU G 149 45.40 -18.44 87.90
C GLU G 149 45.31 -18.43 89.43
N GLU G 150 44.51 -17.52 90.00
CA GLU G 150 44.37 -17.43 91.45
C GLU G 150 43.35 -18.41 92.01
N ASN G 151 42.57 -19.06 91.15
CA ASN G 151 41.54 -20.01 91.58
C ASN G 151 41.79 -21.39 90.97
N ILE G 152 43.07 -21.77 90.86
CA ILE G 152 43.40 -23.08 90.30
C ILE G 152 42.94 -24.19 91.22
N LEU G 153 43.15 -24.03 92.53
CA LEU G 153 42.78 -25.06 93.49
C LEU G 153 41.27 -25.29 93.51
N ASP G 154 40.49 -24.20 93.49
CA ASP G 154 39.03 -24.34 93.48
C ASP G 154 38.54 -25.01 92.21
N VAL G 155 39.13 -24.65 91.06
CA VAL G 155 38.75 -25.26 89.80
C VAL G 155 39.08 -26.76 89.81
N TYR G 156 40.26 -27.11 90.33
CA TYR G 156 40.64 -28.51 90.41
C TYR G 156 39.70 -29.29 91.33
N ARG G 157 39.33 -28.70 92.47
CA ARG G 157 38.40 -29.36 93.38
C ARG G 157 37.04 -29.56 92.75
N LEU G 158 36.55 -28.54 92.02
CA LEU G 158 35.26 -28.67 91.35
C LEU G 158 35.32 -29.74 90.26
N ALA G 159 36.43 -29.80 89.52
CA ALA G 159 36.57 -30.82 88.48
C ALA G 159 36.61 -32.21 89.08
N GLU G 160 37.33 -32.37 90.21
CA GLU G 160 37.37 -33.67 90.86
C GLU G 160 36.02 -34.06 91.45
N LEU G 161 35.25 -33.09 91.92
CA LEU G 161 33.95 -33.40 92.51
C LEU G 161 32.95 -33.90 91.46
N PHE G 162 32.99 -33.32 90.27
CA PHE G 162 32.00 -33.62 89.23
C PHE G 162 32.60 -34.36 88.05
N ASP G 163 33.61 -33.79 87.40
CA ASP G 163 34.22 -34.36 86.18
C ASP G 163 33.15 -34.64 85.13
N LEU G 164 32.51 -33.56 84.67
CA LEU G 164 31.44 -33.67 83.70
C LEU G 164 31.95 -34.23 82.37
N SER G 165 31.07 -34.93 81.67
CA SER G 165 31.40 -35.55 80.39
C SER G 165 31.47 -34.56 79.25
N ARG G 166 31.00 -33.32 79.45
CA ARG G 166 31.04 -32.30 78.41
C ARG G 166 32.26 -31.38 78.51
N LEU G 167 32.76 -31.13 79.72
CA LEU G 167 33.96 -30.33 79.91
C LEU G 167 35.22 -31.18 80.03
N THR G 168 35.10 -32.50 79.96
CA THR G 168 36.26 -33.36 80.07
C THR G 168 37.25 -33.13 78.92
N GLU G 169 36.72 -33.00 77.71
CA GLU G 169 37.59 -32.77 76.55
C GLU G 169 38.30 -31.43 76.66
N GLN G 170 37.58 -30.39 77.08
CA GLN G 170 38.21 -29.08 77.25
C GLN G 170 39.28 -29.11 78.34
N LEU G 171 38.99 -29.78 79.45
CA LEU G 171 39.98 -29.88 80.52
C LEU G 171 41.21 -30.63 80.06
N ASP G 172 41.02 -31.74 79.32
CA ASP G 172 42.16 -32.49 78.80
C ASP G 172 42.98 -31.66 77.82
N THR G 173 42.31 -30.91 76.95
CA THR G 173 43.04 -30.05 76.01
C THR G 173 43.83 -28.97 76.75
N TYR G 174 43.22 -28.37 77.77
CA TYR G 174 43.92 -27.35 78.54
C TYR G 174 45.12 -27.93 79.28
N ILE G 175 44.98 -29.13 79.84
CA ILE G 175 46.08 -29.78 80.52
C ILE G 175 47.21 -30.11 79.55
N LEU G 176 46.86 -30.63 78.37
CA LEU G 176 47.88 -30.99 77.38
C LEU G 176 48.61 -29.75 76.87
N LYS G 177 47.87 -28.66 76.61
CA LYS G 177 48.49 -27.45 76.08
C LYS G 177 49.36 -26.74 77.11
N ASN G 178 49.16 -27.04 78.40
CA ASN G 178 49.94 -26.43 79.48
C ASN G 178 50.52 -27.52 80.38
N PHE G 179 51.11 -28.55 79.77
CA PHE G 179 51.67 -29.65 80.55
C PHE G 179 52.86 -29.22 81.39
N VAL G 180 53.59 -28.19 80.95
CA VAL G 180 54.72 -27.70 81.73
C VAL G 180 54.25 -27.19 83.09
N ALA G 181 53.16 -26.43 83.11
CA ALA G 181 52.60 -25.98 84.38
C ALA G 181 51.82 -27.08 85.08
N PHE G 182 51.22 -28.00 84.31
CA PHE G 182 50.41 -29.07 84.90
C PHE G 182 51.27 -30.14 85.56
N SER G 183 52.57 -30.20 85.25
CA SER G 183 53.43 -31.20 85.86
C SER G 183 53.48 -31.05 87.37
N ARG G 184 53.63 -29.82 87.85
CA ARG G 184 53.62 -29.55 89.28
C ARG G 184 52.24 -29.19 89.82
N THR G 185 51.25 -29.01 88.94
CA THR G 185 49.91 -28.64 89.38
C THR G 185 49.11 -29.87 89.76
N ASP G 186 48.25 -29.71 90.77
CA ASP G 186 47.40 -30.81 91.21
C ASP G 186 46.27 -31.11 90.22
N LYS G 187 46.00 -30.20 89.29
CA LYS G 187 44.93 -30.40 88.32
C LYS G 187 45.24 -31.54 87.36
N TYR G 188 46.50 -31.90 87.19
CA TYR G 188 46.86 -33.00 86.29
C TYR G 188 46.29 -34.33 86.79
N ARG G 189 46.36 -34.56 88.10
CA ARG G 189 45.83 -35.81 88.66
C ARG G 189 44.31 -35.88 88.54
N GLN G 190 43.63 -34.74 88.67
CA GLN G 190 42.18 -34.69 88.55
C GLN G 190 41.72 -34.54 87.11
N LEU G 191 42.62 -34.26 86.17
CA LEU G 191 42.24 -34.13 84.78
C LEU G 191 41.97 -35.50 84.17
N PRO G 192 41.12 -35.55 83.14
CA PRO G 192 40.87 -36.85 82.48
C PRO G 192 42.14 -37.37 81.81
N LEU G 193 42.28 -38.69 81.82
CA LEU G 193 43.42 -39.36 81.20
C LEU G 193 43.07 -40.02 79.87
N GLU G 194 41.87 -40.59 79.75
CA GLU G 194 41.47 -41.21 78.50
C GLU G 194 41.34 -40.19 77.38
N LYS G 195 40.79 -39.02 77.68
CA LYS G 195 40.65 -37.98 76.67
C LYS G 195 42.00 -37.50 76.17
N VAL G 196 42.95 -37.30 77.08
CA VAL G 196 44.29 -36.85 76.69
C VAL G 196 44.97 -37.90 75.82
N TYR G 197 44.85 -39.18 76.21
CA TYR G 197 45.45 -40.25 75.41
C TYR G 197 44.82 -40.33 74.02
N SER G 198 43.50 -40.18 73.94
CA SER G 198 42.83 -40.20 72.65
C SER G 198 43.26 -39.02 71.78
N LEU G 199 43.40 -37.84 72.38
CA LEU G 199 43.84 -36.67 71.63
C LEU G 199 45.27 -36.84 71.14
N LEU G 200 46.14 -37.44 71.95
CA LEU G 200 47.52 -37.68 71.55
C LEU G 200 47.62 -38.66 70.38
N SER G 201 46.80 -39.72 70.37
CA SER G 201 46.83 -40.68 69.27
C SER G 201 46.05 -40.19 68.06
N SER G 202 45.22 -39.16 68.22
CA SER G 202 44.46 -38.64 67.11
C SER G 202 45.36 -37.92 66.11
N ASN G 203 45.00 -38.02 64.83
CA ASN G 203 45.75 -37.38 63.76
C ASN G 203 44.95 -36.31 63.01
N ARG G 204 43.65 -36.23 63.24
CA ARG G 204 42.80 -35.24 62.57
C ARG G 204 42.63 -33.96 63.37
N LEU G 205 43.31 -33.83 64.51
CA LEU G 205 43.19 -32.63 65.32
C LEU G 205 43.73 -31.41 64.57
N GLU G 206 43.10 -30.27 64.81
CA GLU G 206 43.46 -29.04 64.10
C GLU G 206 44.78 -28.50 64.67
N VAL G 207 45.81 -28.42 63.82
CA VAL G 207 47.10 -27.90 64.21
C VAL G 207 47.67 -27.10 63.05
N SER G 208 48.26 -25.95 63.37
CA SER G 208 48.81 -25.08 62.33
C SER G 208 50.18 -25.55 61.85
N CYS G 209 50.81 -26.48 62.56
CA CYS G 209 52.14 -26.96 62.18
C CYS G 209 52.33 -28.36 62.74
N GLU G 210 53.37 -29.03 62.25
CA GLU G 210 53.70 -30.38 62.71
C GLU G 210 55.14 -30.46 63.22
N THR G 211 55.74 -29.32 63.55
CA THR G 211 57.09 -29.27 64.09
C THR G 211 57.11 -28.86 65.55
N GLU G 212 56.56 -27.69 65.88
CA GLU G 212 56.42 -27.30 67.27
C GLU G 212 55.34 -28.11 67.98
N VAL G 213 54.28 -28.45 67.24
CA VAL G 213 53.18 -29.23 67.82
C VAL G 213 53.68 -30.62 68.23
N TYR G 214 54.52 -31.24 67.40
CA TYR G 214 55.07 -32.55 67.75
C TYR G 214 55.92 -32.47 69.01
N GLU G 215 56.76 -31.45 69.13
CA GLU G 215 57.59 -31.29 70.32
C GLU G 215 56.73 -31.06 71.55
N GLY G 216 55.68 -30.23 71.43
CA GLY G 216 54.79 -30.01 72.55
C GLY G 216 54.06 -31.27 72.97
N ALA G 217 53.60 -32.06 72.01
CA ALA G 217 52.94 -33.33 72.33
C ALA G 217 53.90 -34.30 73.01
N LEU G 218 55.14 -34.35 72.53
CA LEU G 218 56.14 -35.22 73.16
C LEU G 218 56.43 -34.78 74.59
N LEU G 219 56.53 -33.46 74.81
CA LEU G 219 56.77 -32.96 76.16
C LEU G 219 55.58 -33.23 77.08
N TYR G 220 54.37 -33.14 76.54
CA TYR G 220 53.18 -33.39 77.36
C TYR G 220 53.06 -34.87 77.70
N HIS G 221 53.33 -35.75 76.73
CA HIS G 221 53.16 -37.19 76.96
C HIS G 221 54.20 -37.72 77.95
N TYR G 222 55.46 -37.34 77.78
CA TYR G 222 56.54 -37.84 78.62
C TYR G 222 57.37 -36.67 79.13
N SER G 223 57.94 -36.83 80.31
CA SER G 223 58.72 -35.77 80.95
C SER G 223 59.97 -35.47 80.14
N LEU G 224 60.51 -34.27 80.35
CA LEU G 224 61.70 -33.84 79.62
C LEU G 224 62.91 -34.69 79.96
N GLU G 225 62.93 -35.28 81.16
CA GLU G 225 64.05 -36.15 81.54
C GLU G 225 64.11 -37.40 80.66
N GLN G 226 62.97 -37.98 80.33
CA GLN G 226 62.96 -39.15 79.45
C GLN G 226 63.44 -38.80 78.06
N VAL G 227 63.01 -37.64 77.53
CA VAL G 227 63.47 -37.22 76.20
C VAL G 227 64.96 -36.93 76.22
N GLN G 228 65.43 -36.23 77.24
CA GLN G 228 66.85 -35.89 77.35
C GLN G 228 67.66 -37.10 77.80
N PRO G 237 51.40 -55.57 81.50
CA PRO G 237 52.00 -54.26 81.76
C PRO G 237 51.03 -53.12 81.50
N PRO G 238 51.54 -51.96 81.07
CA PRO G 238 50.66 -50.82 80.82
C PRO G 238 49.86 -50.97 79.54
N LYS G 239 48.55 -51.20 79.67
CA LYS G 239 47.70 -51.34 78.50
C LYS G 239 47.49 -50.00 77.79
N LEU G 240 47.60 -48.89 78.53
CA LEU G 240 47.42 -47.58 77.91
C LEU G 240 48.52 -47.28 76.90
N LEU G 241 49.72 -47.81 77.12
CA LEU G 241 50.81 -47.59 76.18
C LEU G 241 50.51 -48.22 74.82
N GLU G 242 49.93 -49.42 74.83
CA GLU G 242 49.57 -50.10 73.59
C GLU G 242 48.22 -49.64 73.04
N THR G 243 47.50 -48.79 73.76
CA THR G 243 46.21 -48.30 73.28
C THR G 243 46.36 -47.33 72.11
N VAL G 244 47.56 -46.82 71.87
CA VAL G 244 47.80 -45.90 70.77
C VAL G 244 47.96 -46.69 69.48
N ARG G 245 47.17 -46.37 68.47
CA ARG G 245 47.23 -47.04 67.17
C ARG G 245 48.09 -46.19 66.23
N PHE G 246 49.40 -46.38 66.34
CA PHE G 246 50.34 -45.65 65.49
C PHE G 246 50.13 -45.95 64.02
N PRO G 247 49.99 -47.21 63.59
CA PRO G 247 49.77 -47.47 62.16
C PRO G 247 48.51 -46.83 61.61
N LEU G 248 47.45 -46.71 62.43
CA LEU G 248 46.21 -46.09 61.98
C LEU G 248 46.37 -44.60 61.71
N MET G 249 47.15 -43.90 62.51
CA MET G 249 47.35 -42.47 62.34
C MET G 249 48.29 -42.20 61.16
N GLU G 250 48.53 -40.91 60.91
CA GLU G 250 49.41 -40.49 59.83
C GLU G 250 50.84 -40.91 60.15
N ALA G 251 51.33 -41.93 59.44
CA ALA G 251 52.69 -42.43 59.67
C ALA G 251 53.74 -41.62 58.93
N GLU G 252 53.35 -40.75 57.99
CA GLU G 252 54.33 -40.01 57.20
C GLU G 252 55.18 -39.09 58.08
N VAL G 253 54.56 -38.43 59.05
CA VAL G 253 55.30 -37.53 59.93
C VAL G 253 55.88 -38.23 61.15
N LEU G 254 55.32 -39.37 61.55
CA LEU G 254 55.79 -40.10 62.72
C LEU G 254 56.78 -41.20 62.39
N GLN G 255 57.11 -41.40 61.10
CA GLN G 255 58.06 -42.44 60.73
C GLN G 255 59.45 -42.14 61.28
N ARG G 256 59.87 -40.87 61.23
CA ARG G 256 61.17 -40.51 61.76
C ARG G 256 61.25 -40.73 63.27
N LEU G 257 60.18 -40.39 63.98
CA LEU G 257 60.15 -40.62 65.43
C LEU G 257 60.15 -42.10 65.75
N HIS G 258 59.40 -42.90 64.98
CA HIS G 258 59.34 -44.34 65.22
C HIS G 258 60.64 -45.05 64.88
N ASP G 259 61.40 -44.54 63.90
CA ASP G 259 62.67 -45.15 63.55
C ASP G 259 63.65 -45.10 64.72
N LYS G 260 63.71 -43.96 65.42
CA LYS G 260 64.59 -43.83 66.57
C LYS G 260 63.99 -44.43 67.84
N LEU G 261 62.70 -44.76 67.83
CA LEU G 261 62.06 -45.32 69.00
C LEU G 261 62.36 -46.82 69.13
N ASP G 262 61.84 -47.41 70.19
CA ASP G 262 62.04 -48.83 70.43
C ASP G 262 61.30 -49.66 69.37
N PRO G 263 61.74 -50.90 69.14
CA PRO G 263 61.08 -51.73 68.13
C PRO G 263 59.62 -51.98 68.48
N SER G 264 58.77 -51.94 67.45
CA SER G 264 57.35 -52.16 67.60
C SER G 264 56.84 -52.89 66.37
N PRO G 265 55.68 -53.54 66.46
CA PRO G 265 55.14 -54.24 65.29
C PRO G 265 54.33 -53.33 64.38
N LEU G 266 54.45 -52.02 64.60
CA LEU G 266 53.72 -51.03 63.81
C LEU G 266 54.52 -50.51 62.62
N ARG G 267 55.75 -51.03 62.42
CA ARG G 267 56.59 -50.60 61.31
C ARG G 267 56.27 -51.32 60.00
N ASP G 268 55.46 -52.38 60.05
CA ASP G 268 55.11 -53.10 58.82
C ASP G 268 54.17 -52.28 57.94
N THR G 269 53.30 -51.47 58.54
CA THR G 269 52.38 -50.66 57.76
C THR G 269 53.12 -49.61 56.94
N VAL G 270 54.17 -49.02 57.51
CA VAL G 270 54.95 -48.02 56.78
C VAL G 270 55.63 -48.66 55.57
N ALA G 271 56.20 -49.85 55.76
CA ALA G 271 56.82 -50.55 54.63
C ALA G 271 55.80 -50.93 53.58
N SER G 272 54.61 -51.39 54.00
CA SER G 272 53.57 -51.77 53.05
C SER G 272 53.08 -50.57 52.25
N ALA G 273 52.92 -49.42 52.90
CA ALA G 273 52.44 -48.23 52.21
C ALA G 273 53.47 -47.65 51.26
N LEU G 274 54.75 -48.01 51.42
CA LEU G 274 55.78 -47.51 50.50
C LEU G 274 55.56 -48.02 49.09
N MET G 275 55.17 -49.29 48.94
CA MET G 275 54.91 -49.85 47.62
C MET G 275 53.65 -49.26 46.98
N TYR G 276 52.75 -48.68 47.79
CA TYR G 276 51.53 -48.10 47.24
C TYR G 276 51.77 -46.80 46.48
N HIS G 277 52.94 -46.18 46.65
CA HIS G 277 53.23 -44.95 45.93
C HIS G 277 53.41 -45.19 44.43
N ARG G 278 54.00 -46.33 44.06
CA ARG G 278 54.23 -46.67 42.67
C ARG G 278 53.17 -47.61 42.11
N ASN G 279 52.01 -47.66 42.74
CA ASN G 279 50.90 -48.53 42.32
C ASN G 279 49.64 -47.70 42.12
N GLU G 280 49.78 -46.57 41.44
CA GLU G 280 48.62 -45.71 41.18
C GLU G 280 47.61 -46.41 40.27
N SER G 281 48.10 -47.14 39.26
CA SER G 281 47.20 -47.85 38.36
C SER G 281 46.44 -48.96 39.10
N LEU G 282 47.10 -49.66 40.00
CA LEU G 282 46.51 -50.76 40.76
C LEU G 282 46.03 -50.32 42.13
N GLN G 283 45.58 -49.07 42.27
CA GLN G 283 45.10 -48.60 43.56
C GLN G 283 43.91 -49.39 44.08
N PRO G 284 42.86 -49.64 43.29
CA PRO G 284 41.77 -50.50 43.79
C PRO G 284 42.21 -51.92 44.11
N SER G 285 43.17 -52.45 43.36
CA SER G 285 43.64 -53.82 43.59
C SER G 285 44.52 -53.91 44.82
N LEU G 286 45.17 -52.81 45.20
CA LEU G 286 46.09 -52.78 46.33
C LEU G 286 45.40 -52.44 47.64
N GLN G 287 44.11 -52.77 47.76
CA GLN G 287 43.39 -52.53 49.00
C GLN G 287 43.96 -53.40 50.11
N SER G 288 44.08 -52.83 51.31
CA SER G 288 44.67 -53.52 52.44
C SER G 288 43.74 -53.45 53.65
N PRO G 289 43.90 -54.35 54.63
CA PRO G 289 43.04 -54.29 55.81
C PRO G 289 43.15 -52.99 56.58
N GLN G 290 44.32 -52.35 56.56
CA GLN G 290 44.52 -51.06 57.22
C GLN G 290 44.22 -49.89 56.31
N THR G 291 43.80 -50.13 55.07
CA THR G 291 43.49 -49.09 54.10
C THR G 291 41.98 -48.80 54.02
N GLU G 292 41.28 -48.93 55.14
CA GLU G 292 39.85 -48.67 55.15
C GLU G 292 39.57 -47.18 54.93
N LEU G 293 38.37 -46.89 54.44
CA LEU G 293 37.99 -45.51 54.15
C LEU G 293 37.74 -44.75 55.45
N ARG G 294 38.49 -43.67 55.65
CA ARG G 294 38.32 -42.86 56.85
C ARG G 294 37.03 -42.05 56.76
N SER G 295 36.24 -42.11 57.83
CA SER G 295 34.98 -41.38 57.95
C SER G 295 33.97 -41.81 56.88
N ASP G 296 32.77 -41.24 56.92
CA ASP G 296 31.71 -41.55 55.97
C ASP G 296 31.21 -40.27 55.32
N PHE G 297 32.12 -39.35 55.00
CA PHE G 297 31.75 -38.08 54.39
C PHE G 297 31.62 -38.25 52.88
N GLN G 298 30.56 -38.95 52.49
CA GLN G 298 30.25 -39.19 51.08
C GLN G 298 29.08 -38.32 50.66
N CYS G 299 29.26 -37.55 49.59
CA CYS G 299 28.23 -36.65 49.10
C CYS G 299 28.46 -36.44 47.61
N VAL G 300 27.78 -35.45 47.04
CA VAL G 300 27.86 -35.13 45.62
C VAL G 300 28.60 -33.80 45.48
N VAL G 301 29.61 -33.79 44.62
CA VAL G 301 30.42 -32.59 44.36
C VAL G 301 30.16 -32.15 42.93
N GLY G 302 29.83 -30.87 42.75
CA GLY G 302 29.52 -30.35 41.44
C GLY G 302 30.75 -30.09 40.60
N PHE G 303 31.50 -31.15 40.31
CA PHE G 303 32.70 -31.05 39.49
C PHE G 303 32.76 -32.27 38.57
N GLY G 304 33.43 -32.09 37.44
CA GLY G 304 33.60 -33.15 36.48
C GLY G 304 32.43 -33.27 35.52
N GLY G 305 32.61 -34.14 34.53
CA GLY G 305 31.60 -34.37 33.52
C GLY G 305 31.59 -33.32 32.43
N ILE G 306 30.69 -33.52 31.47
CA ILE G 306 30.51 -32.61 30.34
C ILE G 306 29.07 -32.11 30.38
N HIS G 307 28.91 -30.80 30.50
CA HIS G 307 27.58 -30.19 30.60
C HIS G 307 27.26 -29.48 29.28
N SER G 308 26.27 -29.99 28.56
CA SER G 308 25.81 -29.39 27.32
C SER G 308 24.47 -28.71 27.46
N THR G 309 23.52 -29.33 28.15
CA THR G 309 22.20 -28.78 28.38
C THR G 309 21.81 -28.96 29.84
N PRO G 310 20.99 -28.05 30.39
CA PRO G 310 20.43 -26.84 29.78
C PRO G 310 21.29 -25.61 30.02
N SER G 311 22.44 -25.79 30.67
CA SER G 311 23.35 -24.70 30.98
C SER G 311 24.61 -24.81 30.13
N THR G 312 24.94 -23.75 29.41
CA THR G 312 26.15 -23.71 28.59
C THR G 312 27.32 -23.10 29.36
N VAL G 313 27.59 -23.65 30.55
CA VAL G 313 28.69 -23.19 31.39
C VAL G 313 29.49 -24.42 31.84
N LEU G 314 30.80 -24.34 31.69
CA LEU G 314 31.68 -25.43 32.09
C LEU G 314 31.87 -25.41 33.61
N SER G 315 31.63 -26.54 34.26
CA SER G 315 31.78 -26.64 35.70
C SER G 315 33.25 -26.83 36.06
N ASP G 316 33.78 -25.91 36.86
CA ASP G 316 35.17 -25.96 37.28
C ASP G 316 35.39 -25.77 38.77
N GLN G 317 34.43 -25.19 39.50
CA GLN G 317 34.59 -24.98 40.93
C GLN G 317 34.43 -26.29 41.68
N ALA G 318 35.48 -26.74 42.34
CA ALA G 318 35.46 -27.99 43.10
C ALA G 318 35.21 -27.65 44.56
N LYS G 319 33.96 -27.39 44.89
CA LYS G 319 33.54 -27.05 46.24
C LYS G 319 32.81 -28.24 46.86
N TYR G 320 33.15 -28.56 48.11
CA TYR G 320 32.54 -29.65 48.83
C TYR G 320 31.53 -29.09 49.83
N LEU G 321 30.31 -29.62 49.80
CA LEU G 321 29.26 -29.14 50.69
C LEU G 321 29.59 -29.50 52.13
N ASN G 322 29.38 -28.54 53.03
CA ASN G 322 29.63 -28.76 54.45
C ASN G 322 28.30 -28.95 55.18
N PRO G 323 28.01 -30.14 55.72
CA PRO G 323 26.74 -30.32 56.43
C PRO G 323 26.57 -29.38 57.62
N LEU G 324 27.66 -29.04 58.32
CA LEU G 324 27.56 -28.10 59.42
C LEU G 324 27.16 -26.71 58.93
N LEU G 325 27.73 -26.28 57.80
CA LEU G 325 27.39 -24.99 57.23
C LEU G 325 26.18 -25.03 56.31
N GLY G 326 25.91 -26.16 55.68
CA GLY G 326 24.75 -26.31 54.82
C GLY G 326 24.92 -25.77 53.42
N GLU G 327 26.13 -25.32 53.06
CA GLU G 327 26.38 -24.79 51.72
C GLU G 327 27.78 -25.18 51.28
N TRP G 328 27.98 -25.24 49.96
CA TRP G 328 29.28 -25.56 49.39
C TRP G 328 30.08 -24.27 49.19
N LYS G 329 30.68 -23.82 50.29
CA LYS G 329 31.44 -22.58 50.28
C LYS G 329 32.66 -22.70 49.37
N HIS G 330 32.95 -21.62 48.65
CA HIS G 330 34.10 -21.60 47.76
C HIS G 330 35.40 -21.57 48.56
N PHE G 331 36.43 -22.21 48.01
CA PHE G 331 37.73 -22.28 48.66
C PHE G 331 38.80 -22.31 47.58
N THR G 332 40.06 -22.30 48.01
CA THR G 332 41.20 -22.31 47.10
C THR G 332 41.35 -23.73 46.54
N ALA G 333 40.80 -23.94 45.34
CA ALA G 333 40.88 -25.24 44.69
C ALA G 333 42.11 -25.32 43.79
N SER G 334 43.27 -25.11 44.41
CA SER G 334 44.53 -25.15 43.68
C SER G 334 44.87 -26.58 43.29
N LEU G 335 45.24 -26.76 42.03
CA LEU G 335 45.62 -28.07 41.48
C LEU G 335 44.52 -29.10 41.70
N ALA G 336 43.27 -28.66 41.55
CA ALA G 336 42.14 -29.56 41.71
C ALA G 336 42.07 -30.53 40.53
N PRO G 337 41.62 -31.76 40.76
CA PRO G 337 41.51 -32.71 39.64
C PRO G 337 40.33 -32.38 38.73
N ARG G 338 40.63 -31.89 37.52
CA ARG G 338 39.61 -31.49 36.56
C ARG G 338 39.57 -32.53 35.44
N MET G 339 38.60 -33.43 35.52
CA MET G 339 38.38 -34.45 34.50
C MET G 339 37.00 -34.27 33.90
N SER G 340 36.90 -34.43 32.59
CA SER G 340 35.66 -34.21 31.85
C SER G 340 35.15 -35.54 31.30
N ASN G 341 33.86 -35.80 31.50
CA ASN G 341 33.21 -37.01 31.00
C ASN G 341 33.90 -38.26 31.52
N GLN G 342 34.34 -38.21 32.78
CA GLN G 342 34.99 -39.36 33.39
C GLN G 342 33.95 -40.39 33.84
N GLY G 343 34.40 -41.63 33.95
CA GLY G 343 33.51 -42.70 34.38
C GLY G 343 33.18 -42.62 35.85
N ILE G 344 32.05 -43.23 36.22
CA ILE G 344 31.57 -43.25 37.59
C ILE G 344 31.40 -44.70 38.01
N ALA G 345 32.02 -45.07 39.13
CA ALA G 345 31.91 -46.42 39.65
C ALA G 345 32.14 -46.38 41.16
N VAL G 346 31.59 -47.38 41.85
CA VAL G 346 31.71 -47.49 43.30
C VAL G 346 32.21 -48.91 43.60
N LEU G 347 33.52 -49.05 43.73
CA LEU G 347 34.15 -50.33 44.05
C LEU G 347 35.08 -50.10 45.23
N ASN G 348 34.55 -50.31 46.44
CA ASN G 348 35.31 -50.11 47.69
C ASN G 348 35.89 -48.70 47.75
N ASN G 349 35.06 -47.71 47.42
CA ASN G 349 35.43 -46.29 47.39
C ASN G 349 36.56 -46.01 46.40
N PHE G 350 36.74 -46.89 45.41
CA PHE G 350 37.75 -46.71 44.37
C PHE G 350 37.09 -46.88 43.02
N VAL G 351 37.31 -45.92 42.13
CA VAL G 351 36.68 -45.91 40.81
C VAL G 351 37.75 -46.14 39.75
N TYR G 352 37.47 -47.09 38.85
CA TYR G 352 38.35 -47.36 37.72
C TYR G 352 37.52 -47.31 36.44
N LEU G 353 37.97 -46.48 35.49
CA LEU G 353 37.26 -46.29 34.25
C LEU G 353 38.24 -46.02 33.13
N ILE G 354 37.84 -46.34 31.91
CA ILE G 354 38.65 -46.15 30.71
C ILE G 354 37.87 -45.27 29.75
N GLY G 355 38.49 -44.15 29.34
CA GLY G 355 37.84 -43.27 28.39
C GLY G 355 36.59 -42.60 28.96
N GLY G 356 35.72 -42.20 28.04
CA GLY G 356 34.48 -41.55 28.42
C GLY G 356 33.65 -41.13 27.22
N ASP G 357 32.34 -41.38 27.27
CA ASP G 357 31.47 -41.05 26.16
C ASP G 357 30.12 -40.59 26.70
N ASN G 358 29.67 -39.43 26.25
CA ASN G 358 28.38 -38.86 26.62
C ASN G 358 27.67 -38.30 25.40
N ASN G 359 27.70 -39.05 24.29
CA ASN G 359 27.13 -38.58 23.04
C ASN G 359 25.61 -38.45 23.11
N VAL G 360 24.96 -39.14 24.06
CA VAL G 360 23.51 -39.03 24.19
C VAL G 360 23.12 -37.61 24.56
N GLN G 361 23.84 -37.01 25.49
CA GLN G 361 23.60 -35.64 25.93
C GLN G 361 24.55 -34.64 25.27
N GLY G 362 25.31 -35.07 24.26
CA GLY G 362 26.26 -34.21 23.60
C GLY G 362 27.69 -34.69 23.75
N PHE G 363 28.28 -35.18 22.66
CA PHE G 363 29.64 -35.71 22.70
C PHE G 363 30.63 -34.59 22.97
N ARG G 364 31.64 -34.89 23.80
CA ARG G 364 32.67 -33.93 24.14
C ARG G 364 33.97 -34.67 24.39
N ALA G 365 34.94 -34.46 23.50
CA ALA G 365 36.23 -35.12 23.64
C ALA G 365 37.00 -34.55 24.83
N GLU G 366 37.61 -35.42 25.61
CA GLU G 366 38.38 -35.01 26.77
C GLU G 366 39.65 -35.85 26.87
N SER G 367 40.70 -35.25 27.43
CA SER G 367 41.97 -35.93 27.60
C SER G 367 42.37 -36.14 29.05
N ARG G 368 41.61 -35.59 30.00
CA ARG G 368 41.93 -35.72 31.42
C ARG G 368 41.13 -36.86 32.02
N CYS G 369 41.82 -37.79 32.67
CA CYS G 369 41.20 -38.92 33.34
C CYS G 369 41.62 -38.92 34.81
N TRP G 370 40.64 -39.02 35.70
CA TRP G 370 40.89 -39.00 37.13
C TRP G 370 40.10 -40.13 37.80
N ARG G 371 40.66 -40.65 38.90
CA ARG G 371 40.04 -41.72 39.66
C ARG G 371 39.83 -41.27 41.09
N TYR G 372 38.65 -41.55 41.64
CA TYR G 372 38.31 -41.17 43.00
C TYR G 372 38.69 -42.31 43.95
N ASP G 373 39.71 -42.07 44.77
CA ASP G 373 40.19 -43.07 45.73
C ASP G 373 40.30 -42.42 47.10
N PRO G 374 39.19 -42.27 47.83
CA PRO G 374 39.28 -41.66 49.18
C PRO G 374 40.07 -42.48 50.18
N ARG G 375 40.22 -43.79 49.95
CA ARG G 375 40.98 -44.62 50.88
C ARG G 375 42.45 -44.22 50.91
N HIS G 376 43.03 -43.93 49.74
CA HIS G 376 44.42 -43.53 49.66
C HIS G 376 44.61 -42.02 49.75
N ASN G 377 43.52 -41.24 49.64
CA ASN G 377 43.58 -39.78 49.70
C ASN G 377 44.55 -39.21 48.68
N ARG G 378 44.55 -39.78 47.48
CA ARG G 378 45.44 -39.33 46.42
C ARG G 378 44.80 -39.61 45.07
N TRP G 379 45.26 -38.88 44.06
CA TRP G 379 44.76 -39.02 42.70
C TRP G 379 45.94 -39.05 41.74
N PHE G 380 45.75 -39.75 40.62
CA PHE G 380 46.79 -39.86 39.60
C PHE G 380 46.15 -40.05 38.25
N GLN G 381 46.91 -39.75 37.21
CA GLN G 381 46.43 -39.87 35.83
C GLN G 381 46.60 -41.32 35.38
N ILE G 382 45.49 -42.03 35.25
CA ILE G 382 45.53 -43.43 34.82
C ILE G 382 45.84 -43.51 33.34
N GLN G 383 46.36 -44.66 32.92
CA GLN G 383 46.70 -44.88 31.53
C GLN G 383 45.44 -45.00 30.69
N SER G 384 45.39 -44.27 29.58
CA SER G 384 44.22 -44.30 28.71
C SER G 384 44.19 -45.59 27.91
N LEU G 385 43.02 -46.23 27.87
CA LEU G 385 42.86 -47.46 27.12
C LEU G 385 42.63 -47.16 25.64
N GLN G 386 42.87 -48.17 24.81
CA GLN G 386 42.68 -48.01 23.37
C GLN G 386 41.23 -47.77 23.02
N GLN G 387 40.30 -48.47 23.68
CA GLN G 387 38.88 -48.35 23.41
C GLN G 387 38.20 -47.56 24.53
N GLU G 388 37.45 -46.54 24.15
CA GLU G 388 36.75 -45.68 25.10
C GLU G 388 35.41 -46.32 25.44
N HIS G 389 35.44 -47.23 26.40
CA HIS G 389 34.24 -47.89 26.90
C HIS G 389 34.03 -47.51 28.36
N ALA G 390 32.86 -46.97 28.66
CA ALA G 390 32.55 -46.47 29.99
C ALA G 390 31.03 -46.54 30.19
N ASP G 391 30.55 -45.85 31.23
CA ASP G 391 29.13 -45.85 31.58
C ASP G 391 28.61 -47.26 31.78
N LEU G 392 29.40 -48.07 32.48
CA LEU G 392 29.03 -49.45 32.77
C LEU G 392 29.29 -49.78 34.24
N SER G 393 29.16 -51.05 34.60
CA SER G 393 29.36 -51.50 35.98
C SER G 393 30.76 -52.07 36.11
N VAL G 394 31.53 -51.54 37.06
CA VAL G 394 32.90 -51.98 37.33
C VAL G 394 32.93 -52.60 38.71
N CYS G 395 33.37 -53.85 38.78
CA CYS G 395 33.45 -54.61 40.03
C CYS G 395 34.90 -54.94 40.32
N VAL G 396 35.30 -54.82 41.58
CA VAL G 396 36.68 -55.13 41.99
C VAL G 396 36.73 -56.62 42.27
N VAL G 397 36.93 -57.40 41.20
CA VAL G 397 37.01 -58.84 41.29
C VAL G 397 38.05 -59.33 40.29
N GLY G 398 38.68 -60.45 40.63
CA GLY G 398 39.70 -61.02 39.77
C GLY G 398 40.97 -60.18 39.78
N ARG G 399 41.80 -60.44 38.77
CA ARG G 399 43.08 -59.73 38.64
C ARG G 399 42.93 -58.33 38.07
N TYR G 400 41.81 -58.02 37.42
CA TYR G 400 41.60 -56.70 36.85
C TYR G 400 40.11 -56.47 36.65
N ILE G 401 39.75 -55.20 36.51
CA ILE G 401 38.36 -54.83 36.26
C ILE G 401 37.96 -55.25 34.85
N TYR G 402 36.78 -55.87 34.74
CA TYR G 402 36.29 -56.39 33.46
C TYR G 402 35.10 -55.56 33.00
N ALA G 403 35.08 -55.26 31.70
CA ALA G 403 34.01 -54.49 31.08
C ALA G 403 33.18 -55.40 30.19
N VAL G 404 31.87 -55.17 30.17
CA VAL G 404 30.95 -55.98 29.40
C VAL G 404 30.98 -55.52 27.95
N ALA G 405 31.62 -56.30 27.09
CA ALA G 405 31.73 -56.03 25.64
C ALA G 405 32.40 -54.65 25.47
N GLY G 406 31.91 -53.83 24.55
CA GLY G 406 32.49 -52.52 24.34
C GLY G 406 31.87 -51.86 23.13
N ARG G 407 32.12 -50.55 23.03
CA ARG G 407 31.58 -49.76 21.93
C ARG G 407 32.42 -48.50 21.77
N ASP G 408 32.22 -47.83 20.64
CA ASP G 408 32.91 -46.58 20.35
C ASP G 408 32.21 -45.44 21.07
N TYR G 409 32.54 -44.20 20.71
CA TYR G 409 31.97 -43.04 21.38
C TYR G 409 30.46 -42.97 21.18
N HIS G 410 30.01 -43.14 19.93
CA HIS G 410 28.59 -43.03 19.63
C HIS G 410 28.06 -44.10 18.68
N ASN G 411 28.91 -45.00 18.18
CA ASN G 411 28.48 -46.00 17.20
C ASN G 411 29.01 -47.36 17.60
N ASP G 412 28.25 -48.40 17.25
CA ASP G 412 28.68 -49.76 17.49
C ASP G 412 29.80 -50.14 16.52
N LEU G 413 30.72 -50.98 16.99
CA LEU G 413 31.85 -51.41 16.19
C LEU G 413 31.90 -52.94 16.16
N ASN G 414 32.41 -53.48 15.07
CA ASN G 414 32.51 -54.92 14.89
C ASN G 414 33.64 -55.54 15.70
N ALA G 415 34.54 -54.73 16.25
CA ALA G 415 35.66 -55.23 17.05
C ALA G 415 35.24 -55.28 18.51
N VAL G 416 35.41 -56.43 19.15
CA VAL G 416 35.06 -56.63 20.55
C VAL G 416 36.35 -56.78 21.34
N GLU G 417 36.53 -55.93 22.35
CA GLU G 417 37.72 -55.94 23.18
C GLU G 417 37.35 -55.52 24.60
N ARG G 418 38.23 -55.85 25.53
CA ARG G 418 38.04 -55.53 26.94
C ARG G 418 38.93 -54.35 27.32
N TYR G 419 38.35 -53.39 28.04
CA TYR G 419 39.07 -52.19 28.45
C TYR G 419 39.88 -52.49 29.70
N ASP G 420 41.18 -52.24 29.63
CA ASP G 420 42.10 -52.45 30.75
C ASP G 420 42.96 -51.21 30.93
N PRO G 421 42.37 -50.11 31.41
CA PRO G 421 43.14 -48.87 31.60
C PRO G 421 44.30 -49.03 32.57
N ALA G 422 44.18 -49.91 33.57
CA ALA G 422 45.24 -50.08 34.54
C ALA G 422 46.51 -50.61 33.89
N THR G 423 46.37 -51.59 33.00
CA THR G 423 47.51 -52.20 32.32
C THR G 423 47.74 -51.67 30.91
N ASN G 424 46.78 -50.91 30.37
CA ASN G 424 46.89 -50.35 29.02
C ASN G 424 47.16 -51.43 27.98
N SER G 425 46.48 -52.56 28.12
CA SER G 425 46.65 -53.71 27.23
C SER G 425 45.37 -53.87 26.40
N TRP G 426 45.50 -53.62 25.09
CA TRP G 426 44.37 -53.75 24.15
C TRP G 426 44.42 -55.16 23.57
N ALA G 427 43.54 -56.01 24.06
CA ALA G 427 43.47 -57.40 23.61
C ALA G 427 42.04 -57.75 23.24
N TYR G 428 41.90 -58.62 22.25
CA TYR G 428 40.57 -59.05 21.82
C TYR G 428 39.93 -59.96 22.88
N VAL G 429 38.63 -59.78 23.06
CA VAL G 429 37.87 -60.57 24.02
C VAL G 429 36.74 -61.29 23.30
N ALA G 430 36.20 -62.30 23.95
CA ALA G 430 35.11 -63.06 23.36
C ALA G 430 33.85 -62.19 23.25
N PRO G 431 33.04 -62.40 22.21
CA PRO G 431 31.81 -61.60 22.07
C PRO G 431 30.84 -61.88 23.20
N LEU G 432 30.09 -60.84 23.57
CA LEU G 432 29.09 -60.97 24.62
C LEU G 432 27.87 -61.71 24.09
N LYS G 433 27.12 -62.31 25.03
CA LYS G 433 25.90 -63.04 24.65
C LYS G 433 24.86 -62.11 24.05
N ARG G 434 24.71 -60.92 24.60
CA ARG G 434 23.76 -59.94 24.11
C ARG G 434 24.50 -58.75 23.50
N GLU G 435 24.03 -58.31 22.34
CA GLU G 435 24.65 -57.20 21.61
C GLU G 435 24.26 -55.90 22.30
N VAL G 436 25.15 -55.37 23.13
CA VAL G 436 24.92 -54.13 23.86
C VAL G 436 26.04 -53.16 23.53
N TYR G 437 25.68 -51.96 23.11
CA TYR G 437 26.64 -50.91 22.79
C TYR G 437 26.24 -49.63 23.50
N ALA G 438 27.18 -49.05 24.24
CA ALA G 438 26.94 -47.84 25.04
C ALA G 438 25.75 -48.02 25.97
N HIS G 439 25.67 -49.19 26.61
CA HIS G 439 24.58 -49.51 27.49
C HIS G 439 24.78 -48.83 28.85
N ALA G 440 23.80 -49.00 29.73
CA ALA G 440 23.82 -48.39 31.07
C ALA G 440 23.83 -49.49 32.11
N GLY G 441 24.73 -49.37 33.09
CA GLY G 441 24.80 -50.33 34.18
C GLY G 441 25.57 -49.79 35.36
N ALA G 442 25.21 -50.25 36.56
CA ALA G 442 25.86 -49.76 37.78
C ALA G 442 25.68 -50.79 38.88
N THR G 443 26.53 -50.70 39.89
CA THR G 443 26.47 -51.57 41.06
C THR G 443 25.55 -50.93 42.09
N LEU G 444 24.29 -51.38 42.11
CA LEU G 444 23.31 -50.84 43.03
C LEU G 444 23.47 -51.49 44.40
N GLU G 445 23.69 -50.66 45.42
CA GLU G 445 23.87 -51.13 46.80
C GLU G 445 25.02 -52.13 46.89
N GLY G 446 26.09 -51.88 46.13
CA GLY G 446 27.23 -52.77 46.15
C GLY G 446 27.06 -54.04 45.36
N LYS G 447 25.97 -54.17 44.62
CA LYS G 447 25.70 -55.36 43.82
C LYS G 447 25.37 -54.95 42.39
N MET G 448 25.95 -55.65 41.42
CA MET G 448 25.73 -55.33 40.02
C MET G 448 24.34 -55.82 39.59
N TYR G 449 23.63 -54.96 38.85
CA TYR G 449 22.30 -55.30 38.37
C TYR G 449 22.05 -54.55 37.06
N ILE G 450 21.23 -55.16 36.21
CA ILE G 450 20.87 -54.59 34.92
C ILE G 450 19.38 -54.82 34.68
N THR G 451 18.70 -53.80 34.18
CA THR G 451 17.28 -53.87 33.89
C THR G 451 17.05 -53.50 32.43
N CYS G 452 16.44 -54.40 31.68
CA CYS G 452 16.12 -54.20 30.26
C CYS G 452 17.41 -53.91 29.51
N GLY G 453 17.34 -53.09 28.46
CA GLY G 453 18.52 -52.74 27.70
C GLY G 453 18.16 -51.79 26.58
N ARG G 454 19.20 -51.33 25.89
CA ARG G 454 19.03 -50.40 24.78
C ARG G 454 20.23 -50.51 23.85
N ARG G 455 19.96 -50.60 22.55
CA ARG G 455 21.03 -50.69 21.55
C ARG G 455 21.51 -49.27 21.20
N GLY G 456 22.17 -48.67 22.19
CA GLY G 456 22.69 -47.32 22.02
C GLY G 456 21.62 -46.26 22.15
N GLU G 457 21.56 -45.34 21.19
CA GLU G 457 20.57 -44.27 21.20
C GLU G 457 19.26 -44.66 20.52
N ASP G 458 19.19 -45.83 19.89
CA ASP G 458 18.01 -46.29 19.20
C ASP G 458 17.33 -47.37 20.04
N TYR G 459 16.05 -47.17 20.35
CA TYR G 459 15.30 -48.16 21.11
C TYR G 459 15.07 -49.41 20.28
N LEU G 460 15.19 -50.56 20.92
CA LEU G 460 15.00 -51.85 20.28
C LEU G 460 13.73 -52.53 20.81
N LYS G 461 13.42 -53.69 20.22
CA LYS G 461 12.25 -54.46 20.61
C LYS G 461 12.55 -55.62 21.53
N GLU G 462 13.74 -56.21 21.45
CA GLU G 462 14.13 -57.32 22.31
C GLU G 462 14.94 -56.79 23.49
N THR G 463 14.49 -57.12 24.70
CA THR G 463 15.13 -56.66 25.93
C THR G 463 15.75 -57.86 26.64
N HIS G 464 17.04 -57.78 26.94
CA HIS G 464 17.76 -58.83 27.64
C HIS G 464 18.57 -58.22 28.77
N CYS G 465 18.52 -58.83 29.94
CA CYS G 465 19.22 -58.33 31.13
C CYS G 465 20.51 -59.12 31.30
N TYR G 466 21.63 -58.50 30.98
CA TYR G 466 22.95 -59.11 31.15
C TYR G 466 23.67 -58.41 32.29
N ASP G 467 24.09 -59.19 33.29
CA ASP G 467 24.75 -58.65 34.47
C ASP G 467 26.24 -58.44 34.17
N PRO G 468 26.76 -57.22 34.25
CA PRO G 468 28.20 -57.04 34.02
C PRO G 468 29.07 -57.76 35.03
N GLY G 469 28.60 -57.95 36.26
CA GLY G 469 29.41 -58.63 37.26
C GLY G 469 29.67 -60.08 36.91
N SER G 470 28.65 -60.80 36.45
CA SER G 470 28.80 -62.20 36.07
C SER G 470 29.34 -62.38 34.66
N ASN G 471 29.33 -61.32 33.84
CA ASN G 471 29.81 -61.38 32.46
C ASN G 471 29.11 -62.47 31.66
N THR G 472 27.82 -62.66 31.92
CA THR G 472 27.03 -63.67 31.24
C THR G 472 25.58 -63.22 31.18
N TRP G 473 24.83 -63.81 30.25
CA TRP G 473 23.42 -63.50 30.08
C TRP G 473 22.60 -64.36 31.03
N HIS G 474 22.43 -63.89 32.26
CA HIS G 474 21.66 -64.62 33.25
C HIS G 474 20.18 -64.52 32.94
N THR G 475 19.47 -65.63 33.15
CA THR G 475 18.03 -65.65 32.90
C THR G 475 17.29 -64.78 33.89
N LEU G 476 16.33 -63.99 33.39
CA LEU G 476 15.55 -63.10 34.21
C LEU G 476 14.15 -62.98 33.60
N ALA G 477 13.27 -62.27 34.30
CA ALA G 477 11.90 -62.08 33.82
C ALA G 477 11.90 -61.18 32.60
N ASP G 478 11.21 -61.61 31.54
CA ASP G 478 11.13 -60.83 30.32
C ASP G 478 10.26 -59.59 30.53
N GLY G 479 10.71 -58.47 30.01
CA GLY G 479 9.96 -57.23 30.11
C GLY G 479 8.80 -57.19 29.14
N PRO G 480 7.57 -57.28 29.67
CA PRO G 480 6.40 -57.23 28.80
C PRO G 480 6.28 -55.93 28.02
N VAL G 481 6.73 -54.81 28.58
CA VAL G 481 6.65 -53.51 27.94
C VAL G 481 8.06 -53.06 27.60
N ARG G 482 8.25 -52.62 26.35
CA ARG G 482 9.57 -52.18 25.87
C ARG G 482 9.87 -50.81 26.47
N ARG G 483 10.28 -50.82 27.73
CA ARG G 483 10.66 -49.61 28.46
C ARG G 483 12.07 -49.75 28.98
N ALA G 484 12.84 -48.67 28.81
CA ALA G 484 14.24 -48.65 29.24
C ALA G 484 14.67 -47.21 29.42
N TRP G 485 15.93 -47.04 29.86
CA TRP G 485 16.52 -45.72 30.08
C TRP G 485 15.68 -44.88 31.03
N HIS G 486 15.14 -45.52 32.07
CA HIS G 486 14.33 -44.86 33.06
C HIS G 486 15.18 -44.42 34.25
N GLY G 487 14.56 -43.64 35.13
CA GLY G 487 15.22 -43.15 36.33
C GLY G 487 15.08 -44.15 37.46
N MET G 488 16.23 -44.54 38.01
CA MET G 488 16.29 -45.54 39.07
C MET G 488 16.75 -44.88 40.37
N ALA G 489 16.04 -45.17 41.46
CA ALA G 489 16.38 -44.66 42.77
C ALA G 489 16.44 -45.82 43.75
N THR G 490 16.80 -45.50 45.00
CA THR G 490 16.93 -46.50 46.06
C THR G 490 15.57 -46.66 46.73
N LEU G 491 14.87 -47.74 46.40
CA LEU G 491 13.57 -48.05 46.96
C LEU G 491 13.62 -49.45 47.57
N LEU G 492 13.23 -49.56 48.84
CA LEU G 492 13.24 -50.83 49.56
C LEU G 492 14.63 -51.47 49.56
N ASN G 493 15.65 -50.62 49.65
CA ASN G 493 17.06 -51.07 49.68
C ASN G 493 17.39 -51.94 48.47
N LYS G 494 16.85 -51.56 47.30
CA LYS G 494 17.11 -52.30 46.08
C LYS G 494 16.85 -51.39 44.89
N LEU G 495 17.43 -51.75 43.75
CA LEU G 495 17.19 -51.03 42.51
C LEU G 495 15.76 -51.26 42.04
N TYR G 496 15.11 -50.19 41.59
CA TYR G 496 13.74 -50.26 41.13
C TYR G 496 13.52 -49.25 40.01
N VAL G 497 12.88 -49.69 38.93
CA VAL G 497 12.52 -48.84 37.81
C VAL G 497 11.00 -48.89 37.65
N ILE G 498 10.36 -47.74 37.74
CA ILE G 498 8.90 -47.64 37.65
C ILE G 498 8.56 -46.63 36.56
N GLY G 499 7.67 -47.02 35.65
CA GLY G 499 7.27 -46.12 34.58
C GLY G 499 8.42 -45.82 33.63
N GLY G 500 8.41 -44.62 33.11
CA GLY G 500 9.44 -44.18 32.18
C GLY G 500 8.96 -43.01 31.35
N SER G 501 9.90 -42.46 30.58
CA SER G 501 9.60 -41.32 29.71
C SER G 501 10.34 -41.54 28.39
N ASN G 502 9.59 -41.90 27.35
CA ASN G 502 10.17 -42.12 26.04
C ASN G 502 9.09 -41.92 24.98
N ASN G 503 9.48 -42.04 23.72
CA ASN G 503 8.56 -41.90 22.59
C ASN G 503 7.93 -43.22 22.18
N ASP G 504 8.23 -44.32 22.86
CA ASP G 504 7.66 -45.61 22.52
C ASP G 504 6.18 -45.72 22.89
N ALA G 505 5.70 -44.90 23.82
CA ALA G 505 4.30 -44.92 24.23
C ALA G 505 3.42 -43.99 23.40
N GLY G 506 4.02 -43.21 22.51
CA GLY G 506 3.27 -42.31 21.66
C GLY G 506 3.00 -40.94 22.23
N TYR G 507 3.34 -40.70 23.49
CA TYR G 507 3.11 -39.41 24.14
C TYR G 507 3.97 -39.34 25.39
N ARG G 508 3.94 -38.21 26.07
CA ARG G 508 4.69 -38.00 27.31
C ARG G 508 3.80 -38.28 28.52
N ARG G 509 3.43 -39.54 28.67
CA ARG G 509 2.58 -40.01 29.76
C ARG G 509 3.38 -40.94 30.66
N ASP G 510 2.71 -41.48 31.67
CA ASP G 510 3.31 -42.40 32.63
C ASP G 510 2.78 -43.79 32.40
N VAL G 511 3.68 -44.77 32.35
CA VAL G 511 3.31 -46.16 32.14
C VAL G 511 2.78 -46.72 33.45
N HIS G 512 1.56 -47.28 33.41
CA HIS G 512 0.96 -47.83 34.62
C HIS G 512 1.68 -49.09 35.12
N GLN G 513 2.26 -49.88 34.22
CA GLN G 513 2.93 -51.09 34.63
C GLN G 513 4.33 -50.78 35.15
N VAL G 514 4.65 -51.29 36.33
CA VAL G 514 5.95 -51.12 36.96
C VAL G 514 6.55 -52.51 37.19
N ALA G 515 7.75 -52.73 36.68
CA ALA G 515 8.44 -54.01 36.80
C ALA G 515 9.77 -53.79 37.51
N CYS G 516 9.96 -54.48 38.63
CA CYS G 516 11.18 -54.41 39.41
C CYS G 516 11.60 -55.81 39.82
N TYR G 517 12.89 -56.10 39.69
CA TYR G 517 13.45 -57.40 40.05
C TYR G 517 14.29 -57.25 41.31
N SER G 518 13.76 -57.75 42.42
CA SER G 518 14.45 -57.71 43.72
C SER G 518 14.59 -59.14 44.22
N CYS G 519 15.71 -59.78 43.86
CA CYS G 519 15.94 -61.15 44.31
C CYS G 519 16.10 -61.23 45.83
N THR G 520 16.81 -60.28 46.42
CA THR G 520 17.02 -60.29 47.86
C THR G 520 15.72 -60.01 48.60
N SER G 521 14.96 -59.00 48.14
CA SER G 521 13.71 -58.67 48.81
C SER G 521 12.64 -59.74 48.59
N GLY G 522 12.57 -60.28 47.37
CA GLY G 522 11.59 -61.28 47.03
C GLY G 522 10.22 -60.74 46.66
N GLN G 523 10.04 -59.42 46.68
CA GLN G 523 8.77 -58.80 46.33
C GLN G 523 9.04 -57.53 45.54
N TRP G 524 8.05 -57.13 44.74
CA TRP G 524 8.17 -55.92 43.94
C TRP G 524 8.17 -54.69 44.83
N SER G 525 8.98 -53.71 44.44
CA SER G 525 9.11 -52.45 45.18
C SER G 525 8.34 -51.37 44.44
N SER G 526 7.25 -50.91 45.04
CA SER G 526 6.44 -49.87 44.42
C SER G 526 7.14 -48.51 44.53
N VAL G 527 7.26 -47.82 43.40
CA VAL G 527 7.90 -46.51 43.35
C VAL G 527 7.12 -45.62 42.39
N CYS G 528 7.24 -44.31 42.60
CA CYS G 528 6.60 -43.35 41.71
C CYS G 528 7.32 -43.33 40.37
N PRO G 529 6.62 -43.05 39.27
CA PRO G 529 7.29 -42.96 37.97
C PRO G 529 8.33 -41.86 37.94
N LEU G 530 9.42 -42.14 37.24
CA LEU G 530 10.50 -41.16 37.15
C LEU G 530 10.20 -40.13 36.07
N PRO G 531 10.04 -38.86 36.41
CA PRO G 531 9.80 -37.85 35.37
C PRO G 531 10.93 -37.71 34.36
N ALA G 532 12.17 -37.90 34.79
CA ALA G 532 13.34 -37.77 33.93
C ALA G 532 14.06 -39.10 33.83
N GLY G 533 14.27 -39.58 32.60
CA GLY G 533 15.00 -40.80 32.37
C GLY G 533 16.47 -40.67 32.70
N HIS G 534 17.07 -41.74 33.20
CA HIS G 534 18.50 -41.76 33.56
C HIS G 534 19.22 -42.68 32.57
N GLY G 535 19.87 -42.08 31.57
CA GLY G 535 20.60 -42.84 30.58
C GLY G 535 22.09 -42.72 30.73
N GLU G 536 22.73 -43.80 31.16
CA GLU G 536 24.17 -43.85 31.38
C GLU G 536 24.65 -42.74 32.32
N PRO G 537 23.95 -42.52 33.42
CA PRO G 537 24.34 -41.48 34.37
C PRO G 537 25.23 -42.05 35.48
N GLY G 538 25.80 -41.14 36.26
CA GLY G 538 26.64 -41.54 37.37
C GLY G 538 25.82 -42.06 38.53
N ILE G 539 26.30 -43.14 39.15
CA ILE G 539 25.61 -43.76 40.28
C ILE G 539 26.33 -43.36 41.55
N ALA G 540 25.59 -42.73 42.47
CA ALA G 540 26.15 -42.27 43.74
C ALA G 540 25.24 -42.69 44.88
N VAL G 541 25.86 -43.16 45.96
CA VAL G 541 25.14 -43.57 47.17
C VAL G 541 25.60 -42.67 48.31
N LEU G 542 24.65 -41.99 48.95
CA LEU G 542 24.94 -41.05 50.03
C LEU G 542 24.04 -41.40 51.21
N ASP G 543 24.52 -42.29 52.08
CA ASP G 543 23.82 -42.71 53.29
C ASP G 543 22.42 -43.24 52.97
N ASN G 544 22.37 -44.09 51.95
CA ASN G 544 21.12 -44.73 51.50
C ASN G 544 20.06 -43.68 51.15
N ARG G 545 20.48 -42.62 50.47
CA ARG G 545 19.58 -41.55 50.03
C ARG G 545 19.91 -41.26 48.57
N ILE G 546 19.11 -41.81 47.66
CA ILE G 546 19.37 -41.66 46.23
C ILE G 546 19.06 -40.23 45.81
N TYR G 547 19.98 -39.62 45.06
CA TYR G 547 19.80 -38.29 44.51
C TYR G 547 20.07 -38.32 43.02
N VAL G 548 19.24 -37.62 42.25
CA VAL G 548 19.33 -37.62 40.79
C VAL G 548 19.62 -36.21 40.33
N LEU G 549 20.64 -36.05 39.50
CA LEU G 549 21.01 -34.78 38.90
C LEU G 549 20.92 -34.91 37.39
N GLY G 550 20.20 -33.98 36.76
CA GLY G 550 19.98 -34.06 35.33
C GLY G 550 18.99 -35.13 34.96
N GLY G 551 18.97 -35.45 33.68
CA GLY G 551 18.09 -36.48 33.16
C GLY G 551 17.88 -36.31 31.68
N ARG G 552 16.99 -37.13 31.14
CA ARG G 552 16.65 -37.12 29.73
C ARG G 552 15.24 -36.55 29.56
N SER G 553 15.10 -35.55 28.70
CA SER G 553 13.82 -34.88 28.44
C SER G 553 13.60 -34.89 26.92
N HIS G 554 12.85 -35.89 26.45
CA HIS G 554 12.57 -35.99 25.02
C HIS G 554 11.67 -34.86 24.54
N ASN G 555 10.74 -34.40 25.38
CA ASN G 555 9.82 -33.34 24.97
C ASN G 555 10.56 -32.04 24.71
N ARG G 556 11.52 -31.70 25.56
CA ARG G 556 12.26 -30.45 25.41
C ARG G 556 13.39 -30.53 24.40
N GLY G 557 13.76 -31.74 23.96
CA GLY G 557 14.84 -31.88 23.01
C GLY G 557 16.22 -31.61 23.57
N SER G 558 16.36 -31.65 24.90
CA SER G 558 17.64 -31.41 25.55
C SER G 558 17.63 -32.13 26.89
N ARG G 559 18.62 -31.82 27.74
CA ARG G 559 18.70 -32.41 29.05
C ARG G 559 17.74 -31.72 30.01
N THR G 560 17.70 -32.16 31.26
CA THR G 560 16.80 -31.60 32.25
C THR G 560 17.46 -30.40 32.91
N GLY G 561 16.80 -29.25 32.88
CA GLY G 561 17.32 -28.05 33.51
C GLY G 561 17.10 -27.96 35.00
N TYR G 562 16.39 -28.91 35.59
CA TYR G 562 16.14 -28.93 37.02
C TYR G 562 16.30 -30.35 37.54
N VAL G 563 16.65 -30.46 38.82
CA VAL G 563 16.83 -31.75 39.49
C VAL G 563 15.71 -31.93 40.49
N HIS G 564 14.96 -33.03 40.34
CA HIS G 564 13.83 -33.32 41.20
C HIS G 564 13.93 -34.75 41.73
N ILE G 565 13.59 -34.92 43.00
CA ILE G 565 13.57 -36.23 43.64
C ILE G 565 12.13 -36.53 44.04
N TYR G 566 11.61 -37.67 43.56
CA TYR G 566 10.23 -38.07 43.79
C TYR G 566 10.23 -39.31 44.68
N ASP G 567 10.19 -39.10 45.99
CA ASP G 567 10.12 -40.21 46.92
C ASP G 567 8.73 -40.83 46.90
N VAL G 568 8.69 -42.17 46.80
CA VAL G 568 7.42 -42.88 46.75
C VAL G 568 6.67 -42.74 48.07
N GLU G 569 7.38 -42.92 49.19
CA GLU G 569 6.74 -42.83 50.50
C GLU G 569 6.23 -41.42 50.77
N LYS G 570 7.03 -40.40 50.43
CA LYS G 570 6.64 -39.02 50.70
C LYS G 570 5.47 -38.60 49.83
N ASP G 571 5.41 -39.06 48.58
CA ASP G 571 4.36 -38.69 47.63
C ASP G 571 4.28 -37.17 47.45
N CYS G 572 5.43 -36.52 47.45
CA CYS G 572 5.51 -35.08 47.30
C CYS G 572 6.88 -34.71 46.75
N TRP G 573 6.98 -33.51 46.21
CA TRP G 573 8.22 -32.98 45.65
C TRP G 573 8.88 -32.07 46.68
N GLU G 574 10.13 -32.36 47.01
CA GLU G 574 10.87 -31.60 48.00
C GLU G 574 12.18 -31.12 47.40
N GLU G 575 12.64 -29.96 47.88
CA GLU G 575 13.86 -29.35 47.38
C GLU G 575 15.06 -30.05 48.02
N GLY G 576 15.77 -30.85 47.22
CA GLY G 576 16.96 -31.53 47.69
C GLY G 576 18.21 -30.70 47.49
N PRO G 577 19.38 -31.33 47.62
CA PRO G 577 20.62 -30.59 47.40
C PRO G 577 20.83 -30.23 45.94
N GLN G 578 20.73 -28.94 45.63
CA GLN G 578 20.85 -28.46 44.25
C GLN G 578 22.32 -28.32 43.89
N LEU G 579 22.76 -29.05 42.87
CA LEU G 579 24.14 -28.96 42.42
C LEU G 579 24.38 -27.63 41.72
N ASP G 580 25.64 -27.19 41.72
CA ASP G 580 25.99 -25.93 41.06
C ASP G 580 25.73 -25.99 39.56
N ASN G 581 26.08 -27.10 38.91
CA ASN G 581 25.86 -27.28 37.49
C ASN G 581 24.92 -28.46 37.26
N SER G 582 23.92 -28.25 36.41
CA SER G 582 22.95 -29.28 36.07
C SER G 582 23.53 -30.18 34.99
N ILE G 583 24.46 -31.05 35.42
CA ILE G 583 25.16 -31.94 34.51
C ILE G 583 24.53 -33.32 34.59
N SER G 584 24.83 -34.15 33.60
CA SER G 584 24.33 -35.52 33.52
C SER G 584 25.52 -36.46 33.38
N GLY G 585 25.64 -37.41 34.30
CA GLY G 585 26.74 -38.36 34.28
C GLY G 585 28.06 -37.74 34.66
N LEU G 586 28.05 -36.83 35.63
CA LEU G 586 29.25 -36.17 36.09
C LEU G 586 29.90 -37.01 37.19
N ALA G 587 31.18 -37.34 37.01
CA ALA G 587 31.88 -38.16 37.97
C ALA G 587 32.11 -37.38 39.27
N ALA G 588 32.04 -38.11 40.38
CA ALA G 588 32.27 -37.54 41.70
C ALA G 588 33.64 -37.97 42.22
N CYS G 589 34.43 -37.00 42.66
CA CYS G 589 35.79 -37.24 43.13
C CYS G 589 35.83 -37.05 44.64
N VAL G 590 36.41 -38.03 45.34
CA VAL G 590 36.60 -37.98 46.79
C VAL G 590 38.09 -38.01 47.08
N LEU G 591 38.60 -36.93 47.67
CA LEU G 591 40.01 -36.82 48.01
C LEU G 591 40.14 -35.89 49.21
N THR G 592 41.36 -35.43 49.46
CA THR G 592 41.63 -34.51 50.56
C THR G 592 41.09 -33.13 50.22
N LEU G 593 40.24 -32.60 51.09
CA LEU G 593 39.62 -31.31 50.88
C LEU G 593 40.57 -30.18 51.24
N PRO G 594 40.39 -28.99 50.65
CA PRO G 594 41.24 -27.86 51.01
C PRO G 594 40.99 -27.42 52.45
N ARG G 595 42.01 -26.79 53.04
CA ARG G 595 41.88 -26.33 54.42
C ARG G 595 40.76 -25.32 54.56
N SER G 596 40.65 -24.38 53.62
CA SER G 596 39.57 -23.41 53.66
C SER G 596 38.21 -24.08 53.51
N LEU G 597 38.12 -25.06 52.60
CA LEU G 597 36.87 -25.80 52.43
C LEU G 597 36.53 -26.61 53.68
N LEU G 598 37.53 -27.24 54.29
CA LEU G 598 37.30 -28.02 55.49
C LEU G 598 36.83 -27.13 56.65
N LEU G 599 37.44 -25.95 56.78
CA LEU G 599 37.07 -25.03 57.86
C LEU G 599 35.71 -24.37 57.63
N GLU G 600 35.15 -24.46 56.43
CA GLU G 600 33.86 -23.87 56.10
C GLU G 600 33.83 -22.37 56.39
N VAL H 23 30.18 -17.62 76.66
CA VAL H 23 29.21 -18.71 76.77
C VAL H 23 28.79 -18.91 78.22
N ASN H 24 28.83 -17.83 79.01
CA ASN H 24 28.47 -17.88 80.41
C ASN H 24 27.37 -16.87 80.75
N ASN H 25 26.67 -16.35 79.75
CA ASN H 25 25.60 -15.40 80.00
C ASN H 25 24.43 -16.07 80.70
N THR H 26 23.77 -15.33 81.60
CA THR H 26 22.63 -15.86 82.31
C THR H 26 21.41 -15.91 81.40
N TYR H 27 20.84 -17.09 81.23
CA TYR H 27 19.67 -17.30 80.39
C TYR H 27 18.42 -17.41 81.25
N ARG H 28 17.29 -17.70 80.59
CA ARG H 28 16.01 -17.87 81.26
C ARG H 28 15.54 -19.30 81.12
N SER H 29 15.06 -19.87 82.22
CA SER H 29 14.58 -21.24 82.20
C SER H 29 13.31 -21.37 81.37
N ALA H 30 13.24 -22.42 80.55
CA ALA H 30 12.08 -22.67 79.73
C ALA H 30 11.54 -24.09 79.84
N GLN H 31 12.29 -25.04 80.40
CA GLN H 31 11.84 -26.41 80.56
C GLN H 31 11.25 -26.69 81.94
N HIS H 32 11.08 -25.65 82.77
CA HIS H 32 10.49 -25.85 84.09
C HIS H 32 9.04 -26.31 83.98
N SER H 33 8.29 -25.76 83.02
CA SER H 33 6.90 -26.17 82.83
C SER H 33 6.81 -27.63 82.43
N GLN H 34 7.71 -28.10 81.55
CA GLN H 34 7.70 -29.51 81.16
C GLN H 34 7.97 -30.42 82.35
N ALA H 35 8.95 -30.04 83.19
CA ALA H 35 9.24 -30.85 84.38
C ALA H 35 8.06 -30.86 85.35
N LEU H 36 7.42 -29.70 85.54
CA LEU H 36 6.25 -29.64 86.41
C LEU H 36 5.12 -30.51 85.88
N LEU H 37 4.88 -30.47 84.57
CA LEU H 37 3.84 -31.29 83.96
C LEU H 37 4.17 -32.78 84.11
N ARG H 38 5.43 -33.15 83.91
CA ARG H 38 5.83 -34.54 84.08
C ARG H 38 5.63 -35.01 85.51
N GLY H 39 6.01 -34.16 86.48
CA GLY H 39 5.80 -34.52 87.87
C GLY H 39 4.33 -34.66 88.23
N LEU H 40 3.50 -33.75 87.72
CA LEU H 40 2.06 -33.84 87.97
C LEU H 40 1.47 -35.10 87.35
N LEU H 41 1.91 -35.44 86.14
CA LEU H 41 1.43 -36.66 85.49
C LEU H 41 1.86 -37.90 86.27
N ALA H 42 3.10 -37.92 86.76
CA ALA H 42 3.57 -39.04 87.55
C ALA H 42 2.79 -39.18 88.85
N LEU H 43 2.48 -38.05 89.50
CA LEU H 43 1.69 -38.08 90.72
C LEU H 43 0.27 -38.58 90.45
N ARG H 44 -0.34 -38.10 89.36
CA ARG H 44 -1.72 -38.48 89.05
C ARG H 44 -1.81 -39.95 88.66
N ASP H 45 -0.85 -40.44 87.88
CA ASP H 45 -0.90 -41.83 87.43
C ASP H 45 -0.74 -42.81 88.59
N SER H 46 -0.09 -42.40 89.67
CA SER H 46 0.10 -43.25 90.84
C SER H 46 -1.00 -43.07 91.88
N GLY H 47 -2.00 -42.24 91.60
CA GLY H 47 -3.07 -42.01 92.55
C GLY H 47 -2.64 -41.35 93.83
N ILE H 48 -1.69 -40.43 93.76
CA ILE H 48 -1.18 -39.72 94.93
C ILE H 48 -1.17 -38.22 94.62
N LEU H 49 -0.98 -37.42 95.68
CA LEU H 49 -0.97 -35.96 95.57
C LEU H 49 -2.26 -35.44 94.92
N PHE H 50 -3.39 -36.01 95.32
CA PHE H 50 -4.68 -35.63 94.77
C PHE H 50 -5.10 -34.30 95.37
N ASP H 51 -4.84 -33.21 94.65
CA ASP H 51 -5.21 -31.87 95.09
C ASP H 51 -6.47 -31.35 94.41
N VAL H 52 -6.65 -31.61 93.12
CA VAL H 52 -7.85 -31.22 92.39
C VAL H 52 -8.44 -32.50 91.79
N VAL H 53 -9.68 -32.81 92.18
CA VAL H 53 -10.37 -34.02 91.74
C VAL H 53 -11.70 -33.62 91.14
N LEU H 54 -11.97 -34.11 89.93
CA LEU H 54 -13.24 -33.86 89.24
C LEU H 54 -13.89 -35.19 88.90
N VAL H 55 -15.12 -35.37 89.35
CA VAL H 55 -15.88 -36.59 89.10
C VAL H 55 -17.16 -36.20 88.36
N VAL H 56 -17.41 -36.85 87.24
CA VAL H 56 -18.58 -36.60 86.41
C VAL H 56 -19.24 -37.93 86.11
N GLU H 57 -20.39 -38.19 86.74
CA GLU H 57 -21.18 -39.40 86.50
C GLU H 57 -20.35 -40.67 86.72
N GLY H 58 -19.48 -40.64 87.73
CA GLY H 58 -18.67 -41.79 88.07
C GLY H 58 -17.46 -42.02 87.17
N ARG H 59 -17.21 -41.13 86.21
CA ARG H 59 -16.08 -41.28 85.30
C ARG H 59 -14.92 -40.43 85.79
N HIS H 60 -13.73 -41.02 85.83
CA HIS H 60 -12.53 -40.35 86.30
C HIS H 60 -11.67 -39.91 85.12
N ILE H 61 -11.26 -38.65 85.15
CA ILE H 61 -10.40 -38.07 84.13
C ILE H 61 -9.11 -37.61 84.80
N GLU H 62 -7.98 -38.00 84.22
CA GLU H 62 -6.66 -37.69 84.78
C GLU H 62 -6.01 -36.60 83.95
N ALA H 63 -5.53 -35.55 84.61
CA ALA H 63 -4.87 -34.45 83.95
C ALA H 63 -3.95 -33.74 84.94
N HIS H 64 -3.02 -32.96 84.41
CA HIS H 64 -2.08 -32.21 85.23
C HIS H 64 -2.72 -30.90 85.67
N ARG H 65 -2.92 -30.75 86.98
CA ARG H 65 -3.54 -29.54 87.51
C ARG H 65 -2.56 -28.37 87.55
N ILE H 66 -1.26 -28.63 87.48
CA ILE H 66 -0.28 -27.55 87.53
C ILE H 66 -0.42 -26.65 86.31
N LEU H 67 -0.56 -27.24 85.12
CA LEU H 67 -0.73 -26.45 83.91
C LEU H 67 -2.07 -25.72 83.91
N LEU H 68 -3.12 -26.38 84.40
CA LEU H 68 -4.45 -25.77 84.41
C LEU H 68 -4.51 -24.57 85.35
N ALA H 69 -3.91 -24.70 86.54
CA ALA H 69 -3.97 -23.62 87.52
C ALA H 69 -3.04 -22.46 87.19
N ALA H 70 -2.06 -22.67 86.32
CA ALA H 70 -1.12 -21.63 85.95
C ALA H 70 -1.51 -20.89 84.68
N SER H 71 -2.65 -21.21 84.08
CA SER H 71 -3.09 -20.60 82.83
C SER H 71 -3.99 -19.39 83.07
N CYS H 72 -4.95 -19.49 83.99
CA CYS H 72 -5.87 -18.41 84.27
C CYS H 72 -5.98 -18.23 85.78
N ASP H 73 -6.45 -17.06 86.19
CA ASP H 73 -6.58 -16.73 87.61
C ASP H 73 -7.96 -17.03 88.16
N TYR H 74 -9.01 -16.99 87.33
CA TYR H 74 -10.35 -17.29 87.82
C TYR H 74 -10.47 -18.74 88.28
N PHE H 75 -9.93 -19.68 87.48
CA PHE H 75 -9.98 -21.07 87.86
C PHE H 75 -9.17 -21.34 89.13
N ARG H 76 -7.99 -20.72 89.24
CA ARG H 76 -7.18 -20.88 90.43
C ARG H 76 -7.89 -20.33 91.67
N GLY H 77 -8.54 -19.17 91.53
CA GLY H 77 -9.28 -18.62 92.66
C GLY H 77 -10.47 -19.46 93.04
N MET H 78 -11.16 -20.04 92.05
CA MET H 78 -12.29 -20.91 92.34
C MET H 78 -11.84 -22.20 93.03
N PHE H 79 -10.72 -22.76 92.59
CA PHE H 79 -10.23 -24.01 93.17
C PHE H 79 -9.60 -23.82 94.54
N ALA H 80 -9.00 -22.64 94.80
CA ALA H 80 -8.32 -22.41 96.07
C ALA H 80 -8.71 -21.08 96.70
N GLY H 81 -10.01 -20.80 96.81
CA GLY H 81 -10.45 -19.56 97.44
C GLY H 81 -10.03 -19.45 98.90
N GLY H 82 -10.00 -20.56 99.62
CA GLY H 82 -9.62 -20.56 101.01
C GLY H 82 -10.63 -21.23 101.90
N LEU H 83 -11.53 -22.02 101.31
CA LEU H 83 -12.54 -22.73 102.07
C LEU H 83 -11.96 -24.04 102.63
N LYS H 84 -12.83 -24.86 103.21
CA LYS H 84 -12.39 -26.14 103.75
C LYS H 84 -12.00 -27.11 102.65
N GLU H 85 -12.51 -26.90 101.42
CA GLU H 85 -12.17 -27.79 100.31
C GLU H 85 -10.71 -27.66 99.93
N MET H 86 -10.13 -26.47 100.07
CA MET H 86 -8.74 -26.23 99.69
C MET H 86 -7.74 -26.65 100.77
N GLU H 87 -8.23 -27.12 101.93
CA GLU H 87 -7.37 -27.56 103.02
C GLU H 87 -7.64 -29.01 103.39
N GLN H 88 -8.04 -29.82 102.41
CA GLN H 88 -8.36 -31.22 102.64
C GLN H 88 -7.98 -32.03 101.41
N GLU H 89 -7.92 -33.35 101.59
CA GLU H 89 -7.61 -34.25 100.48
C GLU H 89 -8.69 -34.18 99.40
N GLU H 90 -9.94 -34.03 99.79
CA GLU H 90 -11.06 -33.95 98.87
C GLU H 90 -11.53 -32.51 98.75
N VAL H 91 -11.78 -32.07 97.52
CA VAL H 91 -12.21 -30.71 97.22
C VAL H 91 -13.65 -30.75 96.76
N LEU H 92 -14.51 -30.00 97.44
CA LEU H 92 -15.93 -29.91 97.12
C LEU H 92 -16.26 -28.48 96.69
N ILE H 93 -17.01 -28.35 95.60
CA ILE H 93 -17.41 -27.06 95.06
C ILE H 93 -18.91 -26.93 95.26
N HIS H 94 -19.32 -26.15 96.25
CA HIS H 94 -20.73 -25.94 96.57
C HIS H 94 -21.23 -24.64 95.95
N GLY H 95 -22.51 -24.64 95.61
CA GLY H 95 -23.13 -23.47 95.01
C GLY H 95 -22.58 -23.14 93.63
N VAL H 96 -22.24 -24.16 92.85
CA VAL H 96 -21.70 -23.98 91.50
C VAL H 96 -22.24 -25.08 90.61
N SER H 97 -21.98 -24.94 89.31
CA SER H 97 -22.40 -25.92 88.31
C SER H 97 -21.27 -26.90 88.07
N TYR H 98 -21.54 -28.18 88.34
CA TYR H 98 -20.51 -29.20 88.20
C TYR H 98 -20.15 -29.42 86.74
N ASN H 99 -21.15 -29.46 85.85
CA ASN H 99 -20.89 -29.75 84.44
C ASN H 99 -20.04 -28.66 83.80
N ALA H 100 -20.39 -27.39 84.04
CA ALA H 100 -19.64 -26.29 83.45
C ALA H 100 -18.21 -26.25 83.97
N MET H 101 -18.03 -26.45 85.27
CA MET H 101 -16.68 -26.45 85.84
C MET H 101 -15.86 -27.60 85.28
N CYS H 102 -16.46 -28.79 85.17
CA CYS H 102 -15.75 -29.94 84.63
C CYS H 102 -15.35 -29.71 83.18
N GLN H 103 -16.27 -29.15 82.37
CA GLN H 103 -15.96 -28.86 80.98
C GLN H 103 -14.83 -27.83 80.86
N ILE H 104 -14.89 -26.78 81.69
CA ILE H 104 -13.85 -25.75 81.64
C ILE H 104 -12.49 -26.34 82.03
N LEU H 105 -12.47 -27.16 83.09
CA LEU H 105 -11.22 -27.77 83.52
C LEU H 105 -10.66 -28.71 82.45
N HIS H 106 -11.53 -29.51 81.83
CA HIS H 106 -11.07 -30.41 80.77
C HIS H 106 -10.53 -29.64 79.58
N PHE H 107 -11.21 -28.56 79.18
CA PHE H 107 -10.74 -27.75 78.06
C PHE H 107 -9.40 -27.09 78.38
N ILE H 108 -9.23 -26.61 79.61
CA ILE H 108 -7.98 -25.96 79.99
C ILE H 108 -6.84 -26.97 80.06
N TYR H 109 -7.12 -28.18 80.54
CA TYR H 109 -6.06 -29.17 80.74
C TYR H 109 -5.66 -29.84 79.43
N THR H 110 -6.64 -30.41 78.72
CA THR H 110 -6.35 -31.17 77.51
C THR H 110 -6.08 -30.30 76.29
N SER H 111 -6.35 -28.99 76.37
CA SER H 111 -6.10 -28.06 75.28
C SER H 111 -6.79 -28.48 73.99
N GLU H 112 -7.95 -29.13 74.11
CA GLU H 112 -8.70 -29.60 72.95
C GLU H 112 -10.16 -29.22 73.12
N LEU H 113 -10.84 -28.96 72.00
CA LEU H 113 -12.25 -28.58 72.00
C LEU H 113 -13.05 -29.76 71.46
N GLU H 114 -13.66 -30.53 72.37
CA GLU H 114 -14.48 -31.69 72.00
C GLU H 114 -15.93 -31.24 72.00
N LEU H 115 -16.44 -30.90 70.82
CA LEU H 115 -17.81 -30.44 70.65
C LEU H 115 -18.59 -31.43 69.79
N SER H 116 -19.87 -31.14 69.62
CA SER H 116 -20.76 -31.97 68.81
C SER H 116 -21.68 -31.06 68.01
N LEU H 117 -22.71 -31.64 67.40
CA LEU H 117 -23.64 -30.86 66.59
C LEU H 117 -24.52 -29.95 67.44
N SER H 118 -24.76 -30.29 68.71
CA SER H 118 -25.60 -29.49 69.58
C SER H 118 -24.86 -28.95 70.81
N ASN H 119 -23.69 -29.48 71.13
CA ASN H 119 -22.94 -29.07 72.32
C ASN H 119 -21.86 -28.05 72.00
N VAL H 120 -21.84 -27.51 70.78
CA VAL H 120 -20.83 -26.51 70.43
C VAL H 120 -21.01 -25.24 71.24
N GLN H 121 -22.26 -24.78 71.39
CA GLN H 121 -22.50 -23.55 72.14
C GLN H 121 -22.12 -23.69 73.60
N GLU H 122 -22.46 -24.83 74.22
CA GLU H 122 -22.11 -25.04 75.62
C GLU H 122 -20.60 -25.09 75.81
N THR H 123 -19.90 -25.79 74.91
CA THR H 123 -18.44 -25.85 75.00
C THR H 123 -17.81 -24.48 74.82
N LEU H 124 -18.33 -23.70 73.87
CA LEU H 124 -17.81 -22.34 73.66
C LEU H 124 -18.04 -21.47 74.88
N VAL H 125 -19.23 -21.57 75.49
CA VAL H 125 -19.51 -20.80 76.70
C VAL H 125 -18.57 -21.21 77.83
N ALA H 126 -18.34 -22.51 77.99
CA ALA H 126 -17.43 -22.98 79.03
C ALA H 126 -16.01 -22.48 78.80
N ALA H 127 -15.56 -22.51 77.54
CA ALA H 127 -14.22 -22.00 77.23
C ALA H 127 -14.12 -20.51 77.49
N CYS H 128 -15.16 -19.76 77.14
CA CYS H 128 -15.15 -18.31 77.39
C CYS H 128 -15.13 -18.01 78.88
N GLN H 129 -15.86 -18.79 79.67
CA GLN H 129 -15.85 -18.60 81.12
C GLN H 129 -14.47 -18.86 81.72
N LEU H 130 -13.69 -19.73 81.09
CA LEU H 130 -12.34 -20.04 81.54
C LEU H 130 -11.30 -19.05 81.02
N GLN H 131 -11.72 -18.07 80.22
CA GLN H 131 -10.82 -17.06 79.65
C GLN H 131 -9.74 -17.71 78.79
N ILE H 132 -10.19 -18.48 77.81
CA ILE H 132 -9.32 -19.16 76.86
C ILE H 132 -9.60 -18.61 75.48
N PRO H 133 -8.81 -17.65 75.01
CA PRO H 133 -9.08 -17.05 73.69
C PRO H 133 -8.73 -17.96 72.53
N GLU H 134 -7.57 -18.63 72.62
CA GLU H 134 -7.09 -19.43 71.50
C GLU H 134 -8.00 -20.61 71.22
N ILE H 135 -8.36 -21.38 72.26
CA ILE H 135 -9.19 -22.56 72.07
C ILE H 135 -10.58 -22.17 71.56
N ILE H 136 -11.16 -21.11 72.14
CA ILE H 136 -12.49 -20.67 71.72
C ILE H 136 -12.46 -20.20 70.27
N HIS H 137 -11.43 -19.43 69.90
CA HIS H 137 -11.32 -18.95 68.53
C HIS H 137 -11.15 -20.12 67.55
N PHE H 138 -10.32 -21.10 67.92
CA PHE H 138 -10.13 -22.26 67.05
C PHE H 138 -11.42 -23.05 66.88
N CYS H 139 -12.17 -23.24 67.98
CA CYS H 139 -13.44 -23.95 67.90
C CYS H 139 -14.44 -23.20 67.04
N CYS H 140 -14.52 -21.88 67.20
CA CYS H 140 -15.43 -21.07 66.39
C CYS H 140 -15.06 -21.13 64.92
N ASP H 141 -13.77 -21.05 64.60
CA ASP H 141 -13.33 -21.14 63.21
C ASP H 141 -13.65 -22.51 62.62
N PHE H 142 -13.43 -23.58 63.39
CA PHE H 142 -13.74 -24.92 62.92
C PHE H 142 -15.23 -25.08 62.67
N LEU H 143 -16.06 -24.54 63.57
CA LEU H 143 -17.51 -24.62 63.38
C LEU H 143 -17.95 -23.84 62.15
N MET H 144 -17.38 -22.65 61.95
CA MET H 144 -17.73 -21.84 60.79
C MET H 144 -17.32 -22.52 59.49
N SER H 145 -16.13 -23.12 59.47
CA SER H 145 -15.64 -23.81 58.28
C SER H 145 -16.35 -25.13 58.03
N TRP H 146 -17.02 -25.70 59.03
CA TRP H 146 -17.76 -26.94 58.90
C TRP H 146 -19.24 -26.73 59.22
N VAL H 147 -19.78 -25.57 58.85
CA VAL H 147 -21.17 -25.24 59.11
C VAL H 147 -22.01 -25.70 57.93
N ASP H 148 -22.98 -26.56 58.20
CA ASP H 148 -23.87 -27.06 57.16
C ASP H 148 -25.00 -26.07 56.90
N GLU H 149 -25.66 -26.25 55.75
CA GLU H 149 -26.79 -25.39 55.42
C GLU H 149 -27.96 -25.63 56.36
N GLU H 150 -28.15 -26.87 56.81
CA GLU H 150 -29.24 -27.20 57.73
C GLU H 150 -29.03 -26.64 59.13
N ASN H 151 -27.83 -26.15 59.45
CA ASN H 151 -27.54 -25.59 60.76
C ASN H 151 -27.29 -24.08 60.67
N ILE H 152 -27.93 -23.42 59.71
CA ILE H 152 -27.76 -21.98 59.55
C ILE H 152 -28.30 -21.23 60.77
N LEU H 153 -29.46 -21.66 61.27
CA LEU H 153 -30.04 -21.02 62.44
C LEU H 153 -29.24 -21.26 63.71
N ASP H 154 -28.34 -22.25 63.70
CA ASP H 154 -27.52 -22.56 64.86
C ASP H 154 -26.23 -21.75 64.91
N VAL H 155 -25.99 -20.89 63.93
CA VAL H 155 -24.78 -20.06 63.88
C VAL H 155 -25.05 -18.64 64.33
N TYR H 156 -26.05 -17.98 63.72
CA TYR H 156 -26.36 -16.61 64.09
C TYR H 156 -26.86 -16.52 65.52
N ARG H 157 -27.73 -17.45 65.93
CA ARG H 157 -28.22 -17.44 67.30
C ARG H 157 -27.09 -17.70 68.29
N LEU H 158 -26.20 -18.63 67.97
CA LEU H 158 -25.06 -18.91 68.85
C LEU H 158 -24.14 -17.69 68.97
N ALA H 159 -23.89 -17.01 67.85
CA ALA H 159 -23.05 -15.81 67.89
C ALA H 159 -23.70 -14.71 68.70
N GLU H 160 -25.01 -14.53 68.55
CA GLU H 160 -25.72 -13.51 69.32
C GLU H 160 -25.71 -13.82 70.81
N LEU H 161 -25.91 -15.10 71.17
CA LEU H 161 -25.99 -15.46 72.58
C LEU H 161 -24.62 -15.40 73.24
N PHE H 162 -23.58 -15.92 72.58
CA PHE H 162 -22.25 -15.97 73.19
C PHE H 162 -21.59 -14.60 73.25
N ASP H 163 -21.84 -13.73 72.26
CA ASP H 163 -21.24 -12.40 72.20
C ASP H 163 -19.71 -12.48 72.26
N LEU H 164 -19.15 -13.48 71.58
CA LEU H 164 -17.71 -13.67 71.58
C LEU H 164 -17.03 -12.57 70.75
N SER H 165 -15.84 -12.18 71.18
CA SER H 165 -15.10 -11.14 70.49
C SER H 165 -14.60 -11.58 69.12
N ARG H 166 -14.55 -12.89 68.87
CA ARG H 166 -14.07 -13.42 67.60
C ARG H 166 -15.14 -14.12 66.77
N LEU H 167 -16.19 -14.65 67.40
CA LEU H 167 -17.24 -15.32 66.66
C LEU H 167 -18.02 -14.35 65.77
N THR H 168 -18.28 -13.13 66.25
CA THR H 168 -18.99 -12.15 65.45
C THR H 168 -18.21 -11.77 64.21
N GLU H 169 -16.89 -11.58 64.35
CA GLU H 169 -16.06 -11.25 63.19
C GLU H 169 -16.04 -12.39 62.18
N GLN H 170 -15.95 -13.63 62.67
CA GLN H 170 -15.98 -14.78 61.77
C GLN H 170 -17.31 -14.88 61.04
N LEU H 171 -18.42 -14.63 61.74
CA LEU H 171 -19.72 -14.64 61.10
C LEU H 171 -19.83 -13.55 60.05
N ASP H 172 -19.33 -12.35 60.36
CA ASP H 172 -19.37 -11.26 59.40
C ASP H 172 -18.54 -11.58 58.16
N THR H 173 -17.36 -12.18 58.36
CA THR H 173 -16.53 -12.56 57.22
C THR H 173 -17.21 -13.63 56.38
N TYR H 174 -17.83 -14.61 57.03
CA TYR H 174 -18.55 -15.65 56.29
C TYR H 174 -19.71 -15.05 55.50
N ILE H 175 -20.44 -14.11 56.09
CA ILE H 175 -21.52 -13.45 55.37
C ILE H 175 -20.98 -12.69 54.17
N LEU H 176 -19.89 -11.94 54.36
CA LEU H 176 -19.31 -11.17 53.26
C LEU H 176 -18.78 -12.07 52.15
N LYS H 177 -18.34 -13.29 52.48
CA LYS H 177 -17.80 -14.19 51.49
C LYS H 177 -18.84 -15.11 50.85
N ASN H 178 -20.01 -15.26 51.47
CA ASN H 178 -21.02 -16.19 50.96
C ASN H 178 -22.36 -15.51 50.77
N PHE H 179 -22.35 -14.17 50.67
CA PHE H 179 -23.58 -13.45 50.33
C PHE H 179 -24.11 -13.87 48.96
N VAL H 180 -23.21 -14.19 48.01
CA VAL H 180 -23.65 -14.62 46.69
C VAL H 180 -24.44 -15.92 46.79
N ALA H 181 -23.95 -16.87 47.58
CA ALA H 181 -24.67 -18.12 47.76
C ALA H 181 -25.95 -17.91 48.56
N PHE H 182 -25.92 -17.02 49.56
CA PHE H 182 -27.09 -16.80 50.39
C PHE H 182 -28.21 -16.09 49.64
N SER H 183 -27.87 -15.31 48.62
CA SER H 183 -28.90 -14.62 47.84
C SER H 183 -29.82 -15.62 47.15
N ARG H 184 -29.26 -16.68 46.57
CA ARG H 184 -30.08 -17.70 45.93
C ARG H 184 -30.95 -18.43 46.95
N THR H 185 -30.39 -18.74 48.12
CA THR H 185 -31.12 -19.46 49.15
C THR H 185 -31.99 -18.49 49.96
N ASP H 186 -32.69 -19.04 50.94
CA ASP H 186 -33.55 -18.25 51.82
C ASP H 186 -32.79 -17.62 52.98
N LYS H 187 -31.48 -17.88 53.10
CA LYS H 187 -30.71 -17.31 54.20
C LYS H 187 -30.66 -15.79 54.11
N TYR H 188 -30.67 -15.24 52.89
CA TYR H 188 -30.67 -13.80 52.72
C TYR H 188 -31.93 -13.18 53.30
N ARG H 189 -33.08 -13.82 53.09
CA ARG H 189 -34.33 -13.32 53.65
C ARG H 189 -34.31 -13.39 55.17
N GLN H 190 -33.75 -14.47 55.73
CA GLN H 190 -33.69 -14.61 57.19
C GLN H 190 -32.73 -13.60 57.81
N LEU H 191 -31.70 -13.19 57.08
CA LEU H 191 -30.75 -12.23 57.61
C LEU H 191 -31.40 -10.87 57.79
N PRO H 192 -30.96 -10.09 58.78
CA PRO H 192 -31.55 -8.76 58.98
C PRO H 192 -31.30 -7.85 57.78
N LEU H 193 -32.30 -7.04 57.47
CA LEU H 193 -32.17 -6.10 56.35
C LEU H 193 -31.25 -4.95 56.69
N GLU H 194 -31.37 -4.41 57.91
CA GLU H 194 -30.53 -3.28 58.30
C GLU H 194 -29.06 -3.66 58.34
N LYS H 195 -28.74 -4.83 58.90
CA LYS H 195 -27.35 -5.28 58.96
C LYS H 195 -26.79 -5.52 57.56
N VAL H 196 -27.59 -6.10 56.67
CA VAL H 196 -27.14 -6.34 55.30
C VAL H 196 -26.89 -5.02 54.59
N TYR H 197 -27.79 -4.05 54.77
CA TYR H 197 -27.60 -2.74 54.16
C TYR H 197 -26.35 -2.05 54.69
N SER H 198 -26.12 -2.14 56.01
CA SER H 198 -24.93 -1.54 56.59
C SER H 198 -23.66 -2.19 56.06
N LEU H 199 -23.66 -3.52 55.93
CA LEU H 199 -22.50 -4.21 55.38
C LEU H 199 -22.26 -3.83 53.92
N LEU H 200 -23.34 -3.72 53.13
CA LEU H 200 -23.20 -3.34 51.73
C LEU H 200 -22.71 -1.90 51.58
N SER H 201 -23.11 -1.03 52.50
CA SER H 201 -22.70 0.37 52.42
C SER H 201 -21.19 0.53 52.58
N SER H 202 -20.57 -0.27 53.45
CA SER H 202 -19.13 -0.21 53.63
C SER H 202 -18.42 -0.68 52.38
N ASN H 203 -17.31 -0.01 52.05
CA ASN H 203 -16.53 -0.33 50.85
C ASN H 203 -15.55 -1.47 51.11
N ARG H 204 -16.07 -2.60 51.60
CA ARG H 204 -15.25 -3.76 51.88
C ARG H 204 -15.85 -5.07 51.37
N LEU H 205 -17.12 -5.08 50.96
CA LEU H 205 -17.74 -6.30 50.46
C LEU H 205 -17.16 -6.68 49.10
N GLU H 206 -17.05 -7.99 48.87
CA GLU H 206 -16.51 -8.52 47.63
C GLU H 206 -17.64 -8.67 46.61
N VAL H 207 -17.60 -7.86 45.56
CA VAL H 207 -18.60 -7.91 44.49
C VAL H 207 -17.89 -7.96 43.15
N SER H 208 -18.61 -8.47 42.15
CA SER H 208 -18.09 -8.61 40.80
C SER H 208 -18.70 -7.63 39.81
N CYS H 209 -20.03 -7.54 39.78
CA CYS H 209 -20.73 -6.66 38.86
C CYS H 209 -21.84 -5.93 39.58
N GLU H 210 -22.21 -4.76 39.06
CA GLU H 210 -23.28 -3.96 39.65
C GLU H 210 -24.64 -4.64 39.54
N THR H 211 -24.85 -5.47 38.51
CA THR H 211 -26.11 -6.19 38.40
C THR H 211 -26.30 -7.17 39.56
N GLU H 212 -25.23 -7.85 39.96
CA GLU H 212 -25.31 -8.74 41.12
C GLU H 212 -25.62 -7.96 42.39
N VAL H 213 -25.03 -6.77 42.54
CA VAL H 213 -25.31 -5.95 43.72
C VAL H 213 -26.76 -5.52 43.73
N TYR H 214 -27.29 -5.12 42.57
CA TYR H 214 -28.70 -4.74 42.49
C TYR H 214 -29.61 -5.91 42.81
N GLU H 215 -29.27 -7.11 42.31
CA GLU H 215 -30.06 -8.30 42.61
C GLU H 215 -30.04 -8.61 44.10
N GLY H 216 -28.87 -8.50 44.73
CA GLY H 216 -28.78 -8.73 46.16
C GLY H 216 -29.57 -7.71 46.96
N ALA H 217 -29.52 -6.44 46.55
CA ALA H 217 -30.31 -5.42 47.23
C ALA H 217 -31.80 -5.68 47.09
N LEU H 218 -32.24 -6.09 45.90
CA LEU H 218 -33.64 -6.44 45.70
C LEU H 218 -34.05 -7.63 46.56
N LEU H 219 -33.18 -8.65 46.64
CA LEU H 219 -33.48 -9.81 47.47
C LEU H 219 -33.52 -9.44 48.96
N TYR H 220 -32.72 -8.47 49.38
CA TYR H 220 -32.76 -8.03 50.77
C TYR H 220 -34.01 -7.21 51.05
N HIS H 221 -34.44 -6.39 50.09
CA HIS H 221 -35.56 -5.49 50.27
C HIS H 221 -36.88 -6.07 49.77
N TYR H 222 -36.90 -7.32 49.32
CA TYR H 222 -38.11 -7.94 48.81
C TYR H 222 -38.02 -9.45 49.02
N SER H 223 -39.17 -10.11 48.87
CA SER H 223 -39.21 -11.55 49.06
C SER H 223 -38.38 -12.26 47.99
N LEU H 224 -37.68 -13.32 48.41
CA LEU H 224 -36.87 -14.09 47.48
C LEU H 224 -37.74 -14.78 46.44
N GLU H 225 -38.89 -15.30 46.85
CA GLU H 225 -39.79 -15.94 45.89
C GLU H 225 -40.33 -14.95 44.88
N GLN H 226 -40.60 -13.71 45.33
CA GLN H 226 -41.10 -12.69 44.42
C GLN H 226 -40.09 -12.37 43.33
N VAL H 227 -38.81 -12.28 43.69
CA VAL H 227 -37.77 -12.03 42.70
C VAL H 227 -37.66 -13.18 41.72
N GLN H 228 -37.70 -14.41 42.21
CA GLN H 228 -37.63 -15.58 41.36
C GLN H 228 -39.02 -16.15 41.09
N SER H 233 -39.97 -6.78 43.50
CA SER H 233 -40.88 -5.63 43.47
C SER H 233 -40.10 -4.32 43.47
N LEU H 234 -40.10 -3.63 42.33
CA LEU H 234 -39.41 -2.36 42.18
C LEU H 234 -40.33 -1.16 42.31
N HIS H 235 -41.60 -1.38 42.68
CA HIS H 235 -42.53 -0.27 42.82
C HIS H 235 -42.11 0.68 43.94
N GLU H 236 -41.64 0.13 45.06
CA GLU H 236 -41.23 0.93 46.20
C GLU H 236 -39.72 1.08 46.22
N PRO H 237 -39.19 2.28 46.09
CA PRO H 237 -37.73 2.45 46.11
C PRO H 237 -37.19 2.33 47.52
N PRO H 238 -36.53 1.22 47.84
CA PRO H 238 -35.98 1.05 49.18
C PRO H 238 -34.77 1.94 49.41
N LYS H 239 -34.51 2.22 50.69
CA LYS H 239 -33.35 3.04 51.05
C LYS H 239 -32.05 2.31 50.75
N LEU H 240 -32.04 0.98 50.88
CA LEU H 240 -30.83 0.22 50.64
C LEU H 240 -30.41 0.25 49.18
N LEU H 241 -31.32 0.61 48.28
CA LEU H 241 -30.97 0.69 46.86
C LEU H 241 -29.98 1.81 46.59
N GLU H 242 -30.00 2.86 47.41
CA GLU H 242 -29.07 3.97 47.22
C GLU H 242 -27.63 3.59 47.56
N THR H 243 -27.42 2.48 48.27
CA THR H 243 -26.07 2.05 48.61
C THR H 243 -25.27 1.59 47.39
N VAL H 244 -25.95 1.23 46.30
CA VAL H 244 -25.26 0.82 45.09
C VAL H 244 -24.68 2.04 44.40
N ARG H 245 -23.40 1.96 44.04
CA ARG H 245 -22.71 3.07 43.39
C ARG H 245 -23.14 3.12 41.92
N PHE H 246 -24.03 4.07 41.61
CA PHE H 246 -24.50 4.21 40.23
C PHE H 246 -23.38 4.54 39.25
N PRO H 247 -22.48 5.48 39.55
CA PRO H 247 -21.40 5.77 38.60
C PRO H 247 -20.45 4.60 38.38
N LEU H 248 -20.35 3.68 39.34
CA LEU H 248 -19.45 2.54 39.21
C LEU H 248 -19.99 1.47 38.27
N MET H 249 -21.24 1.57 37.84
CA MET H 249 -21.84 0.57 36.97
C MET H 249 -21.43 0.83 35.52
N GLU H 250 -21.74 -0.13 34.65
CA GLU H 250 -21.44 0.01 33.23
C GLU H 250 -22.32 1.09 32.61
N ALA H 251 -21.74 1.83 31.64
CA ALA H 251 -22.48 2.92 31.01
C ALA H 251 -23.71 2.40 30.27
N GLU H 252 -23.56 1.32 29.52
CA GLU H 252 -24.70 0.74 28.81
C GLU H 252 -25.74 0.23 29.79
N VAL H 253 -25.30 -0.47 30.85
CA VAL H 253 -26.23 -0.98 31.85
C VAL H 253 -26.93 0.16 32.57
N LEU H 254 -26.19 1.22 32.91
CA LEU H 254 -26.79 2.36 33.57
C LEU H 254 -27.82 3.04 32.68
N GLN H 255 -27.50 3.21 31.40
CA GLN H 255 -28.44 3.80 30.46
C GLN H 255 -29.70 2.95 30.32
N ARG H 256 -29.53 1.63 30.23
CA ARG H 256 -30.68 0.75 30.13
C ARG H 256 -31.55 0.83 31.39
N LEU H 257 -30.93 0.89 32.56
CA LEU H 257 -31.69 1.00 33.79
C LEU H 257 -32.43 2.33 33.86
N HIS H 258 -31.78 3.42 33.45
CA HIS H 258 -32.40 4.74 33.52
C HIS H 258 -33.49 4.90 32.46
N ASP H 259 -33.43 4.12 31.39
CA ASP H 259 -34.47 4.21 30.36
C ASP H 259 -35.83 3.83 30.92
N LYS H 260 -35.89 2.78 31.73
CA LYS H 260 -37.14 2.33 32.34
C LYS H 260 -37.29 2.79 33.78
N LEU H 261 -36.38 3.63 34.29
CA LEU H 261 -36.44 4.06 35.67
C LEU H 261 -37.56 5.07 35.87
N ASP H 262 -38.39 4.85 36.89
CA ASP H 262 -39.45 5.78 37.22
C ASP H 262 -38.88 6.99 37.95
N PRO H 263 -39.62 8.10 37.98
CA PRO H 263 -39.13 9.30 38.66
C PRO H 263 -39.00 9.11 40.17
N SER H 264 -37.78 9.07 40.67
CA SER H 264 -37.50 8.84 42.09
C SER H 264 -36.05 9.20 42.38
N PRO H 265 -35.61 9.09 43.64
CA PRO H 265 -34.18 9.32 43.93
C PRO H 265 -33.25 8.40 43.16
N LEU H 266 -33.68 7.17 42.87
CA LEU H 266 -32.88 6.30 42.03
C LEU H 266 -32.73 6.88 40.62
N ARG H 267 -33.79 7.50 40.10
CA ARG H 267 -33.71 8.15 38.80
C ARG H 267 -32.71 9.31 38.84
N ASP H 268 -32.72 10.08 39.93
CA ASP H 268 -31.76 11.17 40.08
C ASP H 268 -30.33 10.65 40.14
N THR H 269 -30.11 9.54 40.87
CA THR H 269 -28.78 8.94 40.92
C THR H 269 -28.34 8.44 39.55
N VAL H 270 -29.26 7.83 38.80
CA VAL H 270 -28.93 7.34 37.46
C VAL H 270 -28.59 8.50 36.54
N ALA H 271 -29.35 9.59 36.63
CA ALA H 271 -29.06 10.77 35.82
C ALA H 271 -27.70 11.37 36.17
N SER H 272 -27.39 11.43 37.47
CA SER H 272 -26.08 11.94 37.87
C SER H 272 -24.95 11.06 37.37
N ALA H 273 -25.14 9.73 37.43
CA ALA H 273 -24.13 8.82 36.91
C ALA H 273 -23.95 8.97 35.41
N LEU H 274 -25.06 9.14 34.68
CA LEU H 274 -24.98 9.34 33.23
C LEU H 274 -24.26 10.64 32.90
N MET H 275 -24.56 11.70 33.66
CA MET H 275 -23.87 12.97 33.45
C MET H 275 -22.37 12.84 33.73
N TYR H 276 -22.01 12.12 34.80
CA TYR H 276 -20.61 11.92 35.11
C TYR H 276 -19.92 11.12 34.00
N HIS H 277 -20.59 10.10 33.47
CA HIS H 277 -20.01 9.32 32.37
C HIS H 277 -19.85 10.15 31.11
N ARG H 278 -20.84 10.99 30.78
CA ARG H 278 -20.78 11.81 29.58
C ARG H 278 -19.83 13.01 29.73
N ASN H 279 -19.49 13.40 30.96
CA ASN H 279 -18.55 14.48 31.18
C ASN H 279 -17.23 13.93 31.72
N GLU H 280 -16.78 12.80 31.17
CA GLU H 280 -15.55 12.17 31.62
C GLU H 280 -14.33 13.05 31.39
N SER H 281 -14.43 14.07 30.53
CA SER H 281 -13.33 15.01 30.36
C SER H 281 -13.06 15.76 31.67
N LEU H 282 -14.11 16.16 32.37
CA LEU H 282 -14.00 16.82 33.67
C LEU H 282 -14.47 15.89 34.78
N GLN H 283 -14.23 14.59 34.63
CA GLN H 283 -14.65 13.63 35.66
C GLN H 283 -13.98 13.90 37.00
N PRO H 284 -12.67 14.16 37.08
CA PRO H 284 -12.06 14.47 38.38
C PRO H 284 -12.66 15.70 39.04
N SER H 285 -13.12 16.67 38.26
CA SER H 285 -13.74 17.88 38.80
C SER H 285 -15.22 17.69 39.11
N LEU H 286 -15.78 16.51 38.83
CA LEU H 286 -17.19 16.22 39.09
C LEU H 286 -17.31 14.97 39.95
N GLN H 287 -16.40 14.81 40.91
CA GLN H 287 -16.44 13.66 41.80
C GLN H 287 -17.64 13.76 42.75
N SER H 288 -18.15 12.60 43.13
CA SER H 288 -19.31 12.47 44.00
C SER H 288 -19.01 11.46 45.10
N PRO H 289 -19.71 11.55 46.23
CA PRO H 289 -19.48 10.58 47.32
C PRO H 289 -19.81 9.15 46.92
N GLN H 290 -20.68 8.95 45.93
CA GLN H 290 -21.05 7.61 45.48
C GLN H 290 -20.12 7.09 44.39
N THR H 291 -19.11 7.85 43.99
CA THR H 291 -18.16 7.43 42.97
C THR H 291 -16.88 6.88 43.56
N GLU H 292 -16.93 6.25 44.73
CA GLU H 292 -15.76 5.70 45.39
C GLU H 292 -15.57 4.25 44.99
N LEU H 293 -14.31 3.83 44.88
CA LEU H 293 -14.04 2.45 44.55
C LEU H 293 -13.93 1.65 45.83
N ARG H 294 -13.69 0.35 45.69
CA ARG H 294 -13.52 -0.54 46.81
C ARG H 294 -12.83 -1.82 46.35
N SER H 295 -11.54 -1.94 46.65
CA SER H 295 -10.74 -3.11 46.26
C SER H 295 -9.44 -3.21 47.08
N ASP H 296 -8.32 -3.36 46.37
CA ASP H 296 -7.01 -3.45 47.02
C ASP H 296 -6.37 -2.08 47.13
N PHE H 297 -5.09 -2.03 47.45
CA PHE H 297 -4.44 -0.73 47.57
C PHE H 297 -2.95 -0.79 47.34
N GLN H 298 -2.36 -1.98 47.52
CA GLN H 298 -0.93 -2.14 47.35
C GLN H 298 -0.47 -2.36 45.90
N CYS H 299 0.41 -3.35 45.74
CA CYS H 299 1.00 -3.78 44.46
C CYS H 299 1.31 -2.60 43.57
N VAL H 300 2.29 -1.79 43.96
CA VAL H 300 2.57 -0.58 43.18
C VAL H 300 3.01 -1.01 41.79
N VAL H 301 2.37 -0.47 40.76
CA VAL H 301 2.65 -0.81 39.38
C VAL H 301 3.36 0.35 38.72
N GLY H 302 4.56 0.10 38.19
CA GLY H 302 5.34 1.12 37.53
C GLY H 302 4.84 1.37 36.11
N PHE H 303 4.98 2.61 35.67
CA PHE H 303 4.56 3.02 34.34
C PHE H 303 5.69 3.79 33.66
N GLY H 304 5.83 3.59 32.35
CA GLY H 304 6.85 4.30 31.61
C GLY H 304 8.26 3.82 31.93
N GLY H 305 9.21 4.70 31.69
CA GLY H 305 10.60 4.42 31.94
C GLY H 305 11.31 3.81 30.74
N ILE H 306 12.64 3.94 30.75
CA ILE H 306 13.49 3.43 29.68
C ILE H 306 14.41 2.36 30.29
N HIS H 307 14.34 1.15 29.74
CA HIS H 307 15.17 0.04 30.19
C HIS H 307 16.22 -0.26 29.14
N SER H 308 17.48 -0.37 29.57
CA SER H 308 18.56 -0.66 28.65
C SER H 308 18.44 -2.04 28.01
N THR H 309 17.86 -3.00 28.72
CA THR H 309 17.70 -4.35 28.20
C THR H 309 16.33 -4.48 27.55
N PRO H 310 16.24 -4.84 26.26
CA PRO H 310 17.40 -5.13 25.41
C PRO H 310 17.77 -3.96 24.49
N SER H 311 16.92 -2.93 24.47
CA SER H 311 17.16 -1.75 23.64
C SER H 311 16.48 -0.56 24.28
N THR H 312 16.95 0.63 23.91
CA THR H 312 16.39 1.87 24.44
C THR H 312 15.05 2.16 23.78
N VAL H 313 13.96 1.68 24.39
CA VAL H 313 12.61 1.86 23.86
C VAL H 313 11.69 2.21 25.02
N LEU H 314 10.57 2.86 24.69
CA LEU H 314 9.57 3.25 25.68
C LEU H 314 8.68 2.05 25.97
N SER H 315 8.81 1.47 27.16
CA SER H 315 8.01 0.32 27.53
C SER H 315 6.55 0.72 27.72
N ASP H 316 5.65 -0.20 27.38
CA ASP H 316 4.21 0.02 27.52
C ASP H 316 3.55 -1.16 28.22
N GLN H 317 4.26 -1.80 29.15
CA GLN H 317 3.76 -2.94 29.89
C GLN H 317 3.87 -2.69 31.38
N ALA H 318 2.97 -3.29 32.14
CA ALA H 318 2.92 -3.15 33.60
C ALA H 318 3.49 -4.42 34.21
N LYS H 319 4.80 -4.44 34.46
CA LYS H 319 5.49 -5.58 35.06
C LYS H 319 6.56 -5.04 36.00
N TYR H 320 6.22 -4.94 37.28
CA TYR H 320 7.12 -4.41 38.30
C TYR H 320 7.38 -5.49 39.35
N LEU H 321 8.08 -5.10 40.42
CA LEU H 321 8.41 -5.99 41.53
C LEU H 321 7.90 -5.34 42.82
N ASN H 322 6.77 -5.82 43.31
CA ASN H 322 6.19 -5.25 44.53
C ASN H 322 6.85 -5.89 45.75
N PRO H 323 7.56 -5.12 46.58
CA PRO H 323 8.18 -5.71 47.78
C PRO H 323 7.19 -6.30 48.77
N LEU H 324 5.99 -5.71 48.88
CA LEU H 324 5.03 -6.18 49.87
C LEU H 324 4.58 -7.60 49.57
N LEU H 325 4.30 -7.89 48.29
CA LEU H 325 3.85 -9.23 47.92
C LEU H 325 4.96 -10.26 48.02
N GLY H 326 6.22 -9.82 48.05
CA GLY H 326 7.33 -10.75 48.09
C GLY H 326 7.66 -11.37 46.75
N GLU H 327 7.12 -10.83 45.67
CA GLU H 327 7.37 -11.35 44.33
C GLU H 327 7.14 -10.23 43.34
N TRP H 328 7.54 -10.48 42.09
CA TRP H 328 7.36 -9.49 41.03
C TRP H 328 5.87 -9.23 40.80
N LYS H 329 5.50 -7.95 40.75
CA LYS H 329 4.11 -7.58 40.54
C LYS H 329 3.66 -7.97 39.13
N HIS H 330 2.46 -8.54 39.04
CA HIS H 330 1.89 -8.96 37.77
C HIS H 330 0.69 -8.07 37.45
N PHE H 331 0.69 -7.48 36.25
CA PHE H 331 -0.38 -6.60 35.84
C PHE H 331 -0.42 -6.54 34.32
N THR H 332 -1.54 -6.03 33.79
CA THR H 332 -1.73 -5.86 32.36
C THR H 332 -1.93 -4.37 32.09
N ALA H 333 -1.01 -3.78 31.33
CA ALA H 333 -1.08 -2.36 31.00
C ALA H 333 -2.00 -2.15 29.81
N SER H 334 -3.14 -1.51 30.04
CA SER H 334 -4.10 -1.20 29.00
C SER H 334 -4.02 0.29 28.66
N LEU H 335 -3.84 0.60 27.37
CA LEU H 335 -3.73 1.98 26.91
C LEU H 335 -2.59 2.72 27.61
N ALA H 336 -1.48 2.02 27.81
CA ALA H 336 -0.32 2.62 28.45
C ALA H 336 0.45 3.45 27.44
N PRO H 337 0.64 4.75 27.67
CA PRO H 337 1.41 5.55 26.70
C PRO H 337 2.88 5.14 26.67
N ARG H 338 3.48 5.31 25.50
CA ARG H 338 4.89 4.97 25.29
C ARG H 338 5.73 6.21 25.60
N MET H 339 5.99 6.40 26.89
CA MET H 339 6.78 7.53 27.37
C MET H 339 7.85 7.03 28.34
N SER H 340 8.99 7.72 28.36
CA SER H 340 10.10 7.38 29.21
C SER H 340 10.43 8.55 30.12
N ASN H 341 10.61 8.27 31.41
CA ASN H 341 10.96 9.29 32.41
C ASN H 341 9.94 10.42 32.43
N GLN H 342 8.67 10.08 32.26
CA GLN H 342 7.61 11.08 32.27
C GLN H 342 7.25 11.47 33.70
N GLY H 343 7.06 12.76 33.92
CA GLY H 343 6.64 13.26 35.22
C GLY H 343 5.31 12.69 35.65
N ILE H 344 5.23 12.18 36.88
CA ILE H 344 4.05 11.51 37.38
C ILE H 344 3.48 12.35 38.52
N ALA H 345 2.20 12.70 38.40
CA ALA H 345 1.48 13.44 39.44
C ALA H 345 0.20 12.70 39.76
N VAL H 346 -0.07 12.51 41.05
CA VAL H 346 -1.23 11.77 41.52
C VAL H 346 -2.21 12.76 42.13
N LEU H 347 -3.41 12.84 41.55
CA LEU H 347 -4.47 13.71 42.03
C LEU H 347 -5.79 12.96 42.00
N ASN H 348 -6.57 13.10 43.08
CA ASN H 348 -7.87 12.42 43.20
C ASN H 348 -7.73 10.92 43.02
N ASN H 349 -6.66 10.36 43.59
CA ASN H 349 -6.35 8.93 43.49
C ASN H 349 -6.22 8.48 42.05
N PHE H 350 -5.72 9.36 41.18
CA PHE H 350 -5.51 9.05 39.77
C PHE H 350 -4.10 9.47 39.38
N VAL H 351 -3.38 8.58 38.71
CA VAL H 351 -2.01 8.85 38.27
C VAL H 351 -2.06 9.53 36.92
N TYR H 352 -1.37 10.67 36.81
CA TYR H 352 -1.33 11.45 35.58
C TYR H 352 0.12 11.64 35.15
N LEU H 353 0.36 11.51 33.85
CA LEU H 353 1.69 11.70 33.26
C LEU H 353 1.67 12.93 32.36
N ILE H 354 2.61 13.84 32.59
CA ILE H 354 2.69 15.09 31.86
C ILE H 354 4.08 15.20 31.25
N GLY H 355 4.14 15.46 29.94
CA GLY H 355 5.41 15.64 29.27
C GLY H 355 6.27 14.39 29.33
N GLY H 356 7.54 14.59 29.66
CA GLY H 356 8.48 13.49 29.76
C GLY H 356 9.58 13.54 28.73
N ASP H 357 10.79 13.91 29.15
CA ASP H 357 11.92 13.97 28.24
C ASP H 357 12.39 12.56 27.89
N ASN H 358 12.83 12.39 26.64
CA ASN H 358 13.35 11.12 26.15
C ASN H 358 14.78 11.28 25.68
N ASN H 359 15.61 11.97 26.48
CA ASN H 359 16.98 12.26 26.12
C ASN H 359 17.86 11.01 26.05
N VAL H 360 17.39 9.88 26.55
CA VAL H 360 18.17 8.64 26.45
C VAL H 360 18.37 8.26 24.98
N GLN H 361 17.30 8.35 24.19
CA GLN H 361 17.36 8.07 22.76
C GLN H 361 17.58 9.32 21.92
N GLY H 362 17.79 10.47 22.54
CA GLY H 362 18.00 11.71 21.83
C GLY H 362 17.19 12.87 22.39
N PHE H 363 17.79 14.06 22.41
CA PHE H 363 17.13 15.22 22.97
C PHE H 363 15.94 15.64 22.11
N ARG H 364 14.73 15.46 22.62
CA ARG H 364 13.52 15.83 21.90
C ARG H 364 12.41 16.11 22.92
N ALA H 365 11.90 17.34 22.90
CA ALA H 365 10.85 17.71 23.82
C ALA H 365 9.55 17.00 23.48
N GLU H 366 8.81 16.59 24.51
CA GLU H 366 7.54 15.90 24.34
C GLU H 366 6.42 16.78 24.88
N SER H 367 5.38 16.98 24.07
CA SER H 367 4.25 17.83 24.44
C SER H 367 2.98 17.05 24.73
N ARG H 368 2.74 15.94 24.02
CA ARG H 368 1.54 15.15 24.25
C ARG H 368 1.59 14.47 25.61
N CYS H 369 0.46 14.51 26.32
CA CYS H 369 0.35 13.91 27.64
C CYS H 369 -1.02 13.29 27.81
N TRP H 370 -1.10 12.28 28.67
CA TRP H 370 -2.35 11.59 28.94
C TRP H 370 -2.45 11.30 30.43
N ARG H 371 -3.69 11.22 30.90
CA ARG H 371 -3.99 10.92 32.30
C ARG H 371 -4.92 9.73 32.37
N TYR H 372 -4.59 8.76 33.22
CA TYR H 372 -5.36 7.55 33.37
C TYR H 372 -6.26 7.64 34.60
N ASP H 373 -7.41 6.96 34.53
CA ASP H 373 -8.39 6.94 35.60
C ASP H 373 -8.76 5.49 35.88
N PRO H 374 -7.86 4.73 36.51
CA PRO H 374 -8.19 3.33 36.84
C PRO H 374 -9.40 3.19 37.77
N ARG H 375 -9.61 4.16 38.66
CA ARG H 375 -10.77 4.11 39.55
C ARG H 375 -12.08 4.18 38.79
N HIS H 376 -12.15 5.02 37.75
CA HIS H 376 -13.35 5.18 36.94
C HIS H 376 -13.41 4.22 35.76
N ASN H 377 -12.39 3.36 35.61
CA ASN H 377 -12.33 2.38 34.52
C ASN H 377 -12.44 3.07 33.15
N ARG H 378 -11.69 4.15 32.98
CA ARG H 378 -11.69 4.90 31.72
C ARG H 378 -10.33 5.58 31.56
N TRP H 379 -10.20 6.35 30.48
CA TRP H 379 -8.98 7.08 30.21
C TRP H 379 -9.33 8.47 29.69
N PHE H 380 -8.44 9.42 29.93
CA PHE H 380 -8.64 10.81 29.54
C PHE H 380 -7.42 11.30 28.76
N GLN H 381 -7.68 12.02 27.67
CA GLN H 381 -6.62 12.61 26.85
C GLN H 381 -6.52 14.09 27.21
N ILE H 382 -5.73 14.38 28.23
CA ILE H 382 -5.58 15.75 28.74
C ILE H 382 -4.60 16.48 27.82
N GLN H 383 -5.10 17.44 27.04
CA GLN H 383 -4.24 18.22 26.16
C GLN H 383 -3.31 19.11 26.99
N SER H 384 -2.08 19.25 26.53
CA SER H 384 -1.07 20.04 27.21
C SER H 384 -0.70 21.26 26.36
N LEU H 385 -0.48 22.38 27.03
CA LEU H 385 -0.12 23.62 26.35
C LEU H 385 1.37 23.63 26.01
N GLN H 386 1.81 24.71 25.38
CA GLN H 386 3.21 24.87 24.98
C GLN H 386 4.01 25.31 26.20
N GLN H 387 4.79 24.39 26.76
CA GLN H 387 5.64 24.67 27.91
C GLN H 387 7.09 24.46 27.51
N GLU H 388 7.93 25.47 27.73
CA GLU H 388 9.35 25.39 27.40
C GLU H 388 10.12 24.76 28.55
N HIS H 389 9.86 23.48 28.76
CA HIS H 389 10.52 22.72 29.81
C HIS H 389 10.67 21.28 29.38
N ALA H 390 11.75 20.65 29.83
CA ALA H 390 12.01 19.24 29.53
C ALA H 390 12.70 18.61 30.73
N ASP H 391 12.41 17.33 30.94
CA ASP H 391 12.94 16.58 32.08
C ASP H 391 12.63 17.30 33.39
N LEU H 392 11.40 17.79 33.50
CA LEU H 392 10.96 18.57 34.64
C LEU H 392 9.84 17.85 35.37
N SER H 393 9.77 18.07 36.68
CA SER H 393 8.78 17.45 37.55
C SER H 393 7.82 18.53 38.04
N VAL H 394 6.53 18.24 37.98
CA VAL H 394 5.48 19.16 38.42
C VAL H 394 4.69 18.50 39.54
N CYS H 395 4.55 19.21 40.66
CA CYS H 395 3.83 18.72 41.82
C CYS H 395 2.45 19.35 41.86
N VAL H 396 1.41 18.52 41.90
CA VAL H 396 0.02 18.98 41.93
C VAL H 396 -0.40 19.01 43.39
N VAL H 397 -0.39 20.20 43.97
CA VAL H 397 -0.84 20.42 45.35
C VAL H 397 -2.18 21.15 45.27
N GLY H 398 -3.26 20.44 45.59
CA GLY H 398 -4.57 21.04 45.47
C GLY H 398 -5.01 21.12 44.02
N ARG H 399 -5.80 22.15 43.71
CA ARG H 399 -6.29 22.36 42.36
C ARG H 399 -5.28 23.03 41.45
N TYR H 400 -4.15 23.48 41.98
CA TYR H 400 -3.12 24.14 41.21
C TYR H 400 -1.83 23.33 41.27
N ILE H 401 -1.03 23.43 40.21
CA ILE H 401 0.23 22.72 40.11
C ILE H 401 1.33 23.71 39.78
N TYR H 402 2.56 23.33 40.17
CA TYR H 402 3.73 24.17 39.96
C TYR H 402 4.81 23.35 39.25
N ALA H 403 5.48 23.98 38.29
CA ALA H 403 6.53 23.33 37.51
C ALA H 403 7.86 24.01 37.79
N VAL H 404 8.91 23.21 37.95
CA VAL H 404 10.25 23.70 38.25
C VAL H 404 11.22 23.06 37.25
N ALA H 405 12.50 23.44 37.38
CA ALA H 405 13.59 22.93 36.53
C ALA H 405 13.25 23.30 35.09
N GLY H 406 13.32 22.37 34.14
CA GLY H 406 13.02 22.65 32.75
C GLY H 406 14.25 23.09 31.97
N ARG H 407 14.05 23.24 30.67
CA ARG H 407 15.13 23.64 29.78
C ARG H 407 14.54 24.30 28.55
N ASP H 408 15.39 25.03 27.84
CA ASP H 408 14.99 25.71 26.61
C ASP H 408 14.98 24.70 25.46
N TYR H 409 14.88 25.21 24.23
CA TYR H 409 14.83 24.32 23.07
C TYR H 409 16.10 23.51 22.92
N HIS H 410 17.27 24.15 23.14
CA HIS H 410 18.54 23.47 22.98
C HIS H 410 19.48 23.62 24.17
N ASN H 411 19.04 24.28 25.25
CA ASN H 411 19.88 24.47 26.43
C ASN H 411 18.98 24.57 27.65
N ASP H 412 19.60 24.71 28.83
CA ASP H 412 18.84 24.86 30.06
C ASP H 412 18.45 26.32 30.28
N LEU H 413 17.51 26.52 31.19
CA LEU H 413 17.04 27.85 31.53
C LEU H 413 16.58 27.88 32.98
N ASN H 414 16.57 29.07 33.56
CA ASN H 414 16.14 29.27 34.93
C ASN H 414 14.75 29.90 35.02
N ALA H 415 14.11 30.17 33.89
CA ALA H 415 12.76 30.75 33.86
C ALA H 415 11.76 29.60 33.88
N VAL H 416 11.35 29.22 35.09
CA VAL H 416 10.41 28.12 35.28
C VAL H 416 9.00 28.68 35.26
N GLU H 417 8.17 28.16 34.36
CA GLU H 417 6.77 28.57 34.23
C GLU H 417 5.88 27.37 34.51
N ARG H 418 4.92 27.55 35.42
CA ARG H 418 4.04 26.46 35.81
C ARG H 418 2.83 26.38 34.89
N TYR H 419 2.08 25.29 35.04
CA TYR H 419 0.84 25.09 34.30
C TYR H 419 -0.13 24.32 35.17
N ASP H 420 -1.42 24.50 34.91
CA ASP H 420 -2.47 23.81 35.65
C ASP H 420 -3.11 22.76 34.75
N PRO H 421 -2.87 21.47 34.98
CA PRO H 421 -3.50 20.44 34.14
C PRO H 421 -5.02 20.45 34.22
N ALA H 422 -5.59 20.94 35.32
CA ALA H 422 -7.04 20.96 35.46
C ALA H 422 -7.68 21.90 34.43
N THR H 423 -7.07 23.07 34.20
CA THR H 423 -7.64 24.06 33.29
C THR H 423 -6.76 24.35 32.08
N ASN H 424 -5.62 23.67 31.94
CA ASN H 424 -4.69 23.89 30.83
C ASN H 424 -4.27 25.35 30.76
N SER H 425 -4.04 25.95 31.91
CA SER H 425 -3.64 27.36 32.02
C SER H 425 -2.23 27.44 32.56
N TRP H 426 -1.41 28.30 31.93
CA TRP H 426 -0.01 28.49 32.34
C TRP H 426 0.04 29.48 33.49
N ALA H 427 -0.22 28.97 34.69
CA ALA H 427 -0.20 29.79 35.88
C ALA H 427 1.23 30.21 36.22
N TYR H 428 1.37 31.43 36.72
CA TYR H 428 2.68 31.96 37.08
C TYR H 428 3.16 31.34 38.39
N VAL H 429 4.46 31.01 38.43
CA VAL H 429 5.08 30.42 39.61
C VAL H 429 6.44 31.09 39.83
N ALA H 430 7.05 30.76 40.96
CA ALA H 430 8.35 31.32 41.30
C ALA H 430 9.40 30.79 40.34
N PRO H 431 10.17 31.66 39.68
CA PRO H 431 11.23 31.17 38.79
C PRO H 431 12.35 30.49 39.55
N LEU H 432 13.02 29.57 38.88
CA LEU H 432 14.12 28.84 39.49
C LEU H 432 15.29 29.77 39.79
N LYS H 433 15.97 29.50 40.90
CA LYS H 433 17.11 30.33 41.29
C LYS H 433 18.24 30.22 40.28
N ARG H 434 18.53 29.01 39.80
CA ARG H 434 19.60 28.79 38.85
C ARG H 434 19.11 27.82 37.77
N GLU H 435 19.80 27.84 36.63
CA GLU H 435 19.46 26.93 35.54
C GLU H 435 19.67 25.49 35.98
N VAL H 436 18.69 24.64 35.64
CA VAL H 436 18.68 23.24 36.05
C VAL H 436 18.60 22.38 34.80
N TYR H 437 19.51 21.42 34.69
CA TYR H 437 19.54 20.47 33.58
C TYR H 437 19.25 19.08 34.13
N ALA H 438 18.20 18.45 33.61
CA ALA H 438 17.79 17.11 34.03
C ALA H 438 17.56 17.05 35.54
N HIS H 439 17.00 18.11 36.10
CA HIS H 439 16.71 18.20 37.52
C HIS H 439 15.20 18.05 37.75
N ALA H 440 14.85 17.81 39.02
CA ALA H 440 13.46 17.61 39.41
C ALA H 440 13.14 18.43 40.65
N GLY H 441 11.86 18.72 40.83
CA GLY H 441 11.39 19.47 41.98
C GLY H 441 10.00 19.06 42.42
N ALA H 442 9.82 18.81 43.72
CA ALA H 442 8.55 18.38 44.26
C ALA H 442 8.16 19.27 45.43
N THR H 443 6.86 19.43 45.62
CA THR H 443 6.32 20.28 46.69
C THR H 443 6.25 19.48 47.98
N LEU H 444 7.08 19.84 48.95
CA LEU H 444 7.09 19.22 50.27
C LEU H 444 6.25 20.08 51.20
N GLU H 445 5.16 19.51 51.72
CA GLU H 445 4.21 20.23 52.58
C GLU H 445 3.71 21.50 51.91
N GLY H 446 3.38 21.38 50.62
CA GLY H 446 2.93 22.52 49.84
C GLY H 446 4.00 23.57 49.60
N LYS H 447 5.22 23.15 49.32
CA LYS H 447 6.32 24.07 49.05
C LYS H 447 7.32 23.38 48.14
N MET H 448 7.44 23.86 46.91
CA MET H 448 8.36 23.25 45.96
C MET H 448 9.81 23.41 46.41
N TYR H 449 10.60 22.37 46.21
CA TYR H 449 12.00 22.34 46.61
C TYR H 449 12.87 21.98 45.42
N ILE H 450 13.93 22.77 45.22
CA ILE H 450 14.91 22.52 44.17
C ILE H 450 16.29 22.44 44.83
N THR H 451 17.01 21.36 44.55
CA THR H 451 18.31 21.13 45.16
C THR H 451 19.28 20.59 44.11
N CYS H 452 20.57 20.82 44.36
CA CYS H 452 21.67 20.33 43.51
C CYS H 452 21.48 20.92 42.11
N GLY H 453 21.53 20.12 41.05
CA GLY H 453 21.39 20.62 39.71
C GLY H 453 22.72 21.01 39.09
N ARG H 454 22.68 21.26 37.78
CA ARG H 454 23.87 21.64 37.03
C ARG H 454 23.46 22.60 35.92
N ARG H 455 23.97 23.83 36.00
CA ARG H 455 23.72 24.83 34.96
C ARG H 455 24.68 24.58 33.81
N GLY H 456 24.29 23.65 32.92
CA GLY H 456 25.17 23.25 31.85
C GLY H 456 26.37 22.51 32.40
N GLU H 457 27.57 22.92 31.97
CA GLU H 457 28.79 22.30 32.46
C GLU H 457 28.99 22.56 33.94
N ASP H 458 28.67 23.78 34.39
CA ASP H 458 28.80 24.11 35.80
C ASP H 458 27.77 23.35 36.63
N TYR H 459 28.22 22.84 37.77
CA TYR H 459 27.37 22.04 38.66
C TYR H 459 26.90 22.91 39.83
N LEU H 460 25.59 23.07 39.96
CA LEU H 460 25.02 23.84 41.05
C LEU H 460 24.94 23.01 42.32
N LYS H 461 25.09 23.69 43.46
CA LYS H 461 25.02 23.04 44.77
C LYS H 461 24.06 23.69 45.74
N GLU H 462 23.75 24.97 45.58
CA GLU H 462 22.81 25.63 46.48
C GLU H 462 21.40 25.10 46.26
N THR H 463 20.65 24.97 47.35
CA THR H 463 19.29 24.46 47.31
C THR H 463 18.33 25.57 47.71
N HIS H 464 17.32 25.81 46.88
CA HIS H 464 16.30 26.81 47.13
C HIS H 464 14.94 26.15 47.17
N CYS H 465 14.19 26.39 48.23
CA CYS H 465 12.85 25.81 48.41
C CYS H 465 11.83 26.93 48.17
N TYR H 466 11.43 27.08 46.90
CA TYR H 466 10.45 28.10 46.54
C TYR H 466 9.05 27.58 46.87
N ASP H 467 8.41 28.21 47.84
CA ASP H 467 7.08 27.79 48.27
C ASP H 467 6.05 28.21 47.21
N PRO H 468 5.24 27.29 46.68
CA PRO H 468 4.23 27.70 45.71
C PRO H 468 3.21 28.68 46.27
N GLY H 469 2.89 28.57 47.56
CA GLY H 469 1.95 29.52 48.15
C GLY H 469 2.50 30.93 48.19
N SER H 470 3.78 31.07 48.53
CA SER H 470 4.42 32.38 48.59
C SER H 470 4.75 32.93 47.20
N ASN H 471 4.79 32.07 46.17
CA ASN H 471 5.08 32.48 44.80
C ASN H 471 6.41 33.22 44.70
N THR H 472 7.39 32.78 45.49
CA THR H 472 8.71 33.40 45.48
C THR H 472 9.74 32.38 45.96
N TRP H 473 10.98 32.58 45.53
CA TRP H 473 12.06 31.72 45.98
C TRP H 473 12.45 32.05 47.41
N HIS H 474 12.97 31.03 48.12
CA HIS H 474 13.35 31.19 49.51
C HIS H 474 14.63 30.41 49.76
N THR H 475 15.34 30.81 50.81
CA THR H 475 16.56 30.13 51.20
C THR H 475 16.24 28.75 51.80
N LEU H 476 17.11 27.79 51.53
CA LEU H 476 16.94 26.44 52.02
C LEU H 476 18.29 25.85 52.36
N ALA H 477 18.28 24.83 53.21
CA ALA H 477 19.52 24.18 53.63
C ALA H 477 20.17 23.47 52.46
N ASP H 478 21.49 23.64 52.33
CA ASP H 478 22.23 22.97 51.28
C ASP H 478 22.34 21.48 51.56
N GLY H 479 22.57 20.72 50.50
CA GLY H 479 22.70 19.28 50.61
C GLY H 479 23.91 18.88 51.44
N PRO H 480 23.76 17.81 52.23
CA PRO H 480 24.89 17.34 53.03
C PRO H 480 26.10 16.93 52.21
N VAL H 481 25.89 16.43 50.99
CA VAL H 481 26.95 16.02 50.10
C VAL H 481 26.89 16.88 48.85
N ARG H 482 28.05 17.43 48.45
CA ARG H 482 28.12 18.33 47.30
C ARG H 482 27.98 17.50 46.02
N ARG H 483 26.74 17.21 45.67
CA ARG H 483 26.39 16.46 44.47
C ARG H 483 25.75 17.41 43.45
N ALA H 484 25.42 16.86 42.29
CA ALA H 484 24.81 17.63 41.21
C ALA H 484 23.83 16.74 40.45
N TRP H 485 22.92 17.40 39.73
CA TRP H 485 21.90 16.72 38.93
C TRP H 485 21.08 15.76 39.79
N HIS H 486 20.76 16.18 41.00
CA HIS H 486 19.98 15.37 41.93
C HIS H 486 18.61 16.02 42.12
N GLY H 487 17.56 15.24 41.87
CA GLY H 487 16.22 15.75 42.05
C GLY H 487 15.82 15.82 43.51
N MET H 488 14.76 16.57 43.77
CA MET H 488 14.24 16.75 45.12
C MET H 488 12.90 16.02 45.23
N ALA H 489 12.79 15.14 46.22
CA ALA H 489 11.60 14.35 46.45
C ALA H 489 11.15 14.51 47.91
N THR H 490 9.86 14.31 48.13
CA THR H 490 9.25 14.49 49.45
C THR H 490 8.71 13.14 49.92
N LEU H 491 9.46 12.46 50.77
CA LEU H 491 9.04 11.20 51.38
C LEU H 491 8.86 11.42 52.88
N LEU H 492 7.68 11.06 53.40
CA LEU H 492 7.34 11.25 54.81
C LEU H 492 7.51 12.71 55.22
N ASN H 493 7.12 13.62 54.33
CA ASN H 493 7.24 15.07 54.55
C ASN H 493 8.67 15.49 54.83
N LYS H 494 9.64 14.78 54.22
CA LYS H 494 11.05 15.09 54.39
C LYS H 494 11.78 14.84 53.08
N LEU H 495 12.88 15.55 52.88
CA LEU H 495 13.72 15.38 51.69
C LEU H 495 14.63 14.17 51.88
N TYR H 496 14.07 13.00 51.57
CA TYR H 496 14.79 11.74 51.71
C TYR H 496 15.56 11.43 50.42
N VAL H 497 16.58 12.25 50.17
CA VAL H 497 17.45 12.08 49.02
C VAL H 497 18.91 12.20 49.47
N ILE H 498 19.73 11.20 49.14
CA ILE H 498 21.12 11.18 49.55
C ILE H 498 21.91 10.38 48.52
N GLY H 499 23.19 10.72 48.38
CA GLY H 499 24.07 10.01 47.47
C GLY H 499 24.31 10.75 46.17
N GLY H 500 23.77 10.22 45.07
CA GLY H 500 23.98 10.82 43.77
C GLY H 500 25.26 10.32 43.10
N SER H 501 25.19 10.06 41.81
CA SER H 501 26.34 9.58 41.04
C SER H 501 26.24 10.12 39.63
N ASN H 502 27.06 11.13 39.32
CA ASN H 502 27.07 11.73 38.00
C ASN H 502 28.43 12.33 37.72
N ASN H 503 28.71 12.56 36.44
CA ASN H 503 29.97 13.17 36.04
C ASN H 503 30.03 14.66 36.33
N ASP H 504 28.90 15.28 36.70
CA ASP H 504 28.87 16.70 37.00
C ASP H 504 29.64 17.06 38.27
N ALA H 505 29.97 16.08 39.11
CA ALA H 505 30.76 16.34 40.30
C ALA H 505 32.24 16.54 39.99
N GLY H 506 32.66 16.30 38.75
CA GLY H 506 34.06 16.47 38.38
C GLY H 506 34.63 15.24 37.70
N TYR H 507 34.22 14.07 38.16
CA TYR H 507 34.70 12.81 37.60
C TYR H 507 33.71 11.72 37.96
N ARG H 508 33.92 10.54 37.36
CA ARG H 508 33.07 9.37 37.62
C ARG H 508 33.53 8.70 38.91
N ARG H 509 33.41 9.44 40.01
CA ARG H 509 33.81 8.97 41.33
C ARG H 509 32.58 8.82 42.21
N ASP H 510 32.47 7.67 42.88
CA ASP H 510 31.36 7.43 43.78
C ASP H 510 31.46 8.30 45.02
N VAL H 511 30.32 8.73 45.53
CA VAL H 511 30.25 9.57 46.72
C VAL H 511 30.30 8.65 47.93
N HIS H 512 31.43 8.66 48.63
CA HIS H 512 31.62 7.79 49.79
C HIS H 512 30.85 8.26 51.02
N GLN H 513 30.41 9.52 51.04
CA GLN H 513 29.67 10.07 52.18
C GLN H 513 28.20 10.22 51.81
N VAL H 514 27.33 9.58 52.59
CA VAL H 514 25.89 9.64 52.39
C VAL H 514 25.23 10.04 53.70
N ALA H 515 24.41 11.08 53.65
CA ALA H 515 23.69 11.54 54.84
C ALA H 515 22.38 12.17 54.40
N CYS H 516 21.41 12.15 55.30
CA CYS H 516 20.07 12.68 55.04
C CYS H 516 19.92 14.01 55.78
N TYR H 517 19.93 15.11 55.03
CA TYR H 517 19.77 16.45 55.59
C TYR H 517 18.38 16.94 55.22
N SER H 518 17.54 17.13 56.24
CA SER H 518 16.17 17.60 56.04
C SER H 518 16.18 19.12 55.92
N CYS H 519 15.91 19.62 54.72
CA CYS H 519 15.90 21.07 54.50
C CYS H 519 14.72 21.72 55.22
N THR H 520 13.57 21.05 55.28
CA THR H 520 12.41 21.60 55.97
C THR H 520 12.69 21.79 57.46
N SER H 521 13.33 20.79 58.09
CA SER H 521 13.67 20.89 59.50
C SER H 521 15.04 21.53 59.74
N GLY H 522 15.83 21.73 58.69
CA GLY H 522 17.14 22.34 58.84
C GLY H 522 18.09 21.53 59.69
N GLN H 523 18.02 20.21 59.61
CA GLN H 523 18.87 19.34 60.41
C GLN H 523 19.03 18.01 59.71
N TRP H 524 20.03 17.24 60.15
CA TRP H 524 20.32 15.93 59.58
C TRP H 524 19.43 14.90 60.27
N SER H 525 18.17 14.86 59.82
CA SER H 525 17.20 13.94 60.40
C SER H 525 17.59 12.49 60.12
N SER H 526 17.37 11.63 61.10
CA SER H 526 17.72 10.23 60.96
C SER H 526 16.78 9.54 59.97
N VAL H 527 17.36 8.86 58.98
CA VAL H 527 16.59 8.14 57.99
C VAL H 527 17.37 6.90 57.55
N CYS H 528 16.77 6.08 56.71
CA CYS H 528 17.44 4.87 56.23
C CYS H 528 18.54 5.25 55.25
N PRO H 529 19.79 4.86 55.51
CA PRO H 529 20.86 5.19 54.56
C PRO H 529 20.66 4.50 53.22
N LEU H 530 21.05 5.19 52.16
CA LEU H 530 20.92 4.65 50.82
C LEU H 530 22.10 3.73 50.53
N PRO H 531 21.85 2.45 50.20
CA PRO H 531 22.98 1.56 49.85
C PRO H 531 23.78 2.03 48.65
N ALA H 532 23.13 2.66 47.67
CA ALA H 532 23.79 3.18 46.49
C ALA H 532 23.34 4.61 46.26
N GLY H 533 24.27 5.46 45.79
CA GLY H 533 24.00 6.85 45.53
C GLY H 533 23.62 7.08 44.08
N HIS H 534 22.41 7.61 43.88
CA HIS H 534 21.92 7.91 42.54
C HIS H 534 21.05 9.15 42.61
N GLY H 535 21.34 10.13 41.76
CA GLY H 535 20.57 11.36 41.74
C GLY H 535 19.22 11.19 41.07
N GLU H 536 18.30 12.09 41.42
CA GLU H 536 16.95 12.10 40.88
C GLU H 536 16.26 10.75 41.04
N PRO H 537 16.12 10.27 42.29
CA PRO H 537 15.47 8.97 42.51
C PRO H 537 13.95 9.09 42.56
N GLY H 538 13.29 8.07 42.04
CA GLY H 538 11.84 8.04 42.00
C GLY H 538 11.28 7.67 43.37
N ILE H 539 10.44 8.53 43.93
CA ILE H 539 9.84 8.26 45.23
C ILE H 539 8.78 7.18 45.10
N ALA H 540 8.90 6.14 45.93
CA ALA H 540 7.95 5.03 45.90
C ALA H 540 7.78 4.50 47.33
N VAL H 541 6.57 4.63 47.86
CA VAL H 541 6.26 4.17 49.21
C VAL H 541 5.32 2.98 49.10
N LEU H 542 5.70 1.86 49.69
CA LEU H 542 4.91 0.63 49.67
C LEU H 542 5.09 -0.08 51.01
N ASP H 543 3.98 -0.34 51.69
CA ASP H 543 4.00 -0.99 53.01
C ASP H 543 4.85 -0.20 54.00
N ASN H 544 4.72 1.13 53.94
CA ASN H 544 5.46 2.05 54.83
C ASN H 544 6.97 1.84 54.71
N ARG H 545 7.43 1.54 53.50
CA ARG H 545 8.85 1.34 53.23
C ARG H 545 9.30 2.35 52.17
N ILE H 546 10.40 3.04 52.45
CA ILE H 546 10.94 4.03 51.53
C ILE H 546 11.79 3.29 50.50
N TYR H 547 11.20 3.00 49.34
CA TYR H 547 11.87 2.29 48.26
C TYR H 547 12.23 3.26 47.15
N VAL H 548 13.52 3.30 46.80
CA VAL H 548 14.03 4.16 45.74
C VAL H 548 14.79 3.28 44.75
N LEU H 549 14.48 3.45 43.47
CA LEU H 549 15.11 2.67 42.42
C LEU H 549 15.43 3.60 41.25
N GLY H 550 15.92 3.01 40.16
CA GLY H 550 16.27 3.78 38.98
C GLY H 550 17.60 4.51 39.13
N GLY H 551 17.85 5.39 38.17
CA GLY H 551 19.08 6.17 38.16
C GLY H 551 20.25 5.41 37.55
N ARG H 552 21.38 6.09 37.50
CA ARG H 552 22.61 5.54 36.95
C ARG H 552 23.75 5.77 37.92
N SER H 553 24.68 4.81 37.98
CA SER H 553 25.83 4.90 38.87
C SER H 553 27.05 5.30 38.05
N HIS H 554 27.71 6.39 38.45
CA HIS H 554 28.92 6.83 37.76
C HIS H 554 30.04 5.81 37.91
N ASN H 555 30.18 5.21 39.09
CA ASN H 555 31.20 4.20 39.30
C ASN H 555 30.96 2.98 38.42
N ARG H 556 29.72 2.53 38.32
CA ARG H 556 29.38 1.39 37.48
C ARG H 556 29.33 1.73 35.99
N GLY H 557 29.20 3.00 35.65
CA GLY H 557 29.18 3.40 34.25
C GLY H 557 27.95 2.98 33.49
N SER H 558 26.87 2.61 34.18
CA SER H 558 25.63 2.17 33.54
C SER H 558 24.50 2.32 34.55
N ARG H 559 23.30 1.91 34.14
CA ARG H 559 22.14 1.99 35.01
C ARG H 559 22.25 0.95 36.13
N THR H 560 21.64 1.27 37.27
CA THR H 560 21.63 0.38 38.42
C THR H 560 20.36 -0.47 38.41
N GLY H 561 20.55 -1.79 38.37
CA GLY H 561 19.43 -2.70 38.35
C GLY H 561 19.15 -3.35 39.69
N TYR H 562 19.73 -2.80 40.75
CA TYR H 562 19.56 -3.30 42.11
C TYR H 562 18.77 -2.29 42.93
N VAL H 563 17.71 -2.76 43.58
CA VAL H 563 16.86 -1.92 44.40
C VAL H 563 16.66 -2.60 45.75
N HIS H 564 16.61 -1.78 46.80
CA HIS H 564 16.42 -2.27 48.17
C HIS H 564 15.20 -1.57 48.77
N ILE H 565 14.32 -2.36 49.36
CA ILE H 565 13.10 -1.84 49.99
C ILE H 565 13.29 -1.99 51.49
N TYR H 566 13.78 -0.94 52.12
CA TYR H 566 14.00 -0.91 53.56
C TYR H 566 13.28 0.29 54.16
N ASP H 567 12.73 0.11 55.36
CA ASP H 567 11.97 1.14 56.05
C ASP H 567 12.75 1.59 57.27
N VAL H 568 12.92 2.91 57.40
CA VAL H 568 13.59 3.45 58.58
C VAL H 568 12.74 3.24 59.83
N GLU H 569 11.42 3.40 59.68
CA GLU H 569 10.53 3.17 60.82
C GLU H 569 10.57 1.72 61.28
N LYS H 570 10.58 0.78 60.32
CA LYS H 570 10.66 -0.63 60.68
C LYS H 570 11.99 -0.96 61.34
N ASP H 571 13.07 -0.31 60.90
CA ASP H 571 14.42 -0.53 61.43
C ASP H 571 14.83 -2.00 61.30
N CYS H 572 14.44 -2.62 60.19
CA CYS H 572 14.78 -4.01 59.91
C CYS H 572 15.55 -4.07 58.60
N TRP H 573 16.64 -4.84 58.59
CA TRP H 573 17.48 -5.00 57.41
C TRP H 573 17.17 -6.35 56.77
N GLU H 574 16.85 -6.32 55.48
CA GLU H 574 16.52 -7.53 54.72
C GLU H 574 16.85 -7.28 53.25
N GLU H 575 16.54 -8.25 52.41
CA GLU H 575 16.79 -8.15 50.98
C GLU H 575 15.50 -7.75 50.27
N GLY H 576 15.54 -6.61 49.60
CA GLY H 576 14.39 -6.11 48.87
C GLY H 576 14.18 -6.88 47.57
N PRO H 577 12.97 -6.76 47.03
CA PRO H 577 12.67 -7.43 45.77
C PRO H 577 13.51 -6.87 44.63
N GLN H 578 13.88 -7.76 43.71
CA GLN H 578 14.69 -7.39 42.56
C GLN H 578 13.79 -7.11 41.36
N LEU H 579 14.09 -6.02 40.66
CA LEU H 579 13.32 -5.65 39.48
C LEU H 579 13.50 -6.67 38.37
N ASP H 580 12.48 -6.79 37.52
CA ASP H 580 12.54 -7.75 36.41
C ASP H 580 13.65 -7.39 35.43
N ASN H 581 13.81 -6.10 35.14
CA ASN H 581 14.87 -5.64 34.24
C ASN H 581 15.38 -4.29 34.73
N SER H 582 16.61 -3.98 34.34
CA SER H 582 17.22 -2.72 34.73
C SER H 582 16.64 -1.58 33.89
N ILE H 583 16.00 -0.62 34.56
CA ILE H 583 15.34 0.49 33.89
C ILE H 583 15.69 1.78 34.62
N SER H 584 15.47 2.90 33.92
CA SER H 584 15.75 4.22 34.46
C SER H 584 14.55 5.13 34.22
N GLY H 585 14.37 6.10 35.11
CA GLY H 585 13.26 7.01 35.00
C GLY H 585 11.91 6.36 35.22
N LEU H 586 11.82 5.48 36.22
CA LEU H 586 10.58 4.81 36.56
C LEU H 586 10.01 5.38 37.84
N ALA H 587 8.72 5.70 37.82
CA ALA H 587 8.03 6.28 38.97
C ALA H 587 6.71 5.55 39.20
N ALA H 588 6.26 5.56 40.44
CA ALA H 588 5.03 4.89 40.83
C ALA H 588 4.40 5.61 42.00
N CYS H 589 3.11 5.37 42.21
CA CYS H 589 2.38 6.01 43.29
C CYS H 589 1.37 5.02 43.86
N VAL H 590 0.90 5.32 45.07
CA VAL H 590 -0.06 4.47 45.75
C VAL H 590 -1.43 4.64 45.10
N LEU H 591 -2.08 3.52 44.79
CA LEU H 591 -3.40 3.55 44.18
C LEU H 591 -4.14 2.28 44.56
N THR H 592 -5.47 2.33 44.40
CA THR H 592 -6.32 1.18 44.71
C THR H 592 -6.35 0.23 43.52
N LEU H 593 -5.93 -1.02 43.75
CA LEU H 593 -5.91 -1.98 42.65
C LEU H 593 -7.10 -2.92 42.73
N PRO H 594 -7.59 -3.40 41.58
CA PRO H 594 -8.72 -4.32 41.59
C PRO H 594 -8.31 -5.73 41.97
N ARG H 595 -9.32 -6.53 42.31
CA ARG H 595 -9.08 -7.92 42.70
C ARG H 595 -8.67 -8.78 41.51
N SER H 596 -8.82 -8.29 40.28
CA SER H 596 -8.44 -9.07 39.12
C SER H 596 -6.95 -9.38 39.10
N LEU H 597 -6.12 -8.41 39.50
CA LEU H 597 -4.68 -8.63 39.55
C LEU H 597 -4.32 -9.72 40.55
N LEU H 598 -4.95 -9.74 41.73
CA LEU H 598 -4.68 -10.77 42.70
C LEU H 598 -5.33 -12.11 42.36
N LEU H 599 -6.32 -12.11 41.46
CA LEU H 599 -7.00 -13.33 41.06
C LEU H 599 -6.15 -14.21 40.13
N GLU H 600 -5.05 -13.68 39.60
CA GLU H 600 -4.20 -14.45 38.70
C GLU H 600 -2.97 -15.00 39.44
#